data_5WWV
#
_entry.id   5WWV
#
_cell.length_a   170.064
_cell.length_b   273.950
_cell.length_c   136.800
_cell.angle_alpha   90.00
_cell.angle_beta   90.00
_cell.angle_gamma   90.00
#
_symmetry.space_group_name_H-M   'C 2 2 21'
#
loop_
_entity.id
_entity.type
_entity.pdbx_description
1 polymer 'D-amino-acid oxidase'
2 non-polymer 'FLAVIN-ADENINE DINUCLEOTIDE'
3 non-polymer (S)-(4-chlorophenyl)-phenyl-methanamine
4 non-polymer (4S)-2-METHYL-2,4-PENTANEDIOL
5 non-polymer 'SULFATE ION'
6 water water
#
_entity_poly.entity_id   1
_entity_poly.type   'polypeptide(L)'
_entity_poly.pdbx_seq_one_letter_code
;MRVVVIGAGVIGLSTALCIHERYHSVLQPLDVKVYADRFTPFTTTDVAAGLWQPYTSEPSNPQEANWNQQTFNYLLSHIG
SPNAANMGLTPVSGYNLFREAVPDPYWKDMVLGFRKLTPRELDMFPDYRYGWFNTSLILEGRKYLQWLTERLTERGVKFF
LRKVESFEEVARGGADVIINCTGVWAGVLQPDPLLQPGRGQIIKVDAPWLKNFIITHDLERGIYNSPYIAPGLQAVTLGG
TFQVGNWNEINNIQDHNTIWEGCCRLEPTLKDAKIVGEYTGFGPVRPQVRLEREQLRFGSSNTEVIHNYGHGGYGLTIHW
GCALEVAKLFGKVLEERNLLTMPPSHL
;
_entity_poly.pdbx_strand_id   A,B,C,D,E,F,G,H
#
# COMPACT_ATOMS: atom_id res chain seq x y z
N MET A 1 -34.51 -50.59 33.27
CA MET A 1 -34.14 -49.50 32.32
C MET A 1 -32.97 -49.90 31.45
N ARG A 2 -33.01 -49.44 30.19
CA ARG A 2 -31.92 -49.62 29.24
C ARG A 2 -31.48 -48.22 28.83
N VAL A 3 -30.27 -47.84 29.27
CA VAL A 3 -29.71 -46.52 28.97
C VAL A 3 -28.53 -46.67 28.00
N VAL A 4 -28.56 -45.92 26.91
CA VAL A 4 -27.45 -45.85 25.99
C VAL A 4 -26.99 -44.40 26.00
N VAL A 5 -25.75 -44.21 26.45
CA VAL A 5 -25.08 -42.91 26.42
C VAL A 5 -24.23 -42.87 25.17
N ILE A 6 -24.51 -41.93 24.25
CA ILE A 6 -23.67 -41.80 23.04
C ILE A 6 -22.62 -40.75 23.36
N GLY A 7 -21.37 -41.18 23.29
CA GLY A 7 -20.23 -40.33 23.56
C GLY A 7 -19.49 -40.84 24.77
N ALA A 8 -18.15 -40.88 24.63
CA ALA A 8 -17.20 -41.13 25.71
C ALA A 8 -16.17 -39.98 25.96
N GLY A 9 -16.60 -38.74 25.73
CA GLY A 9 -15.83 -37.57 26.16
C GLY A 9 -16.08 -37.32 27.64
N VAL A 10 -15.60 -36.19 28.12
CA VAL A 10 -15.87 -35.83 29.51
C VAL A 10 -17.35 -35.79 29.75
N ILE A 11 -18.10 -35.28 28.78
CA ILE A 11 -19.50 -35.00 28.95
C ILE A 11 -20.25 -36.32 29.10
N GLY A 12 -20.03 -37.25 28.17
CA GLY A 12 -20.72 -38.55 28.22
C GLY A 12 -20.40 -39.30 29.48
N LEU A 13 -19.12 -39.52 29.66
CA LEU A 13 -18.64 -40.32 30.78
C LEU A 13 -18.94 -39.70 32.15
N SER A 14 -18.99 -38.38 32.27
CA SER A 14 -19.27 -37.79 33.59
C SER A 14 -20.76 -37.97 33.80
N THR A 15 -21.54 -37.63 32.76
CA THR A 15 -23.01 -37.77 32.81
C THR A 15 -23.37 -39.21 33.14
N ALA A 16 -22.69 -40.16 32.52
CA ALA A 16 -23.02 -41.56 32.76
C ALA A 16 -22.84 -41.99 34.24
N LEU A 17 -21.76 -41.56 34.87
CA LEU A 17 -21.46 -41.91 36.28
C LEU A 17 -22.36 -41.15 37.23
N CYS A 18 -22.66 -39.90 36.87
CA CYS A 18 -23.58 -39.08 37.63
C CYS A 18 -24.91 -39.79 37.78
N ILE A 19 -25.44 -40.28 36.65
CA ILE A 19 -26.68 -41.09 36.57
C ILE A 19 -26.53 -42.34 37.44
N HIS A 20 -25.65 -43.24 37.03
CA HIS A 20 -25.49 -44.50 37.74
C HIS A 20 -25.17 -44.32 39.26
N GLU A 21 -24.64 -43.18 39.66
CA GLU A 21 -24.42 -42.95 41.08
C GLU A 21 -25.77 -42.73 41.77
N ARG A 22 -26.55 -41.80 41.21
CA ARG A 22 -27.81 -41.41 41.79
C ARG A 22 -28.92 -42.50 41.69
N TYR A 23 -28.73 -43.57 40.91
CA TYR A 23 -29.84 -44.52 40.65
C TYR A 23 -29.60 -46.07 40.56
N HIS A 24 -28.40 -46.60 40.84
N HIS A 24 -28.39 -46.56 40.90
CA HIS A 24 -28.25 -48.08 40.77
CA HIS A 24 -28.08 -48.01 40.89
C HIS A 24 -28.91 -48.84 41.94
C HIS A 24 -28.87 -48.80 41.94
N SER A 25 -28.97 -48.24 43.14
CA SER A 25 -29.65 -48.88 44.28
C SER A 25 -31.18 -48.89 44.08
N VAL A 26 -31.74 -47.72 43.72
CA VAL A 26 -33.19 -47.50 43.69
C VAL A 26 -33.81 -47.64 42.26
N LEU A 27 -33.28 -48.57 41.47
CA LEU A 27 -33.91 -49.04 40.23
C LEU A 27 -33.31 -50.41 39.91
N GLN A 28 -34.13 -51.46 40.05
CA GLN A 28 -33.64 -52.84 40.20
C GLN A 28 -33.10 -53.45 38.90
N PRO A 29 -33.74 -53.13 37.74
CA PRO A 29 -33.07 -53.23 36.46
C PRO A 29 -32.58 -51.83 35.98
N LEU A 30 -31.30 -51.52 36.18
CA LEU A 30 -30.66 -50.32 35.59
C LEU A 30 -29.40 -50.73 34.86
N ASP A 31 -29.54 -50.81 33.53
CA ASP A 31 -28.53 -51.25 32.56
C ASP A 31 -28.06 -50.03 31.72
N VAL A 32 -26.80 -49.64 31.90
CA VAL A 32 -26.20 -48.49 31.18
C VAL A 32 -25.05 -48.95 30.25
N LYS A 33 -25.09 -48.45 29.02
CA LYS A 33 -24.12 -48.75 27.98
C LYS A 33 -23.56 -47.44 27.40
N VAL A 34 -22.26 -47.42 27.15
CA VAL A 34 -21.67 -46.29 26.42
C VAL A 34 -21.30 -46.78 25.04
N TYR A 35 -21.95 -46.21 24.04
CA TYR A 35 -21.55 -46.40 22.65
C TYR A 35 -20.71 -45.19 22.35
N ALA A 36 -19.64 -45.37 21.56
CA ALA A 36 -18.84 -44.23 21.09
C ALA A 36 -17.87 -44.65 20.00
N ASP A 37 -17.63 -43.78 19.01
CA ASP A 37 -16.70 -44.08 17.91
C ASP A 37 -15.30 -43.58 18.17
N ARG A 38 -15.12 -42.81 19.24
CA ARG A 38 -13.79 -42.44 19.79
C ARG A 38 -13.78 -42.50 21.35
N PHE A 39 -12.89 -43.34 21.91
CA PHE A 39 -12.52 -43.31 23.33
C PHE A 39 -11.13 -42.73 23.50
N THR A 40 -10.86 -42.28 24.73
CA THR A 40 -9.58 -41.64 25.07
C THR A 40 -8.48 -42.54 24.54
N PRO A 41 -7.46 -42.01 23.87
CA PRO A 41 -7.11 -40.58 23.79
C PRO A 41 -7.54 -39.84 22.51
N PHE A 42 -8.67 -40.21 21.90
CA PHE A 42 -9.02 -39.68 20.57
C PHE A 42 -10.23 -38.74 20.55
N THR A 43 -10.64 -38.29 21.75
CA THR A 43 -11.73 -37.30 21.91
C THR A 43 -11.23 -35.85 21.88
N THR A 44 -12.16 -34.89 21.79
CA THR A 44 -11.80 -33.48 21.93
C THR A 44 -11.39 -33.26 23.38
N THR A 45 -12.07 -33.93 24.31
CA THR A 45 -11.70 -33.85 25.75
C THR A 45 -10.20 -34.08 26.01
N ASP A 46 -9.56 -34.95 25.23
CA ASP A 46 -8.11 -35.21 25.33
C ASP A 46 -7.21 -34.11 24.79
N VAL A 47 -7.72 -33.20 24.02
CA VAL A 47 -6.90 -32.11 23.52
C VAL A 47 -6.88 -30.94 24.51
N ALA A 48 -7.89 -30.88 25.37
CA ALA A 48 -8.01 -29.78 26.28
C ALA A 48 -6.88 -29.71 27.31
N ALA A 49 -6.29 -28.52 27.41
CA ALA A 49 -5.28 -28.24 28.42
C ALA A 49 -5.75 -28.53 29.85
N GLY A 50 -7.05 -28.42 30.08
CA GLY A 50 -7.63 -28.88 31.33
C GLY A 50 -7.99 -27.82 32.35
N LEU A 51 -7.77 -26.54 32.06
CA LEU A 51 -7.93 -25.50 33.07
C LEU A 51 -9.38 -25.15 33.31
N TRP A 52 -9.72 -24.99 34.58
CA TRP A 52 -11.00 -24.41 34.96
C TRP A 52 -10.94 -22.89 34.79
N GLN A 53 -11.59 -22.37 33.76
CA GLN A 53 -11.85 -20.95 33.64
C GLN A 53 -13.00 -20.80 32.68
N PRO A 54 -14.07 -20.10 33.06
CA PRO A 54 -15.05 -19.83 32.01
C PRO A 54 -14.60 -18.79 30.98
N TYR A 55 -15.53 -18.41 30.12
CA TYR A 55 -15.32 -17.29 29.22
C TYR A 55 -15.31 -16.01 30.05
N THR A 56 -14.48 -15.04 29.66
CA THR A 56 -14.25 -13.78 30.39
C THR A 56 -15.54 -12.94 30.55
N SER A 57 -16.30 -12.83 29.47
CA SER A 57 -17.64 -12.23 29.47
C SER A 57 -18.63 -12.83 30.50
N GLU A 58 -19.78 -12.18 30.59
CA GLU A 58 -20.95 -12.61 31.36
C GLU A 58 -21.48 -13.89 30.72
N PRO A 59 -22.21 -14.73 31.47
CA PRO A 59 -22.66 -15.96 30.83
C PRO A 59 -23.87 -15.73 29.95
N SER A 60 -24.18 -16.70 29.11
CA SER A 60 -25.24 -16.52 28.10
C SER A 60 -26.61 -16.86 28.66
N ASN A 61 -26.65 -17.16 29.96
CA ASN A 61 -27.67 -18.01 30.53
C ASN A 61 -27.34 -18.09 32.04
N PRO A 62 -28.32 -17.84 32.92
CA PRO A 62 -28.03 -17.98 34.36
C PRO A 62 -27.67 -19.41 34.81
N GLN A 63 -28.28 -20.43 34.21
CA GLN A 63 -27.99 -21.81 34.62
C GLN A 63 -26.51 -22.17 34.50
N GLU A 64 -25.84 -21.63 33.47
CA GLU A 64 -24.47 -22.00 33.17
C GLU A 64 -23.49 -21.56 34.22
N ALA A 65 -23.59 -20.31 34.66
CA ALA A 65 -22.83 -19.87 35.82
C ALA A 65 -22.98 -20.80 37.05
N ASN A 66 -24.15 -21.41 37.28
CA ASN A 66 -24.33 -22.31 38.44
C ASN A 66 -23.64 -23.62 38.22
N TRP A 67 -23.62 -24.05 36.99
CA TRP A 67 -23.01 -25.30 36.65
C TRP A 67 -21.50 -25.19 36.75
N ASN A 68 -20.95 -24.04 36.31
CA ASN A 68 -19.53 -23.78 36.46
C ASN A 68 -19.18 -23.76 37.93
N GLN A 69 -19.98 -23.09 38.74
CA GLN A 69 -19.78 -23.06 40.18
C GLN A 69 -19.92 -24.45 40.85
N GLN A 70 -20.94 -25.23 40.47
CA GLN A 70 -21.12 -26.61 41.03
C GLN A 70 -19.91 -27.47 40.73
N THR A 71 -19.40 -27.35 39.51
CA THR A 71 -18.24 -28.09 39.04
C THR A 71 -17.04 -27.64 39.86
N PHE A 72 -16.87 -26.34 40.07
CA PHE A 72 -15.71 -25.88 40.82
C PHE A 72 -15.68 -26.42 42.24
N ASN A 73 -16.82 -26.33 42.95
CA ASN A 73 -16.88 -26.71 44.37
C ASN A 73 -16.76 -28.21 44.50
N TYR A 74 -17.29 -28.92 43.53
CA TYR A 74 -17.13 -30.36 43.47
C TYR A 74 -15.67 -30.80 43.31
N LEU A 75 -14.95 -30.18 42.40
CA LEU A 75 -13.56 -30.57 42.13
C LEU A 75 -12.71 -30.21 43.33
N LEU A 76 -12.89 -28.98 43.81
CA LEU A 76 -12.20 -28.47 45.00
C LEU A 76 -12.39 -29.44 46.17
N SER A 77 -13.59 -30.04 46.30
CA SER A 77 -13.85 -31.01 47.37
C SER A 77 -12.79 -32.14 47.42
N HIS A 78 -12.42 -32.64 46.24
CA HIS A 78 -11.35 -33.63 46.10
C HIS A 78 -9.93 -33.10 46.30
N ILE A 79 -9.68 -31.79 46.22
CA ILE A 79 -8.37 -31.25 46.66
C ILE A 79 -8.15 -31.58 48.15
N GLY A 80 -7.00 -32.19 48.44
CA GLY A 80 -6.78 -32.86 49.72
C GLY A 80 -6.89 -34.40 49.68
N SER A 81 -7.62 -34.97 48.71
CA SER A 81 -7.59 -36.42 48.52
C SER A 81 -6.17 -36.86 48.22
N PRO A 82 -5.77 -38.02 48.73
CA PRO A 82 -4.63 -38.74 48.17
C PRO A 82 -4.69 -39.02 46.65
N ASN A 83 -5.90 -39.27 46.11
CA ASN A 83 -6.08 -39.59 44.68
C ASN A 83 -6.44 -38.39 43.77
N ALA A 84 -6.25 -37.16 44.25
CA ALA A 84 -6.42 -35.97 43.40
C ALA A 84 -5.70 -36.14 42.08
N ALA A 85 -4.41 -36.45 42.11
CA ALA A 85 -3.61 -36.38 40.90
C ALA A 85 -3.80 -37.55 39.94
N ASN A 86 -4.35 -38.65 40.45
CA ASN A 86 -4.66 -39.81 39.60
C ASN A 86 -6.00 -39.65 38.93
N MET A 87 -6.80 -38.73 39.45
CA MET A 87 -7.98 -38.17 38.77
C MET A 87 -7.64 -37.21 37.62
N GLY A 88 -6.42 -36.67 37.64
CA GLY A 88 -6.01 -35.59 36.75
C GLY A 88 -6.09 -34.20 37.38
N LEU A 89 -6.25 -34.16 38.70
CA LEU A 89 -6.55 -32.93 39.42
C LEU A 89 -5.36 -32.43 40.24
N THR A 90 -4.95 -31.19 39.96
CA THR A 90 -3.97 -30.48 40.80
C THR A 90 -4.22 -28.97 40.70
N PRO A 91 -3.93 -28.20 41.77
CA PRO A 91 -4.10 -26.78 41.67
C PRO A 91 -2.98 -26.12 40.88
N VAL A 92 -3.31 -24.94 40.37
CA VAL A 92 -2.40 -24.18 39.53
C VAL A 92 -2.67 -22.67 39.64
N SER A 93 -1.63 -21.87 39.44
CA SER A 93 -1.79 -20.45 39.62
C SER A 93 -1.38 -19.81 38.32
N GLY A 94 -1.95 -18.65 38.02
CA GLY A 94 -1.65 -17.98 36.77
C GLY A 94 -2.29 -16.64 36.46
N TYR A 95 -1.98 -16.21 35.24
CA TYR A 95 -2.19 -14.85 34.80
C TYR A 95 -3.09 -14.86 33.57
N ASN A 96 -4.01 -13.88 33.52
CA ASN A 96 -4.73 -13.51 32.29
C ASN A 96 -4.25 -12.11 31.89
N LEU A 97 -3.92 -11.88 30.63
CA LEU A 97 -3.33 -10.63 30.21
C LEU A 97 -4.15 -9.98 29.10
N PHE A 98 -4.49 -8.70 29.30
CA PHE A 98 -5.20 -7.88 28.31
C PHE A 98 -4.40 -6.68 27.72
N ARG A 99 -4.79 -6.23 26.52
CA ARG A 99 -4.19 -5.04 25.92
C ARG A 99 -4.87 -3.74 26.45
N GLU A 100 -6.04 -3.86 27.09
CA GLU A 100 -6.75 -2.74 27.71
C GLU A 100 -7.33 -3.23 29.01
N ALA A 101 -7.80 -2.34 29.87
CA ALA A 101 -8.46 -2.78 31.10
C ALA A 101 -9.81 -3.31 30.74
N VAL A 102 -10.30 -4.21 31.57
CA VAL A 102 -11.59 -4.82 31.35
C VAL A 102 -12.19 -5.18 32.70
N PRO A 103 -13.53 -5.35 32.73
CA PRO A 103 -14.18 -5.58 34.03
C PRO A 103 -13.93 -6.98 34.56
N ASP A 104 -14.15 -7.13 35.86
CA ASP A 104 -13.97 -8.39 36.56
C ASP A 104 -14.91 -9.44 36.04
N PRO A 105 -14.45 -10.69 36.06
CA PRO A 105 -15.34 -11.77 35.62
C PRO A 105 -16.34 -12.12 36.71
N TYR A 106 -17.48 -12.67 36.31
CA TYR A 106 -18.48 -13.18 37.27
C TYR A 106 -18.00 -14.31 38.16
N TRP A 107 -16.95 -14.99 37.71
CA TRP A 107 -16.34 -16.11 38.45
C TRP A 107 -15.17 -15.69 39.35
N LYS A 108 -14.88 -14.39 39.46
CA LYS A 108 -13.74 -13.90 40.23
C LYS A 108 -13.75 -14.38 41.69
N ASP A 109 -14.93 -14.58 42.26
CA ASP A 109 -15.06 -15.09 43.63
C ASP A 109 -15.22 -16.59 43.72
N MET A 110 -15.43 -17.25 42.60
CA MET A 110 -15.38 -18.71 42.57
C MET A 110 -13.95 -19.25 42.73
N VAL A 111 -13.01 -18.71 41.97
CA VAL A 111 -11.59 -19.13 42.02
C VAL A 111 -10.97 -18.57 43.28
N LEU A 112 -9.75 -18.98 43.57
CA LEU A 112 -9.05 -18.60 44.81
C LEU A 112 -8.21 -17.33 44.60
N GLY A 113 -8.27 -16.42 45.55
CA GLY A 113 -7.32 -15.32 45.59
C GLY A 113 -7.12 -14.51 44.33
N PHE A 114 -8.24 -14.20 43.67
CA PHE A 114 -8.31 -13.33 42.46
C PHE A 114 -7.91 -11.92 42.77
N ARG A 115 -7.16 -11.30 41.86
CA ARG A 115 -6.76 -9.91 42.00
C ARG A 115 -6.27 -9.31 40.72
N LYS A 116 -6.10 -7.98 40.71
CA LYS A 116 -5.53 -7.29 39.55
C LYS A 116 -4.04 -7.38 39.66
N LEU A 117 -3.38 -7.44 38.51
CA LEU A 117 -1.93 -7.41 38.47
C LEU A 117 -1.36 -6.01 38.73
N THR A 118 -0.39 -5.99 39.62
CA THR A 118 0.37 -4.80 39.96
C THR A 118 1.24 -4.34 38.79
N PRO A 119 1.74 -3.11 38.85
CA PRO A 119 2.67 -2.57 37.84
C PRO A 119 3.97 -3.31 37.61
N ARG A 120 4.62 -3.77 38.68
CA ARG A 120 5.82 -4.59 38.54
C ARG A 120 5.49 -5.89 37.83
N GLU A 121 4.39 -6.55 38.22
CA GLU A 121 3.98 -7.79 37.53
C GLU A 121 3.84 -7.55 36.02
N LEU A 122 3.25 -6.40 35.68
CA LEU A 122 2.96 -6.07 34.31
C LEU A 122 4.20 -5.71 33.50
N ASP A 123 5.34 -5.46 34.14
CA ASP A 123 6.59 -5.23 33.39
C ASP A 123 7.17 -6.56 32.93
N MET A 124 7.00 -7.60 33.77
CA MET A 124 7.14 -9.06 33.40
C MET A 124 6.44 -9.33 32.03
N PHE A 125 5.37 -8.58 31.69
CA PHE A 125 4.63 -8.71 30.42
C PHE A 125 4.51 -7.40 29.61
N PRO A 126 5.51 -7.12 28.74
CA PRO A 126 5.57 -5.81 28.07
C PRO A 126 4.52 -5.55 26.96
N ASP A 127 3.95 -6.58 26.35
CA ASP A 127 2.94 -6.34 25.32
C ASP A 127 1.55 -6.35 25.94
N TYR A 128 1.43 -6.20 27.27
CA TYR A 128 0.12 -6.14 27.94
C TYR A 128 0.14 -5.04 29.00
N ARG A 129 -1.06 -4.45 29.25
CA ARG A 129 -1.27 -3.35 30.24
C ARG A 129 -2.17 -3.68 31.41
N TYR A 130 -2.82 -4.84 31.39
CA TYR A 130 -3.78 -5.14 32.42
C TYR A 130 -3.98 -6.63 32.51
N GLY A 131 -4.26 -7.12 33.71
CA GLY A 131 -4.59 -8.51 33.90
C GLY A 131 -5.01 -8.89 35.28
N TRP A 132 -5.22 -10.19 35.46
CA TRP A 132 -5.59 -10.80 36.73
C TRP A 132 -4.55 -11.81 37.20
N PHE A 133 -4.66 -12.16 38.47
CA PHE A 133 -3.93 -13.29 39.02
C PHE A 133 -4.86 -14.15 39.82
N ASN A 134 -4.78 -15.47 39.67
CA ASN A 134 -5.64 -16.30 40.51
C ASN A 134 -5.21 -17.73 40.52
N THR A 135 -5.80 -18.50 41.44
CA THR A 135 -5.52 -19.92 41.56
C THR A 135 -6.76 -20.72 41.20
N SER A 136 -6.60 -21.70 40.34
CA SER A 136 -7.68 -22.51 39.82
C SER A 136 -7.16 -23.95 39.73
N LEU A 137 -7.76 -24.81 38.91
CA LEU A 137 -7.44 -26.22 38.93
C LEU A 137 -7.16 -26.69 37.56
N ILE A 138 -6.11 -27.47 37.36
CA ILE A 138 -5.96 -28.31 36.17
C ILE A 138 -6.83 -29.59 36.35
N LEU A 139 -7.67 -29.91 35.37
CA LEU A 139 -8.32 -31.23 35.28
C LEU A 139 -7.96 -31.85 33.94
N GLU A 140 -6.82 -32.56 33.85
CA GLU A 140 -6.34 -33.08 32.57
C GLU A 140 -7.27 -34.09 31.97
N GLY A 141 -7.80 -33.79 30.79
CA GLY A 141 -8.80 -34.60 30.14
C GLY A 141 -8.36 -36.04 30.07
N ARG A 142 -7.15 -36.24 29.56
CA ARG A 142 -6.61 -37.56 29.29
C ARG A 142 -6.58 -38.39 30.57
N LYS A 143 -6.06 -37.85 31.69
CA LYS A 143 -6.10 -38.58 32.99
C LYS A 143 -7.51 -38.84 33.50
N TYR A 144 -8.37 -37.83 33.29
CA TYR A 144 -9.72 -37.82 33.85
C TYR A 144 -10.67 -38.78 33.13
N LEU A 145 -10.57 -38.83 31.81
CA LEU A 145 -11.24 -39.84 31.03
C LEU A 145 -10.87 -41.22 31.53
N GLN A 146 -9.58 -41.39 31.82
CA GLN A 146 -9.08 -42.63 32.36
C GLN A 146 -9.72 -42.93 33.69
N TRP A 147 -9.71 -41.96 34.62
CA TRP A 147 -10.33 -42.20 35.93
C TRP A 147 -11.79 -42.56 35.76
N LEU A 148 -12.49 -41.92 34.81
CA LEU A 148 -13.95 -42.13 34.66
C LEU A 148 -14.26 -43.50 34.17
N THR A 149 -13.53 -43.94 33.17
CA THR A 149 -13.76 -45.27 32.60
C THR A 149 -13.51 -46.36 33.65
N GLU A 150 -12.55 -46.15 34.56
CA GLU A 150 -12.28 -47.14 35.63
C GLU A 150 -13.44 -47.22 36.61
N ARG A 151 -13.92 -46.07 37.07
CA ARG A 151 -15.00 -46.02 38.01
C ARG A 151 -16.24 -46.63 37.37
N LEU A 152 -16.59 -46.19 36.16
CA LEU A 152 -17.69 -46.78 35.38
C LEU A 152 -17.60 -48.33 35.25
N THR A 153 -16.43 -48.80 34.90
CA THR A 153 -16.20 -50.23 34.79
C THR A 153 -16.33 -50.97 36.14
N GLU A 154 -15.85 -50.39 37.23
CA GLU A 154 -16.04 -50.96 38.57
C GLU A 154 -17.53 -51.23 38.83
N ARG A 155 -18.35 -50.27 38.40
CA ARG A 155 -19.79 -50.25 38.61
C ARG A 155 -20.59 -51.05 37.59
N GLY A 156 -19.91 -51.60 36.59
CA GLY A 156 -20.54 -52.54 35.67
C GLY A 156 -21.11 -51.94 34.40
N VAL A 157 -20.81 -50.67 34.10
CA VAL A 157 -21.16 -50.07 32.79
C VAL A 157 -20.34 -50.70 31.67
N LYS A 158 -20.97 -50.95 30.52
CA LYS A 158 -20.32 -51.62 29.40
C LYS A 158 -20.11 -50.62 28.24
N PHE A 159 -18.94 -50.73 27.59
CA PHE A 159 -18.55 -49.81 26.55
C PHE A 159 -18.49 -50.56 25.22
N PHE A 160 -18.92 -49.88 24.16
CA PHE A 160 -18.89 -50.40 22.79
C PHE A 160 -18.32 -49.36 21.87
N LEU A 161 -17.50 -49.83 20.95
CA LEU A 161 -16.80 -49.03 19.97
C LEU A 161 -17.58 -49.07 18.66
N ARG A 162 -18.41 -48.05 18.43
CA ARG A 162 -19.30 -48.05 17.29
C ARG A 162 -19.88 -46.71 16.94
N LYS A 163 -20.28 -46.60 15.68
CA LYS A 163 -20.90 -45.40 15.15
C LYS A 163 -22.39 -45.53 15.28
N VAL A 164 -23.06 -44.52 15.82
CA VAL A 164 -24.51 -44.41 15.82
C VAL A 164 -24.86 -43.58 14.58
N GLU A 165 -25.65 -44.19 13.68
CA GLU A 165 -26.00 -43.57 12.40
C GLU A 165 -27.25 -42.76 12.55
N SER A 166 -28.04 -43.10 13.58
CA SER A 166 -29.31 -42.43 13.89
C SER A 166 -29.79 -42.71 15.33
N PHE A 167 -30.64 -41.84 15.86
CA PHE A 167 -31.35 -42.17 17.10
C PHE A 167 -32.31 -43.33 16.90
N GLU A 168 -32.94 -43.39 15.71
CA GLU A 168 -33.85 -44.47 15.36
C GLU A 168 -33.23 -45.87 15.62
N GLU A 169 -32.03 -46.11 15.08
CA GLU A 169 -31.36 -47.41 15.21
C GLU A 169 -31.15 -47.84 16.66
N VAL A 170 -30.82 -46.89 17.52
CA VAL A 170 -30.54 -47.14 18.93
C VAL A 170 -31.83 -47.48 19.63
N ALA A 171 -32.87 -46.70 19.31
CA ALA A 171 -34.21 -46.90 19.86
C ALA A 171 -34.78 -48.32 19.61
N ARG A 172 -34.82 -48.73 18.34
CA ARG A 172 -35.21 -50.10 17.98
C ARG A 172 -34.29 -51.21 18.55
N GLY A 173 -33.09 -50.86 18.99
CA GLY A 173 -32.18 -51.80 19.65
C GLY A 173 -32.54 -52.18 21.07
N GLY A 174 -33.50 -51.48 21.67
CA GLY A 174 -33.91 -51.70 23.06
C GLY A 174 -33.72 -50.53 24.02
N ALA A 175 -33.46 -49.34 23.50
CA ALA A 175 -33.12 -48.21 24.34
C ALA A 175 -34.36 -47.48 24.87
N ASP A 176 -34.48 -47.44 26.19
CA ASP A 176 -35.56 -46.73 26.86
C ASP A 176 -35.19 -45.25 26.95
N VAL A 177 -33.98 -44.98 27.47
CA VAL A 177 -33.41 -43.61 27.49
C VAL A 177 -32.09 -43.54 26.69
N ILE A 178 -31.92 -42.43 25.97
CA ILE A 178 -30.70 -42.14 25.21
C ILE A 178 -30.13 -40.81 25.66
N ILE A 179 -28.92 -40.82 26.22
CA ILE A 179 -28.20 -39.57 26.56
C ILE A 179 -27.27 -39.16 25.38
N ASN A 180 -27.58 -38.05 24.73
CA ASN A 180 -26.83 -37.66 23.55
C ASN A 180 -25.73 -36.71 23.94
N CYS A 181 -24.48 -37.21 23.96
CA CYS A 181 -23.32 -36.45 24.42
C CYS A 181 -22.22 -36.45 23.37
N THR A 182 -22.66 -36.14 22.16
CA THR A 182 -21.88 -36.31 20.91
C THR A 182 -20.97 -35.12 20.59
N GLY A 183 -21.06 -34.04 21.37
CA GLY A 183 -20.20 -32.88 21.14
C GLY A 183 -20.37 -32.28 19.76
N VAL A 184 -19.28 -32.02 19.06
CA VAL A 184 -19.34 -31.22 17.84
C VAL A 184 -20.00 -31.98 16.72
N TRP A 185 -20.01 -33.30 16.79
CA TRP A 185 -20.60 -34.08 15.71
C TRP A 185 -22.09 -34.42 16.00
N ALA A 186 -22.72 -33.74 16.97
CA ALA A 186 -24.15 -33.95 17.30
C ALA A 186 -25.07 -33.65 16.12
N GLY A 187 -24.73 -32.65 15.31
CA GLY A 187 -25.55 -32.30 14.14
C GLY A 187 -25.86 -33.46 13.21
N VAL A 188 -24.96 -34.45 13.18
CA VAL A 188 -25.16 -35.66 12.37
C VAL A 188 -26.42 -36.39 12.79
N LEU A 189 -26.63 -36.53 14.10
CA LEU A 189 -27.81 -37.22 14.59
C LEU A 189 -29.13 -36.44 14.49
N GLN A 190 -29.05 -35.11 14.48
CA GLN A 190 -30.23 -34.26 14.37
C GLN A 190 -29.76 -32.86 14.18
N PRO A 191 -29.96 -32.32 12.98
CA PRO A 191 -29.43 -31.02 12.62
C PRO A 191 -29.46 -29.95 13.71
N ASP A 192 -28.40 -29.15 13.72
CA ASP A 192 -28.30 -28.02 14.61
C ASP A 192 -27.43 -26.95 13.93
N PRO A 193 -28.07 -25.97 13.25
CA PRO A 193 -27.24 -24.90 12.66
C PRO A 193 -26.47 -23.99 13.68
N LEU A 194 -26.84 -24.01 14.98
CA LEU A 194 -26.14 -23.23 16.04
C LEU A 194 -24.78 -23.80 16.44
N LEU A 195 -24.72 -25.14 16.38
CA LEU A 195 -23.54 -25.93 16.71
C LEU A 195 -22.64 -25.97 15.53
N GLN A 196 -21.43 -25.42 15.72
CA GLN A 196 -20.34 -25.46 14.73
C GLN A 196 -19.00 -25.83 15.42
N PRO A 197 -17.93 -26.10 14.64
CA PRO A 197 -16.64 -26.44 15.22
C PRO A 197 -15.71 -25.24 15.54
N GLY A 198 -15.34 -25.07 16.80
CA GLY A 198 -14.16 -24.27 17.17
C GLY A 198 -12.90 -25.09 17.00
N ARG A 199 -12.22 -24.95 15.86
CA ARG A 199 -11.01 -25.69 15.59
C ARG A 199 -9.87 -25.07 16.35
N GLY A 200 -9.14 -25.89 17.09
CA GLY A 200 -7.97 -25.47 17.85
C GLY A 200 -6.79 -26.35 17.55
N GLN A 201 -5.70 -25.74 17.09
CA GLN A 201 -4.40 -26.38 17.11
C GLN A 201 -3.72 -26.07 18.47
N ILE A 202 -2.95 -27.07 18.94
CA ILE A 202 -2.09 -27.02 20.16
C ILE A 202 -0.73 -27.71 19.92
N ILE A 203 0.24 -27.40 20.79
CA ILE A 203 1.60 -27.99 20.75
C ILE A 203 1.94 -28.49 22.16
N LYS A 204 2.15 -29.79 22.38
CA LYS A 204 2.65 -30.24 23.66
C LYS A 204 4.14 -30.06 23.64
N VAL A 205 4.69 -29.32 24.60
CA VAL A 205 6.15 -29.26 24.76
C VAL A 205 6.56 -29.76 26.13
N ASP A 206 7.77 -30.28 26.20
CA ASP A 206 8.39 -30.67 27.48
C ASP A 206 9.17 -29.47 28.11
N ALA A 207 8.57 -28.81 29.10
CA ALA A 207 9.12 -27.61 29.70
C ALA A 207 8.65 -27.55 31.16
N PRO A 208 9.18 -28.49 31.98
CA PRO A 208 8.71 -28.76 33.35
C PRO A 208 8.90 -27.60 34.33
N TRP A 209 9.70 -26.64 33.94
CA TRP A 209 9.95 -25.45 34.73
C TRP A 209 8.88 -24.38 34.72
N LEU A 210 7.94 -24.43 33.79
CA LEU A 210 6.78 -23.52 33.82
C LEU A 210 5.73 -24.04 34.81
N LYS A 211 5.39 -23.21 35.76
CA LYS A 211 4.52 -23.55 36.84
C LYS A 211 3.20 -22.83 36.79
N ASN A 212 3.15 -21.76 36.01
CA ASN A 212 2.02 -20.88 36.02
C ASN A 212 1.44 -20.89 34.60
N PHE A 213 0.11 -21.02 34.50
CA PHE A 213 -0.58 -20.77 33.21
C PHE A 213 -0.61 -19.29 32.83
N ILE A 214 -0.48 -19.01 31.55
CA ILE A 214 -0.56 -17.65 31.02
C ILE A 214 -1.54 -17.56 29.85
N ILE A 215 -2.65 -16.84 30.03
CA ILE A 215 -3.65 -16.63 29.00
C ILE A 215 -3.66 -15.17 28.51
N THR A 216 -3.54 -14.96 27.20
CA THR A 216 -3.64 -13.63 26.62
C THR A 216 -5.00 -13.47 26.00
N HIS A 217 -5.45 -12.22 25.92
CA HIS A 217 -6.72 -11.88 25.28
C HIS A 217 -6.53 -10.63 24.37
N ASP A 218 -6.70 -10.80 23.06
CA ASP A 218 -6.97 -9.66 22.17
C ASP A 218 -8.45 -9.70 21.78
N LEU A 219 -9.23 -8.72 22.25
CA LEU A 219 -10.69 -8.70 22.03
C LEU A 219 -11.07 -8.53 20.57
N GLU A 220 -10.24 -7.83 19.79
CA GLU A 220 -10.43 -7.75 18.33
C GLU A 220 -10.44 -9.16 17.74
N ARG A 221 -9.51 -10.02 18.20
CA ARG A 221 -9.34 -11.39 17.68
C ARG A 221 -10.35 -12.48 18.21
N GLY A 222 -11.18 -12.19 19.21
CA GLY A 222 -12.12 -13.20 19.76
C GLY A 222 -11.41 -14.13 20.73
N ILE A 223 -12.17 -14.94 21.48
CA ILE A 223 -11.57 -15.67 22.63
C ILE A 223 -10.65 -16.83 22.21
N TYR A 224 -9.48 -16.90 22.88
CA TYR A 224 -8.46 -17.94 22.67
C TYR A 224 -7.93 -18.03 21.21
N ASN A 225 -7.91 -16.90 20.49
CA ASN A 225 -7.13 -16.74 19.23
C ASN A 225 -5.93 -15.81 19.52
N SER A 226 -5.14 -16.21 20.51
CA SER A 226 -4.25 -15.34 21.26
C SER A 226 -3.41 -16.26 22.17
N PRO A 227 -2.07 -16.12 22.17
CA PRO A 227 -1.22 -17.13 22.81
C PRO A 227 -1.66 -17.52 24.20
N TYR A 228 -1.71 -18.81 24.50
CA TYR A 228 -1.81 -19.29 25.89
C TYR A 228 -0.78 -20.36 26.24
N ILE A 229 -0.43 -20.42 27.52
CA ILE A 229 0.49 -21.42 28.02
C ILE A 229 -0.21 -22.10 29.17
N ALA A 230 -0.24 -23.42 29.13
CA ALA A 230 -0.93 -24.21 30.14
C ALA A 230 -0.08 -25.43 30.65
N PRO A 231 0.49 -25.35 31.85
CA PRO A 231 1.18 -26.50 32.40
C PRO A 231 0.22 -27.61 32.76
N GLY A 232 0.52 -28.82 32.30
CA GLY A 232 -0.28 -30.00 32.57
C GLY A 232 0.32 -30.72 33.74
N LEU A 233 -0.04 -31.97 33.89
CA LEU A 233 0.64 -32.81 34.88
C LEU A 233 2.02 -33.20 34.36
N GLN A 234 2.10 -33.56 33.08
CA GLN A 234 3.33 -34.15 32.49
C GLN A 234 3.96 -33.42 31.28
N ALA A 235 3.24 -32.50 30.65
CA ALA A 235 3.77 -31.65 29.60
C ALA A 235 3.08 -30.30 29.69
N VAL A 236 3.37 -29.44 28.72
CA VAL A 236 2.87 -28.08 28.68
C VAL A 236 2.15 -27.89 27.36
N THR A 237 0.96 -27.30 27.41
CA THR A 237 0.16 -27.07 26.23
C THR A 237 0.42 -25.64 25.79
N LEU A 238 0.90 -25.47 24.58
CA LEU A 238 0.91 -24.19 23.89
C LEU A 238 -0.24 -24.16 22.86
N GLY A 239 -0.96 -23.05 22.80
CA GLY A 239 -1.99 -22.86 21.79
C GLY A 239 -2.31 -21.40 21.51
N GLY A 240 -3.51 -21.18 20.99
CA GLY A 240 -4.00 -19.85 20.63
C GLY A 240 -4.58 -19.80 19.22
N THR A 241 -5.42 -20.78 18.90
CA THR A 241 -6.26 -20.76 17.71
C THR A 241 -7.58 -21.32 18.19
N PHE A 242 -8.69 -20.73 17.76
CA PHE A 242 -10.01 -21.30 18.04
C PHE A 242 -10.96 -20.93 16.90
N GLN A 243 -10.48 -21.14 15.66
CA GLN A 243 -11.11 -20.72 14.41
C GLN A 243 -12.44 -21.40 14.18
N VAL A 244 -13.55 -20.71 14.47
CA VAL A 244 -14.91 -21.31 14.32
C VAL A 244 -15.32 -21.56 12.86
N GLY A 245 -16.07 -22.64 12.66
CA GLY A 245 -16.39 -23.10 11.32
C GLY A 245 -15.38 -23.94 10.54
N ASN A 246 -14.11 -24.05 10.96
CA ASN A 246 -13.12 -24.83 10.20
C ASN A 246 -13.13 -26.29 10.65
N TRP A 247 -13.40 -27.23 9.74
CA TRP A 247 -13.49 -28.66 10.07
C TRP A 247 -12.23 -29.42 9.67
N ASN A 248 -11.16 -28.72 9.26
CA ASN A 248 -9.94 -29.40 8.76
C ASN A 248 -9.12 -29.95 9.91
N GLU A 249 -9.03 -31.28 10.05
CA GLU A 249 -8.33 -31.93 11.19
C GLU A 249 -6.81 -32.18 10.99
N ILE A 250 -6.31 -31.87 9.78
CA ILE A 250 -4.90 -31.90 9.46
C ILE A 250 -4.25 -30.70 10.11
N ASN A 251 -3.07 -30.91 10.70
CA ASN A 251 -2.30 -29.80 11.27
C ASN A 251 -1.83 -28.90 10.15
N ASN A 252 -1.95 -27.58 10.33
CA ASN A 252 -1.44 -26.65 9.30
C ASN A 252 -0.27 -25.77 9.73
N ILE A 253 0.63 -25.56 8.77
CA ILE A 253 1.93 -24.93 9.01
C ILE A 253 1.77 -23.48 9.42
N GLN A 254 0.75 -22.82 8.89
CA GLN A 254 0.47 -21.46 9.32
C GLN A 254 0.23 -21.40 10.86
N ASP A 255 -0.60 -22.29 11.39
CA ASP A 255 -1.02 -22.21 12.81
C ASP A 255 0.05 -22.62 13.81
N HIS A 256 0.88 -23.57 13.42
CA HIS A 256 2.07 -23.89 14.18
C HIS A 256 2.88 -22.63 14.52
N ASN A 257 3.25 -21.88 13.50
CA ASN A 257 4.11 -20.69 13.64
C ASN A 257 3.46 -19.60 14.51
N THR A 258 2.16 -19.45 14.34
CA THR A 258 1.42 -18.52 15.14
C THR A 258 1.45 -18.85 16.61
N ILE A 259 1.17 -20.12 16.91
CA ILE A 259 1.25 -20.60 18.27
C ILE A 259 2.72 -20.55 18.79
N TRP A 260 3.68 -20.98 17.96
CA TRP A 260 5.09 -21.06 18.36
C TRP A 260 5.76 -19.70 18.64
N GLU A 261 5.68 -18.80 17.67
CA GLU A 261 6.24 -17.48 17.82
C GLU A 261 5.54 -16.77 18.98
N GLY A 262 4.23 -16.88 19.07
CA GLY A 262 3.47 -16.10 20.01
C GLY A 262 3.69 -16.49 21.44
N CYS A 263 3.91 -17.79 21.63
CA CYS A 263 4.17 -18.37 22.95
C CYS A 263 5.60 -18.09 23.34
N CYS A 264 6.54 -18.22 22.39
CA CYS A 264 7.92 -17.77 22.61
C CYS A 264 8.11 -16.27 22.95
N ARG A 265 7.28 -15.37 22.41
CA ARG A 265 7.28 -13.93 22.79
C ARG A 265 6.88 -13.81 24.24
N LEU A 266 5.93 -14.65 24.66
CA LEU A 266 5.42 -14.73 26.05
C LEU A 266 6.36 -15.35 27.12
N GLU A 267 7.02 -16.47 26.78
CA GLU A 267 7.94 -17.14 27.70
C GLU A 267 9.14 -17.56 26.86
N PRO A 268 10.13 -16.66 26.69
CA PRO A 268 11.30 -16.91 25.83
C PRO A 268 12.17 -18.10 26.20
N THR A 269 12.01 -18.59 27.41
CA THR A 269 12.63 -19.87 27.80
C THR A 269 12.20 -21.06 26.93
N LEU A 270 11.04 -20.95 26.29
CA LEU A 270 10.56 -21.93 25.32
C LEU A 270 11.47 -22.24 24.14
N LYS A 271 12.46 -21.40 23.83
CA LYS A 271 13.52 -21.76 22.84
C LYS A 271 14.15 -23.17 23.05
N ASP A 272 14.23 -23.59 24.31
CA ASP A 272 14.86 -24.83 24.75
C ASP A 272 13.89 -25.98 25.00
N ALA A 273 12.59 -25.76 24.93
CA ALA A 273 11.67 -26.86 25.16
C ALA A 273 11.68 -27.79 23.97
N LYS A 274 11.59 -29.08 24.27
CA LYS A 274 11.58 -30.15 23.29
C LYS A 274 10.14 -30.28 22.82
N ILE A 275 9.87 -30.28 21.51
CA ILE A 275 8.48 -30.52 21.07
C ILE A 275 8.15 -32.03 21.10
N VAL A 276 7.03 -32.33 21.75
CA VAL A 276 6.55 -33.68 22.02
C VAL A 276 5.37 -34.07 21.16
N GLY A 277 4.63 -33.11 20.64
CA GLY A 277 3.49 -33.48 19.83
C GLY A 277 2.70 -32.29 19.46
N GLU A 278 1.90 -32.43 18.42
CA GLU A 278 1.13 -31.34 17.88
C GLU A 278 -0.21 -31.86 17.40
N TYR A 279 -1.30 -31.30 17.90
CA TYR A 279 -2.61 -31.94 17.71
C TYR A 279 -3.67 -30.87 17.49
N THR A 280 -4.75 -31.28 16.87
CA THR A 280 -5.87 -30.45 16.50
C THR A 280 -7.18 -31.11 17.07
N GLY A 281 -8.14 -30.30 17.45
CA GLY A 281 -9.44 -30.79 17.85
C GLY A 281 -10.49 -29.71 17.66
N PHE A 282 -11.74 -30.06 17.97
CA PHE A 282 -12.87 -29.25 17.61
C PHE A 282 -13.75 -29.12 18.81
N GLY A 283 -13.83 -27.91 19.34
CA GLY A 283 -14.74 -27.60 20.41
C GLY A 283 -16.14 -27.61 19.86
N PRO A 284 -17.12 -28.06 20.63
CA PRO A 284 -18.49 -27.90 20.19
C PRO A 284 -19.07 -26.52 20.50
N VAL A 285 -18.60 -25.51 19.73
CA VAL A 285 -19.03 -24.10 19.81
C VAL A 285 -20.52 -23.93 19.42
N ARG A 286 -21.30 -23.30 20.30
CA ARG A 286 -22.75 -23.15 20.16
C ARG A 286 -23.27 -22.10 21.17
N PRO A 287 -23.98 -21.03 20.69
CA PRO A 287 -24.33 -19.82 21.49
C PRO A 287 -24.70 -20.10 22.94
N GLN A 288 -25.37 -21.22 23.18
CA GLN A 288 -25.48 -21.80 24.52
C GLN A 288 -25.58 -23.32 24.45
N VAL A 289 -25.39 -23.95 25.61
CA VAL A 289 -25.42 -25.40 25.74
C VAL A 289 -26.78 -25.88 25.32
N ARG A 290 -26.84 -27.04 24.70
CA ARG A 290 -28.11 -27.72 24.53
C ARG A 290 -28.17 -28.78 25.60
N LEU A 291 -28.99 -28.56 26.63
CA LEU A 291 -29.30 -29.60 27.62
C LEU A 291 -30.80 -29.60 27.96
N GLU A 292 -31.49 -30.63 27.49
CA GLU A 292 -32.94 -30.64 27.47
C GLU A 292 -33.44 -32.01 27.08
N ARG A 293 -34.63 -32.31 27.56
CA ARG A 293 -35.30 -33.55 27.23
C ARG A 293 -35.88 -33.40 25.81
N GLU A 294 -36.11 -34.52 25.12
CA GLU A 294 -36.86 -34.58 23.83
C GLU A 294 -37.36 -36.00 23.65
N GLN A 295 -38.67 -36.18 23.48
CA GLN A 295 -39.24 -37.50 23.15
C GLN A 295 -39.20 -37.63 21.64
N LEU A 296 -38.92 -38.84 21.16
CA LEU A 296 -39.10 -39.19 19.77
C LEU A 296 -39.72 -40.58 19.71
N ARG A 297 -40.60 -40.79 18.73
CA ARG A 297 -41.18 -42.12 18.47
C ARG A 297 -40.91 -42.49 17.00
N PHE A 298 -40.52 -43.74 16.80
CA PHE A 298 -40.33 -44.33 15.48
C PHE A 298 -41.13 -45.63 15.49
N GLY A 299 -42.14 -45.70 14.63
CA GLY A 299 -43.07 -46.83 14.64
C GLY A 299 -43.86 -46.91 15.95
N SER A 300 -43.61 -47.97 16.73
CA SER A 300 -44.30 -48.23 18.01
C SER A 300 -43.40 -48.10 19.25
N SER A 301 -42.10 -47.82 19.05
CA SER A 301 -41.13 -47.68 20.15
C SER A 301 -40.86 -46.20 20.44
N ASN A 302 -41.55 -45.68 21.45
CA ASN A 302 -41.31 -44.36 22.04
C ASN A 302 -39.90 -44.42 22.69
N THR A 303 -39.11 -43.34 22.57
CA THR A 303 -37.80 -43.27 23.27
C THR A 303 -37.49 -41.86 23.77
N GLU A 304 -36.93 -41.78 24.97
CA GLU A 304 -36.62 -40.51 25.62
C GLU A 304 -35.16 -40.16 25.35
N VAL A 305 -34.96 -39.11 24.55
CA VAL A 305 -33.63 -38.51 24.32
C VAL A 305 -33.39 -37.39 25.35
N ILE A 306 -32.18 -37.32 25.90
CA ILE A 306 -31.71 -36.12 26.62
C ILE A 306 -30.37 -35.61 26.08
N HIS A 307 -30.40 -34.40 25.56
CA HIS A 307 -29.23 -33.85 24.95
C HIS A 307 -28.32 -33.25 26.02
N ASN A 308 -27.01 -33.30 25.76
CA ASN A 308 -26.05 -32.63 26.58
C ASN A 308 -24.82 -32.38 25.74
N TYR A 309 -24.92 -31.32 24.93
CA TYR A 309 -23.80 -30.92 24.12
C TYR A 309 -23.74 -29.44 23.88
N GLY A 310 -22.64 -29.00 23.28
CA GLY A 310 -22.42 -27.60 22.92
C GLY A 310 -21.61 -26.82 23.94
N HIS A 311 -20.71 -27.48 24.67
CA HIS A 311 -19.97 -26.82 25.78
C HIS A 311 -18.76 -26.01 25.30
N GLY A 312 -18.48 -26.03 24.01
CA GLY A 312 -17.54 -25.10 23.41
C GLY A 312 -16.15 -25.28 23.97
N GLY A 313 -15.46 -24.18 24.27
CA GLY A 313 -14.12 -24.21 24.85
C GLY A 313 -14.01 -24.25 26.37
N TYR A 314 -15.08 -24.66 27.08
CA TYR A 314 -15.09 -24.81 28.55
C TYR A 314 -15.89 -26.07 29.08
N GLY A 315 -15.98 -27.13 28.28
CA GLY A 315 -16.51 -28.44 28.71
C GLY A 315 -15.98 -29.02 30.03
N LEU A 316 -14.67 -29.18 30.21
CA LEU A 316 -14.13 -29.59 31.50
C LEU A 316 -14.67 -28.72 32.61
N THR A 317 -14.69 -27.41 32.38
CA THR A 317 -15.03 -26.42 33.42
C THR A 317 -16.48 -26.51 33.89
N ILE A 318 -17.37 -26.92 33.00
CA ILE A 318 -18.79 -26.96 33.30
C ILE A 318 -19.29 -28.35 33.63
N HIS A 319 -18.51 -29.37 33.30
CA HIS A 319 -19.02 -30.73 33.05
C HIS A 319 -19.96 -31.32 34.08
N TRP A 320 -19.66 -31.07 35.35
CA TRP A 320 -20.30 -31.76 36.45
C TRP A 320 -21.67 -31.24 36.71
N GLY A 321 -21.81 -29.92 36.71
CA GLY A 321 -23.11 -29.29 36.70
C GLY A 321 -24.02 -30.02 35.71
N CYS A 322 -23.77 -29.81 34.41
CA CYS A 322 -24.56 -30.41 33.38
C CYS A 322 -24.97 -31.81 33.79
N ALA A 323 -24.02 -32.64 34.16
CA ALA A 323 -24.30 -34.03 34.46
C ALA A 323 -25.28 -34.20 35.62
N LEU A 324 -25.15 -33.38 36.66
CA LEU A 324 -26.14 -33.38 37.73
C LEU A 324 -27.50 -33.04 37.14
N GLU A 325 -27.55 -31.97 36.34
CA GLU A 325 -28.78 -31.56 35.66
C GLU A 325 -29.42 -32.69 34.87
N VAL A 326 -28.62 -33.48 34.16
CA VAL A 326 -29.13 -34.58 33.36
C VAL A 326 -29.59 -35.72 34.27
N ALA A 327 -28.94 -35.87 35.43
CA ALA A 327 -29.40 -36.82 36.45
C ALA A 327 -30.76 -36.42 37.04
N LYS A 328 -30.97 -35.11 37.15
CA LYS A 328 -32.25 -34.58 37.56
C LYS A 328 -33.31 -34.88 36.49
N LEU A 329 -33.06 -34.55 35.22
CA LEU A 329 -34.03 -34.83 34.14
C LEU A 329 -34.31 -36.33 33.96
N PHE A 330 -33.29 -37.17 34.09
CA PHE A 330 -33.52 -38.60 34.13
C PHE A 330 -34.50 -38.87 35.27
N GLY A 331 -34.27 -38.24 36.43
CA GLY A 331 -35.17 -38.34 37.58
C GLY A 331 -36.64 -38.16 37.25
N LYS A 332 -36.97 -37.12 36.47
CA LYS A 332 -38.33 -36.95 35.99
C LYS A 332 -38.73 -38.21 35.24
N VAL A 333 -38.26 -38.38 34.00
CA VAL A 333 -38.52 -39.62 33.20
C VAL A 333 -38.88 -40.88 34.01
N LEU A 334 -38.21 -41.12 35.13
CA LEU A 334 -38.57 -42.23 36.02
C LEU A 334 -39.93 -42.06 36.71
N GLU A 335 -40.14 -40.92 37.35
CA GLU A 335 -41.41 -40.66 38.05
C GLU A 335 -42.62 -40.61 37.11
N GLU A 336 -42.42 -40.26 35.84
CA GLU A 336 -43.49 -40.28 34.83
C GLU A 336 -43.87 -41.69 34.33
N ARG A 337 -43.17 -42.71 34.83
CA ARG A 337 -43.55 -44.13 34.70
C ARG A 337 -43.75 -44.79 36.08
N ASN A 338 -43.52 -44.05 37.15
CA ASN A 338 -43.44 -44.59 38.52
C ASN A 338 -42.26 -45.57 38.65
N LEU A 339 -41.06 -45.00 38.75
CA LEU A 339 -39.81 -45.73 39.06
C LEU A 339 -39.62 -47.01 38.23
N MET B 1 47.28 -8.34 39.32
CA MET B 1 47.25 -9.08 40.61
C MET B 1 47.09 -10.58 40.43
N ARG B 2 47.36 -11.30 41.50
CA ARG B 2 47.09 -12.73 41.59
C ARG B 2 45.97 -12.87 42.62
N VAL B 3 44.74 -13.13 42.14
CA VAL B 3 43.57 -13.38 43.02
C VAL B 3 43.25 -14.88 43.12
N VAL B 4 42.96 -15.32 44.34
CA VAL B 4 42.57 -16.68 44.64
C VAL B 4 41.29 -16.64 45.47
N VAL B 5 40.26 -17.35 45.00
CA VAL B 5 38.99 -17.49 45.71
C VAL B 5 38.90 -18.89 46.32
N ILE B 6 38.65 -18.99 47.62
CA ILE B 6 38.55 -20.31 48.24
C ILE B 6 37.09 -20.67 48.46
N GLY B 7 36.61 -21.66 47.69
CA GLY B 7 35.21 -22.10 47.70
C GLY B 7 34.55 -21.98 46.32
N ALA B 8 33.81 -23.02 45.93
CA ALA B 8 33.09 -23.04 44.65
C ALA B 8 31.58 -23.29 44.82
N GLY B 9 31.05 -22.97 46.01
CA GLY B 9 29.61 -22.95 46.24
C GLY B 9 29.01 -21.70 45.58
N VAL B 10 27.77 -21.34 45.91
CA VAL B 10 27.18 -20.12 45.38
C VAL B 10 28.03 -18.91 45.72
N ILE B 11 28.39 -18.80 47.00
CA ILE B 11 29.04 -17.57 47.46
C ILE B 11 30.41 -17.41 46.81
N GLY B 12 31.19 -18.49 46.74
CA GLY B 12 32.41 -18.49 45.95
C GLY B 12 32.25 -18.01 44.51
N LEU B 13 31.66 -18.84 43.67
CA LEU B 13 31.55 -18.54 42.27
C LEU B 13 30.84 -17.24 41.99
N SER B 14 29.85 -16.84 42.80
CA SER B 14 29.14 -15.58 42.49
C SER B 14 30.07 -14.42 42.71
N THR B 15 30.71 -14.42 43.87
CA THR B 15 31.71 -13.42 44.22
C THR B 15 32.92 -13.32 43.25
N ALA B 16 33.37 -14.46 42.71
CA ALA B 16 34.46 -14.47 41.74
C ALA B 16 34.05 -13.82 40.42
N LEU B 17 32.79 -14.01 40.05
CA LEU B 17 32.22 -13.42 38.83
C LEU B 17 31.95 -11.94 38.98
N CYS B 18 31.50 -11.51 40.14
CA CYS B 18 31.13 -10.11 40.33
C CYS B 18 32.35 -9.21 40.24
N ILE B 19 33.43 -9.65 40.89
CA ILE B 19 34.76 -9.02 40.79
C ILE B 19 35.15 -8.88 39.29
N HIS B 20 35.42 -10.01 38.64
CA HIS B 20 35.94 -10.07 37.28
C HIS B 20 35.11 -9.30 36.24
N GLU B 21 33.81 -9.13 36.48
CA GLU B 21 32.97 -8.30 35.59
C GLU B 21 33.36 -6.85 35.78
N ARG B 22 33.53 -6.43 37.03
CA ARG B 22 33.87 -5.04 37.34
C ARG B 22 35.35 -4.60 37.16
N TYR B 23 36.31 -5.52 37.32
CA TYR B 23 37.75 -5.16 37.33
C TYR B 23 38.55 -6.09 36.42
N HIS B 24 38.40 -5.90 35.12
CA HIS B 24 39.19 -6.62 34.12
C HIS B 24 38.99 -5.92 32.80
N SER B 25 40.10 -5.52 32.17
CA SER B 25 40.06 -5.02 30.80
C SER B 25 41.12 -5.79 30.00
N VAL B 26 41.04 -5.71 28.67
CA VAL B 26 42.10 -6.30 27.81
C VAL B 26 43.48 -5.65 28.10
N LEU B 27 43.52 -4.33 28.28
CA LEU B 27 44.74 -3.60 28.69
C LEU B 27 45.12 -3.79 30.19
N GLN B 28 44.13 -4.07 31.04
CA GLN B 28 44.29 -4.30 32.50
C GLN B 28 43.91 -5.76 32.83
N PRO B 29 44.82 -6.70 32.52
CA PRO B 29 44.48 -8.11 32.72
C PRO B 29 44.49 -8.51 34.20
N LEU B 30 43.51 -9.32 34.60
CA LEU B 30 43.41 -9.87 35.95
C LEU B 30 43.43 -11.40 35.93
N ASP B 31 44.02 -11.98 36.97
CA ASP B 31 44.20 -13.42 37.07
C ASP B 31 43.51 -13.97 38.31
N VAL B 32 42.34 -14.58 38.11
CA VAL B 32 41.55 -15.18 39.19
C VAL B 32 41.71 -16.70 39.12
N LYS B 33 42.11 -17.32 40.22
CA LYS B 33 42.06 -18.75 40.31
C LYS B 33 40.90 -19.01 41.26
N VAL B 34 40.37 -20.23 41.24
CA VAL B 34 39.32 -20.68 42.18
C VAL B 34 39.82 -22.00 42.81
N TYR B 35 40.11 -22.00 44.12
CA TYR B 35 40.55 -23.21 44.83
C TYR B 35 39.37 -23.82 45.61
N ALA B 36 39.30 -25.14 45.71
CA ALA B 36 38.10 -25.81 46.22
C ALA B 36 38.19 -27.36 46.34
N ASP B 37 37.77 -27.96 47.44
CA ASP B 37 37.84 -29.43 47.60
C ASP B 37 36.53 -30.13 47.28
N ARG B 38 35.50 -29.30 47.01
CA ARG B 38 34.19 -29.74 46.51
C ARG B 38 33.69 -28.70 45.50
N PHE B 39 33.32 -29.20 44.32
CA PHE B 39 32.62 -28.45 43.27
C PHE B 39 31.19 -28.98 43.08
N THR B 40 30.35 -28.25 42.34
CA THR B 40 29.03 -28.82 41.98
C THR B 40 29.25 -30.15 41.29
N PRO B 41 28.41 -31.16 41.52
CA PRO B 41 27.17 -31.13 42.30
C PRO B 41 27.27 -31.42 43.81
N PHE B 42 28.46 -31.32 44.39
CA PHE B 42 28.73 -31.87 45.71
C PHE B 42 28.85 -30.84 46.82
N THR B 43 28.36 -29.63 46.55
CA THR B 43 28.40 -28.55 47.53
C THR B 43 27.07 -28.45 48.25
N THR B 44 27.08 -27.75 49.38
CA THR B 44 25.87 -27.46 50.17
C THR B 44 24.93 -26.63 49.30
N THR B 45 25.47 -25.79 48.44
CA THR B 45 24.63 -25.05 47.52
C THR B 45 23.73 -25.93 46.64
N ASP B 46 24.30 -26.98 46.06
CA ASP B 46 23.55 -27.94 45.27
C ASP B 46 22.36 -28.52 46.03
N VAL B 47 22.48 -28.70 47.33
CA VAL B 47 21.39 -29.24 48.15
C VAL B 47 20.16 -28.31 48.36
N ALA B 48 20.31 -27.00 48.22
CA ALA B 48 19.23 -26.09 48.63
C ALA B 48 18.17 -25.94 47.53
N ALA B 49 16.90 -26.03 47.95
CA ALA B 49 15.72 -25.79 47.07
C ALA B 49 15.83 -24.58 46.10
N GLY B 50 16.29 -23.48 46.64
CA GLY B 50 16.55 -22.33 45.83
C GLY B 50 15.48 -21.29 45.86
N LEU B 51 14.55 -21.37 46.82
CA LEU B 51 13.46 -20.39 46.91
C LEU B 51 13.99 -19.05 47.47
N TRP B 52 13.60 -17.94 46.85
CA TRP B 52 13.94 -16.65 47.39
C TRP B 52 12.93 -16.31 48.47
N GLN B 53 13.43 -16.18 49.70
CA GLN B 53 12.60 -15.74 50.84
C GLN B 53 13.50 -15.55 52.09
N PRO B 54 13.72 -14.31 52.52
CA PRO B 54 14.37 -14.17 53.82
C PRO B 54 13.48 -14.61 55.00
N TYR B 55 14.07 -14.52 56.19
CA TYR B 55 13.41 -14.86 57.43
C TYR B 55 12.30 -13.87 57.79
N THR B 56 11.19 -14.41 58.31
CA THR B 56 10.04 -13.71 58.89
C THR B 56 10.35 -12.31 59.48
N SER B 57 11.02 -12.30 60.62
CA SER B 57 11.22 -11.09 61.40
C SER B 57 12.35 -10.24 60.79
N GLU B 58 12.58 -9.09 61.41
CA GLU B 58 13.64 -8.14 61.03
C GLU B 58 15.04 -8.80 61.05
N PRO B 59 16.06 -8.15 60.41
CA PRO B 59 17.44 -8.66 60.51
C PRO B 59 18.30 -7.81 61.44
N SER B 60 19.22 -8.43 62.17
CA SER B 60 20.07 -7.68 63.11
C SER B 60 20.97 -6.68 62.39
N ASN B 61 21.62 -7.11 61.30
CA ASN B 61 22.34 -6.17 60.44
C ASN B 61 21.41 -5.65 59.32
N PRO B 62 21.09 -4.33 59.30
CA PRO B 62 20.29 -3.75 58.19
C PRO B 62 20.98 -3.58 56.81
N GLN B 63 22.29 -3.85 56.72
CA GLN B 63 22.95 -4.09 55.42
C GLN B 63 22.32 -5.32 54.72
N GLU B 64 21.93 -6.32 55.53
CA GLU B 64 21.47 -7.60 55.02
C GLU B 64 20.07 -7.62 54.42
N ALA B 65 19.19 -6.69 54.79
CA ALA B 65 17.95 -6.49 54.01
C ALA B 65 18.32 -5.82 52.67
N ASN B 66 19.29 -4.91 52.68
CA ASN B 66 19.70 -4.29 51.43
C ASN B 66 20.36 -5.27 50.45
N TRP B 67 21.13 -6.22 50.97
CA TRP B 67 21.74 -7.25 50.13
C TRP B 67 20.70 -8.20 49.61
N ASN B 68 19.71 -8.52 50.45
CA ASN B 68 18.56 -9.33 50.02
C ASN B 68 17.85 -8.64 48.85
N GLN B 69 17.57 -7.34 48.99
CA GLN B 69 16.86 -6.54 47.94
C GLN B 69 17.62 -6.51 46.60
N GLN B 70 18.90 -6.17 46.66
CA GLN B 70 19.73 -6.17 45.47
C GLN B 70 19.78 -7.53 44.75
N THR B 71 19.68 -8.62 45.50
CA THR B 71 19.71 -9.94 44.91
C THR B 71 18.38 -10.22 44.20
N PHE B 72 17.27 -9.87 44.83
CA PHE B 72 15.98 -10.06 44.18
C PHE B 72 15.90 -9.29 42.88
N ASN B 73 16.42 -8.07 42.86
CA ASN B 73 16.28 -7.19 41.68
C ASN B 73 17.19 -7.61 40.55
N TYR B 74 18.42 -7.99 40.88
CA TYR B 74 19.34 -8.66 39.92
C TYR B 74 18.67 -9.90 39.30
N LEU B 75 18.05 -10.74 40.13
CA LEU B 75 17.38 -11.95 39.63
C LEU B 75 16.19 -11.59 38.72
N LEU B 76 15.27 -10.76 39.22
CA LEU B 76 14.07 -10.39 38.47
C LEU B 76 14.42 -9.79 37.12
N SER B 77 15.50 -9.01 37.05
CA SER B 77 15.92 -8.45 35.75
C SER B 77 16.19 -9.55 34.71
N HIS B 78 16.68 -10.71 35.13
CA HIS B 78 16.80 -11.90 34.26
C HIS B 78 15.52 -12.66 33.92
N ILE B 79 14.46 -12.51 34.71
CA ILE B 79 13.18 -13.06 34.29
C ILE B 79 12.82 -12.44 32.95
N GLY B 80 12.56 -13.29 31.97
CA GLY B 80 12.21 -12.83 30.63
C GLY B 80 13.38 -12.81 29.65
N SER B 81 14.61 -12.78 30.14
CA SER B 81 15.69 -13.17 29.27
C SER B 81 15.39 -14.61 28.84
N PRO B 82 15.70 -14.96 27.57
CA PRO B 82 15.68 -16.34 27.07
C PRO B 82 16.42 -17.36 27.92
N ASN B 83 17.39 -16.92 28.71
CA ASN B 83 18.25 -17.84 29.47
C ASN B 83 17.90 -18.05 30.92
N ALA B 84 16.90 -17.34 31.43
CA ALA B 84 16.53 -17.43 32.84
C ALA B 84 16.64 -18.86 33.38
N ALA B 85 15.83 -19.76 32.84
CA ALA B 85 15.78 -21.17 33.25
C ALA B 85 17.09 -21.93 33.05
N ASN B 86 17.94 -21.53 32.10
CA ASN B 86 19.31 -22.06 32.04
C ASN B 86 20.23 -21.59 33.21
N MET B 87 19.87 -20.49 33.87
CA MET B 87 20.52 -20.11 35.14
C MET B 87 19.94 -20.83 36.35
N GLY B 88 18.82 -21.52 36.17
CA GLY B 88 18.15 -22.22 37.25
C GLY B 88 17.04 -21.38 37.86
N LEU B 89 16.52 -20.43 37.09
CA LEU B 89 15.69 -19.35 37.58
C LEU B 89 14.31 -19.49 36.97
N THR B 90 13.31 -19.74 37.79
CA THR B 90 11.91 -19.73 37.32
C THR B 90 11.01 -19.09 38.36
N PRO B 91 9.97 -18.35 37.97
CA PRO B 91 9.06 -17.88 39.03
C PRO B 91 8.23 -19.00 39.61
N VAL B 92 7.78 -18.80 40.84
CA VAL B 92 6.91 -19.76 41.51
C VAL B 92 6.05 -19.05 42.56
N SER B 93 4.84 -19.56 42.78
CA SER B 93 3.95 -18.96 43.76
C SER B 93 3.58 -19.99 44.81
N GLY B 94 3.43 -19.54 46.05
CA GLY B 94 3.16 -20.44 47.15
C GLY B 94 2.60 -19.84 48.42
N TYR B 95 2.47 -20.71 49.40
CA TYR B 95 1.83 -20.48 50.68
C TYR B 95 2.90 -20.50 51.76
N ASN B 96 2.76 -19.62 52.75
CA ASN B 96 3.48 -19.69 54.03
C ASN B 96 2.43 -19.93 55.11
N LEU B 97 2.45 -21.06 55.81
CA LEU B 97 1.45 -21.33 56.84
C LEU B 97 1.99 -21.21 58.26
N PHE B 98 1.09 -20.79 59.15
CA PHE B 98 1.39 -20.50 60.55
C PHE B 98 0.22 -21.02 61.42
N ARG B 99 0.53 -21.25 62.71
CA ARG B 99 -0.45 -21.74 63.72
C ARG B 99 -1.16 -20.57 64.41
N GLU B 100 -0.62 -19.36 64.23
CA GLU B 100 -1.12 -18.15 64.86
C GLU B 100 -0.91 -16.92 63.99
N ALA B 101 -1.76 -15.92 64.15
CA ALA B 101 -1.58 -14.66 63.42
C ALA B 101 -0.24 -14.03 63.81
N VAL B 102 0.57 -13.64 62.82
CA VAL B 102 1.90 -13.06 63.03
C VAL B 102 2.04 -11.75 62.25
N PRO B 103 3.02 -10.92 62.63
CA PRO B 103 3.23 -9.68 61.83
C PRO B 103 3.62 -9.97 60.38
N ASP B 104 3.54 -8.96 59.53
CA ASP B 104 3.95 -9.13 58.16
C ASP B 104 5.44 -9.07 58.12
N PRO B 105 6.05 -9.72 57.14
CA PRO B 105 7.52 -9.67 57.01
C PRO B 105 8.01 -8.38 56.35
N TYR B 106 9.25 -8.01 56.58
CA TYR B 106 9.79 -6.80 55.95
C TYR B 106 9.86 -6.90 54.44
N TRP B 107 9.89 -8.12 53.92
CA TRP B 107 10.03 -8.29 52.47
C TRP B 107 8.68 -8.28 51.75
N LYS B 108 7.57 -8.26 52.49
CA LYS B 108 6.23 -8.24 51.86
C LYS B 108 6.08 -7.46 50.55
N ASP B 109 6.73 -6.31 50.44
CA ASP B 109 6.63 -5.49 49.23
C ASP B 109 7.83 -5.63 48.31
N MET B 110 8.74 -6.55 48.65
CA MET B 110 9.85 -6.95 47.76
C MET B 110 9.36 -8.03 46.78
N VAL B 111 8.58 -8.97 47.27
CA VAL B 111 8.05 -10.05 46.46
C VAL B 111 6.85 -9.54 45.68
N LEU B 112 6.44 -10.34 44.69
CA LEU B 112 5.20 -10.11 43.92
C LEU B 112 3.91 -10.68 44.58
N GLY B 113 2.87 -9.83 44.63
CA GLY B 113 1.56 -10.25 45.01
C GLY B 113 1.35 -10.70 46.44
N PHE B 114 2.26 -10.34 47.35
CA PHE B 114 2.06 -10.66 48.78
C PHE B 114 0.61 -10.40 49.27
N ARG B 115 0.03 -11.31 50.07
CA ARG B 115 -1.30 -11.11 50.68
C ARG B 115 -1.61 -12.15 51.74
N LYS B 116 -2.54 -11.88 52.63
CA LYS B 116 -3.00 -12.88 53.61
C LYS B 116 -3.93 -13.88 52.92
N LEU B 117 -3.94 -15.11 53.42
CA LEU B 117 -4.81 -16.18 52.93
C LEU B 117 -6.23 -15.95 53.35
N THR B 118 -7.18 -16.38 52.54
CA THR B 118 -8.61 -16.27 52.83
C THR B 118 -9.05 -17.40 53.78
N PRO B 119 -10.27 -17.34 54.32
CA PRO B 119 -10.76 -18.52 55.01
C PRO B 119 -10.76 -19.82 54.17
N ARG B 120 -11.22 -19.76 52.92
CA ARG B 120 -11.33 -20.96 52.03
C ARG B 120 -9.99 -21.64 51.83
N GLU B 121 -9.00 -20.80 51.59
CA GLU B 121 -7.65 -21.25 51.45
C GLU B 121 -7.19 -21.97 52.74
N LEU B 122 -7.41 -21.35 53.90
CA LEU B 122 -7.02 -21.95 55.19
C LEU B 122 -7.67 -23.31 55.54
N ASP B 123 -8.65 -23.75 54.74
CA ASP B 123 -9.29 -25.09 54.92
C ASP B 123 -8.61 -26.15 54.05
N MET B 124 -7.97 -25.73 52.94
CA MET B 124 -6.94 -26.55 52.21
C MET B 124 -5.86 -27.06 53.24
N PHE B 125 -5.72 -26.32 54.37
CA PHE B 125 -4.71 -26.54 55.40
C PHE B 125 -5.32 -26.65 56.82
N PRO B 126 -5.87 -27.84 57.14
CA PRO B 126 -6.56 -28.02 58.42
C PRO B 126 -5.77 -27.78 59.68
N ASP B 127 -4.47 -27.99 59.66
CA ASP B 127 -3.70 -27.83 60.86
C ASP B 127 -3.19 -26.40 61.07
N TYR B 128 -3.52 -25.48 60.16
CA TYR B 128 -2.94 -24.12 60.17
C TYR B 128 -4.10 -23.17 60.19
N ARG B 129 -3.93 -22.02 60.85
CA ARG B 129 -5.02 -21.04 61.03
C ARG B 129 -4.69 -19.62 60.56
N TYR B 130 -3.53 -19.42 59.96
CA TYR B 130 -3.17 -18.12 59.36
C TYR B 130 -2.04 -18.35 58.35
N GLY B 131 -1.95 -17.49 57.35
CA GLY B 131 -0.83 -17.54 56.42
C GLY B 131 -0.68 -16.36 55.49
N TRP B 132 0.16 -16.55 54.48
CA TRP B 132 0.31 -15.60 53.37
C TRP B 132 0.30 -16.34 52.00
N PHE B 133 0.11 -15.58 50.93
CA PHE B 133 0.37 -16.03 49.55
C PHE B 133 1.30 -15.01 48.90
N ASN B 134 2.18 -15.45 48.01
CA ASN B 134 3.08 -14.53 47.30
C ASN B 134 3.77 -15.26 46.18
N THR B 135 4.31 -14.48 45.26
CA THR B 135 5.01 -15.02 44.12
C THR B 135 6.41 -14.60 44.40
N SER B 136 7.37 -15.41 43.98
CA SER B 136 8.77 -15.20 44.29
C SER B 136 9.60 -15.93 43.24
N LEU B 137 10.78 -16.45 43.59
CA LEU B 137 11.63 -17.07 42.57
C LEU B 137 12.29 -18.36 43.04
N ILE B 138 12.57 -19.24 42.11
CA ILE B 138 13.35 -20.43 42.36
C ILE B 138 14.63 -20.11 41.61
N LEU B 139 15.74 -20.07 42.36
CA LEU B 139 17.08 -20.07 41.80
C LEU B 139 17.69 -21.42 42.20
N GLU B 140 17.58 -22.41 41.32
CA GLU B 140 18.05 -23.76 41.61
C GLU B 140 19.59 -23.84 41.73
N GLY B 141 20.07 -24.25 42.91
CA GLY B 141 21.49 -24.35 43.21
C GLY B 141 22.37 -25.04 42.18
N ARG B 142 22.03 -26.29 41.90
CA ARG B 142 22.79 -27.08 40.91
C ARG B 142 22.90 -26.36 39.53
N LYS B 143 21.86 -25.67 39.09
CA LYS B 143 21.90 -25.04 37.74
C LYS B 143 22.67 -23.73 37.71
N TYR B 144 22.40 -22.88 38.69
CA TYR B 144 23.14 -21.62 38.82
C TYR B 144 24.63 -21.89 38.94
N LEU B 145 25.01 -22.94 39.67
CA LEU B 145 26.41 -23.24 39.77
C LEU B 145 27.02 -23.63 38.44
N GLN B 146 26.28 -24.44 37.67
CA GLN B 146 26.68 -24.79 36.29
C GLN B 146 26.77 -23.54 35.39
N TRP B 147 25.77 -22.67 35.51
CA TRP B 147 25.74 -21.45 34.74
C TRP B 147 26.96 -20.64 35.03
N LEU B 148 27.22 -20.41 36.33
CA LEU B 148 28.34 -19.59 36.75
C LEU B 148 29.68 -20.22 36.34
N THR B 149 29.86 -21.52 36.57
CA THR B 149 31.12 -22.14 36.17
C THR B 149 31.39 -21.91 34.66
N GLU B 150 30.35 -21.93 33.82
CA GLU B 150 30.48 -21.62 32.40
C GLU B 150 30.80 -20.15 32.10
N ARG B 151 30.07 -19.20 32.68
CA ARG B 151 30.28 -17.76 32.38
C ARG B 151 31.67 -17.36 32.82
N LEU B 152 32.11 -17.98 33.92
CA LEU B 152 33.40 -17.76 34.54
C LEU B 152 34.56 -18.39 33.69
N THR B 153 34.29 -19.50 32.99
CA THR B 153 35.28 -20.13 32.12
C THR B 153 35.46 -19.41 30.77
N GLU B 154 34.40 -18.86 30.19
CA GLU B 154 34.51 -17.97 29.02
C GLU B 154 35.35 -16.76 29.27
N ARG B 155 35.49 -16.36 30.52
CA ARG B 155 36.34 -15.22 30.92
C ARG B 155 37.69 -15.65 31.46
N GLY B 156 38.03 -16.92 31.25
CA GLY B 156 39.37 -17.42 31.50
C GLY B 156 39.72 -17.56 32.96
N VAL B 157 38.73 -17.82 33.80
CA VAL B 157 39.00 -18.05 35.20
C VAL B 157 39.33 -19.53 35.32
N LYS B 158 40.54 -19.85 35.77
CA LYS B 158 40.98 -21.24 35.86
C LYS B 158 40.54 -21.88 37.21
N PHE B 159 40.35 -23.20 37.19
CA PHE B 159 39.83 -23.95 38.34
C PHE B 159 40.82 -24.97 38.86
N PHE B 160 40.93 -25.07 40.19
CA PHE B 160 41.81 -26.04 40.85
C PHE B 160 41.07 -26.79 41.96
N LEU B 161 41.06 -28.12 41.87
CA LEU B 161 40.70 -28.97 42.99
C LEU B 161 41.87 -28.95 43.98
N ARG B 162 41.63 -28.59 45.24
CA ARG B 162 42.68 -28.53 46.26
C ARG B 162 42.05 -28.17 47.62
N LYS B 163 42.35 -28.98 48.64
CA LYS B 163 42.04 -28.68 50.07
C LYS B 163 43.12 -27.80 50.71
N VAL B 164 42.87 -26.49 50.70
CA VAL B 164 43.73 -25.52 51.36
C VAL B 164 43.84 -25.88 52.85
N GLU B 165 45.04 -25.73 53.41
CA GLU B 165 45.37 -26.15 54.79
C GLU B 165 45.44 -24.97 55.74
N SER B 166 45.72 -23.78 55.21
CA SER B 166 45.78 -22.56 56.00
C SER B 166 45.89 -21.42 55.01
N PHE B 167 45.55 -20.21 55.44
CA PHE B 167 45.75 -19.06 54.55
C PHE B 167 47.23 -18.91 54.25
N GLU B 168 48.07 -19.23 55.26
CA GLU B 168 49.53 -19.23 55.16
C GLU B 168 49.99 -19.81 53.84
N GLU B 169 49.66 -21.10 53.62
CA GLU B 169 50.12 -21.80 52.40
C GLU B 169 49.62 -21.24 51.05
N VAL B 170 48.62 -20.36 51.09
CA VAL B 170 48.13 -19.65 49.90
C VAL B 170 48.94 -18.35 49.73
N ALA B 171 49.41 -17.78 50.83
CA ALA B 171 50.32 -16.63 50.79
C ALA B 171 51.68 -17.02 50.16
N ARG B 172 52.23 -18.14 50.64
CA ARG B 172 53.48 -18.74 50.10
C ARG B 172 53.34 -19.21 48.63
N GLY B 173 52.15 -19.62 48.22
CA GLY B 173 51.86 -19.92 46.81
C GLY B 173 51.97 -18.68 45.93
N GLY B 174 51.86 -17.50 46.54
CA GLY B 174 52.20 -16.23 45.89
C GLY B 174 50.98 -15.45 45.52
N ALA B 175 50.09 -15.28 46.50
CA ALA B 175 48.76 -14.70 46.31
C ALA B 175 48.70 -13.34 46.97
N ASP B 176 48.30 -12.31 46.21
CA ASP B 176 48.17 -10.94 46.75
C ASP B 176 46.90 -10.84 47.60
N VAL B 177 45.79 -11.28 46.99
CA VAL B 177 44.45 -11.25 47.59
C VAL B 177 43.87 -12.67 47.74
N ILE B 178 43.27 -12.97 48.90
CA ILE B 178 42.48 -14.18 49.10
C ILE B 178 41.00 -13.84 49.37
N ILE B 179 40.11 -14.35 48.53
CA ILE B 179 38.69 -14.29 48.82
C ILE B 179 38.26 -15.62 49.46
N ASN B 180 37.82 -15.53 50.72
CA ASN B 180 37.49 -16.70 51.49
C ASN B 180 35.94 -16.90 51.45
N CYS B 181 35.54 -18.07 50.92
CA CYS B 181 34.16 -18.37 50.57
C CYS B 181 33.77 -19.80 50.97
N THR B 182 34.24 -20.21 52.12
CA THR B 182 34.17 -21.59 52.54
C THR B 182 32.92 -21.92 53.36
N GLY B 183 31.93 -21.03 53.39
CA GLY B 183 30.72 -21.31 54.16
C GLY B 183 31.06 -22.00 55.49
N VAL B 184 30.44 -23.12 55.80
CA VAL B 184 30.52 -23.71 57.15
C VAL B 184 31.91 -24.20 57.60
N TRP B 185 32.86 -24.31 56.68
CA TRP B 185 34.23 -24.80 57.01
C TRP B 185 35.35 -23.72 57.10
N ALA B 186 34.96 -22.45 57.28
CA ALA B 186 35.89 -21.34 57.53
C ALA B 186 36.51 -21.40 58.94
N GLY B 187 35.82 -22.06 59.88
CA GLY B 187 36.33 -22.30 61.24
C GLY B 187 37.43 -23.34 61.41
N VAL B 188 38.02 -23.77 60.29
CA VAL B 188 39.20 -24.60 60.28
C VAL B 188 40.42 -23.73 59.94
N LEU B 189 40.36 -23.03 58.82
CA LEU B 189 41.40 -22.07 58.47
C LEU B 189 41.69 -20.99 59.53
N GLN B 190 40.70 -20.62 60.36
CA GLN B 190 40.87 -19.56 61.37
C GLN B 190 39.71 -19.50 62.35
N PRO B 191 39.89 -20.04 63.56
CA PRO B 191 38.82 -20.24 64.52
C PRO B 191 37.76 -19.15 64.64
N ASP B 192 36.52 -19.60 64.90
CA ASP B 192 35.33 -18.76 65.01
C ASP B 192 34.16 -19.61 65.55
N PRO B 193 34.01 -19.69 66.89
CA PRO B 193 32.96 -20.57 67.39
C PRO B 193 31.56 -19.90 67.40
N LEU B 194 31.45 -18.66 66.86
CA LEU B 194 30.15 -18.11 66.48
C LEU B 194 29.56 -18.73 65.18
N LEU B 195 30.40 -19.40 64.37
CA LEU B 195 29.93 -20.19 63.20
C LEU B 195 29.61 -21.66 63.54
N GLN B 196 28.35 -21.95 63.84
CA GLN B 196 27.88 -23.33 63.94
C GLN B 196 27.42 -23.87 62.55
N PRO B 197 27.32 -25.21 62.40
CA PRO B 197 26.73 -25.82 61.21
C PRO B 197 25.23 -26.04 61.31
N GLY B 198 24.50 -25.69 60.27
CA GLY B 198 23.06 -26.04 60.22
C GLY B 198 22.79 -27.28 59.40
N ARG B 199 22.38 -28.38 60.03
CA ARG B 199 22.20 -29.66 59.34
C ARG B 199 20.78 -29.89 58.88
N GLY B 200 20.60 -29.79 57.57
CA GLY B 200 19.32 -30.01 56.91
C GLY B 200 19.33 -31.22 56.01
N GLN B 201 18.34 -32.09 56.19
CA GLN B 201 18.06 -33.18 55.28
C GLN B 201 16.90 -32.79 54.36
N ILE B 202 17.02 -33.08 53.07
CA ILE B 202 15.89 -32.96 52.12
C ILE B 202 15.65 -34.31 51.47
N ILE B 203 14.45 -34.51 50.92
CA ILE B 203 14.14 -35.67 50.06
C ILE B 203 13.78 -35.02 48.75
N LYS B 204 14.32 -35.54 47.64
CA LYS B 204 13.94 -35.06 46.32
C LYS B 204 13.07 -36.10 45.68
N VAL B 205 11.88 -35.69 45.21
CA VAL B 205 10.91 -36.60 44.55
C VAL B 205 10.50 -36.19 43.11
N ASP B 206 10.06 -37.15 42.27
CA ASP B 206 9.25 -36.81 41.06
C ASP B 206 7.74 -36.61 41.33
N ALA B 207 7.30 -35.36 41.45
CA ALA B 207 5.90 -35.05 41.72
C ALA B 207 5.55 -33.81 40.89
N PRO B 208 5.67 -33.93 39.56
CA PRO B 208 5.59 -32.82 38.60
C PRO B 208 4.26 -32.09 38.53
N TRP B 209 3.22 -32.71 39.07
CA TRP B 209 1.92 -32.07 39.29
C TRP B 209 1.87 -31.03 40.42
N LEU B 210 2.89 -30.91 41.26
CA LEU B 210 3.02 -29.83 42.26
C LEU B 210 3.77 -28.57 41.74
N LYS B 211 3.03 -27.47 41.67
CA LYS B 211 3.51 -26.23 41.05
C LYS B 211 3.62 -25.09 42.02
N ASN B 212 3.05 -25.23 43.22
CA ASN B 212 3.17 -24.18 44.23
C ASN B 212 4.08 -24.64 45.36
N PHE B 213 4.79 -23.69 46.02
CA PHE B 213 5.54 -24.01 47.27
C PHE B 213 4.63 -23.94 48.46
N ILE B 214 5.02 -24.62 49.52
CA ILE B 214 4.27 -24.62 50.74
C ILE B 214 5.26 -24.66 51.87
N ILE B 215 5.30 -23.62 52.69
CA ILE B 215 6.24 -23.51 53.78
C ILE B 215 5.44 -23.48 55.11
N THR B 216 5.68 -24.41 56.02
CA THR B 216 5.08 -24.30 57.34
C THR B 216 6.08 -23.66 58.28
N HIS B 217 5.56 -23.15 59.39
CA HIS B 217 6.33 -22.49 60.38
C HIS B 217 5.87 -22.88 61.79
N ASP B 218 6.78 -23.47 62.55
CA ASP B 218 6.58 -23.65 64.00
C ASP B 218 7.58 -22.73 64.67
N LEU B 219 7.12 -21.72 65.38
CA LEU B 219 8.01 -20.66 65.86
C LEU B 219 8.93 -21.14 66.98
N GLU B 220 8.42 -22.11 67.76
CA GLU B 220 9.21 -22.77 68.79
C GLU B 220 10.41 -23.42 68.16
N ARG B 221 10.18 -24.24 67.13
CA ARG B 221 11.25 -25.08 66.57
C ARG B 221 12.28 -24.35 65.70
N GLY B 222 12.02 -23.10 65.34
CA GLY B 222 12.93 -22.32 64.46
C GLY B 222 13.00 -22.72 62.97
N ILE B 223 13.44 -21.78 62.13
CA ILE B 223 13.46 -21.97 60.67
C ILE B 223 13.82 -23.38 60.21
N TYR B 224 12.98 -23.90 59.33
CA TYR B 224 13.18 -25.13 58.60
C TYR B 224 13.19 -26.37 59.48
N ASN B 225 12.56 -26.28 60.65
CA ASN B 225 12.17 -27.43 61.44
C ASN B 225 10.68 -27.50 61.39
N SER B 226 10.17 -27.65 60.19
CA SER B 226 8.74 -27.64 59.92
C SER B 226 8.59 -27.86 58.40
N PRO B 227 7.67 -28.76 57.99
CA PRO B 227 7.53 -29.19 56.60
C PRO B 227 7.56 -28.07 55.55
N TYR B 228 8.36 -28.26 54.50
CA TYR B 228 8.32 -27.41 53.32
C TYR B 228 8.30 -28.24 52.04
N ILE B 229 7.59 -27.74 51.03
CA ILE B 229 7.54 -28.34 49.68
C ILE B 229 7.92 -27.24 48.68
N ALA B 230 9.01 -27.46 47.95
CA ALA B 230 9.43 -26.53 46.92
C ALA B 230 9.56 -27.25 45.59
N PRO B 231 8.73 -26.88 44.58
CA PRO B 231 8.96 -27.28 43.21
C PRO B 231 10.26 -26.78 42.71
N GLY B 232 10.91 -27.56 41.87
CA GLY B 232 12.17 -27.16 41.25
C GLY B 232 11.98 -27.09 39.76
N LEU B 233 13.06 -27.08 39.02
CA LEU B 233 12.96 -27.14 37.57
C LEU B 233 12.48 -28.53 37.14
N GLN B 234 13.21 -29.57 37.57
CA GLN B 234 13.00 -30.94 37.13
C GLN B 234 12.47 -31.90 38.23
N ALA B 235 12.36 -31.46 39.48
CA ALA B 235 11.93 -32.31 40.60
C ALA B 235 11.50 -31.49 41.77
N VAL B 236 11.04 -32.12 42.85
CA VAL B 236 10.44 -31.42 44.01
C VAL B 236 11.22 -31.70 45.24
N THR B 237 11.48 -30.68 46.04
CA THR B 237 12.22 -30.78 47.31
C THR B 237 11.30 -30.77 48.54
N LEU B 238 11.26 -31.91 49.22
CA LEU B 238 10.62 -32.04 50.51
C LEU B 238 11.71 -31.80 51.57
N GLY B 239 11.40 -30.95 52.54
CA GLY B 239 12.32 -30.78 53.66
C GLY B 239 11.56 -30.59 54.95
N GLY B 240 12.27 -30.24 56.02
CA GLY B 240 11.62 -30.19 57.37
C GLY B 240 12.40 -30.22 58.67
N THR B 241 13.72 -30.42 58.59
CA THR B 241 14.61 -30.50 59.74
C THR B 241 15.77 -29.56 59.50
N PHE B 242 16.28 -28.95 60.58
CA PHE B 242 17.42 -28.02 60.52
C PHE B 242 18.04 -27.92 61.92
N GLN B 243 19.00 -28.81 62.18
CA GLN B 243 19.58 -29.01 63.51
C GLN B 243 20.95 -28.31 63.56
N VAL B 244 21.04 -27.29 64.44
CA VAL B 244 22.22 -26.42 64.51
C VAL B 244 23.26 -27.01 65.48
N GLY B 245 24.52 -27.06 65.04
CA GLY B 245 25.59 -27.69 65.81
C GLY B 245 25.78 -29.19 65.66
N ASN B 246 24.85 -29.84 64.94
CA ASN B 246 24.98 -31.25 64.52
C ASN B 246 25.91 -31.32 63.27
N TRP B 247 26.97 -32.11 63.33
CA TRP B 247 27.96 -32.19 62.25
C TRP B 247 27.84 -33.44 61.42
N ASN B 248 26.82 -34.26 61.67
CA ASN B 248 26.73 -35.57 61.04
C ASN B 248 26.39 -35.43 59.59
N GLU B 249 27.23 -35.93 58.69
CA GLU B 249 26.98 -35.79 57.25
C GLU B 249 26.18 -36.93 56.66
N ILE B 250 25.88 -37.98 57.41
CA ILE B 250 25.03 -39.05 56.86
C ILE B 250 23.55 -38.64 56.89
N ASN B 251 22.82 -39.15 55.89
CA ASN B 251 21.38 -39.21 55.93
C ASN B 251 21.00 -40.11 57.06
N ASN B 252 19.92 -39.81 57.76
CA ASN B 252 19.45 -40.67 58.83
C ASN B 252 17.95 -40.79 58.87
N ILE B 253 17.46 -41.91 59.39
CA ILE B 253 16.06 -42.27 59.22
C ILE B 253 15.01 -41.49 60.05
N GLN B 254 15.41 -40.72 61.05
CA GLN B 254 14.42 -40.00 61.84
C GLN B 254 13.96 -38.87 60.96
N ASP B 255 14.95 -38.12 60.50
CA ASP B 255 14.76 -37.01 59.55
C ASP B 255 13.92 -37.38 58.32
N HIS B 256 14.18 -38.57 57.79
CA HIS B 256 13.37 -39.13 56.73
C HIS B 256 11.91 -39.25 57.13
N ASN B 257 11.59 -40.05 58.14
CA ASN B 257 10.20 -40.16 58.56
C ASN B 257 9.61 -38.80 58.93
N THR B 258 10.39 -37.88 59.47
CA THR B 258 9.85 -36.54 59.80
C THR B 258 9.53 -35.70 58.54
N ILE B 259 10.36 -35.78 57.52
CA ILE B 259 10.15 -35.01 56.31
C ILE B 259 9.04 -35.67 55.51
N TRP B 260 9.11 -36.99 55.30
CA TRP B 260 8.02 -37.74 54.63
C TRP B 260 6.63 -37.71 55.28
N GLU B 261 6.49 -37.96 56.58
CA GLU B 261 5.17 -37.88 57.21
C GLU B 261 4.58 -36.46 57.18
N GLY B 262 5.36 -35.46 57.53
CA GLY B 262 4.88 -34.09 57.61
C GLY B 262 4.54 -33.50 56.27
N CYS B 263 5.33 -33.86 55.25
CA CYS B 263 5.05 -33.44 53.86
C CYS B 263 3.83 -34.14 53.24
N CYS B 264 3.65 -35.44 53.48
CA CYS B 264 2.41 -36.16 53.07
C CYS B 264 1.17 -35.60 53.76
N ARG B 265 1.29 -35.28 55.03
CA ARG B 265 0.24 -34.54 55.76
C ARG B 265 -0.21 -33.38 54.91
N LEU B 266 0.75 -32.55 54.46
CA LEU B 266 0.47 -31.36 53.64
C LEU B 266 -0.05 -31.65 52.23
N GLU B 267 0.58 -32.55 51.52
CA GLU B 267 0.17 -32.84 50.16
C GLU B 267 0.07 -34.38 50.05
N PRO B 268 -1.12 -34.94 50.38
CA PRO B 268 -1.30 -36.39 50.36
C PRO B 268 -1.17 -37.08 49.04
N THR B 269 -1.06 -36.33 47.93
CA THR B 269 -0.75 -36.94 46.62
C THR B 269 0.61 -37.55 46.54
N LEU B 270 1.47 -37.15 47.48
CA LEU B 270 2.84 -37.61 47.54
C LEU B 270 2.98 -39.11 47.80
N LYS B 271 1.96 -39.79 48.30
CA LYS B 271 2.07 -41.26 48.35
C LYS B 271 2.56 -41.89 47.01
N ASP B 272 2.30 -41.27 45.86
CA ASP B 272 2.73 -41.81 44.57
C ASP B 272 3.98 -41.17 43.92
N ALA B 273 4.58 -40.19 44.61
CA ALA B 273 5.80 -39.55 44.11
C ALA B 273 6.95 -40.49 44.40
N LYS B 274 7.69 -40.80 43.36
CA LYS B 274 8.82 -41.68 43.47
C LYS B 274 10.01 -40.91 44.14
N ILE B 275 10.72 -41.52 45.09
CA ILE B 275 11.91 -40.83 45.60
C ILE B 275 13.13 -41.01 44.67
N VAL B 276 13.73 -39.86 44.32
CA VAL B 276 14.90 -39.73 43.43
C VAL B 276 16.22 -39.80 44.21
N GLY B 277 16.25 -39.15 45.36
CA GLY B 277 17.43 -39.18 46.21
C GLY B 277 17.12 -38.55 47.54
N GLU B 278 18.03 -38.73 48.49
CA GLU B 278 17.97 -38.04 49.79
C GLU B 278 19.33 -37.41 50.01
N TYR B 279 19.34 -36.23 50.61
CA TYR B 279 20.59 -35.42 50.71
C TYR B 279 20.68 -34.72 52.03
N THR B 280 21.92 -34.36 52.40
CA THR B 280 22.18 -33.63 53.65
C THR B 280 23.16 -32.51 53.37
N GLY B 281 22.83 -31.31 53.86
CA GLY B 281 23.70 -30.15 53.75
C GLY B 281 23.93 -29.47 55.08
N PHE B 282 24.99 -28.64 55.13
CA PHE B 282 25.32 -27.81 56.30
C PHE B 282 25.28 -26.31 56.01
N GLY B 283 24.28 -25.66 56.59
CA GLY B 283 24.15 -24.23 56.61
C GLY B 283 25.34 -23.58 57.29
N PRO B 284 25.88 -22.50 56.71
CA PRO B 284 26.88 -21.75 57.43
C PRO B 284 26.19 -20.77 58.36
N VAL B 285 25.70 -21.32 59.46
CA VAL B 285 24.87 -20.59 60.39
C VAL B 285 25.79 -19.69 61.18
N ARG B 286 25.41 -18.41 61.29
CA ARG B 286 26.15 -17.39 62.02
C ARG B 286 25.20 -16.27 62.32
N PRO B 287 25.32 -15.65 63.51
CA PRO B 287 24.37 -14.55 63.81
C PRO B 287 24.47 -13.31 62.89
N GLN B 288 25.62 -13.14 62.23
CA GLN B 288 25.79 -12.17 61.17
C GLN B 288 26.78 -12.75 60.14
N VAL B 289 26.67 -12.26 58.90
CA VAL B 289 27.58 -12.67 57.82
C VAL B 289 28.93 -12.03 58.03
N ARG B 290 29.98 -12.83 58.04
CA ARG B 290 31.33 -12.29 58.12
C ARG B 290 31.77 -11.83 56.76
N LEU B 291 31.54 -10.57 56.46
CA LEU B 291 32.00 -9.97 55.20
C LEU B 291 32.83 -8.72 55.48
N GLU B 292 34.16 -8.87 55.59
CA GLU B 292 35.03 -7.75 55.97
C GLU B 292 36.45 -8.00 55.58
N ARG B 293 37.19 -6.92 55.42
CA ARG B 293 38.60 -6.98 55.05
C ARG B 293 39.52 -7.26 56.25
N GLU B 294 40.55 -8.07 56.05
CA GLU B 294 41.53 -8.41 57.10
C GLU B 294 42.93 -8.54 56.50
N GLN B 295 43.91 -7.82 57.05
CA GLN B 295 45.33 -7.93 56.63
C GLN B 295 46.02 -9.04 57.44
N LEU B 296 46.89 -9.81 56.79
CA LEU B 296 47.67 -10.85 57.46
C LEU B 296 49.13 -10.80 57.04
N ARG B 297 49.96 -11.36 57.91
CA ARG B 297 51.39 -11.18 57.88
C ARG B 297 51.97 -12.54 58.28
N PHE B 298 52.11 -13.42 57.29
CA PHE B 298 52.55 -14.83 57.48
C PHE B 298 54.06 -15.00 57.32
N GLY B 299 54.81 -14.76 58.40
CA GLY B 299 56.27 -14.85 58.41
C GLY B 299 56.87 -13.88 57.40
N SER B 300 57.25 -14.40 56.23
CA SER B 300 57.73 -13.57 55.11
C SER B 300 56.60 -12.75 54.47
N SER B 301 55.58 -13.44 53.97
CA SER B 301 54.57 -12.82 53.10
C SER B 301 53.50 -11.97 53.81
N ASN B 302 53.25 -10.77 53.28
CA ASN B 302 52.06 -9.99 53.61
C ASN B 302 50.96 -10.44 52.65
N THR B 303 49.72 -10.51 53.15
CA THR B 303 48.55 -10.91 52.34
C THR B 303 47.36 -9.96 52.64
N GLU B 304 46.42 -9.91 51.70
CA GLU B 304 45.18 -9.18 51.84
C GLU B 304 44.00 -10.16 51.71
N VAL B 305 43.15 -10.23 52.73
CA VAL B 305 42.04 -11.21 52.78
C VAL B 305 40.67 -10.56 52.94
N ILE B 306 39.70 -11.08 52.18
CA ILE B 306 38.30 -10.71 52.36
C ILE B 306 37.50 -11.97 52.61
N HIS B 307 36.80 -11.99 53.74
CA HIS B 307 35.93 -13.10 54.08
C HIS B 307 34.53 -12.84 53.44
N ASN B 308 33.85 -13.94 53.10
CA ASN B 308 32.43 -13.95 52.68
C ASN B 308 31.80 -15.29 53.09
N TYR B 309 31.52 -15.44 54.38
CA TYR B 309 30.95 -16.68 54.87
C TYR B 309 29.93 -16.39 55.92
N GLY B 310 29.22 -17.43 56.35
CA GLY B 310 28.16 -17.28 57.35
C GLY B 310 26.78 -16.84 56.88
N HIS B 311 26.39 -17.22 55.67
CA HIS B 311 25.07 -16.87 55.12
C HIS B 311 23.95 -17.80 55.57
N GLY B 312 24.27 -18.82 56.36
CA GLY B 312 23.24 -19.58 57.05
C GLY B 312 22.28 -20.30 56.13
N GLY B 313 20.99 -20.05 56.32
CA GLY B 313 19.94 -20.63 55.49
C GLY B 313 19.37 -19.72 54.42
N TYR B 314 20.16 -18.74 54.00
CA TYR B 314 19.70 -17.71 53.12
C TYR B 314 20.79 -17.26 52.12
N GLY B 315 21.85 -18.07 51.91
CA GLY B 315 22.89 -17.79 50.92
C GLY B 315 22.46 -17.48 49.46
N LEU B 316 21.48 -18.18 48.92
CA LEU B 316 20.97 -17.87 47.56
C LEU B 316 20.15 -16.60 47.51
N THR B 317 19.43 -16.35 48.61
CA THR B 317 18.55 -15.22 48.74
C THR B 317 19.33 -13.92 48.85
N ILE B 318 20.57 -13.98 49.30
CA ILE B 318 21.42 -12.78 49.50
C ILE B 318 22.71 -12.72 48.67
N HIS B 319 23.13 -13.82 48.04
CA HIS B 319 24.47 -13.93 47.51
C HIS B 319 24.99 -12.73 46.71
N TRP B 320 24.13 -12.10 45.89
CA TRP B 320 24.61 -11.10 44.92
C TRP B 320 24.87 -9.74 45.55
N GLY B 321 24.12 -9.45 46.62
CA GLY B 321 24.42 -8.33 47.51
C GLY B 321 25.80 -8.49 48.10
N CYS B 322 25.99 -9.59 48.83
CA CYS B 322 27.33 -9.94 49.33
C CYS B 322 28.41 -9.85 48.27
N ALA B 323 28.14 -10.44 47.11
CA ALA B 323 29.13 -10.52 46.05
C ALA B 323 29.53 -9.13 45.56
N LEU B 324 28.54 -8.25 45.37
CA LEU B 324 28.79 -6.83 45.06
C LEU B 324 29.65 -6.19 46.14
N GLU B 325 29.19 -6.22 47.37
CA GLU B 325 29.92 -5.63 48.51
C GLU B 325 31.37 -6.07 48.59
N VAL B 326 31.68 -7.33 48.30
CA VAL B 326 33.08 -7.77 48.31
C VAL B 326 33.90 -6.97 47.31
N ALA B 327 33.42 -6.93 46.07
CA ALA B 327 34.10 -6.22 45.00
C ALA B 327 34.32 -4.73 45.34
N LYS B 328 33.50 -4.19 46.24
CA LYS B 328 33.76 -2.88 46.84
C LYS B 328 35.05 -3.01 47.62
N LEU B 329 35.05 -3.77 48.69
CA LEU B 329 36.25 -3.96 49.49
C LEU B 329 37.49 -4.30 48.65
N PHE B 330 37.29 -4.99 47.54
CA PHE B 330 38.38 -5.27 46.63
C PHE B 330 38.83 -4.02 45.93
N GLY B 331 37.87 -3.19 45.50
CA GLY B 331 38.20 -1.88 44.92
C GLY B 331 39.11 -1.04 45.81
N LYS B 332 38.72 -0.93 47.08
CA LYS B 332 39.47 -0.15 48.06
C LYS B 332 40.88 -0.68 48.25
N VAL B 333 41.06 -1.99 48.21
CA VAL B 333 42.42 -2.55 48.16
C VAL B 333 43.16 -2.02 46.94
N LEU B 334 42.54 -2.07 45.77
CA LEU B 334 43.16 -1.53 44.54
C LEU B 334 43.49 -0.02 44.59
N GLU B 335 42.71 0.78 45.33
CA GLU B 335 43.04 2.20 45.54
C GLU B 335 44.38 2.41 46.26
N GLU B 336 44.61 1.69 47.36
CA GLU B 336 45.92 1.73 48.05
C GLU B 336 47.09 1.31 47.14
N ARG B 337 46.86 0.35 46.26
CA ARG B 337 47.93 -0.29 45.48
C ARG B 337 48.29 0.36 44.11
N ASN B 338 47.69 1.50 43.77
CA ASN B 338 48.03 2.29 42.54
C ASN B 338 47.94 1.53 41.17
N LEU B 339 46.75 1.01 40.83
CA LEU B 339 46.55 0.18 39.60
C LEU B 339 45.38 0.57 38.64
N MET C 1 -29.73 48.87 49.59
CA MET C 1 -28.76 47.78 49.90
C MET C 1 -27.37 48.11 49.37
N ARG C 2 -26.49 48.58 50.26
CA ARG C 2 -25.08 48.77 49.93
C ARG C 2 -24.44 47.39 50.15
N VAL C 3 -24.07 46.73 49.04
CA VAL C 3 -23.37 45.45 49.02
C VAL C 3 -21.94 45.70 48.55
N VAL C 4 -20.98 45.10 49.25
CA VAL C 4 -19.56 45.20 48.93
C VAL C 4 -18.95 43.80 48.82
N VAL C 5 -18.46 43.50 47.63
CA VAL C 5 -17.83 42.22 47.37
C VAL C 5 -16.33 42.45 47.44
N ILE C 6 -15.65 41.70 48.29
CA ILE C 6 -14.21 41.78 48.40
C ILE C 6 -13.62 40.73 47.50
N GLY C 7 -12.92 41.14 46.45
CA GLY C 7 -12.32 40.19 45.50
C GLY C 7 -12.82 40.30 44.07
N ALA C 8 -11.88 40.13 43.13
CA ALA C 8 -12.15 40.24 41.72
C ALA C 8 -11.50 39.10 40.95
N GLY C 9 -11.49 37.92 41.56
CA GLY C 9 -11.17 36.70 40.85
C GLY C 9 -12.42 36.22 40.12
N VAL C 10 -12.44 34.93 39.74
CA VAL C 10 -13.65 34.37 39.16
C VAL C 10 -14.73 34.28 40.22
N ILE C 11 -14.35 33.85 41.42
CA ILE C 11 -15.33 33.69 42.50
C ILE C 11 -15.96 35.05 42.87
N GLY C 12 -15.15 36.10 42.88
CA GLY C 12 -15.65 37.43 43.20
C GLY C 12 -16.62 38.01 42.19
N LEU C 13 -16.15 38.14 40.96
CA LEU C 13 -16.89 38.83 39.91
C LEU C 13 -18.11 38.06 39.46
N SER C 14 -18.01 36.72 39.39
CA SER C 14 -19.17 35.87 39.05
C SER C 14 -20.24 36.00 40.11
N THR C 15 -19.81 35.97 41.37
CA THR C 15 -20.71 36.16 42.50
C THR C 15 -21.45 37.54 42.41
N ALA C 16 -20.69 38.58 42.12
CA ALA C 16 -21.23 39.91 41.96
C ALA C 16 -22.28 39.98 40.84
N LEU C 17 -21.90 39.51 39.66
CA LEU C 17 -22.81 39.50 38.49
C LEU C 17 -24.05 38.75 38.84
N CYS C 18 -23.89 37.61 39.48
CA CYS C 18 -25.00 36.73 39.77
C CYS C 18 -26.00 37.34 40.75
N ILE C 19 -25.52 38.20 41.65
CA ILE C 19 -26.39 38.98 42.56
C ILE C 19 -27.14 40.10 41.83
N HIS C 20 -26.44 40.85 40.99
CA HIS C 20 -27.04 41.99 40.28
C HIS C 20 -28.06 41.57 39.24
N GLU C 21 -27.96 40.34 38.76
CA GLU C 21 -28.83 39.84 37.70
C GLU C 21 -30.16 39.48 38.31
N ARG C 22 -30.13 38.89 39.50
CA ARG C 22 -31.35 38.48 40.19
C ARG C 22 -32.05 39.67 40.81
N TYR C 23 -31.31 40.63 41.37
CA TYR C 23 -31.88 41.63 42.31
C TYR C 23 -31.79 43.13 41.95
N HIS C 24 -31.43 43.51 40.71
CA HIS C 24 -31.38 44.95 40.36
C HIS C 24 -32.75 45.60 40.18
N SER C 25 -33.68 44.86 39.59
CA SER C 25 -35.05 45.38 39.44
C SER C 25 -35.86 45.32 40.75
N VAL C 26 -35.95 44.15 41.40
CA VAL C 26 -36.79 43.99 42.64
C VAL C 26 -36.32 44.80 43.88
N LEU C 27 -35.14 45.42 43.84
CA LEU C 27 -34.73 46.38 44.87
C LEU C 27 -34.12 47.62 44.24
N GLN C 28 -34.39 48.78 44.85
CA GLN C 28 -33.65 49.98 44.52
C GLN C 28 -33.56 50.89 45.77
N PRO C 29 -32.38 51.43 46.09
CA PRO C 29 -31.13 51.18 45.36
C PRO C 29 -30.55 49.77 45.59
N LEU C 30 -29.85 49.24 44.58
CA LEU C 30 -28.92 48.11 44.77
C LEU C 30 -27.55 48.60 44.34
N ASP C 31 -26.79 49.04 45.33
CA ASP C 31 -25.45 49.57 45.15
C ASP C 31 -24.45 48.43 45.41
N VAL C 32 -23.89 47.87 44.34
CA VAL C 32 -22.85 46.83 44.45
C VAL C 32 -21.50 47.48 44.10
N LYS C 33 -20.53 47.38 45.01
CA LYS C 33 -19.15 47.82 44.72
C LYS C 33 -18.28 46.58 44.84
N VAL C 34 -17.25 46.49 44.01
CA VAL C 34 -16.21 45.49 44.18
C VAL C 34 -14.93 46.15 44.67
N TYR C 35 -14.40 45.67 45.81
CA TYR C 35 -13.10 46.10 46.34
C TYR C 35 -12.17 44.96 46.12
N ALA C 36 -10.93 45.27 45.68
CA ALA C 36 -9.90 44.22 45.47
C ALA C 36 -8.51 44.82 45.33
N ASP C 37 -7.49 44.08 45.81
CA ASP C 37 -6.07 44.54 45.61
C ASP C 37 -5.34 43.98 44.42
N ARG C 38 -5.93 43.01 43.74
CA ARG C 38 -5.45 42.56 42.45
C ARG C 38 -6.62 42.39 41.52
N PHE C 39 -6.59 43.10 40.39
CA PHE C 39 -7.42 42.79 39.23
C PHE C 39 -6.58 42.11 38.15
N THR C 40 -7.25 41.45 37.19
CA THR C 40 -6.62 40.87 35.98
C THR C 40 -5.60 41.80 35.41
N PRO C 41 -4.39 41.35 35.14
CA PRO C 41 -3.99 39.96 35.08
C PRO C 41 -3.27 39.43 36.32
N PHE C 42 -3.57 39.96 37.50
CA PHE C 42 -2.79 39.62 38.68
C PHE C 42 -3.44 38.63 39.67
N THR C 43 -4.62 38.08 39.33
CA THR C 43 -5.30 37.12 40.23
C THR C 43 -4.81 35.69 40.03
N THR C 44 -5.16 34.80 40.98
CA THR C 44 -4.87 33.38 40.82
C THR C 44 -5.66 32.87 39.64
N THR C 45 -6.88 33.37 39.47
CA THR C 45 -7.70 33.01 38.34
C THR C 45 -6.99 33.18 36.97
N ASP C 46 -6.14 34.21 36.88
CA ASP C 46 -5.40 34.49 35.63
C ASP C 46 -4.43 33.41 35.30
N VAL C 47 -3.76 32.87 36.32
CA VAL C 47 -2.74 31.85 36.12
C VAL C 47 -3.30 30.46 35.77
N ALA C 48 -4.62 30.31 35.81
CA ALA C 48 -5.26 29.03 35.70
C ALA C 48 -5.33 28.59 34.27
N ALA C 49 -4.82 27.40 33.97
CA ALA C 49 -5.10 26.72 32.69
C ALA C 49 -6.51 26.92 32.10
N GLY C 50 -7.53 26.87 32.94
CA GLY C 50 -8.90 27.12 32.50
C GLY C 50 -9.48 25.93 31.75
N LEU C 51 -10.04 25.00 32.52
CA LEU C 51 -10.48 23.73 32.02
C LEU C 51 -11.45 23.18 33.01
N TRP C 52 -12.61 22.75 32.53
CA TRP C 52 -13.64 22.19 33.39
C TRP C 52 -13.29 20.76 33.67
N GLN C 53 -13.02 20.46 34.95
CA GLN C 53 -12.67 19.10 35.42
C GLN C 53 -12.53 19.17 36.94
N PRO C 54 -13.39 18.46 37.67
CA PRO C 54 -13.16 18.45 39.10
C PRO C 54 -12.02 17.50 39.48
N TYR C 55 -11.78 17.34 40.77
CA TYR C 55 -10.87 16.30 41.24
C TYR C 55 -11.46 14.94 40.93
N THR C 56 -10.57 13.98 40.67
CA THR C 56 -10.94 12.61 40.32
C THR C 56 -11.65 11.83 41.45
N SER C 57 -11.30 12.10 42.72
CA SER C 57 -12.07 11.58 43.88
C SER C 57 -13.33 12.44 44.26
N GLU C 58 -14.28 11.79 44.92
CA GLU C 58 -15.56 12.42 45.29
C GLU C 58 -15.38 13.41 46.43
N PRO C 59 -16.23 14.43 46.51
CA PRO C 59 -15.96 15.55 47.43
C PRO C 59 -16.68 15.44 48.78
N SER C 60 -16.02 15.84 49.88
CA SER C 60 -16.59 15.72 51.26
C SER C 60 -17.95 16.36 51.40
N ASN C 61 -18.04 17.61 50.96
CA ASN C 61 -19.31 18.30 50.81
C ASN C 61 -19.93 17.91 49.46
N PRO C 62 -21.03 17.11 49.45
CA PRO C 62 -21.69 16.71 48.18
C PRO C 62 -22.42 17.83 47.42
N GLN C 63 -22.63 18.97 48.07
CA GLN C 63 -23.07 20.19 47.42
C GLN C 63 -22.19 20.51 46.22
N GLU C 64 -20.87 20.31 46.38
CA GLU C 64 -19.90 20.64 45.35
C GLU C 64 -20.15 19.91 44.03
N ALA C 65 -20.75 18.73 44.09
CA ALA C 65 -21.10 18.02 42.87
C ALA C 65 -22.14 18.83 42.09
N ASN C 66 -23.23 19.16 42.77
CA ASN C 66 -24.30 19.89 42.14
C ASN C 66 -23.85 21.29 41.66
N TRP C 67 -22.94 21.92 42.40
CA TRP C 67 -22.35 23.19 41.95
C TRP C 67 -21.50 23.01 40.70
N ASN C 68 -20.60 22.01 40.72
CA ASN C 68 -19.86 21.70 39.51
C ASN C 68 -20.84 21.53 38.38
N GLN C 69 -21.91 20.76 38.57
CA GLN C 69 -22.81 20.50 37.44
C GLN C 69 -23.55 21.72 36.95
N GLN C 70 -24.15 22.49 37.85
CA GLN C 70 -24.82 23.75 37.47
C GLN C 70 -23.91 24.60 36.60
N THR C 71 -22.63 24.70 37.01
CA THR C 71 -21.63 25.40 36.25
C THR C 71 -21.54 24.85 34.84
N PHE C 72 -21.39 23.53 34.68
CA PHE C 72 -21.25 22.97 33.32
C PHE C 72 -22.46 23.28 32.42
N ASN C 73 -23.65 23.13 32.97
CA ASN C 73 -24.86 23.43 32.23
C ASN C 73 -24.94 24.88 31.74
N TYR C 74 -24.55 25.81 32.62
CA TYR C 74 -24.46 27.24 32.30
C TYR C 74 -23.50 27.41 31.12
N LEU C 75 -22.24 27.05 31.32
CA LEU C 75 -21.24 27.32 30.32
C LEU C 75 -21.61 26.61 29.03
N LEU C 76 -22.39 25.54 29.09
CA LEU C 76 -22.82 24.84 27.84
C LEU C 76 -23.93 25.61 27.10
N SER C 77 -24.85 26.21 27.84
CA SER C 77 -25.90 26.99 27.22
C SER C 77 -25.37 28.16 26.36
N HIS C 78 -24.21 28.75 26.72
CA HIS C 78 -23.51 29.79 25.92
C HIS C 78 -22.66 29.22 24.76
N ILE C 79 -22.42 27.92 24.69
CA ILE C 79 -21.76 27.34 23.51
C ILE C 79 -22.73 27.40 22.32
N GLY C 80 -22.28 27.96 21.21
CA GLY C 80 -23.17 28.28 20.09
C GLY C 80 -23.61 29.74 20.06
N SER C 81 -23.44 30.46 21.17
CA SER C 81 -23.45 31.93 21.17
C SER C 81 -22.33 32.40 20.26
N PRO C 82 -22.54 33.49 19.53
CA PRO C 82 -21.44 34.08 18.76
C PRO C 82 -20.43 34.80 19.61
N ASN C 83 -20.78 35.10 20.87
CA ASN C 83 -19.90 35.75 21.85
C ASN C 83 -19.08 34.78 22.70
N ALA C 84 -19.20 33.47 22.47
CA ALA C 84 -18.63 32.46 23.37
C ALA C 84 -17.12 32.55 23.40
N ALA C 85 -16.49 32.78 22.26
CA ALA C 85 -15.02 32.90 22.26
C ALA C 85 -14.55 34.09 23.05
N ASN C 86 -15.29 35.20 22.98
CA ASN C 86 -14.97 36.45 23.71
C ASN C 86 -15.11 36.25 25.23
N MET C 87 -16.11 35.49 25.64
CA MET C 87 -16.24 35.04 27.03
C MET C 87 -15.02 34.24 27.54
N GLY C 88 -14.22 33.70 26.64
CA GLY C 88 -13.09 32.83 26.98
C GLY C 88 -13.48 31.38 27.01
N LEU C 89 -14.59 31.06 26.35
CA LEU C 89 -15.20 29.71 26.31
C LEU C 89 -15.14 29.04 24.91
N THR C 90 -14.70 27.80 24.88
CA THR C 90 -14.72 27.04 23.66
C THR C 90 -14.62 25.58 24.06
N PRO C 91 -15.23 24.67 23.27
CA PRO C 91 -15.13 23.26 23.60
C PRO C 91 -13.79 22.64 23.25
N VAL C 92 -13.34 21.70 24.07
CA VAL C 92 -12.14 20.92 23.76
C VAL C 92 -12.20 19.47 24.29
N SER C 93 -11.54 18.58 23.55
CA SER C 93 -11.50 17.17 23.88
C SER C 93 -10.09 16.83 24.41
N GLY C 94 -9.96 15.71 25.10
CA GLY C 94 -8.69 15.37 25.73
C GLY C 94 -8.65 14.15 26.63
N TYR C 95 -7.44 13.88 27.14
CA TYR C 95 -7.08 12.61 27.72
C TYR C 95 -6.71 12.74 29.20
N ASN C 96 -7.26 11.84 30.03
CA ASN C 96 -6.77 11.62 31.39
C ASN C 96 -6.12 10.24 31.47
N LEU C 97 -4.89 10.18 32.00
CA LEU C 97 -4.02 8.99 31.92
C LEU C 97 -3.55 8.55 33.28
N PHE C 98 -3.49 7.23 33.46
CA PHE C 98 -3.24 6.64 34.76
C PHE C 98 -2.19 5.56 34.58
N ARG C 99 -1.56 5.17 35.69
CA ARG C 99 -0.59 4.06 35.72
C ARG C 99 -1.27 2.75 36.08
N GLU C 100 -2.44 2.85 36.66
CA GLU C 100 -3.26 1.70 36.99
C GLU C 100 -4.73 2.01 36.70
N ALA C 101 -5.59 1.01 36.82
CA ALA C 101 -7.02 1.25 36.61
C ALA C 101 -7.57 1.91 37.85
N VAL C 102 -8.62 2.69 37.66
CA VAL C 102 -9.15 3.51 38.74
C VAL C 102 -10.61 3.66 38.48
N PRO C 103 -11.36 3.95 39.53
CA PRO C 103 -12.79 3.89 39.31
C PRO C 103 -13.24 5.11 38.50
N ASP C 104 -14.42 5.00 37.89
CA ASP C 104 -14.98 6.12 37.14
C ASP C 104 -15.31 7.27 38.08
N PRO C 105 -15.19 8.51 37.59
CA PRO C 105 -15.49 9.71 38.35
C PRO C 105 -16.94 10.11 38.21
N TYR C 106 -17.50 10.72 39.26
CA TYR C 106 -18.94 11.09 39.30
C TYR C 106 -19.40 11.97 38.12
N TRP C 107 -18.45 12.67 37.53
CA TRP C 107 -18.74 13.59 36.46
C TRP C 107 -18.71 12.97 35.06
N LYS C 108 -18.70 11.65 34.95
CA LYS C 108 -18.59 11.02 33.63
C LYS C 108 -19.78 11.35 32.77
N ASP C 109 -20.91 11.62 33.43
CA ASP C 109 -22.16 11.97 32.76
C ASP C 109 -22.33 13.46 32.56
N MET C 110 -21.61 14.25 33.33
CA MET C 110 -21.68 15.69 33.15
C MET C 110 -20.92 16.11 31.90
N VAL C 111 -19.75 15.54 31.65
CA VAL C 111 -18.99 15.95 30.47
C VAL C 111 -19.56 15.24 29.25
N LEU C 112 -19.18 15.67 28.05
CA LEU C 112 -19.71 15.07 26.82
C LEU C 112 -18.82 13.88 26.44
N GLY C 113 -19.36 12.90 25.73
CA GLY C 113 -18.54 11.83 25.15
C GLY C 113 -17.65 10.95 26.06
N PHE C 114 -17.93 10.86 27.37
CA PHE C 114 -17.04 10.07 28.24
C PHE C 114 -16.93 8.59 27.83
N ARG C 115 -15.71 8.07 27.89
CA ARG C 115 -15.42 6.68 27.54
C ARG C 115 -14.01 6.30 27.94
N LYS C 116 -13.72 5.00 28.06
CA LYS C 116 -12.33 4.56 28.31
C LYS C 116 -11.56 4.64 27.03
N LEU C 117 -10.25 4.63 27.16
CA LEU C 117 -9.37 4.64 26.01
C LEU C 117 -9.20 3.23 25.50
N THR C 118 -9.02 3.12 24.20
CA THR C 118 -8.81 1.86 23.55
C THR C 118 -7.29 1.57 23.57
N PRO C 119 -6.90 0.32 23.24
CA PRO C 119 -5.48 -0.06 23.13
C PRO C 119 -4.59 0.86 22.28
N ARG C 120 -5.00 1.22 21.05
CA ARG C 120 -4.15 2.12 20.20
C ARG C 120 -3.96 3.50 20.78
N GLU C 121 -4.96 4.01 21.49
CA GLU C 121 -4.83 5.30 22.12
C GLU C 121 -3.73 5.22 23.17
N LEU C 122 -3.69 4.13 23.92
CA LEU C 122 -2.69 3.99 24.98
C LEU C 122 -1.30 3.70 24.40
N ASP C 123 -1.27 3.24 23.15
CA ASP C 123 -0.02 3.15 22.38
C ASP C 123 0.64 4.52 22.20
N MET C 124 -0.19 5.57 22.02
CA MET C 124 0.24 6.99 22.07
C MET C 124 0.91 7.42 23.40
N PHE C 125 0.51 6.87 24.54
CA PHE C 125 1.08 7.27 25.85
C PHE C 125 1.76 6.12 26.60
N PRO C 126 2.90 5.63 26.06
CA PRO C 126 3.51 4.41 26.57
C PRO C 126 3.95 4.38 28.02
N ASP C 127 3.95 5.50 28.75
CA ASP C 127 4.22 5.44 30.20
C ASP C 127 2.96 5.18 31.03
N TYR C 128 1.81 5.01 30.38
CA TYR C 128 0.55 5.06 31.08
C TYR C 128 -0.19 3.86 30.67
N ARG C 129 -1.03 3.36 31.56
CA ARG C 129 -1.69 2.07 31.34
C ARG C 129 -3.20 2.07 31.26
N TYR C 130 -3.85 3.08 31.80
CA TYR C 130 -5.32 3.17 31.74
C TYR C 130 -5.67 4.64 31.50
N GLY C 131 -6.88 4.94 31.06
CA GLY C 131 -7.28 6.31 30.87
C GLY C 131 -8.66 6.60 30.30
N TRP C 132 -9.01 7.89 30.26
CA TRP C 132 -10.31 8.37 29.79
C TRP C 132 -10.15 9.33 28.62
N PHE C 133 -11.30 9.60 27.98
CA PHE C 133 -11.45 10.61 26.93
C PHE C 133 -12.81 11.26 27.11
N ASN C 134 -12.81 12.57 27.32
CA ASN C 134 -14.06 13.32 27.40
C ASN C 134 -13.88 14.57 26.56
N THR C 135 -15.00 15.14 26.17
CA THR C 135 -15.06 16.50 25.65
C THR C 135 -15.51 17.36 26.84
N SER C 136 -14.93 18.56 26.93
CA SER C 136 -15.23 19.46 28.02
C SER C 136 -15.10 20.88 27.54
N LEU C 137 -14.80 21.81 28.45
CA LEU C 137 -14.72 23.22 28.14
C LEU C 137 -13.48 23.92 28.70
N ILE C 138 -12.72 24.58 27.83
CA ILE C 138 -11.77 25.61 28.22
C ILE C 138 -12.56 26.85 28.64
N LEU C 139 -12.39 27.32 29.88
CA LEU C 139 -12.81 28.68 30.28
C LEU C 139 -11.59 29.56 30.66
N GLU C 140 -11.04 30.33 29.71
CA GLU C 140 -9.80 31.09 29.90
C GLU C 140 -9.98 32.15 30.97
N GLY C 141 -9.37 31.94 32.14
CA GLY C 141 -9.55 32.83 33.31
C GLY C 141 -9.36 34.31 33.00
N ARG C 142 -8.28 34.60 32.29
CA ARG C 142 -7.95 35.96 31.89
C ARG C 142 -8.97 36.59 30.92
N LYS C 143 -9.53 35.83 29.95
CA LYS C 143 -10.57 36.41 29.06
C LYS C 143 -11.88 36.56 29.79
N TYR C 144 -12.24 35.55 30.60
CA TYR C 144 -13.53 35.53 31.27
C TYR C 144 -13.59 36.63 32.33
N LEU C 145 -12.46 36.96 32.94
CA LEU C 145 -12.43 38.05 33.89
C LEU C 145 -12.67 39.41 33.20
N GLN C 146 -12.08 39.61 32.02
CA GLN C 146 -12.42 40.77 31.20
C GLN C 146 -13.90 40.85 30.83
N TRP C 147 -14.50 39.72 30.46
CA TRP C 147 -15.90 39.66 30.08
C TRP C 147 -16.76 40.08 31.25
N LEU C 148 -16.59 39.41 32.37
CA LEU C 148 -17.33 39.76 33.56
C LEU C 148 -17.12 41.23 33.98
N THR C 149 -15.89 41.77 33.90
CA THR C 149 -15.66 43.17 34.33
C THR C 149 -16.50 44.11 33.45
N GLU C 150 -16.56 43.81 32.14
CA GLU C 150 -17.42 44.55 31.20
C GLU C 150 -18.92 44.40 31.45
N ARG C 151 -19.41 43.19 31.68
CA ARG C 151 -20.81 43.00 31.97
C ARG C 151 -21.17 43.76 33.21
N LEU C 152 -20.35 43.65 34.25
CA LEU C 152 -20.57 44.42 35.48
C LEU C 152 -20.47 45.97 35.30
N THR C 153 -19.49 46.44 34.51
CA THR C 153 -19.37 47.88 34.17
C THR C 153 -20.68 48.45 33.59
N GLU C 154 -21.15 47.87 32.48
CA GLU C 154 -22.47 48.15 31.86
C GLU C 154 -23.64 48.29 32.82
N ARG C 155 -23.61 47.53 33.92
CA ARG C 155 -24.67 47.51 34.87
C ARG C 155 -24.31 48.38 36.08
N GLY C 156 -23.40 49.33 35.89
CA GLY C 156 -23.08 50.33 36.91
C GLY C 156 -22.47 49.88 38.24
N VAL C 157 -21.93 48.66 38.26
CA VAL C 157 -21.23 48.11 39.40
C VAL C 157 -19.87 48.77 39.39
N LYS C 158 -19.33 49.14 40.56
CA LYS C 158 -18.11 49.95 40.62
C LYS C 158 -16.89 49.29 41.31
N PHE C 159 -15.70 49.46 40.70
CA PHE C 159 -14.48 48.75 41.11
C PHE C 159 -13.55 49.70 41.77
N PHE C 160 -12.76 49.22 42.73
CA PHE C 160 -11.90 50.05 43.58
C PHE C 160 -10.64 49.29 44.02
N LEU C 161 -9.49 49.74 43.52
CA LEU C 161 -8.18 49.10 43.72
C LEU C 161 -7.78 49.41 45.12
N ARG C 162 -8.05 48.50 46.05
CA ARG C 162 -7.79 48.78 47.46
C ARG C 162 -7.63 47.54 48.37
N LYS C 163 -6.60 47.56 49.21
CA LYS C 163 -6.43 46.50 50.19
C LYS C 163 -7.36 46.75 51.35
N VAL C 164 -8.29 45.84 51.55
CA VAL C 164 -9.10 45.81 52.77
C VAL C 164 -8.32 45.15 53.90
N GLU C 165 -8.25 45.82 55.05
CA GLU C 165 -7.50 45.31 56.22
C GLU C 165 -8.31 44.54 57.30
N SER C 166 -9.65 44.69 57.28
CA SER C 166 -10.61 44.05 58.25
C SER C 166 -12.07 44.05 57.74
N PHE C 167 -12.91 43.21 58.31
CA PHE C 167 -14.37 43.29 58.05
C PHE C 167 -15.04 44.53 58.67
N GLU C 168 -14.59 44.84 59.89
CA GLU C 168 -15.01 46.04 60.61
C GLU C 168 -14.95 47.30 59.75
N GLU C 169 -13.88 47.50 58.99
CA GLU C 169 -13.73 48.75 58.23
C GLU C 169 -14.63 48.86 56.98
N VAL C 170 -15.17 47.75 56.50
CA VAL C 170 -16.12 47.74 55.37
C VAL C 170 -17.52 48.00 55.92
N ALA C 171 -17.83 47.39 57.07
CA ALA C 171 -19.06 47.66 57.81
C ALA C 171 -19.19 49.14 58.23
N ARG C 172 -18.17 49.65 58.91
CA ARG C 172 -18.15 51.03 59.38
C ARG C 172 -18.00 52.05 58.23
N GLY C 173 -17.68 51.60 57.02
CA GLY C 173 -17.81 52.43 55.81
C GLY C 173 -19.24 52.52 55.24
N GLY C 174 -20.17 51.70 55.78
CA GLY C 174 -21.59 51.72 55.37
C GLY C 174 -22.13 50.53 54.60
N ALA C 175 -21.37 49.44 54.55
CA ALA C 175 -21.79 48.23 53.86
C ALA C 175 -22.83 47.49 54.67
N ASP C 176 -23.89 47.06 53.98
CA ASP C 176 -24.98 46.30 54.61
C ASP C 176 -24.74 44.80 54.57
N VAL C 177 -24.29 44.31 53.41
CA VAL C 177 -23.84 42.92 53.23
C VAL C 177 -22.47 42.88 52.52
N ILE C 178 -21.52 42.15 53.13
CA ILE C 178 -20.15 41.94 52.58
C ILE C 178 -19.96 40.53 52.02
N ILE C 179 -19.59 40.40 50.75
CA ILE C 179 -19.35 39.08 50.17
C ILE C 179 -17.85 38.83 50.14
N ASN C 180 -17.36 37.89 50.94
CA ASN C 180 -15.92 37.63 51.13
C ASN C 180 -15.43 36.63 50.08
N CYS C 181 -14.89 37.15 48.98
CA CYS C 181 -14.41 36.35 47.86
C CYS C 181 -12.93 36.54 47.62
N THR C 182 -12.17 36.35 48.71
CA THR C 182 -10.74 36.68 48.83
C THR C 182 -9.75 35.50 48.59
N GLY C 183 -10.28 34.37 48.10
CA GLY C 183 -9.45 33.25 47.71
C GLY C 183 -8.43 32.85 48.77
N VAL C 184 -7.19 32.61 48.35
CA VAL C 184 -6.17 32.11 49.26
C VAL C 184 -5.78 33.08 50.39
N TRP C 185 -6.20 34.34 50.30
CA TRP C 185 -5.79 35.35 51.28
C TRP C 185 -6.85 35.61 52.35
N ALA C 186 -7.86 34.75 52.45
CA ALA C 186 -8.95 34.94 53.39
C ALA C 186 -8.44 35.00 54.81
N GLY C 187 -7.38 34.24 55.10
CA GLY C 187 -6.79 34.20 56.45
C GLY C 187 -6.46 35.54 57.08
N VAL C 188 -6.07 36.48 56.23
CA VAL C 188 -5.71 37.84 56.62
C VAL C 188 -6.86 38.55 57.36
N LEU C 189 -8.07 38.35 56.87
CA LEU C 189 -9.27 39.01 57.41
C LEU C 189 -9.83 38.29 58.62
N GLN C 190 -9.82 36.97 58.58
CA GLN C 190 -10.30 36.15 59.68
C GLN C 190 -9.63 34.78 59.58
N PRO C 191 -8.86 34.38 60.62
CA PRO C 191 -8.03 33.21 60.41
C PRO C 191 -8.83 31.96 60.14
N ASP C 192 -8.14 31.03 59.49
CA ASP C 192 -8.71 29.77 59.11
C ASP C 192 -7.56 28.76 59.01
N PRO C 193 -7.43 27.87 60.01
CA PRO C 193 -6.36 26.87 59.90
C PRO C 193 -6.58 25.81 58.80
N LEU C 194 -7.77 25.72 58.21
CA LEU C 194 -8.02 24.72 57.14
C LEU C 194 -7.65 25.16 55.72
N LEU C 195 -7.54 26.46 55.51
CA LEU C 195 -7.16 27.07 54.23
C LEU C 195 -5.65 27.08 54.04
N GLN C 196 -5.18 26.51 52.95
CA GLN C 196 -3.76 26.49 52.68
C GLN C 196 -3.44 26.79 51.24
N PRO C 197 -2.28 27.40 51.00
CA PRO C 197 -1.85 27.73 49.64
C PRO C 197 -1.40 26.53 48.83
N GLY C 198 -2.09 26.22 47.74
CA GLY C 198 -1.61 25.22 46.78
C GLY C 198 -0.72 25.90 45.76
N ARG C 199 0.59 25.75 45.89
CA ARG C 199 1.51 26.39 44.96
C ARG C 199 1.55 25.64 43.61
N GLY C 200 1.22 26.36 42.55
CA GLY C 200 1.24 25.82 41.20
C GLY C 200 2.05 26.70 40.28
N GLN C 201 3.10 26.13 39.73
CA GLN C 201 3.88 26.76 38.72
C GLN C 201 3.46 26.17 37.33
N ILE C 202 3.48 27.05 36.33
CA ILE C 202 3.06 26.71 34.98
C ILE C 202 4.03 27.31 34.02
N ILE C 203 4.01 26.80 32.80
CA ILE C 203 4.77 27.34 31.67
C ILE C 203 3.81 27.58 30.51
N LYS C 204 3.73 28.83 30.06
CA LYS C 204 2.99 29.18 28.86
C LYS C 204 3.93 29.03 27.66
N VAL C 205 3.45 28.37 26.61
CA VAL C 205 4.23 28.14 25.39
C VAL C 205 3.36 28.27 24.20
N ASP C 206 4.01 28.49 23.06
CA ASP C 206 3.36 28.71 21.79
C ASP C 206 3.49 27.42 20.96
N ALA C 207 2.40 26.64 20.96
CA ALA C 207 2.35 25.30 20.35
C ALA C 207 0.96 25.06 19.72
N PRO C 208 0.65 25.86 18.69
CA PRO C 208 -0.70 25.94 18.11
C PRO C 208 -1.27 24.65 17.55
N TRP C 209 -0.37 23.71 17.24
CA TRP C 209 -0.70 22.36 16.75
C TRP C 209 -1.27 21.38 17.81
N LEU C 210 -1.10 21.71 19.08
CA LEU C 210 -1.70 20.93 20.15
C LEU C 210 -3.14 21.41 20.31
N LYS C 211 -4.06 20.46 20.14
CA LYS C 211 -5.51 20.67 20.18
C LYS C 211 -6.22 19.92 21.32
N ASN C 212 -5.52 19.01 21.98
CA ASN C 212 -6.18 18.06 22.83
C ASN C 212 -5.52 18.28 24.19
N PHE C 213 -6.31 18.35 25.26
CA PHE C 213 -5.70 18.33 26.58
C PHE C 213 -5.21 16.92 26.99
N ILE C 214 -4.23 16.89 27.87
CA ILE C 214 -3.63 15.65 28.28
C ILE C 214 -3.33 15.84 29.75
N ILE C 215 -4.02 15.12 30.61
CA ILE C 215 -3.78 15.23 32.03
C ILE C 215 -3.24 13.90 32.52
N THR C 216 -2.10 13.88 33.24
CA THR C 216 -1.59 12.65 33.87
C THR C 216 -1.84 12.66 35.36
N HIS C 217 -1.86 11.46 35.95
CA HIS C 217 -2.27 11.24 37.35
C HIS C 217 -1.40 10.14 37.89
N ASP C 218 -0.48 10.50 38.77
CA ASP C 218 0.46 9.55 39.35
C ASP C 218 0.18 9.62 40.84
N LEU C 219 -0.79 8.82 41.30
CA LEU C 219 -1.46 9.04 42.59
C LEU C 219 -0.60 8.96 43.87
N GLU C 220 0.69 8.61 43.74
CA GLU C 220 1.66 8.69 44.87
C GLU C 220 2.25 10.11 45.13
N ARG C 221 2.18 11.03 44.17
CA ARG C 221 2.74 12.37 44.33
C ARG C 221 1.71 13.39 44.90
N GLY C 222 0.42 13.10 44.73
CA GLY C 222 -0.67 14.04 45.03
C GLY C 222 -1.28 14.47 43.71
N ILE C 223 -2.45 15.16 43.75
CA ILE C 223 -3.17 15.55 42.51
C ILE C 223 -2.63 16.87 41.89
N TYR C 224 -2.37 16.79 40.58
CA TYR C 224 -1.71 17.82 39.76
C TYR C 224 -0.20 18.00 40.06
N ASN C 225 0.41 16.93 40.57
CA ASN C 225 1.87 16.81 40.72
C ASN C 225 2.40 15.81 39.71
N SER C 226 2.09 16.09 38.44
CA SER C 226 2.35 15.20 37.32
C SER C 226 1.80 15.85 36.05
N PRO C 227 2.55 15.76 34.94
CA PRO C 227 2.37 16.62 33.79
C PRO C 227 0.95 16.76 33.25
N TYR C 228 0.51 18.00 33.01
CA TYR C 228 -0.67 18.27 32.19
C TYR C 228 -0.33 19.21 31.06
N ILE C 229 -1.14 19.17 30.00
CA ILE C 229 -0.99 20.02 28.83
C ILE C 229 -2.38 20.46 28.48
N ALA C 230 -2.66 21.74 28.66
CA ALA C 230 -3.96 22.31 28.38
C ALA C 230 -3.89 23.34 27.25
N PRO C 231 -4.37 22.97 26.04
CA PRO C 231 -4.42 24.01 25.00
C PRO C 231 -5.45 25.03 25.41
N GLY C 232 -5.07 26.30 25.33
CA GLY C 232 -5.99 27.41 25.55
C GLY C 232 -6.37 28.06 24.23
N LEU C 233 -6.85 29.29 24.32
CA LEU C 233 -7.21 30.04 23.13
C LEU C 233 -5.99 30.61 22.36
N GLN C 234 -4.89 30.90 23.03
CA GLN C 234 -3.76 31.55 22.37
C GLN C 234 -2.42 31.03 22.83
N ALA C 235 -2.38 29.85 23.41
CA ALA C 235 -1.17 29.42 24.09
C ALA C 235 -1.40 28.03 24.58
N VAL C 236 -0.36 27.42 25.15
CA VAL C 236 -0.50 26.17 25.81
C VAL C 236 0.12 26.31 27.19
N THR C 237 -0.56 25.77 28.21
CA THR C 237 -0.13 25.84 29.59
C THR C 237 0.42 24.48 29.92
N LEU C 238 1.65 24.45 30.39
CA LEU C 238 2.26 23.25 30.92
C LEU C 238 2.34 23.38 32.43
N GLY C 239 1.67 22.47 33.14
CA GLY C 239 2.00 22.16 34.53
C GLY C 239 2.66 20.78 34.57
N GLY C 240 2.57 20.03 35.66
CA GLY C 240 1.85 20.38 36.84
C GLY C 240 2.73 20.17 38.03
N THR C 241 2.74 21.19 38.88
CA THR C 241 3.10 21.04 40.27
C THR C 241 1.88 21.59 40.99
N PHE C 242 1.54 21.02 42.16
CA PHE C 242 0.50 21.56 43.05
C PHE C 242 0.82 21.25 44.53
N GLN C 243 1.75 22.01 45.12
CA GLN C 243 2.34 21.67 46.42
C GLN C 243 1.68 22.44 47.58
N VAL C 244 0.92 21.75 48.44
CA VAL C 244 0.26 22.43 49.56
C VAL C 244 1.26 22.92 50.61
N GLY C 245 1.03 24.11 51.16
CA GLY C 245 1.81 24.68 52.27
C GLY C 245 3.02 25.57 51.94
N ASN C 246 3.35 25.69 50.67
CA ASN C 246 4.58 26.37 50.28
C ASN C 246 4.23 27.64 49.54
N TRP C 247 4.49 28.81 50.14
CA TRP C 247 4.16 30.11 49.52
C TRP C 247 5.38 30.78 48.85
N ASN C 248 6.37 30.01 48.35
CA ASN C 248 7.52 30.58 47.60
C ASN C 248 6.97 31.14 46.29
N GLU C 249 6.97 32.45 46.15
CA GLU C 249 6.32 33.10 44.98
C GLU C 249 7.27 33.45 43.84
N ILE C 250 8.54 33.10 43.94
CA ILE C 250 9.42 33.17 42.78
C ILE C 250 9.35 31.82 42.05
N ASN C 251 9.35 31.86 40.71
CA ASN C 251 9.52 30.62 39.90
C ASN C 251 10.76 29.87 40.35
N ASN C 252 10.67 28.56 40.58
CA ASN C 252 11.83 27.78 40.98
C ASN C 252 12.28 26.78 39.88
N ILE C 253 13.59 26.71 39.65
CA ILE C 253 14.24 25.91 38.58
C ILE C 253 14.05 24.36 38.65
N GLN C 254 13.85 23.78 39.84
CA GLN C 254 13.58 22.34 39.94
C GLN C 254 12.28 22.01 39.27
N ASP C 255 11.24 22.74 39.69
CA ASP C 255 9.91 22.59 39.12
C ASP C 255 9.76 22.96 37.66
N HIS C 256 10.54 23.95 37.20
CA HIS C 256 10.67 24.22 35.77
C HIS C 256 11.10 22.98 35.02
N ASN C 257 12.19 22.36 35.44
CA ASN C 257 12.67 21.13 34.76
C ASN C 257 11.65 19.98 34.92
N THR C 258 11.11 19.80 36.14
CA THR C 258 10.05 18.79 36.35
C THR C 258 8.98 18.95 35.27
N ILE C 259 8.43 20.17 35.17
CA ILE C 259 7.36 20.46 34.22
C ILE C 259 7.82 20.24 32.78
N TRP C 260 8.97 20.79 32.40
CA TRP C 260 9.36 20.79 31.00
C TRP C 260 9.74 19.40 30.49
N GLU C 261 10.58 18.71 31.27
CA GLU C 261 10.97 17.33 30.92
C GLU C 261 9.76 16.41 31.13
N GLY C 262 8.99 16.64 32.18
CA GLY C 262 7.66 16.01 32.28
C GLY C 262 6.83 15.98 31.00
N CYS C 263 6.77 17.09 30.29
CA CYS C 263 5.82 17.27 29.20
C CYS C 263 6.44 17.00 27.86
N CYS C 264 7.77 17.09 27.71
CA CYS C 264 8.39 16.59 26.46
C CYS C 264 8.29 15.07 26.40
N ARG C 265 8.24 14.43 27.57
CA ARG C 265 8.03 12.98 27.71
C ARG C 265 6.70 12.61 27.14
N LEU C 266 5.68 13.31 27.62
CA LEU C 266 4.30 13.13 27.20
C LEU C 266 3.99 13.52 25.78
N GLU C 267 4.72 14.51 25.25
CA GLU C 267 4.36 15.14 24.01
C GLU C 267 5.59 15.80 23.40
N PRO C 268 6.47 14.99 22.82
CA PRO C 268 7.79 15.42 22.38
C PRO C 268 7.91 16.39 21.22
N THR C 269 6.83 16.78 20.55
CA THR C 269 6.92 17.90 19.58
C THR C 269 7.14 19.23 20.27
N LEU C 270 6.85 19.26 21.58
CA LEU C 270 7.16 20.41 22.45
C LEU C 270 8.60 20.88 22.38
N LYS C 271 9.51 20.05 21.90
CA LYS C 271 10.88 20.46 21.62
C LYS C 271 10.99 21.73 20.80
N ASP C 272 10.06 21.90 19.86
CA ASP C 272 10.03 23.08 19.00
C ASP C 272 9.00 24.15 19.40
N ALA C 273 8.36 24.01 20.55
CA ALA C 273 7.52 25.08 21.11
C ALA C 273 8.45 26.21 21.57
N LYS C 274 8.01 27.45 21.39
CA LYS C 274 8.75 28.64 21.83
C LYS C 274 8.13 29.05 23.17
N ILE C 275 8.94 29.06 24.25
CA ILE C 275 8.40 29.43 25.55
C ILE C 275 8.20 30.92 25.59
N VAL C 276 7.09 31.29 26.18
CA VAL C 276 6.65 32.65 26.17
C VAL C 276 6.32 33.22 27.58
N GLY C 277 6.46 32.43 28.64
CA GLY C 277 6.19 32.93 29.96
C GLY C 277 6.28 31.82 30.97
N GLU C 278 6.45 32.17 32.23
CA GLU C 278 6.43 31.19 33.30
C GLU C 278 6.00 31.89 34.58
N TYR C 279 4.90 31.39 35.15
CA TYR C 279 4.18 32.07 36.21
C TYR C 279 3.91 31.11 37.35
N THR C 280 3.51 31.66 38.50
CA THR C 280 3.22 30.92 39.71
C THR C 280 1.99 31.46 40.41
N GLY C 281 1.13 30.58 40.90
CA GLY C 281 -0.08 30.99 41.61
C GLY C 281 -0.43 30.09 42.77
N PHE C 282 -1.33 30.58 43.64
CA PHE C 282 -1.68 29.88 44.88
C PHE C 282 -3.17 29.55 44.97
N GLY C 283 -3.48 28.28 44.75
CA GLY C 283 -4.84 27.82 44.81
C GLY C 283 -5.32 27.88 46.24
N PRO C 284 -6.56 28.32 46.44
CA PRO C 284 -7.08 28.26 47.79
C PRO C 284 -7.46 26.83 48.19
N VAL C 285 -6.47 26.04 48.64
CA VAL C 285 -6.74 24.64 49.10
C VAL C 285 -7.42 24.51 50.50
N ARG C 286 -8.59 23.85 50.55
CA ARG C 286 -9.38 23.66 51.78
C ARG C 286 -10.28 22.43 51.72
N PRO C 287 -10.24 21.57 52.74
CA PRO C 287 -11.07 20.38 52.75
C PRO C 287 -12.44 20.57 52.11
N GLN C 288 -13.21 21.55 52.59
CA GLN C 288 -14.48 21.92 51.99
C GLN C 288 -14.45 23.38 51.55
N VAL C 289 -15.26 23.74 50.56
CA VAL C 289 -15.49 25.14 50.21
C VAL C 289 -16.28 25.81 51.34
N ARG C 290 -15.77 26.91 51.88
CA ARG C 290 -16.51 27.70 52.85
C ARG C 290 -17.44 28.66 52.12
N LEU C 291 -18.68 28.24 52.00
CA LEU C 291 -19.73 29.10 51.49
C LEU C 291 -20.88 29.18 52.54
N GLU C 292 -20.81 30.13 53.46
CA GLU C 292 -21.73 30.15 54.60
C GLU C 292 -21.94 31.56 55.12
N ARG C 293 -22.94 31.72 56.01
CA ARG C 293 -23.25 33.02 56.64
C ARG C 293 -22.56 33.23 58.00
N GLU C 294 -22.46 34.51 58.38
CA GLU C 294 -21.81 34.94 59.63
C GLU C 294 -22.33 36.33 59.91
N GLN C 295 -22.95 36.54 61.07
CA GLN C 295 -23.29 37.90 61.54
C GLN C 295 -22.09 38.50 62.28
N LEU C 296 -21.97 39.82 62.21
CA LEU C 296 -20.91 40.53 62.94
C LEU C 296 -21.44 41.82 63.51
N ARG C 297 -21.22 42.09 64.80
CA ARG C 297 -21.53 43.39 65.39
C ARG C 297 -20.24 44.21 65.55
N PHE C 298 -20.34 45.51 65.25
CA PHE C 298 -19.22 46.48 65.32
C PHE C 298 -19.70 47.84 65.91
N GLY C 299 -19.31 48.10 67.17
CA GLY C 299 -19.79 49.24 67.93
C GLY C 299 -21.18 48.91 68.43
N SER C 300 -22.19 49.46 67.77
CA SER C 300 -23.58 49.10 68.00
C SER C 300 -24.12 48.27 66.83
N SER C 301 -23.94 48.81 65.61
CA SER C 301 -24.62 48.34 64.40
C SER C 301 -24.19 46.94 63.86
N ASN C 302 -25.16 46.23 63.28
CA ASN C 302 -24.94 44.88 62.77
C ASN C 302 -24.64 44.89 61.25
N THR C 303 -23.82 43.92 60.81
CA THR C 303 -23.55 43.65 59.39
C THR C 303 -23.51 42.12 59.12
N GLU C 304 -23.89 41.75 57.88
CA GLU C 304 -23.96 40.36 57.43
C GLU C 304 -22.83 40.02 56.43
N VAL C 305 -22.22 38.85 56.62
CA VAL C 305 -21.13 38.38 55.78
C VAL C 305 -21.50 37.01 55.23
N ILE C 306 -21.28 36.84 53.93
CA ILE C 306 -21.38 35.55 53.22
C ILE C 306 -19.99 35.18 52.62
N HIS C 307 -19.48 34.02 53.00
CA HIS C 307 -18.15 33.58 52.56
C HIS C 307 -18.25 32.80 51.24
N ASN C 308 -17.24 32.93 50.38
CA ASN C 308 -17.14 32.17 49.14
C ASN C 308 -15.66 32.02 48.80
N TYR C 309 -15.04 31.05 49.44
CA TYR C 309 -13.63 30.79 49.18
C TYR C 309 -13.27 29.37 49.50
N GLY C 310 -12.12 28.95 49.05
CA GLY C 310 -11.63 27.59 49.32
C GLY C 310 -11.90 26.62 48.20
N HIS C 311 -11.99 27.14 46.97
CA HIS C 311 -12.30 26.32 45.81
C HIS C 311 -11.01 25.73 45.18
N GLY C 312 -9.96 25.54 45.96
CA GLY C 312 -8.77 24.80 45.52
C GLY C 312 -8.36 24.90 44.04
N GLY C 313 -8.28 23.74 43.38
CA GLY C 313 -8.02 23.63 41.95
C GLY C 313 -9.25 23.55 41.05
N TYR C 314 -10.40 24.03 41.49
CA TYR C 314 -11.63 23.85 40.73
C TYR C 314 -12.46 25.11 40.71
N GLY C 315 -11.81 26.25 40.88
CA GLY C 315 -12.50 27.54 40.94
C GLY C 315 -13.36 27.75 39.71
N LEU C 316 -12.74 27.83 38.55
CA LEU C 316 -13.49 28.00 37.30
C LEU C 316 -14.52 26.91 37.11
N THR C 317 -14.16 25.69 37.50
CA THR C 317 -15.01 24.54 37.31
C THR C 317 -16.34 24.62 38.09
N ILE C 318 -16.26 25.08 39.32
CA ILE C 318 -17.41 25.14 40.23
C ILE C 318 -18.11 26.52 40.30
N HIS C 319 -17.57 27.53 39.63
CA HIS C 319 -17.86 28.93 39.99
C HIS C 319 -19.33 29.39 39.93
N TRP C 320 -20.08 28.96 38.89
CA TRP C 320 -21.43 29.44 38.71
C TRP C 320 -22.35 28.95 39.79
N GLY C 321 -22.37 27.63 39.96
CA GLY C 321 -23.12 26.99 41.03
C GLY C 321 -22.93 27.61 42.40
N CYS C 322 -21.67 27.89 42.77
CA CYS C 322 -21.34 28.57 44.01
C CYS C 322 -21.95 29.95 44.07
N ALA C 323 -21.81 30.68 42.95
CA ALA C 323 -22.25 32.06 42.84
C ALA C 323 -23.74 32.15 43.02
N LEU C 324 -24.46 31.21 42.41
CA LEU C 324 -25.93 31.03 42.59
C LEU C 324 -26.34 30.87 44.06
N GLU C 325 -25.74 29.89 44.75
CA GLU C 325 -25.93 29.68 46.18
C GLU C 325 -25.68 30.93 47.04
N VAL C 326 -24.79 31.83 46.63
CA VAL C 326 -24.61 33.09 47.35
C VAL C 326 -25.87 33.92 47.14
N ALA C 327 -26.33 34.02 45.90
CA ALA C 327 -27.60 34.70 45.59
C ALA C 327 -28.78 34.14 46.41
N LYS C 328 -28.81 32.82 46.57
CA LYS C 328 -29.80 32.17 47.43
C LYS C 328 -29.67 32.62 48.87
N LEU C 329 -28.45 32.66 49.42
CA LEU C 329 -28.20 33.19 50.79
C LEU C 329 -28.42 34.72 50.91
N PHE C 330 -28.17 35.47 49.84
CA PHE C 330 -28.50 36.90 49.77
C PHE C 330 -30.02 37.15 49.70
N GLY C 331 -30.77 36.25 49.05
CA GLY C 331 -32.24 36.26 49.10
C GLY C 331 -32.81 36.17 50.51
N LYS C 332 -32.33 35.21 51.30
CA LYS C 332 -32.75 35.05 52.69
C LYS C 332 -32.51 36.30 53.58
N VAL C 333 -31.36 36.96 53.43
CA VAL C 333 -31.06 38.26 54.12
C VAL C 333 -32.18 39.28 53.85
N LEU C 334 -32.64 39.33 52.60
CA LEU C 334 -33.65 40.27 52.16
C LEU C 334 -35.08 39.89 52.58
N GLU C 335 -35.35 38.59 52.80
CA GLU C 335 -36.59 38.11 53.46
C GLU C 335 -36.66 38.68 54.87
N GLU C 336 -35.50 38.78 55.52
CA GLU C 336 -35.37 39.33 56.87
C GLU C 336 -35.19 40.85 56.97
N ARG C 337 -35.64 41.60 55.95
CA ARG C 337 -35.74 43.07 56.02
C ARG C 337 -36.96 43.66 55.25
N ASN C 338 -37.92 42.81 54.88
CA ASN C 338 -39.16 43.20 54.14
C ASN C 338 -38.93 43.82 52.75
N LEU C 339 -38.05 43.19 51.96
CA LEU C 339 -37.76 43.60 50.58
C LEU C 339 -37.64 42.36 49.69
N MET D 1 19.69 2.30 -13.58
CA MET D 1 18.26 2.55 -13.95
C MET D 1 17.95 4.05 -13.88
N ARG D 2 17.22 4.54 -14.87
CA ARG D 2 16.87 5.95 -14.98
C ARG D 2 15.38 6.15 -14.80
N VAL D 3 14.98 6.60 -13.61
CA VAL D 3 13.58 6.85 -13.29
C VAL D 3 13.28 8.35 -13.36
N VAL D 4 12.09 8.69 -13.86
CA VAL D 4 11.60 10.07 -13.89
C VAL D 4 10.16 10.13 -13.32
N VAL D 5 10.03 10.79 -12.17
CA VAL D 5 8.75 11.10 -11.57
C VAL D 5 8.29 12.46 -12.10
N ILE D 6 7.06 12.52 -12.60
CA ILE D 6 6.48 13.77 -13.00
C ILE D 6 5.39 14.19 -11.99
N GLY D 7 5.71 15.17 -11.15
CA GLY D 7 4.80 15.61 -10.13
C GLY D 7 5.51 15.76 -8.82
N ALA D 8 5.31 16.92 -8.17
CA ALA D 8 5.94 17.21 -6.91
C ALA D 8 4.89 17.53 -5.87
N GLY D 9 3.69 16.95 -6.07
CA GLY D 9 2.59 17.03 -5.10
C GLY D 9 2.76 15.90 -4.09
N VAL D 10 1.77 15.68 -3.24
CA VAL D 10 1.88 14.58 -2.29
C VAL D 10 2.15 13.25 -3.00
N ILE D 11 1.53 13.03 -4.15
CA ILE D 11 1.62 11.73 -4.83
C ILE D 11 2.95 11.57 -5.53
N GLY D 12 3.36 12.57 -6.27
CA GLY D 12 4.68 12.60 -6.85
C GLY D 12 5.83 12.44 -5.86
N LEU D 13 5.78 13.07 -4.69
CA LEU D 13 6.90 12.98 -3.73
C LEU D 13 6.86 11.76 -2.78
N SER D 14 5.66 11.31 -2.37
CA SER D 14 5.53 10.11 -1.55
C SER D 14 5.89 8.87 -2.36
N THR D 15 5.52 8.87 -3.63
CA THR D 15 5.85 7.77 -4.52
C THR D 15 7.34 7.74 -4.83
N ALA D 16 7.90 8.88 -5.22
CA ALA D 16 9.36 9.03 -5.33
C ALA D 16 10.18 8.52 -4.13
N LEU D 17 9.68 8.67 -2.91
CA LEU D 17 10.42 8.24 -1.73
C LEU D 17 10.38 6.71 -1.61
N CYS D 18 9.19 6.12 -1.64
CA CYS D 18 9.03 4.64 -1.56
C CYS D 18 9.89 3.89 -2.55
N ILE D 19 9.89 4.32 -3.80
CA ILE D 19 10.75 3.71 -4.81
C ILE D 19 12.23 3.87 -4.44
N HIS D 20 12.64 5.03 -3.96
CA HIS D 20 14.04 5.23 -3.59
C HIS D 20 14.39 4.59 -2.25
N GLU D 21 13.40 4.08 -1.50
CA GLU D 21 13.63 3.43 -0.19
C GLU D 21 13.72 1.90 -0.30
N ARG D 22 12.87 1.27 -1.09
CA ARG D 22 12.92 -0.18 -1.29
C ARG D 22 13.98 -0.62 -2.33
N TYR D 23 14.68 0.32 -2.99
CA TYR D 23 15.53 -0.03 -4.17
C TYR D 23 16.91 0.70 -4.36
N HIS D 24 17.39 1.50 -3.40
CA HIS D 24 18.67 2.23 -3.61
C HIS D 24 19.90 1.43 -3.14
N SER D 25 19.73 0.74 -2.02
CA SER D 25 20.72 -0.20 -1.52
C SER D 25 20.86 -1.42 -2.44
N VAL D 26 19.73 -2.07 -2.75
CA VAL D 26 19.70 -3.30 -3.59
C VAL D 26 19.72 -3.06 -5.13
N LEU D 27 20.04 -1.84 -5.56
CA LEU D 27 20.50 -1.54 -6.94
C LEU D 27 21.52 -0.38 -6.86
N GLN D 28 22.79 -0.67 -7.11
CA GLN D 28 23.87 0.29 -6.86
C GLN D 28 23.78 1.52 -7.77
N PRO D 29 23.41 1.33 -9.05
CA PRO D 29 22.92 2.45 -9.88
C PRO D 29 21.40 2.73 -9.74
N LEU D 30 21.03 3.83 -9.07
CA LEU D 30 19.64 4.31 -9.06
C LEU D 30 19.54 5.84 -9.05
N ASP D 31 19.44 6.41 -10.24
CA ASP D 31 19.27 7.84 -10.47
C ASP D 31 17.78 8.13 -10.67
N VAL D 32 17.16 8.72 -9.66
CA VAL D 32 15.74 9.12 -9.64
C VAL D 32 15.68 10.64 -9.76
N LYS D 33 14.91 11.17 -10.72
CA LYS D 33 14.73 12.64 -10.89
C LYS D 33 13.25 13.00 -10.72
N VAL D 34 12.97 14.22 -10.24
CA VAL D 34 11.58 14.76 -10.18
C VAL D 34 11.43 16.00 -11.04
N TYR D 35 10.62 15.88 -12.10
CA TYR D 35 10.22 17.00 -12.93
C TYR D 35 8.82 17.41 -12.52
N ALA D 36 8.62 18.70 -12.39
CA ALA D 36 7.33 19.25 -12.05
C ALA D 36 7.35 20.69 -12.46
N ASP D 37 6.22 21.16 -12.97
CA ASP D 37 6.09 22.57 -13.32
C ASP D 37 5.68 23.38 -12.09
N ARG D 38 4.95 22.79 -11.14
CA ARG D 38 4.61 23.45 -9.87
C ARG D 38 5.18 22.73 -8.64
N PHE D 39 5.83 23.46 -7.72
CA PHE D 39 6.24 22.89 -6.42
C PHE D 39 5.52 23.51 -5.25
N THR D 40 5.75 22.96 -4.08
CA THR D 40 5.43 23.62 -2.81
C THR D 40 5.88 25.10 -2.84
N PRO D 41 4.99 26.04 -2.54
CA PRO D 41 3.64 25.82 -2.01
C PRO D 41 2.51 26.02 -3.02
N PHE D 42 2.76 25.79 -4.31
CA PHE D 42 1.78 26.09 -5.35
C PHE D 42 1.15 24.87 -6.04
N THR D 43 0.85 23.83 -5.26
CA THR D 43 0.24 22.59 -5.75
C THR D 43 -1.14 22.38 -5.13
N THR D 44 -2.02 21.65 -5.79
CA THR D 44 -3.30 21.33 -5.19
C THR D 44 -3.08 20.78 -3.77
N THR D 45 -2.11 19.88 -3.61
CA THR D 45 -1.74 19.38 -2.30
C THR D 45 -1.70 20.48 -1.25
N ASP D 46 -0.98 21.56 -1.53
CA ASP D 46 -0.76 22.63 -0.53
C ASP D 46 -2.03 23.36 -0.10
N VAL D 47 -2.97 23.51 -1.04
CA VAL D 47 -4.33 24.02 -0.75
C VAL D 47 -5.17 23.21 0.27
N ALA D 48 -4.92 21.92 0.37
CA ALA D 48 -5.83 21.04 1.07
C ALA D 48 -5.82 21.24 2.59
N ALA D 49 -6.99 20.99 3.17
CA ALA D 49 -7.20 21.07 4.61
C ALA D 49 -6.41 20.03 5.40
N GLY D 50 -6.07 18.90 4.81
CA GLY D 50 -5.20 17.94 5.49
C GLY D 50 -5.87 16.80 6.23
N LEU D 51 -7.16 16.82 6.41
CA LEU D 51 -7.77 15.87 7.31
C LEU D 51 -7.79 14.49 6.69
N TRP D 52 -7.38 13.49 7.46
CA TRP D 52 -7.62 12.11 7.08
C TRP D 52 -9.06 11.76 7.29
N GLN D 53 -9.77 11.58 6.18
CA GLN D 53 -11.13 11.00 6.15
C GLN D 53 -11.45 10.60 4.74
N PRO D 54 -11.77 9.33 4.50
CA PRO D 54 -12.14 9.02 3.12
C PRO D 54 -13.60 9.32 2.88
N TYR D 55 -14.07 9.11 1.65
CA TYR D 55 -15.49 9.29 1.32
CA TYR D 55 -15.48 9.26 1.29
C TYR D 55 -16.31 8.34 2.21
N THR D 56 -17.37 8.88 2.82
CA THR D 56 -18.40 8.10 3.58
C THR D 56 -18.87 6.76 3.00
N SER D 57 -18.99 6.71 1.69
CA SER D 57 -19.46 5.51 0.99
C SER D 57 -18.32 4.54 0.66
N GLU D 58 -18.64 3.25 0.68
CA GLU D 58 -17.67 2.18 0.41
C GLU D 58 -17.14 2.32 -1.02
N PRO D 59 -15.87 1.98 -1.27
CA PRO D 59 -15.25 2.38 -2.55
C PRO D 59 -15.52 1.36 -3.63
N SER D 60 -15.26 1.74 -4.89
CA SER D 60 -15.50 0.82 -6.03
C SER D 60 -14.43 -0.25 -6.09
N ASN D 61 -13.19 0.19 -5.97
CA ASN D 61 -12.03 -0.66 -6.02
C ASN D 61 -11.75 -1.01 -4.56
N PRO D 62 -11.85 -2.30 -4.17
CA PRO D 62 -11.49 -2.64 -2.76
C PRO D 62 -10.01 -2.38 -2.37
N GLN D 63 -9.09 -2.41 -3.34
CA GLN D 63 -7.67 -2.08 -3.08
C GLN D 63 -7.51 -0.70 -2.41
N GLU D 64 -8.44 0.21 -2.69
CA GLU D 64 -8.46 1.55 -2.11
C GLU D 64 -8.71 1.56 -0.58
N ALA D 65 -9.62 0.73 -0.08
CA ALA D 65 -9.86 0.68 1.38
C ALA D 65 -8.62 0.22 2.16
N ASN D 66 -7.83 -0.68 1.61
CA ASN D 66 -6.56 -1.04 2.28
C ASN D 66 -5.64 0.13 2.25
N TRP D 67 -5.48 0.75 1.08
CA TRP D 67 -4.53 1.86 0.87
C TRP D 67 -4.77 3.03 1.82
N ASN D 68 -6.04 3.29 2.11
CA ASN D 68 -6.40 4.20 3.19
C ASN D 68 -5.82 3.72 4.52
N GLN D 69 -6.16 2.50 4.93
CA GLN D 69 -5.64 1.92 6.17
C GLN D 69 -4.10 1.87 6.25
N GLN D 70 -3.42 1.53 5.16
CA GLN D 70 -1.96 1.53 5.14
C GLN D 70 -1.40 2.93 5.35
N THR D 71 -2.16 3.95 4.95
CA THR D 71 -1.76 5.33 5.15
C THR D 71 -2.04 5.80 6.58
N PHE D 72 -3.21 5.47 7.13
CA PHE D 72 -3.54 5.83 8.51
C PHE D 72 -2.62 5.14 9.46
N ASN D 73 -2.28 3.88 9.16
CA ASN D 73 -1.40 3.10 9.99
C ASN D 73 0.02 3.65 9.92
N TYR D 74 0.48 4.04 8.73
CA TYR D 74 1.81 4.71 8.61
C TYR D 74 1.89 6.08 9.27
N LEU D 75 0.84 6.88 9.14
CA LEU D 75 0.80 8.18 9.82
C LEU D 75 0.70 7.99 11.33
N LEU D 76 -0.21 7.12 11.79
CA LEU D 76 -0.45 6.95 13.23
C LEU D 76 0.73 6.34 13.95
N SER D 77 1.66 5.76 13.19
CA SER D 77 2.93 5.30 13.76
C SER D 77 3.86 6.45 14.18
N HIS D 78 4.01 7.50 13.36
CA HIS D 78 4.91 8.64 13.66
C HIS D 78 4.41 9.52 14.83
N ILE D 79 3.16 9.33 15.26
CA ILE D 79 2.61 10.07 16.41
C ILE D 79 3.37 9.74 17.66
N GLY D 80 3.77 10.77 18.39
CA GLY D 80 4.64 10.60 19.54
C GLY D 80 6.11 10.60 19.18
N SER D 81 6.47 10.69 17.88
CA SER D 81 7.85 11.03 17.51
C SER D 81 8.03 12.51 17.73
N PRO D 82 9.24 12.92 18.13
CA PRO D 82 9.60 14.34 18.20
C PRO D 82 9.29 15.15 16.93
N ASN D 83 9.38 14.52 15.76
CA ASN D 83 9.20 15.23 14.49
C ASN D 83 7.79 15.25 13.84
N ALA D 84 6.79 14.68 14.52
CA ALA D 84 5.43 14.66 14.01
C ALA D 84 4.93 16.04 13.50
N ALA D 85 5.24 17.10 14.23
CA ALA D 85 4.76 18.42 13.85
C ALA D 85 5.56 18.91 12.68
N ASN D 86 6.88 18.69 12.70
CA ASN D 86 7.72 19.01 11.54
C ASN D 86 7.32 18.27 10.27
N MET D 87 6.64 17.11 10.42
CA MET D 87 5.96 16.42 9.32
C MET D 87 4.63 17.01 8.81
N GLY D 88 4.02 17.91 9.57
CA GLY D 88 2.70 18.47 9.23
C GLY D 88 1.56 17.70 9.90
N LEU D 89 1.88 16.97 10.95
CA LEU D 89 1.05 15.90 11.39
C LEU D 89 0.79 16.02 12.90
N THR D 90 -0.49 16.11 13.27
CA THR D 90 -0.96 16.17 14.66
C THR D 90 -2.33 15.49 14.75
N PRO D 91 -2.66 14.88 15.90
CA PRO D 91 -4.03 14.37 16.05
C PRO D 91 -5.04 15.49 16.12
N VAL D 92 -6.31 15.12 15.98
CA VAL D 92 -7.45 16.06 16.01
C VAL D 92 -8.77 15.30 16.00
N SER D 93 -9.70 15.69 16.84
CA SER D 93 -10.98 14.99 16.93
C SER D 93 -12.07 15.94 16.49
N GLY D 94 -13.17 15.39 15.97
CA GLY D 94 -14.24 16.21 15.38
C GLY D 94 -15.54 15.53 15.01
N TYR D 95 -16.42 16.33 14.43
CA TYR D 95 -17.82 16.01 14.28
C TYR D 95 -18.20 15.83 12.81
N ASN D 96 -18.86 14.73 12.44
CA ASN D 96 -19.48 14.60 11.10
C ASN D 96 -20.97 14.76 11.34
N LEU D 97 -21.68 15.53 10.50
CA LEU D 97 -23.08 15.91 10.80
C LEU D 97 -24.00 15.82 9.60
N PHE D 98 -25.19 15.27 9.86
CA PHE D 98 -26.12 14.81 8.83
C PHE D 98 -27.54 15.22 9.17
N ARG D 99 -28.39 15.25 8.14
CA ARG D 99 -29.79 15.72 8.28
C ARG D 99 -30.70 14.60 8.75
N GLU D 100 -30.32 13.37 8.39
CA GLU D 100 -31.06 12.13 8.66
C GLU D 100 -30.10 11.04 9.14
N ALA D 101 -30.62 9.89 9.56
CA ALA D 101 -29.76 8.76 10.00
C ALA D 101 -29.01 8.13 8.81
N VAL D 102 -27.83 7.56 9.07
CA VAL D 102 -27.05 6.87 8.04
C VAL D 102 -26.26 5.65 8.55
N PRO D 103 -25.99 4.68 7.63
CA PRO D 103 -25.08 3.60 7.98
C PRO D 103 -23.74 4.15 8.47
N ASP D 104 -23.18 3.54 9.50
CA ASP D 104 -21.78 3.76 9.81
C ASP D 104 -20.87 3.59 8.60
N PRO D 105 -19.73 4.30 8.57
CA PRO D 105 -18.84 4.22 7.43
C PRO D 105 -17.94 3.00 7.51
N TYR D 106 -17.31 2.65 6.40
CA TYR D 106 -16.39 1.53 6.37
C TYR D 106 -15.07 1.81 7.10
N TRP D 107 -14.75 3.07 7.34
CA TRP D 107 -13.51 3.41 8.02
C TRP D 107 -13.72 3.44 9.54
N LYS D 108 -14.91 3.07 10.02
CA LYS D 108 -15.27 3.32 11.41
C LYS D 108 -14.33 2.75 12.42
N ASP D 109 -13.63 1.66 12.11
CA ASP D 109 -12.61 1.08 13.03
C ASP D 109 -11.14 1.47 12.74
N MET D 110 -10.91 2.10 11.61
CA MET D 110 -9.60 2.62 11.26
C MET D 110 -9.23 3.87 12.11
N VAL D 111 -10.24 4.56 12.63
CA VAL D 111 -10.07 5.91 13.21
C VAL D 111 -10.32 5.78 14.68
N LEU D 112 -9.65 6.63 15.48
CA LEU D 112 -9.68 6.45 16.94
C LEU D 112 -11.00 6.89 17.54
N GLY D 113 -11.55 6.06 18.41
CA GLY D 113 -12.74 6.38 19.21
C GLY D 113 -14.06 6.73 18.51
N PHE D 114 -14.36 6.11 17.37
CA PHE D 114 -15.60 6.38 16.64
C PHE D 114 -16.87 6.12 17.45
N ARG D 115 -17.84 7.03 17.37
CA ARG D 115 -19.15 6.82 18.00
C ARG D 115 -20.24 7.71 17.43
N LYS D 116 -21.47 7.41 17.82
CA LYS D 116 -22.66 8.24 17.54
C LYS D 116 -22.66 9.42 18.49
N LEU D 117 -23.26 10.53 18.06
CA LEU D 117 -23.41 11.73 18.88
C LEU D 117 -24.64 11.64 19.80
N THR D 118 -24.44 11.99 21.05
CA THR D 118 -25.48 11.94 22.04
C THR D 118 -26.46 13.10 21.79
N PRO D 119 -27.69 13.07 22.36
CA PRO D 119 -28.65 14.18 22.15
C PRO D 119 -28.25 15.57 22.66
N ARG D 120 -27.43 15.64 23.72
CA ARG D 120 -26.94 16.92 24.28
C ARG D 120 -25.98 17.60 23.28
N GLU D 121 -25.12 16.81 22.63
CA GLU D 121 -24.21 17.30 21.58
C GLU D 121 -24.94 17.85 20.37
N LEU D 122 -25.98 17.16 19.93
CA LEU D 122 -26.74 17.58 18.78
C LEU D 122 -27.40 18.96 18.95
N ASP D 123 -27.40 19.48 20.19
CA ASP D 123 -27.95 20.80 20.50
C ASP D 123 -26.93 21.93 20.42
N MET D 124 -25.65 21.61 20.27
CA MET D 124 -24.69 22.56 19.71
C MET D 124 -24.98 22.83 18.21
N PHE D 125 -25.67 21.91 17.51
CA PHE D 125 -25.76 21.93 16.04
C PHE D 125 -27.22 21.86 15.50
N PRO D 126 -28.02 22.92 15.75
CA PRO D 126 -29.51 22.91 15.64
C PRO D 126 -30.12 22.54 14.29
N ASP D 127 -29.40 22.82 13.20
CA ASP D 127 -29.87 22.46 11.86
C ASP D 127 -29.72 20.95 11.55
N TYR D 128 -29.40 20.10 12.53
CA TYR D 128 -28.87 18.76 12.27
C TYR D 128 -29.43 17.76 13.28
N ARG D 129 -29.72 16.53 12.80
CA ARG D 129 -30.42 15.50 13.59
C ARG D 129 -29.57 14.29 13.98
N TYR D 130 -28.47 14.00 13.27
CA TYR D 130 -27.70 12.78 13.53
C TYR D 130 -26.26 12.95 13.07
N GLY D 131 -25.33 12.29 13.75
CA GLY D 131 -23.94 12.23 13.29
C GLY D 131 -22.95 11.47 14.17
N TRP D 132 -21.67 11.77 13.96
CA TRP D 132 -20.55 11.03 14.52
C TRP D 132 -19.38 11.87 15.09
N PHE D 133 -18.91 11.53 16.29
CA PHE D 133 -17.58 11.93 16.79
C PHE D 133 -16.54 10.87 16.49
N ASN D 134 -15.36 11.28 16.01
CA ASN D 134 -14.14 10.40 15.96
C ASN D 134 -12.88 11.21 16.11
N THR D 135 -11.75 10.55 16.33
CA THR D 135 -10.43 11.20 16.33
C THR D 135 -9.72 10.79 15.07
N SER D 136 -8.88 11.66 14.53
CA SER D 136 -8.17 11.37 13.30
C SER D 136 -6.90 12.19 13.19
N LEU D 137 -6.45 12.52 11.99
CA LEU D 137 -5.17 13.17 11.84
C LEU D 137 -5.21 14.31 10.87
N ILE D 138 -4.62 15.43 11.24
CA ILE D 138 -4.24 16.44 10.27
C ILE D 138 -2.87 16.08 9.68
N LEU D 139 -2.81 16.03 8.36
CA LEU D 139 -1.59 15.99 7.59
C LEU D 139 -1.60 17.26 6.76
N GLU D 140 -0.93 18.31 7.25
CA GLU D 140 -0.81 19.59 6.54
C GLU D 140 0.11 19.51 5.31
N GLY D 141 -0.47 19.50 4.12
CA GLY D 141 0.28 19.22 2.90
C GLY D 141 1.44 20.16 2.57
N ARG D 142 1.22 21.44 2.88
CA ARG D 142 2.27 22.47 2.84
C ARG D 142 3.49 21.99 3.64
N LYS D 143 3.27 21.50 4.87
CA LYS D 143 4.37 21.06 5.75
C LYS D 143 4.95 19.68 5.35
N TYR D 144 4.03 18.79 4.94
CA TYR D 144 4.40 17.45 4.57
C TYR D 144 5.26 17.52 3.35
N LEU D 145 4.87 18.32 2.35
CA LEU D 145 5.69 18.49 1.15
C LEU D 145 7.12 19.01 1.38
N GLN D 146 7.30 19.82 2.44
CA GLN D 146 8.64 20.21 2.89
C GLN D 146 9.33 18.98 3.41
N TRP D 147 8.72 18.32 4.39
CA TRP D 147 9.36 17.13 4.99
C TRP D 147 9.79 16.16 3.90
N LEU D 148 8.91 15.88 2.96
CA LEU D 148 9.22 14.99 1.85
C LEU D 148 10.28 15.57 0.92
N THR D 149 10.17 16.83 0.50
CA THR D 149 11.25 17.41 -0.33
C THR D 149 12.64 17.35 0.37
N GLU D 150 12.64 17.44 1.70
CA GLU D 150 13.86 17.50 2.51
C GLU D 150 14.47 16.12 2.77
N ARG D 151 13.63 15.13 3.16
CA ARG D 151 14.03 13.70 3.23
C ARG D 151 14.55 13.19 1.88
N LEU D 152 13.85 13.52 0.82
CA LEU D 152 14.27 13.16 -0.51
C LEU D 152 15.61 13.79 -0.89
N THR D 153 15.80 15.07 -0.57
CA THR D 153 17.04 15.78 -0.96
C THR D 153 18.31 15.10 -0.39
N GLU D 154 18.23 14.70 0.89
CA GLU D 154 19.32 14.05 1.63
C GLU D 154 19.66 12.64 1.16
N ARG D 155 18.83 12.03 0.32
CA ARG D 155 19.16 10.76 -0.34
C ARG D 155 19.55 11.01 -1.81
N GLY D 156 19.77 12.27 -2.20
CA GLY D 156 20.34 12.62 -3.49
C GLY D 156 19.39 12.67 -4.68
N VAL D 157 18.10 12.80 -4.42
CA VAL D 157 17.13 12.97 -5.50
C VAL D 157 17.24 14.42 -5.98
N LYS D 158 17.47 14.60 -7.29
CA LYS D 158 17.53 15.93 -7.91
C LYS D 158 16.13 16.37 -8.36
N PHE D 159 15.71 17.57 -7.96
CA PHE D 159 14.46 18.18 -8.46
C PHE D 159 14.73 19.21 -9.59
N PHE D 160 13.84 19.24 -10.58
CA PHE D 160 13.93 20.20 -11.64
C PHE D 160 12.58 20.87 -11.97
N LEU D 161 12.66 22.05 -12.57
CA LEU D 161 11.48 22.80 -13.00
C LEU D 161 11.38 22.66 -14.51
N ARG D 162 10.64 21.69 -14.99
CA ARG D 162 10.32 21.62 -16.43
C ARG D 162 8.84 21.33 -16.53
N LYS D 163 8.25 21.71 -17.64
CA LYS D 163 6.89 21.32 -17.93
C LYS D 163 7.04 20.24 -18.97
N VAL D 164 6.61 19.04 -18.65
CA VAL D 164 6.76 17.91 -19.56
C VAL D 164 5.65 17.99 -20.61
N GLU D 165 6.04 18.13 -21.88
CA GLU D 165 5.08 18.33 -22.96
C GLU D 165 4.49 17.03 -23.52
N SER D 166 5.15 15.90 -23.27
CA SER D 166 4.70 14.56 -23.69
C SER D 166 5.56 13.45 -23.05
N PHE D 167 5.01 12.24 -22.85
CA PHE D 167 5.83 11.10 -22.38
C PHE D 167 7.03 10.85 -23.28
N GLU D 168 6.87 11.06 -24.60
CA GLU D 168 7.97 10.85 -25.56
C GLU D 168 9.26 11.67 -25.32
N GLU D 169 9.16 13.00 -25.20
CA GLU D 169 10.38 13.83 -24.99
C GLU D 169 11.00 13.64 -23.58
N VAL D 170 10.39 12.78 -22.75
CA VAL D 170 11.05 12.26 -21.55
C VAL D 170 11.79 10.94 -21.87
N ALA D 171 11.16 10.07 -22.67
CA ALA D 171 11.77 8.79 -23.08
C ALA D 171 12.98 9.00 -23.95
N ARG D 172 12.81 9.84 -24.98
CA ARG D 172 13.93 10.21 -25.87
C ARG D 172 15.07 10.94 -25.12
N GLY D 173 14.71 11.67 -24.08
CA GLY D 173 15.69 12.34 -23.23
C GLY D 173 16.47 11.42 -22.32
N GLY D 174 16.11 10.13 -22.23
CA GLY D 174 16.89 9.11 -21.46
C GLY D 174 16.23 8.40 -20.26
N ALA D 175 14.99 8.76 -19.94
CA ALA D 175 14.27 8.08 -18.87
C ALA D 175 13.90 6.64 -19.29
N ASP D 176 14.28 5.67 -18.46
CA ASP D 176 13.94 4.26 -18.71
C ASP D 176 12.50 3.99 -18.26
N VAL D 177 12.18 4.42 -17.02
CA VAL D 177 10.84 4.33 -16.40
C VAL D 177 10.26 5.73 -16.04
N ILE D 178 8.98 5.93 -16.31
CA ILE D 178 8.28 7.19 -16.00
C ILE D 178 7.17 6.93 -14.99
N ILE D 179 7.28 7.59 -13.82
CA ILE D 179 6.21 7.62 -12.82
C ILE D 179 5.39 8.92 -13.00
N ASN D 180 4.11 8.73 -13.28
CA ASN D 180 3.16 9.78 -13.69
C ASN D 180 2.21 10.12 -12.51
N CYS D 181 2.55 11.21 -11.78
CA CYS D 181 1.75 11.74 -10.68
C CYS D 181 1.48 13.20 -10.99
N THR D 182 0.72 13.38 -12.06
CA THR D 182 0.32 14.69 -12.54
C THR D 182 -1.08 15.11 -12.05
N GLY D 183 -1.68 14.36 -11.11
CA GLY D 183 -2.98 14.73 -10.59
C GLY D 183 -3.98 15.03 -11.70
N VAL D 184 -4.67 16.17 -11.62
CA VAL D 184 -5.81 16.44 -12.50
C VAL D 184 -5.41 16.79 -13.93
N TRP D 185 -4.20 17.27 -14.10
CA TRP D 185 -3.69 17.60 -15.43
C TRP D 185 -3.08 16.40 -16.18
N ALA D 186 -3.44 15.16 -15.78
CA ALA D 186 -2.87 13.93 -16.38
C ALA D 186 -3.36 13.71 -17.80
N GLY D 187 -4.59 14.16 -18.07
CA GLY D 187 -5.19 14.09 -19.38
C GLY D 187 -4.44 14.79 -20.50
N VAL D 188 -3.52 15.70 -20.16
CA VAL D 188 -2.72 16.42 -21.15
C VAL D 188 -1.75 15.42 -21.78
N LEU D 189 -1.06 14.66 -20.95
CA LEU D 189 -0.08 13.66 -21.42
C LEU D 189 -0.72 12.41 -22.06
N GLN D 190 -2.00 12.16 -21.76
CA GLN D 190 -2.73 11.08 -22.39
C GLN D 190 -4.21 11.28 -22.12
N PRO D 191 -5.02 11.49 -23.16
CA PRO D 191 -6.45 11.70 -22.87
C PRO D 191 -7.13 10.54 -22.10
N ASP D 192 -7.71 10.87 -20.93
CA ASP D 192 -8.51 9.94 -20.10
C ASP D 192 -9.82 10.66 -19.80
N PRO D 193 -10.91 10.28 -20.49
CA PRO D 193 -12.18 10.99 -20.23
C PRO D 193 -12.81 10.81 -18.80
N LEU D 194 -12.37 9.81 -18.02
CA LEU D 194 -12.88 9.61 -16.66
C LEU D 194 -12.32 10.62 -15.62
N LEU D 195 -11.15 11.19 -15.90
CA LEU D 195 -10.60 12.21 -15.04
C LEU D 195 -11.34 13.50 -15.28
N GLN D 196 -11.88 14.08 -14.21
CA GLN D 196 -12.48 15.41 -14.26
C GLN D 196 -12.11 16.23 -13.01
N PRO D 197 -12.11 17.57 -13.11
CA PRO D 197 -11.69 18.40 -12.00
C PRO D 197 -12.80 18.55 -11.00
N GLY D 198 -12.46 18.50 -9.71
CA GLY D 198 -13.33 18.84 -8.60
C GLY D 198 -12.81 20.12 -8.06
N ARG D 199 -13.51 21.22 -8.34
CA ARG D 199 -13.05 22.56 -7.95
C ARG D 199 -13.38 22.80 -6.51
N GLY D 200 -12.46 23.42 -5.79
CA GLY D 200 -12.68 23.64 -4.39
C GLY D 200 -12.11 24.96 -4.00
N GLN D 201 -12.97 25.94 -3.86
CA GLN D 201 -12.58 27.16 -3.17
C GLN D 201 -12.56 26.95 -1.64
N ILE D 202 -11.56 27.57 -1.02
CA ILE D 202 -11.43 27.62 0.44
C ILE D 202 -10.96 28.99 0.96
N ILE D 203 -11.41 29.29 2.17
CA ILE D 203 -10.97 30.42 2.97
C ILE D 203 -10.19 29.88 4.13
N LYS D 204 -8.93 30.29 4.25
CA LYS D 204 -8.16 30.12 5.47
C LYS D 204 -8.35 31.35 6.37
N VAL D 205 -8.54 31.12 7.67
CA VAL D 205 -8.77 32.18 8.64
C VAL D 205 -7.90 31.96 9.85
N ASP D 206 -7.86 32.96 10.75
CA ASP D 206 -7.21 32.82 12.05
C ASP D 206 -8.28 32.72 13.17
N ALA D 207 -8.51 31.50 13.65
CA ALA D 207 -9.43 31.20 14.76
C ALA D 207 -8.82 30.12 15.63
N PRO D 208 -7.77 30.45 16.40
CA PRO D 208 -7.08 29.44 17.15
C PRO D 208 -7.85 28.82 18.30
N TRP D 209 -8.99 29.40 18.67
CA TRP D 209 -9.87 28.82 19.70
C TRP D 209 -10.72 27.65 19.19
N LEU D 210 -10.68 27.36 17.89
CA LEU D 210 -11.41 26.24 17.34
C LEU D 210 -10.44 25.11 17.28
N LYS D 211 -10.82 24.05 17.97
CA LYS D 211 -9.98 22.90 18.22
C LYS D 211 -10.46 21.64 17.50
N ASN D 212 -11.76 21.54 17.22
CA ASN D 212 -12.34 20.37 16.57
C ASN D 212 -12.68 20.68 15.12
N PHE D 213 -12.69 19.64 14.29
CA PHE D 213 -13.18 19.74 12.92
C PHE D 213 -14.67 19.49 12.89
N ILE D 214 -15.34 20.16 11.95
CA ILE D 214 -16.77 19.94 11.73
C ILE D 214 -17.03 19.72 10.27
N ILE D 215 -17.42 18.51 9.90
CA ILE D 215 -17.82 18.22 8.55
C ILE D 215 -19.31 17.93 8.46
N THR D 216 -19.97 18.56 7.51
CA THR D 216 -21.37 18.33 7.31
C THR D 216 -21.56 17.78 5.94
N HIS D 217 -22.64 17.01 5.82
CA HIS D 217 -22.98 16.21 4.69
C HIS D 217 -24.48 16.46 4.38
N ASP D 218 -24.77 17.05 3.22
CA ASP D 218 -26.15 17.20 2.73
C ASP D 218 -26.33 16.36 1.49
N LEU D 219 -27.23 15.38 1.56
CA LEU D 219 -27.29 14.31 0.58
C LEU D 219 -27.94 14.71 -0.78
N GLU D 220 -28.59 15.89 -0.80
CA GLU D 220 -29.07 16.56 -2.03
C GLU D 220 -28.25 17.80 -2.50
N ARG D 221 -27.00 17.89 -2.05
CA ARG D 221 -26.01 18.83 -2.59
C ARG D 221 -24.84 18.11 -3.33
N GLY D 222 -24.51 16.87 -2.92
CA GLY D 222 -23.22 16.22 -3.28
C GLY D 222 -22.19 16.44 -2.18
N ILE D 223 -21.18 15.54 -2.04
CA ILE D 223 -20.25 15.62 -0.87
C ILE D 223 -19.28 16.81 -0.91
N TYR D 224 -19.14 17.47 0.24
CA TYR D 224 -18.42 18.74 0.44
C TYR D 224 -18.99 19.93 -0.39
N ASN D 225 -20.31 19.91 -0.65
CA ASN D 225 -21.10 21.09 -1.09
C ASN D 225 -22.01 21.60 0.03
N SER D 226 -21.72 21.08 1.23
CA SER D 226 -22.11 21.62 2.50
C SER D 226 -20.85 21.95 3.35
N PRO D 227 -20.98 22.90 4.30
CA PRO D 227 -19.81 23.44 4.94
C PRO D 227 -18.93 22.44 5.73
N TYR D 228 -17.64 22.75 5.75
CA TYR D 228 -16.74 22.16 6.70
C TYR D 228 -15.76 23.14 7.30
N ILE D 229 -15.16 22.73 8.41
CA ILE D 229 -14.21 23.50 9.19
C ILE D 229 -13.11 22.57 9.68
N ALA D 230 -11.87 22.96 9.42
CA ALA D 230 -10.74 22.12 9.61
C ALA D 230 -9.72 22.92 10.33
N PRO D 231 -9.59 22.72 11.63
CA PRO D 231 -8.44 23.32 12.30
C PRO D 231 -7.15 22.62 11.93
N GLY D 232 -6.25 23.35 11.28
CA GLY D 232 -4.91 22.86 10.94
C GLY D 232 -3.89 23.29 11.98
N LEU D 233 -2.63 23.40 11.56
CA LEU D 233 -1.52 23.63 12.52
C LEU D 233 -1.51 25.04 13.14
N GLN D 234 -1.69 26.06 12.32
CA GLN D 234 -1.76 27.44 12.78
C GLN D 234 -3.07 28.08 12.39
N ALA D 235 -3.41 28.04 11.09
CA ALA D 235 -4.74 28.46 10.61
C ALA D 235 -5.84 27.39 10.64
N VAL D 236 -7.08 27.84 10.38
CA VAL D 236 -8.27 26.99 10.24
C VAL D 236 -8.74 27.12 8.81
N THR D 237 -9.14 26.04 8.15
CA THR D 237 -9.65 26.13 6.77
C THR D 237 -11.17 26.10 6.80
N LEU D 238 -11.80 26.96 6.02
CA LEU D 238 -13.22 26.92 5.80
C LEU D 238 -13.46 26.49 4.37
N GLY D 239 -14.41 25.60 4.15
CA GLY D 239 -14.74 25.22 2.79
C GLY D 239 -16.16 24.75 2.66
N GLY D 240 -16.44 24.08 1.56
CA GLY D 240 -17.76 23.51 1.34
C GLY D 240 -18.42 23.83 0.01
N THR D 241 -17.60 24.23 -0.98
CA THR D 241 -17.91 24.01 -2.39
C THR D 241 -17.01 22.85 -2.77
N PHE D 242 -17.57 21.91 -3.55
CA PHE D 242 -16.75 20.95 -4.30
C PHE D 242 -17.44 20.58 -5.62
N GLN D 243 -17.23 21.38 -6.66
CA GLN D 243 -18.04 21.29 -7.90
C GLN D 243 -17.31 20.74 -9.14
N VAL D 244 -17.70 19.52 -9.55
CA VAL D 244 -16.96 18.74 -10.56
C VAL D 244 -17.28 19.20 -11.95
N GLY D 245 -16.25 19.41 -12.75
CA GLY D 245 -16.40 19.86 -14.14
C GLY D 245 -15.89 21.27 -14.37
N ASN D 246 -15.86 22.03 -13.27
CA ASN D 246 -15.49 23.45 -13.28
C ASN D 246 -13.97 23.68 -13.29
N TRP D 247 -13.46 24.12 -14.43
CA TRP D 247 -12.04 24.26 -14.62
C TRP D 247 -11.58 25.67 -14.26
N ASN D 248 -12.46 26.54 -13.78
CA ASN D 248 -12.16 27.97 -13.59
C ASN D 248 -11.26 28.20 -12.34
N GLU D 249 -9.98 28.49 -12.52
CA GLU D 249 -9.05 28.55 -11.35
C GLU D 249 -9.06 29.84 -10.57
N ILE D 250 -10.03 30.68 -10.86
CA ILE D 250 -10.20 31.94 -10.17
C ILE D 250 -11.17 31.86 -8.97
N ASN D 251 -10.76 32.53 -7.89
CA ASN D 251 -11.64 32.72 -6.77
C ASN D 251 -12.81 33.55 -7.18
N ASN D 252 -14.01 33.11 -6.84
CA ASN D 252 -15.22 33.86 -7.14
C ASN D 252 -16.04 34.25 -5.88
N ILE D 253 -16.52 35.50 -5.86
CA ILE D 253 -17.24 36.04 -4.72
C ILE D 253 -18.46 35.22 -4.31
N GLN D 254 -19.10 34.55 -5.26
CA GLN D 254 -20.33 33.78 -4.94
C GLN D 254 -19.98 32.69 -3.92
N ASP D 255 -18.84 32.07 -4.17
CA ASP D 255 -18.34 30.95 -3.40
C ASP D 255 -17.81 31.47 -2.03
N HIS D 256 -17.06 32.58 -2.05
CA HIS D 256 -16.77 33.32 -0.78
C HIS D 256 -17.98 33.54 0.13
N ASN D 257 -19.15 33.85 -0.43
CA ASN D 257 -20.37 34.05 0.36
C ASN D 257 -21.02 32.75 0.81
N THR D 258 -21.04 31.77 -0.06
CA THR D 258 -21.60 30.45 0.32
C THR D 258 -20.84 29.84 1.48
N ILE D 259 -19.52 29.97 1.46
CA ILE D 259 -18.66 29.39 2.46
C ILE D 259 -18.71 30.16 3.76
N TRP D 260 -18.49 31.47 3.64
CA TRP D 260 -18.45 32.34 4.83
C TRP D 260 -19.76 32.32 5.59
N GLU D 261 -20.88 32.37 4.89
CA GLU D 261 -22.17 32.31 5.56
C GLU D 261 -22.44 30.90 6.05
N GLY D 262 -22.13 29.92 5.22
CA GLY D 262 -22.32 28.52 5.58
C GLY D 262 -21.72 28.14 6.92
N CYS D 263 -20.45 28.54 7.13
CA CYS D 263 -19.67 28.22 8.36
C CYS D 263 -19.93 29.15 9.59
N CYS D 264 -20.25 30.42 9.39
CA CYS D 264 -20.75 31.22 10.50
C CYS D 264 -22.00 30.58 11.10
N ARG D 265 -22.82 29.92 10.28
CA ARG D 265 -24.04 29.29 10.79
C ARG D 265 -23.66 28.16 11.74
N LEU D 266 -22.74 27.29 11.32
CA LEU D 266 -22.21 26.21 12.17
C LEU D 266 -21.49 26.68 13.42
N GLU D 267 -20.62 27.69 13.23
CA GLU D 267 -19.66 28.16 14.23
C GLU D 267 -19.65 29.69 14.25
N PRO D 268 -20.62 30.30 14.94
CA PRO D 268 -20.80 31.75 14.88
C PRO D 268 -19.72 32.63 15.52
N THR D 269 -18.85 32.05 16.35
CA THR D 269 -17.72 32.80 16.89
C THR D 269 -16.78 33.20 15.79
N LEU D 270 -16.95 32.61 14.60
CA LEU D 270 -16.16 32.95 13.42
C LEU D 270 -16.23 34.44 13.00
N LYS D 271 -17.28 35.13 13.43
CA LYS D 271 -17.43 36.57 13.21
C LYS D 271 -16.15 37.36 13.49
N ASP D 272 -15.41 37.04 14.54
CA ASP D 272 -14.15 37.75 14.87
C ASP D 272 -12.87 37.07 14.32
N ALA D 273 -13.00 36.35 13.21
CA ALA D 273 -11.87 35.63 12.65
C ALA D 273 -11.31 36.36 11.44
N LYS D 274 -10.02 36.65 11.51
CA LYS D 274 -9.31 37.46 10.52
C LYS D 274 -9.01 36.57 9.27
N ILE D 275 -9.45 36.97 8.06
CA ILE D 275 -9.18 36.17 6.83
C ILE D 275 -7.73 36.25 6.36
N VAL D 276 -7.04 35.12 6.39
CA VAL D 276 -5.66 35.00 5.98
C VAL D 276 -5.50 34.91 4.48
N GLY D 277 -6.40 34.21 3.81
CA GLY D 277 -6.25 33.97 2.39
C GLY D 277 -7.40 33.21 1.77
N GLU D 278 -7.55 33.35 0.45
CA GLU D 278 -8.55 32.60 -0.29
C GLU D 278 -7.85 31.93 -1.45
N TYR D 279 -8.20 30.67 -1.67
CA TYR D 279 -7.49 29.85 -2.67
C TYR D 279 -8.44 28.88 -3.36
N THR D 280 -8.13 28.55 -4.61
CA THR D 280 -8.87 27.55 -5.38
C THR D 280 -7.95 26.34 -5.75
N GLY D 281 -8.51 25.13 -5.70
CA GLY D 281 -7.78 23.92 -6.07
C GLY D 281 -8.64 22.92 -6.84
N PHE D 282 -7.96 22.05 -7.58
CA PHE D 282 -8.62 21.07 -8.39
C PHE D 282 -8.32 19.65 -7.94
N GLY D 283 -9.29 19.04 -7.29
CA GLY D 283 -9.21 17.64 -6.92
C GLY D 283 -9.31 16.75 -8.14
N PRO D 284 -8.31 15.87 -8.38
CA PRO D 284 -8.40 15.02 -9.56
C PRO D 284 -9.42 13.91 -9.36
N VAL D 285 -10.66 14.16 -9.79
CA VAL D 285 -11.77 13.21 -9.61
C VAL D 285 -11.80 12.15 -10.69
N ARG D 286 -11.91 10.91 -10.24
CA ARG D 286 -12.06 9.74 -11.10
C ARG D 286 -12.97 8.78 -10.34
N PRO D 287 -13.73 7.91 -11.03
CA PRO D 287 -14.58 6.97 -10.26
C PRO D 287 -13.76 5.91 -9.53
N GLN D 288 -12.53 5.67 -9.98
CA GLN D 288 -11.51 5.00 -9.17
C GLN D 288 -10.13 5.45 -9.62
N VAL D 289 -9.16 5.31 -8.72
CA VAL D 289 -7.78 5.82 -8.91
C VAL D 289 -7.08 5.04 -10.02
N ARG D 290 -6.28 5.71 -10.84
CA ARG D 290 -5.53 5.01 -11.89
C ARG D 290 -4.08 4.80 -11.47
N LEU D 291 -3.78 3.56 -11.08
CA LEU D 291 -2.44 3.15 -10.66
C LEU D 291 -2.18 1.79 -11.27
N GLU D 292 -1.55 1.78 -12.44
CA GLU D 292 -1.39 0.57 -13.23
C GLU D 292 -0.17 0.76 -14.10
N ARG D 293 0.22 -0.31 -14.80
CA ARG D 293 1.39 -0.25 -15.66
C ARG D 293 1.01 -0.06 -17.14
N GLU D 294 1.91 0.57 -17.90
CA GLU D 294 1.70 0.71 -19.34
C GLU D 294 3.01 0.89 -20.11
N GLN D 295 3.22 0.01 -21.10
CA GLN D 295 4.42 0.06 -21.95
C GLN D 295 4.17 1.02 -23.08
N LEU D 296 5.24 1.64 -23.59
CA LEU D 296 5.17 2.55 -24.74
C LEU D 296 6.49 2.49 -25.57
N ARG D 297 6.35 2.34 -26.89
CA ARG D 297 7.47 2.37 -27.86
C ARG D 297 7.52 3.73 -28.56
N PHE D 298 8.72 4.26 -28.75
CA PHE D 298 8.97 5.41 -29.64
C PHE D 298 10.16 5.04 -30.52
N GLY D 299 9.99 3.95 -31.27
CA GLY D 299 11.05 3.30 -32.05
C GLY D 299 11.31 1.88 -31.57
N SER D 300 12.59 1.53 -31.43
CA SER D 300 13.03 0.15 -31.11
C SER D 300 12.95 -0.28 -29.63
N SER D 301 12.86 0.69 -28.70
CA SER D 301 12.92 0.43 -27.25
C SER D 301 11.60 0.67 -26.49
N ASN D 302 11.29 -0.26 -25.59
CA ASN D 302 10.12 -0.14 -24.72
C ASN D 302 10.47 0.77 -23.56
N THR D 303 9.78 1.91 -23.44
CA THR D 303 9.84 2.73 -22.21
C THR D 303 8.64 2.38 -21.34
N GLU D 304 8.88 2.22 -20.04
CA GLU D 304 7.85 1.80 -19.11
C GLU D 304 7.26 2.98 -18.37
N VAL D 305 5.94 3.04 -18.24
CA VAL D 305 5.25 4.10 -17.50
C VAL D 305 4.37 3.46 -16.44
N ILE D 306 4.27 4.11 -15.29
CA ILE D 306 3.38 3.65 -14.22
C ILE D 306 2.61 4.85 -13.70
N HIS D 307 1.30 4.72 -13.69
CA HIS D 307 0.38 5.83 -13.44
C HIS D 307 0.03 5.93 -11.96
N ASN D 308 -0.13 7.14 -11.45
CA ASN D 308 -0.63 7.34 -10.09
C ASN D 308 -1.40 8.67 -10.04
N TYR D 309 -2.68 8.60 -10.43
CA TYR D 309 -3.54 9.76 -10.37
C TYR D 309 -4.97 9.38 -10.17
N GLY D 310 -5.78 10.37 -9.83
CA GLY D 310 -7.22 10.21 -9.73
C GLY D 310 -7.70 10.06 -8.31
N HIS D 311 -6.95 10.64 -7.36
CA HIS D 311 -7.30 10.45 -5.95
C HIS D 311 -8.33 11.45 -5.41
N GLY D 312 -8.91 12.30 -6.27
CA GLY D 312 -10.09 13.09 -5.87
C GLY D 312 -9.84 13.93 -4.65
N GLY D 313 -10.74 13.84 -3.69
CA GLY D 313 -10.62 14.58 -2.42
C GLY D 313 -10.13 13.79 -1.22
N TYR D 314 -9.59 12.59 -1.47
CA TYR D 314 -9.04 11.75 -0.42
C TYR D 314 -7.52 11.50 -0.66
N GLY D 315 -6.89 12.30 -1.53
CA GLY D 315 -5.44 12.10 -1.87
C GLY D 315 -4.41 11.96 -0.73
N LEU D 316 -4.54 12.76 0.33
CA LEU D 316 -3.70 12.68 1.52
C LEU D 316 -4.09 11.51 2.35
N THR D 317 -5.39 11.25 2.41
CA THR D 317 -5.94 10.12 3.13
C THR D 317 -5.37 8.79 2.62
N ILE D 318 -4.99 8.71 1.35
CA ILE D 318 -4.56 7.43 0.73
C ILE D 318 -3.09 7.36 0.21
N HIS D 319 -2.37 8.46 0.24
CA HIS D 319 -1.19 8.58 -0.60
C HIS D 319 -0.17 7.46 -0.44
N TRP D 320 -0.10 6.90 0.78
CA TRP D 320 1.00 6.00 1.16
C TRP D 320 0.78 4.58 0.64
N GLY D 321 -0.43 4.07 0.89
CA GLY D 321 -0.90 2.83 0.27
C GLY D 321 -0.60 2.77 -1.21
N CYS D 322 -0.92 3.86 -1.91
CA CYS D 322 -0.66 4.02 -3.34
C CYS D 322 0.81 4.05 -3.59
N ALA D 323 1.51 5.06 -3.05
CA ALA D 323 2.94 5.12 -3.16
C ALA D 323 3.60 3.72 -2.97
N LEU D 324 3.20 2.98 -1.92
CA LEU D 324 3.68 1.58 -1.71
C LEU D 324 3.44 0.68 -2.94
N GLU D 325 2.17 0.54 -3.31
CA GLU D 325 1.75 -0.26 -4.45
C GLU D 325 2.51 0.13 -5.74
N VAL D 326 2.99 1.36 -5.89
CA VAL D 326 3.83 1.69 -7.07
C VAL D 326 5.27 1.12 -6.92
N ALA D 327 5.79 1.08 -5.70
CA ALA D 327 7.07 0.42 -5.43
C ALA D 327 7.00 -1.08 -5.80
N LYS D 328 5.88 -1.74 -5.49
CA LYS D 328 5.65 -3.16 -5.93
C LYS D 328 5.65 -3.29 -7.43
N LEU D 329 4.93 -2.38 -8.12
CA LEU D 329 4.97 -2.37 -9.58
C LEU D 329 6.37 -2.13 -10.08
N PHE D 330 7.08 -1.22 -9.44
CA PHE D 330 8.42 -0.83 -9.89
C PHE D 330 9.38 -2.01 -9.81
N GLY D 331 9.20 -2.87 -8.80
CA GLY D 331 9.94 -4.11 -8.68
C GLY D 331 9.72 -4.97 -9.90
N LYS D 332 8.45 -5.29 -10.16
CA LYS D 332 8.06 -6.11 -11.30
C LYS D 332 8.67 -5.63 -12.65
N VAL D 333 8.97 -4.35 -12.80
CA VAL D 333 9.78 -3.87 -13.94
C VAL D 333 11.23 -4.26 -13.76
N LEU D 334 11.77 -3.98 -12.58
CA LEU D 334 13.14 -4.38 -12.20
C LEU D 334 13.40 -5.87 -12.49
N GLU D 335 12.59 -6.71 -11.85
CA GLU D 335 12.63 -8.19 -11.96
C GLU D 335 12.58 -8.67 -13.42
N GLU D 336 11.66 -8.09 -14.18
CA GLU D 336 11.50 -8.45 -15.58
C GLU D 336 12.75 -8.26 -16.41
N ARG D 337 13.63 -7.30 -16.06
CA ARG D 337 14.92 -7.09 -16.77
C ARG D 337 16.15 -7.57 -15.99
N ASN D 338 16.01 -8.70 -15.30
CA ASN D 338 17.11 -9.31 -14.55
C ASN D 338 17.89 -8.28 -13.74
N LEU D 339 17.44 -8.04 -12.50
CA LEU D 339 18.10 -7.12 -11.57
C LEU D 339 18.03 -7.54 -10.08
N MET E 1 -57.41 45.52 -8.95
CA MET E 1 -56.51 44.34 -8.81
C MET E 1 -55.45 44.34 -9.93
N ARG E 2 -54.31 44.96 -9.64
CA ARG E 2 -53.16 44.98 -10.54
C ARG E 2 -52.20 43.85 -10.11
N VAL E 3 -52.08 42.80 -10.94
CA VAL E 3 -51.21 41.64 -10.69
C VAL E 3 -49.99 41.67 -11.60
N VAL E 4 -48.83 41.41 -11.03
CA VAL E 4 -47.54 41.70 -11.65
C VAL E 4 -46.68 40.44 -11.69
N VAL E 5 -46.62 39.75 -12.82
CA VAL E 5 -45.79 38.56 -12.94
C VAL E 5 -44.34 38.91 -13.31
N ILE E 6 -43.38 38.28 -12.62
CA ILE E 6 -41.94 38.49 -12.82
C ILE E 6 -41.25 37.22 -13.38
N GLY E 7 -40.89 37.28 -14.66
CA GLY E 7 -40.28 36.15 -15.37
C GLY E 7 -41.08 35.89 -16.61
N ALA E 8 -40.40 35.75 -17.73
CA ALA E 8 -41.04 35.36 -18.98
C ALA E 8 -40.52 34.00 -19.47
N GLY E 9 -40.05 33.15 -18.56
CA GLY E 9 -39.75 31.77 -18.91
C GLY E 9 -41.05 30.98 -18.96
N VAL E 10 -40.97 29.65 -18.99
CA VAL E 10 -42.19 28.84 -19.08
C VAL E 10 -43.03 28.98 -17.80
N ILE E 11 -42.34 29.06 -16.67
CA ILE E 11 -43.02 29.20 -15.41
C ILE E 11 -43.70 30.56 -15.30
N GLY E 12 -43.01 31.60 -15.73
CA GLY E 12 -43.55 32.94 -15.67
C GLY E 12 -44.79 33.09 -16.50
N LEU E 13 -44.73 32.64 -17.75
CA LEU E 13 -45.78 32.92 -18.73
C LEU E 13 -46.99 32.02 -18.59
N SER E 14 -46.77 30.77 -18.21
CA SER E 14 -47.86 29.82 -18.09
C SER E 14 -48.63 30.17 -16.80
N THR E 15 -47.88 30.54 -15.76
CA THR E 15 -48.45 31.02 -14.51
C THR E 15 -49.32 32.24 -14.82
N ALA E 16 -48.81 33.23 -15.53
CA ALA E 16 -49.66 34.36 -15.98
C ALA E 16 -50.93 33.94 -16.78
N LEU E 17 -50.79 32.97 -17.67
CA LEU E 17 -51.95 32.46 -18.43
C LEU E 17 -53.02 31.81 -17.55
N CYS E 18 -52.60 31.02 -16.55
CA CYS E 18 -53.58 30.28 -15.73
C CYS E 18 -54.39 31.17 -14.81
N ILE E 19 -53.77 32.20 -14.26
CA ILE E 19 -54.51 33.18 -13.51
C ILE E 19 -55.61 33.77 -14.41
N HIS E 20 -55.20 34.39 -15.51
CA HIS E 20 -56.12 35.05 -16.46
C HIS E 20 -57.26 34.15 -17.04
N GLU E 21 -57.05 32.84 -17.18
CA GLU E 21 -58.07 31.95 -17.76
C GLU E 21 -59.19 31.63 -16.76
N ARG E 22 -58.85 31.48 -15.48
CA ARG E 22 -59.84 31.19 -14.42
C ARG E 22 -60.42 32.46 -13.75
N TYR E 23 -59.88 33.64 -14.03
CA TYR E 23 -60.30 34.86 -13.32
C TYR E 23 -60.58 36.17 -14.14
N HIS E 24 -60.57 36.15 -15.47
CA HIS E 24 -60.83 37.41 -16.22
CA HIS E 24 -60.85 37.35 -16.30
C HIS E 24 -62.26 37.89 -16.05
N SER E 25 -63.22 36.97 -16.04
CA SER E 25 -64.63 37.31 -15.91
C SER E 25 -64.98 37.62 -14.46
N VAL E 26 -64.51 36.78 -13.53
CA VAL E 26 -64.97 36.83 -12.12
C VAL E 26 -64.42 38.00 -11.27
N LEU E 27 -63.57 38.87 -11.84
CA LEU E 27 -63.11 40.10 -11.18
C LEU E 27 -63.04 41.25 -12.16
N GLN E 28 -63.70 42.35 -11.80
CA GLN E 28 -64.06 43.40 -12.77
C GLN E 28 -62.91 44.31 -13.18
N PRO E 29 -61.99 44.62 -12.25
CA PRO E 29 -60.66 45.05 -12.68
C PRO E 29 -59.69 43.85 -12.61
N LEU E 30 -59.02 43.53 -13.72
CA LEU E 30 -57.93 42.53 -13.71
C LEU E 30 -56.79 42.93 -14.65
N ASP E 31 -56.02 43.93 -14.20
CA ASP E 31 -54.81 44.38 -14.88
C ASP E 31 -53.74 43.30 -14.64
N VAL E 32 -53.16 42.74 -15.70
CA VAL E 32 -52.00 41.82 -15.57
C VAL E 32 -50.82 42.27 -16.46
N LYS E 33 -49.67 42.51 -15.85
CA LYS E 33 -48.48 42.88 -16.57
C LYS E 33 -47.41 41.82 -16.33
N VAL E 34 -46.58 41.54 -17.34
CA VAL E 34 -45.35 40.78 -17.12
C VAL E 34 -44.20 41.76 -17.24
N TYR E 35 -43.39 41.82 -16.19
CA TYR E 35 -42.11 42.49 -16.24
C TYR E 35 -41.12 41.35 -16.31
N ALA E 36 -40.07 41.56 -17.10
CA ALA E 36 -38.97 40.61 -17.24
C ALA E 36 -37.85 41.28 -18.02
N ASP E 37 -36.58 40.90 -17.73
CA ASP E 37 -35.36 41.45 -18.42
C ASP E 37 -34.78 40.61 -19.59
N ARG E 38 -35.19 39.34 -19.68
CA ARG E 38 -34.95 38.50 -20.86
C ARG E 38 -36.29 37.81 -21.25
N PHE E 39 -36.66 37.90 -22.52
CA PHE E 39 -37.77 37.15 -23.08
C PHE E 39 -37.24 36.19 -24.13
N THR E 40 -38.07 35.22 -24.51
CA THR E 40 -37.77 34.35 -25.64
C THR E 40 -37.30 35.18 -26.84
N PRO E 41 -36.18 34.83 -27.48
CA PRO E 41 -35.45 33.56 -27.28
C PRO E 41 -34.27 33.55 -26.29
N PHE E 42 -34.25 34.45 -25.31
CA PHE E 42 -33.07 34.59 -24.44
C PHE E 42 -33.20 34.16 -22.98
N THR E 43 -34.03 33.16 -22.70
CA THR E 43 -34.28 32.65 -21.34
C THR E 43 -33.90 31.18 -21.23
N THR E 44 -33.62 30.73 -20.02
CA THR E 44 -33.19 29.36 -19.82
C THR E 44 -34.15 28.36 -20.47
N THR E 45 -35.43 28.65 -20.39
CA THR E 45 -36.46 27.86 -21.08
C THR E 45 -36.17 27.57 -22.56
N ASP E 46 -35.56 28.53 -23.27
CA ASP E 46 -35.30 28.46 -24.72
C ASP E 46 -34.17 27.49 -25.10
N VAL E 47 -33.20 27.38 -24.19
CA VAL E 47 -32.10 26.42 -24.27
C VAL E 47 -32.58 24.98 -24.09
N ALA E 48 -33.46 24.80 -23.10
CA ALA E 48 -34.00 23.50 -22.73
C ALA E 48 -34.44 22.62 -23.89
N ALA E 49 -33.79 21.45 -23.97
CA ALA E 49 -34.04 20.37 -24.95
C ALA E 49 -35.50 20.09 -25.38
N GLY E 50 -36.48 20.27 -24.48
CA GLY E 50 -37.91 20.08 -24.79
C GLY E 50 -38.56 18.82 -24.22
N LEU E 51 -37.77 17.81 -23.89
CA LEU E 51 -38.33 16.50 -23.54
C LEU E 51 -39.14 16.55 -22.24
N TRP E 52 -40.16 15.69 -22.18
CA TRP E 52 -40.93 15.40 -20.97
C TRP E 52 -40.44 14.09 -20.33
N GLN E 53 -39.79 14.25 -19.16
CA GLN E 53 -39.29 13.17 -18.31
C GLN E 53 -38.84 13.81 -16.98
N PRO E 54 -39.42 13.38 -15.85
CA PRO E 54 -38.87 13.75 -14.55
C PRO E 54 -37.66 12.93 -14.15
N TYR E 55 -37.06 13.33 -13.02
CA TYR E 55 -35.88 12.66 -12.51
CA TYR E 55 -35.88 12.68 -12.44
C TYR E 55 -36.23 11.22 -12.12
N THR E 56 -35.32 10.30 -12.45
CA THR E 56 -35.36 8.88 -12.05
C THR E 56 -36.02 8.59 -10.66
N SER E 57 -35.46 9.14 -9.59
CA SER E 57 -35.89 8.83 -8.22
C SER E 57 -37.21 9.49 -7.80
N GLU E 58 -37.75 8.99 -6.70
CA GLU E 58 -38.98 9.50 -6.06
C GLU E 58 -38.70 10.90 -5.45
N PRO E 59 -39.64 11.87 -5.57
CA PRO E 59 -39.33 13.28 -5.17
C PRO E 59 -39.51 13.66 -3.67
N SER E 60 -38.89 14.78 -3.29
CA SER E 60 -39.02 15.34 -1.92
C SER E 60 -40.49 15.55 -1.58
N ASN E 61 -41.12 16.48 -2.28
CA ASN E 61 -42.55 16.72 -2.17
C ASN E 61 -43.25 15.74 -3.11
N PRO E 62 -44.24 14.98 -2.61
CA PRO E 62 -45.06 14.16 -3.53
C PRO E 62 -46.20 14.92 -4.22
N GLN E 63 -46.45 16.18 -3.87
CA GLN E 63 -47.31 17.05 -4.73
C GLN E 63 -46.70 17.18 -6.12
N GLU E 64 -45.38 17.28 -6.18
CA GLU E 64 -44.68 17.45 -7.44
C GLU E 64 -45.10 16.36 -8.43
N ALA E 65 -45.03 15.10 -8.00
CA ALA E 65 -45.49 13.96 -8.83
C ALA E 65 -46.95 14.11 -9.32
N ASN E 66 -47.81 14.77 -8.55
CA ASN E 66 -49.13 15.16 -9.05
C ASN E 66 -49.02 16.22 -10.12
N TRP E 67 -48.23 17.27 -9.88
CA TRP E 67 -48.02 18.37 -10.86
C TRP E 67 -47.36 17.91 -12.18
N ASN E 68 -46.36 17.03 -12.10
CA ASN E 68 -45.83 16.39 -13.30
C ASN E 68 -46.94 15.68 -14.10
N GLN E 69 -47.81 14.89 -13.44
CA GLN E 69 -48.88 14.12 -14.12
C GLN E 69 -49.98 14.97 -14.76
N GLN E 70 -50.37 16.07 -14.13
CA GLN E 70 -51.39 16.94 -14.69
C GLN E 70 -50.87 17.77 -15.88
N THR E 71 -49.56 18.06 -15.90
CA THR E 71 -48.91 18.71 -17.05
C THR E 71 -48.92 17.79 -18.27
N PHE E 72 -48.55 16.53 -18.04
CA PHE E 72 -48.63 15.52 -19.07
C PHE E 72 -50.05 15.38 -19.61
N ASN E 73 -51.02 15.19 -18.74
CA ASN E 73 -52.43 15.09 -19.16
C ASN E 73 -52.98 16.34 -19.85
N TYR E 74 -52.43 17.53 -19.55
CA TYR E 74 -52.75 18.75 -20.31
C TYR E 74 -52.19 18.63 -21.73
N LEU E 75 -50.88 18.42 -21.76
CA LEU E 75 -50.15 18.35 -23.01
C LEU E 75 -50.72 17.26 -23.93
N LEU E 76 -51.01 16.07 -23.40
CA LEU E 76 -51.44 14.93 -24.23
C LEU E 76 -52.78 15.22 -24.89
N SER E 77 -53.66 15.95 -24.21
CA SER E 77 -55.00 16.25 -24.74
C SER E 77 -54.96 17.25 -25.92
N HIS E 78 -53.84 17.94 -26.13
CA HIS E 78 -53.64 18.72 -27.35
C HIS E 78 -53.16 17.91 -28.57
N ILE E 79 -52.46 16.81 -28.34
CA ILE E 79 -52.00 15.96 -29.43
C ILE E 79 -53.22 15.49 -30.19
N GLY E 80 -53.12 15.49 -31.51
CA GLY E 80 -54.27 15.23 -32.34
C GLY E 80 -55.01 16.50 -32.69
N SER E 81 -54.84 17.60 -31.94
CA SER E 81 -55.33 18.91 -32.42
C SER E 81 -54.54 19.35 -33.66
N PRO E 82 -55.14 20.22 -34.49
CA PRO E 82 -54.40 20.83 -35.59
C PRO E 82 -53.20 21.68 -35.20
N ASN E 83 -53.25 22.33 -34.04
CA ASN E 83 -52.21 23.30 -33.67
C ASN E 83 -51.06 22.77 -32.78
N ALA E 84 -51.07 21.48 -32.47
CA ALA E 84 -50.07 20.86 -31.61
C ALA E 84 -48.67 21.32 -31.93
N ALA E 85 -48.29 21.21 -33.20
CA ALA E 85 -46.92 21.50 -33.63
C ALA E 85 -46.59 22.99 -33.53
N ASN E 86 -47.61 23.83 -33.67
CA ASN E 86 -47.45 25.28 -33.50
C ASN E 86 -47.25 25.70 -32.01
N MET E 87 -47.77 24.90 -31.07
CA MET E 87 -47.45 25.06 -29.64
C MET E 87 -46.01 24.70 -29.32
N GLY E 88 -45.39 23.90 -30.17
CA GLY E 88 -44.11 23.28 -29.87
C GLY E 88 -44.26 21.83 -29.44
N LEU E 89 -45.46 21.27 -29.60
CA LEU E 89 -45.76 19.97 -29.03
C LEU E 89 -45.84 18.88 -30.09
N THR E 90 -45.17 17.74 -29.83
CA THR E 90 -45.26 16.55 -30.70
C THR E 90 -44.76 15.26 -29.99
N PRO E 91 -45.36 14.08 -30.30
CA PRO E 91 -44.86 12.82 -29.74
C PRO E 91 -43.51 12.35 -30.27
N VAL E 92 -42.76 11.68 -29.40
CA VAL E 92 -41.48 11.03 -29.75
C VAL E 92 -41.25 9.78 -28.86
N SER E 93 -40.59 8.77 -29.42
CA SER E 93 -40.19 7.55 -28.69
C SER E 93 -38.72 7.61 -28.22
N GLY E 94 -38.34 6.76 -27.27
CA GLY E 94 -36.98 6.75 -26.85
C GLY E 94 -36.48 5.89 -25.70
N TYR E 95 -35.17 5.82 -25.62
CA TYR E 95 -34.46 4.90 -24.78
C TYR E 95 -33.86 5.66 -23.58
N ASN E 96 -34.04 5.16 -22.35
CA ASN E 96 -33.08 5.45 -21.25
C ASN E 96 -32.10 4.26 -21.14
N LEU E 97 -30.92 4.49 -20.62
CA LEU E 97 -29.95 3.42 -20.55
C LEU E 97 -29.10 3.52 -19.30
N PHE E 98 -28.66 2.34 -18.88
CA PHE E 98 -27.90 2.14 -17.67
C PHE E 98 -26.82 1.07 -17.87
N ARG E 99 -25.91 1.00 -16.91
CA ARG E 99 -24.84 -0.01 -16.89
C ARG E 99 -25.16 -1.15 -15.89
N GLU E 100 -26.35 -1.10 -15.29
CA GLU E 100 -26.80 -2.06 -14.26
C GLU E 100 -28.30 -1.92 -14.02
N ALA E 101 -28.94 -2.98 -13.52
CA ALA E 101 -30.40 -2.98 -13.29
C ALA E 101 -30.79 -1.95 -12.25
N VAL E 102 -31.97 -1.37 -12.43
CA VAL E 102 -32.45 -0.27 -11.57
C VAL E 102 -33.97 -0.35 -11.36
N PRO E 103 -34.44 0.22 -10.25
CA PRO E 103 -35.88 0.25 -10.04
C PRO E 103 -36.62 1.13 -11.08
N ASP E 104 -37.86 0.76 -11.36
CA ASP E 104 -38.67 1.44 -12.36
C ASP E 104 -39.21 2.73 -11.81
N PRO E 105 -39.23 3.76 -12.65
CA PRO E 105 -39.49 5.10 -12.19
C PRO E 105 -40.93 5.30 -11.81
N TYR E 106 -41.15 6.14 -10.81
CA TYR E 106 -42.50 6.39 -10.36
C TYR E 106 -43.41 6.79 -11.50
N TRP E 107 -42.92 7.48 -12.51
CA TRP E 107 -43.76 8.02 -13.62
C TRP E 107 -44.16 6.99 -14.71
N LYS E 108 -43.69 5.74 -14.59
CA LYS E 108 -43.82 4.69 -15.64
C LYS E 108 -45.17 4.48 -16.34
N ASP E 109 -46.27 4.81 -15.66
CA ASP E 109 -47.63 4.64 -16.20
C ASP E 109 -48.29 5.99 -16.52
N MET E 110 -47.54 7.08 -16.43
CA MET E 110 -48.00 8.39 -16.93
C MET E 110 -47.70 8.48 -18.43
N VAL E 111 -46.45 8.12 -18.78
CA VAL E 111 -45.98 8.04 -20.18
C VAL E 111 -46.56 6.85 -20.97
N LEU E 112 -46.59 7.00 -22.29
CA LEU E 112 -47.09 5.95 -23.19
C LEU E 112 -46.14 4.77 -23.43
N GLY E 113 -46.58 3.56 -23.10
CA GLY E 113 -45.92 2.35 -23.54
C GLY E 113 -44.58 2.08 -22.91
N PHE E 114 -44.48 2.24 -21.59
CA PHE E 114 -43.28 1.84 -20.84
C PHE E 114 -43.00 0.34 -21.01
N ARG E 115 -41.73 -0.03 -21.08
CA ARG E 115 -41.28 -1.45 -21.09
C ARG E 115 -39.78 -1.55 -20.84
N LYS E 116 -39.27 -2.76 -20.66
CA LYS E 116 -37.84 -2.95 -20.47
C LYS E 116 -37.20 -3.21 -21.80
N LEU E 117 -35.95 -2.81 -21.92
CA LEU E 117 -35.22 -3.07 -23.13
C LEU E 117 -34.88 -4.55 -23.19
N THR E 118 -35.30 -5.17 -24.29
CA THR E 118 -35.00 -6.58 -24.59
C THR E 118 -33.50 -6.71 -24.95
N PRO E 119 -32.97 -7.94 -25.09
CA PRO E 119 -31.53 -8.06 -25.42
C PRO E 119 -31.07 -7.57 -26.82
N ARG E 120 -31.78 -7.89 -27.92
CA ARG E 120 -31.35 -7.43 -29.29
C ARG E 120 -31.14 -5.91 -29.26
N GLU E 121 -32.13 -5.20 -28.69
CA GLU E 121 -32.06 -3.74 -28.47
C GLU E 121 -30.76 -3.25 -27.76
N LEU E 122 -30.18 -4.03 -26.85
CA LEU E 122 -28.96 -3.63 -26.14
C LEU E 122 -27.68 -3.98 -26.88
N ASP E 123 -27.81 -4.61 -28.04
CA ASP E 123 -26.66 -4.80 -28.94
C ASP E 123 -26.55 -3.66 -29.95
N MET E 124 -27.57 -2.80 -30.01
CA MET E 124 -27.48 -1.48 -30.66
C MET E 124 -26.64 -0.52 -29.81
N PHE E 125 -26.68 -0.67 -28.49
CA PHE E 125 -26.01 0.26 -27.59
C PHE E 125 -24.92 -0.42 -26.78
N PRO E 126 -23.93 -1.08 -27.43
CA PRO E 126 -22.91 -1.90 -26.77
C PRO E 126 -22.47 -1.51 -25.36
N ASP E 127 -22.29 -0.22 -25.12
CA ASP E 127 -21.74 0.22 -23.84
C ASP E 127 -22.74 0.18 -22.62
N TYR E 128 -23.96 -0.32 -22.77
CA TYR E 128 -24.98 -0.21 -21.71
C TYR E 128 -25.67 -1.56 -21.52
N ARG E 129 -26.07 -1.85 -20.28
CA ARG E 129 -26.49 -3.20 -19.89
C ARG E 129 -27.99 -3.38 -19.80
N TYR E 130 -28.69 -2.35 -19.31
CA TYR E 130 -30.13 -2.47 -19.06
C TYR E 130 -30.74 -1.11 -19.30
N GLY E 131 -32.00 -1.08 -19.75
CA GLY E 131 -32.68 0.20 -19.96
C GLY E 131 -34.19 0.15 -20.03
N TRP E 132 -34.77 1.29 -20.36
CA TRP E 132 -36.20 1.38 -20.64
C TRP E 132 -36.42 1.93 -22.04
N PHE E 133 -37.64 1.72 -22.51
CA PHE E 133 -38.20 2.37 -23.69
C PHE E 133 -39.56 2.97 -23.33
N ASN E 134 -39.83 4.19 -23.76
CA ASN E 134 -41.18 4.72 -23.67
C ASN E 134 -41.41 5.79 -24.72
N THR E 135 -42.64 6.28 -24.79
CA THR E 135 -43.06 7.31 -25.71
C THR E 135 -43.36 8.49 -24.82
N SER E 136 -43.19 9.72 -25.34
CA SER E 136 -43.44 10.97 -24.56
C SER E 136 -43.44 12.16 -25.49
N LEU E 137 -43.44 13.36 -24.91
CA LEU E 137 -43.61 14.60 -25.66
C LEU E 137 -42.37 15.54 -25.66
N ILE E 138 -42.01 16.03 -26.84
CA ILE E 138 -41.16 17.20 -26.99
C ILE E 138 -42.05 18.41 -26.81
N LEU E 139 -41.73 19.27 -25.85
CA LEU E 139 -42.38 20.55 -25.74
C LEU E 139 -41.31 21.63 -25.86
N GLU E 140 -41.04 22.02 -27.10
CA GLU E 140 -39.97 22.93 -27.45
C GLU E 140 -40.12 24.36 -26.87
N GLY E 141 -39.19 24.76 -26.01
CA GLY E 141 -39.28 26.04 -25.28
C GLY E 141 -39.48 27.29 -26.13
N ARG E 142 -38.53 27.54 -27.02
CA ARG E 142 -38.63 28.56 -28.05
C ARG E 142 -40.02 28.65 -28.65
N LYS E 143 -40.55 27.55 -29.14
CA LYS E 143 -41.87 27.53 -29.76
C LYS E 143 -42.96 27.85 -28.77
N TYR E 144 -42.98 27.14 -27.65
CA TYR E 144 -44.06 27.26 -26.68
C TYR E 144 -44.12 28.65 -26.06
N LEU E 145 -42.98 29.32 -25.92
CA LEU E 145 -42.98 30.70 -25.42
C LEU E 145 -43.56 31.69 -26.44
N GLN E 146 -43.31 31.43 -27.73
CA GLN E 146 -43.97 32.21 -28.80
C GLN E 146 -45.47 32.02 -28.71
N TRP E 147 -45.92 30.80 -28.47
CA TRP E 147 -47.37 30.52 -28.34
C TRP E 147 -48.03 31.05 -27.05
N LEU E 148 -47.35 30.99 -25.91
CA LEU E 148 -47.90 31.56 -24.67
C LEU E 148 -47.99 33.10 -24.68
N THR E 149 -46.97 33.77 -25.22
CA THR E 149 -47.02 35.24 -25.38
C THR E 149 -48.16 35.73 -26.27
N GLU E 150 -48.39 35.04 -27.39
CA GLU E 150 -49.53 35.35 -28.25
C GLU E 150 -50.81 35.28 -27.46
N ARG E 151 -51.19 34.07 -27.00
CA ARG E 151 -52.41 33.86 -26.18
C ARG E 151 -52.61 34.94 -25.13
N LEU E 152 -51.50 35.31 -24.49
CA LEU E 152 -51.49 36.38 -23.48
C LEU E 152 -51.78 37.77 -24.08
N THR E 153 -51.11 38.12 -25.18
CA THR E 153 -51.35 39.41 -25.84
C THR E 153 -52.76 39.51 -26.40
N GLU E 154 -53.22 38.48 -27.11
CA GLU E 154 -54.63 38.34 -27.50
C GLU E 154 -55.55 38.66 -26.34
N ARG E 155 -55.26 38.07 -25.17
CA ARG E 155 -55.99 38.33 -23.92
C ARG E 155 -55.63 39.64 -23.17
N GLY E 156 -55.19 40.68 -23.89
CA GLY E 156 -54.96 42.00 -23.28
C GLY E 156 -53.82 42.17 -22.29
N VAL E 157 -53.04 41.12 -22.06
CA VAL E 157 -51.97 41.13 -21.06
C VAL E 157 -50.77 41.85 -21.65
N LYS E 158 -50.18 42.75 -20.87
CA LYS E 158 -49.19 43.69 -21.39
C LYS E 158 -47.82 43.42 -20.79
N PHE E 159 -46.81 43.48 -21.64
CA PHE E 159 -45.46 43.08 -21.29
C PHE E 159 -44.60 44.31 -21.26
N PHE E 160 -43.60 44.31 -20.38
CA PHE E 160 -42.66 45.43 -20.30
C PHE E 160 -41.24 44.90 -20.12
N LEU E 161 -40.34 45.38 -20.96
CA LEU E 161 -38.93 45.07 -20.83
C LEU E 161 -38.43 45.86 -19.63
N ARG E 162 -38.25 45.20 -18.48
CA ARG E 162 -37.82 45.88 -17.24
C ARG E 162 -37.07 44.96 -16.29
N LYS E 163 -36.04 45.50 -15.65
CA LYS E 163 -35.25 44.76 -14.66
C LYS E 163 -35.65 45.23 -13.29
N VAL E 164 -36.05 44.30 -12.43
CA VAL E 164 -36.68 44.61 -11.13
C VAL E 164 -35.65 44.55 -9.98
N GLU E 165 -35.40 45.69 -9.35
CA GLU E 165 -34.35 45.82 -8.31
C GLU E 165 -34.72 45.22 -6.93
N SER E 166 -36.01 45.22 -6.59
CA SER E 166 -36.50 44.79 -5.27
C SER E 166 -38.02 44.62 -5.30
N PHE E 167 -38.54 43.75 -4.46
CA PHE E 167 -40.00 43.61 -4.33
C PHE E 167 -40.67 44.92 -3.91
N GLU E 168 -39.94 45.74 -3.17
CA GLU E 168 -40.38 47.08 -2.77
C GLU E 168 -40.72 47.97 -3.98
N GLU E 169 -39.83 48.03 -4.95
CA GLU E 169 -39.99 48.90 -6.13
C GLU E 169 -41.26 48.60 -6.94
N VAL E 170 -41.60 47.31 -7.02
CA VAL E 170 -42.86 46.85 -7.62
C VAL E 170 -44.01 47.16 -6.67
N ALA E 171 -43.85 46.82 -5.38
CA ALA E 171 -44.93 46.90 -4.36
C ALA E 171 -45.56 48.27 -4.33
N ARG E 172 -44.71 49.30 -4.25
CA ARG E 172 -45.16 50.67 -4.29
C ARG E 172 -44.90 51.29 -5.67
N GLY E 173 -45.48 50.66 -6.69
CA GLY E 173 -45.80 51.30 -7.95
C GLY E 173 -47.13 50.85 -8.52
N GLY E 174 -47.97 50.19 -7.70
CA GLY E 174 -49.27 49.65 -8.15
C GLY E 174 -49.60 48.23 -7.73
N ALA E 175 -48.60 47.44 -7.35
CA ALA E 175 -48.76 45.98 -7.20
C ALA E 175 -49.49 45.51 -5.92
N ASP E 176 -50.67 44.89 -6.14
CA ASP E 176 -51.45 44.21 -5.09
C ASP E 176 -51.00 42.77 -4.85
N VAL E 177 -50.79 42.03 -5.95
CA VAL E 177 -50.19 40.67 -5.92
C VAL E 177 -48.99 40.59 -6.88
N ILE E 178 -47.93 39.90 -6.43
CA ILE E 178 -46.72 39.67 -7.21
C ILE E 178 -46.52 38.17 -7.38
N ILE E 179 -46.30 37.75 -8.63
CA ILE E 179 -46.00 36.35 -8.92
C ILE E 179 -44.52 36.32 -9.30
N ASN E 180 -43.71 35.70 -8.43
CA ASN E 180 -42.26 35.68 -8.53
C ASN E 180 -41.85 34.42 -9.24
N CYS E 181 -41.66 34.55 -10.56
CA CYS E 181 -41.26 33.44 -11.44
C CYS E 181 -39.82 33.55 -11.97
N THR E 182 -38.99 34.23 -11.18
CA THR E 182 -37.68 34.67 -11.58
C THR E 182 -36.64 33.56 -11.76
N GLY E 183 -37.01 32.30 -11.48
CA GLY E 183 -36.12 31.16 -11.80
C GLY E 183 -34.84 31.19 -10.97
N VAL E 184 -33.73 30.71 -11.55
CA VAL E 184 -32.41 30.66 -10.88
C VAL E 184 -32.03 31.99 -10.26
N TRP E 185 -32.49 33.08 -10.86
CA TRP E 185 -32.12 34.40 -10.39
C TRP E 185 -32.90 34.91 -9.17
N ALA E 186 -33.80 34.09 -8.60
CA ALA E 186 -34.65 34.51 -7.46
C ALA E 186 -33.91 35.01 -6.22
N GLY E 187 -32.76 34.39 -5.92
CA GLY E 187 -31.90 34.78 -4.77
C GLY E 187 -31.54 36.27 -4.67
N VAL E 188 -31.40 36.92 -5.83
CA VAL E 188 -31.05 38.34 -5.91
C VAL E 188 -32.17 39.23 -5.38
N LEU E 189 -33.41 38.73 -5.28
CA LEU E 189 -34.54 39.49 -4.72
C LEU E 189 -34.91 39.14 -3.29
N GLN E 190 -34.76 37.88 -2.92
CA GLN E 190 -34.98 37.47 -1.54
C GLN E 190 -34.10 36.23 -1.30
N PRO E 191 -32.91 36.42 -0.68
CA PRO E 191 -31.87 35.37 -0.61
C PRO E 191 -32.38 33.99 -0.27
N ASP E 192 -31.75 32.98 -0.86
CA ASP E 192 -32.24 31.61 -0.78
C ASP E 192 -31.07 30.69 -0.94
N PRO E 193 -30.37 30.43 0.15
CA PRO E 193 -29.17 29.57 0.05
C PRO E 193 -29.38 28.19 -0.56
N LEU E 194 -30.63 27.68 -0.63
CA LEU E 194 -30.96 26.36 -1.21
C LEU E 194 -31.11 26.29 -2.74
N LEU E 195 -31.18 27.45 -3.40
CA LEU E 195 -31.33 27.55 -4.86
C LEU E 195 -29.95 27.57 -5.49
N GLN E 196 -29.65 26.66 -6.42
CA GLN E 196 -28.31 26.60 -7.04
C GLN E 196 -28.38 26.69 -8.55
N PRO E 197 -27.33 27.25 -9.18
CA PRO E 197 -27.30 27.17 -10.62
C PRO E 197 -27.05 25.74 -11.04
N GLY E 198 -27.90 25.21 -11.92
CA GLY E 198 -27.61 23.95 -12.58
C GLY E 198 -27.08 24.22 -13.98
N ARG E 199 -25.75 24.24 -14.14
CA ARG E 199 -25.14 24.66 -15.41
C ARG E 199 -25.14 23.54 -16.42
N GLY E 200 -25.87 23.75 -17.51
CA GLY E 200 -25.89 22.84 -18.63
C GLY E 200 -25.41 23.51 -19.91
N GLN E 201 -24.56 22.83 -20.64
CA GLN E 201 -24.14 23.26 -21.95
C GLN E 201 -24.61 22.19 -22.89
N ILE E 202 -25.28 22.61 -23.96
CA ILE E 202 -25.73 21.73 -25.06
C ILE E 202 -25.07 22.08 -26.42
N ILE E 203 -25.29 21.23 -27.43
CA ILE E 203 -24.89 21.54 -28.80
C ILE E 203 -26.06 21.20 -29.69
N LYS E 204 -26.64 22.19 -30.35
CA LYS E 204 -27.74 21.88 -31.29
C LYS E 204 -27.07 21.52 -32.57
N VAL E 205 -27.56 20.48 -33.24
CA VAL E 205 -26.98 20.06 -34.53
C VAL E 205 -28.06 19.77 -35.50
N ASP E 206 -27.69 19.68 -36.76
CA ASP E 206 -28.63 19.32 -37.83
C ASP E 206 -28.57 17.83 -38.23
N ALA E 207 -29.49 17.04 -37.69
CA ALA E 207 -29.43 15.59 -37.84
C ALA E 207 -30.83 15.05 -37.97
N PRO E 208 -31.46 15.36 -39.10
CA PRO E 208 -32.85 14.94 -39.30
C PRO E 208 -33.14 13.41 -39.26
N TRP E 209 -32.13 12.61 -39.63
CA TRP E 209 -32.24 11.15 -39.61
C TRP E 209 -32.44 10.48 -38.23
N LEU E 210 -32.08 11.16 -37.14
CA LEU E 210 -32.36 10.67 -35.78
C LEU E 210 -33.75 11.04 -35.39
N LYS E 211 -34.59 10.02 -35.17
CA LYS E 211 -36.01 10.17 -34.80
C LYS E 211 -36.38 9.86 -33.35
N ASN E 212 -35.50 9.24 -32.59
CA ASN E 212 -35.78 8.81 -31.20
C ASN E 212 -34.87 9.51 -30.20
N PHE E 213 -35.37 9.69 -28.97
CA PHE E 213 -34.52 10.15 -27.88
C PHE E 213 -33.70 9.02 -27.26
N ILE E 214 -32.46 9.33 -26.92
CA ILE E 214 -31.56 8.42 -26.26
C ILE E 214 -31.04 9.14 -25.04
N ILE E 215 -31.02 8.46 -23.91
CA ILE E 215 -30.60 9.06 -22.65
C ILE E 215 -29.72 8.09 -21.86
N THR E 216 -28.54 8.53 -21.44
CA THR E 216 -27.75 7.71 -20.54
C THR E 216 -27.75 8.34 -19.17
N HIS E 217 -27.64 7.44 -18.20
CA HIS E 217 -27.49 7.74 -16.79
C HIS E 217 -26.25 6.99 -16.29
N ASP E 218 -25.29 7.74 -15.75
CA ASP E 218 -24.30 7.21 -14.82
C ASP E 218 -24.74 7.67 -13.41
N LEU E 219 -24.98 6.72 -12.51
CA LEU E 219 -25.52 6.99 -11.17
C LEU E 219 -24.43 7.46 -10.20
N GLU E 220 -23.20 7.01 -10.43
CA GLU E 220 -22.01 7.45 -9.68
C GLU E 220 -21.47 8.83 -10.08
N ARG E 221 -22.12 9.51 -11.04
CA ARG E 221 -21.63 10.75 -11.65
C ARG E 221 -22.71 11.87 -11.76
N GLY E 222 -23.89 11.65 -11.17
CA GLY E 222 -25.06 12.53 -11.35
C GLY E 222 -25.80 12.17 -12.62
N ILE E 223 -27.13 12.33 -12.63
CA ILE E 223 -27.91 12.19 -13.87
C ILE E 223 -27.75 13.45 -14.74
N TYR E 224 -27.80 13.25 -16.06
CA TYR E 224 -27.54 14.29 -17.07
C TYR E 224 -26.06 14.80 -17.21
N ASN E 225 -25.11 14.12 -16.55
CA ASN E 225 -23.64 14.31 -16.75
C ASN E 225 -23.12 13.09 -17.51
N SER E 226 -23.86 12.78 -18.57
CA SER E 226 -23.78 11.53 -19.27
C SER E 226 -24.55 11.81 -20.59
N PRO E 227 -24.01 11.37 -21.73
CA PRO E 227 -24.62 11.68 -23.00
C PRO E 227 -26.15 11.67 -23.05
N TYR E 228 -26.73 12.63 -23.77
CA TYR E 228 -28.10 12.51 -24.23
C TYR E 228 -28.28 13.09 -25.61
N ILE E 229 -29.29 12.56 -26.29
CA ILE E 229 -29.64 12.93 -27.65
C ILE E 229 -31.15 13.08 -27.67
N ALA E 230 -31.61 14.26 -28.04
CA ALA E 230 -32.97 14.69 -27.82
C ALA E 230 -33.45 15.42 -29.08
N PRO E 231 -33.96 14.69 -30.08
CA PRO E 231 -34.54 15.33 -31.27
C PRO E 231 -35.66 16.28 -30.94
N GLY E 232 -35.83 17.33 -31.72
CA GLY E 232 -36.85 18.36 -31.48
C GLY E 232 -37.58 18.66 -32.77
N LEU E 233 -38.04 19.89 -32.95
CA LEU E 233 -38.91 20.15 -34.09
C LEU E 233 -38.17 20.28 -35.42
N GLN E 234 -37.04 20.96 -35.44
CA GLN E 234 -36.18 20.96 -36.62
C GLN E 234 -34.71 20.80 -36.29
N ALA E 235 -34.35 20.48 -35.05
CA ALA E 235 -32.94 20.18 -34.75
C ALA E 235 -32.79 19.14 -33.62
N VAL E 236 -31.57 18.61 -33.46
CA VAL E 236 -31.26 17.67 -32.39
C VAL E 236 -30.38 18.37 -31.36
N THR E 237 -30.80 18.26 -30.10
CA THR E 237 -30.04 18.73 -28.92
C THR E 237 -29.11 17.64 -28.43
N LEU E 238 -27.85 17.97 -28.18
CA LEU E 238 -26.85 17.03 -27.64
C LEU E 238 -26.34 17.55 -26.28
N GLY E 239 -26.50 16.76 -25.22
CA GLY E 239 -26.09 17.19 -23.88
C GLY E 239 -25.20 16.23 -23.12
N GLY E 240 -25.17 16.45 -21.80
CA GLY E 240 -24.38 15.64 -20.86
C GLY E 240 -23.39 16.36 -19.94
N THR E 241 -23.72 17.59 -19.53
CA THR E 241 -23.06 18.26 -18.38
C THR E 241 -24.16 18.98 -17.59
N PHE E 242 -24.26 18.75 -16.27
CA PHE E 242 -25.21 19.45 -15.39
C PHE E 242 -24.51 19.86 -14.10
N GLN E 243 -23.57 20.78 -14.23
CA GLN E 243 -22.61 21.11 -13.19
C GLN E 243 -23.20 22.09 -12.20
N VAL E 244 -23.60 21.59 -11.03
CA VAL E 244 -24.34 22.40 -10.06
C VAL E 244 -23.34 23.19 -9.27
N GLY E 245 -23.61 24.47 -9.10
CA GLY E 245 -22.68 25.39 -8.42
C GLY E 245 -21.94 26.36 -9.34
N ASN E 246 -21.83 26.01 -10.62
CA ASN E 246 -21.02 26.78 -11.60
C ASN E 246 -21.80 27.92 -12.23
N TRP E 247 -21.49 29.17 -11.87
CA TRP E 247 -22.16 30.39 -12.42
C TRP E 247 -21.48 30.95 -13.69
N ASN E 248 -20.52 30.22 -14.29
CA ASN E 248 -19.93 30.61 -15.59
C ASN E 248 -20.98 30.39 -16.72
N GLU E 249 -21.27 31.46 -17.47
CA GLU E 249 -22.29 31.42 -18.52
C GLU E 249 -21.70 31.40 -19.90
N ILE E 250 -20.37 31.38 -19.99
CA ILE E 250 -19.63 31.16 -21.26
C ILE E 250 -19.63 29.65 -21.67
N ASN E 251 -19.70 29.41 -22.96
CA ASN E 251 -19.44 28.07 -23.45
C ASN E 251 -17.95 27.84 -23.36
N ASN E 252 -17.54 26.59 -23.05
CA ASN E 252 -16.11 26.25 -23.03
C ASN E 252 -15.83 25.01 -23.83
N ILE E 253 -14.59 24.91 -24.31
CA ILE E 253 -14.15 23.81 -25.21
C ILE E 253 -14.00 22.43 -24.54
N GLN E 254 -13.92 22.40 -23.21
CA GLN E 254 -13.81 21.14 -22.48
C GLN E 254 -15.15 20.47 -22.54
N ASP E 255 -16.18 21.21 -22.12
CA ASP E 255 -17.56 20.70 -22.15
C ASP E 255 -18.01 20.43 -23.58
N HIS E 256 -17.68 21.30 -24.51
CA HIS E 256 -17.84 20.98 -25.93
C HIS E 256 -17.43 19.53 -26.19
N ASN E 257 -16.20 19.17 -25.89
CA ASN E 257 -15.65 17.89 -26.33
C ASN E 257 -16.29 16.70 -25.62
N THR E 258 -16.57 16.89 -24.34
CA THR E 258 -17.22 15.87 -23.52
C THR E 258 -18.53 15.48 -24.18
N ILE E 259 -19.35 16.47 -24.49
CA ILE E 259 -20.63 16.25 -25.19
C ILE E 259 -20.46 15.61 -26.58
N TRP E 260 -19.54 16.14 -27.39
CA TRP E 260 -19.35 15.66 -28.74
C TRP E 260 -18.86 14.21 -28.79
N GLU E 261 -17.71 13.92 -28.18
CA GLU E 261 -17.24 12.52 -28.07
C GLU E 261 -18.25 11.61 -27.35
N GLY E 262 -18.95 12.14 -26.39
CA GLY E 262 -19.92 11.37 -25.64
C GLY E 262 -21.05 10.89 -26.51
N CYS E 263 -21.67 11.82 -27.23
CA CYS E 263 -22.87 11.51 -28.02
C CYS E 263 -22.50 10.85 -29.37
N CYS E 264 -21.28 11.08 -29.88
CA CYS E 264 -20.77 10.34 -31.07
C CYS E 264 -20.60 8.85 -30.81
N ARG E 265 -19.99 8.51 -29.68
CA ARG E 265 -19.88 7.12 -29.16
C ARG E 265 -21.26 6.45 -29.15
N LEU E 266 -22.22 7.15 -28.55
CA LEU E 266 -23.59 6.69 -28.43
C LEU E 266 -24.28 6.45 -29.77
N GLU E 267 -24.18 7.45 -30.65
CA GLU E 267 -24.86 7.50 -31.94
C GLU E 267 -23.91 8.05 -33.01
N PRO E 268 -23.01 7.21 -33.54
CA PRO E 268 -21.90 7.62 -34.41
C PRO E 268 -22.22 8.11 -35.82
N THR E 269 -23.48 8.06 -36.22
CA THR E 269 -23.91 8.70 -37.47
C THR E 269 -23.73 10.20 -37.41
N LEU E 270 -23.58 10.73 -36.18
CA LEU E 270 -23.31 12.13 -35.89
C LEU E 270 -22.01 12.70 -36.41
N LYS E 271 -21.07 11.89 -36.88
CA LYS E 271 -19.87 12.42 -37.58
C LYS E 271 -20.20 13.35 -38.77
N ASP E 272 -21.40 13.20 -39.34
CA ASP E 272 -21.93 14.05 -40.42
C ASP E 272 -22.99 15.10 -40.02
N ALA E 273 -23.21 15.32 -38.74
CA ALA E 273 -24.14 16.35 -38.31
C ALA E 273 -23.46 17.74 -38.35
N LYS E 274 -24.10 18.72 -38.98
CA LYS E 274 -23.59 20.08 -39.00
C LYS E 274 -24.03 20.79 -37.72
N ILE E 275 -23.10 21.43 -37.00
CA ILE E 275 -23.42 22.19 -35.77
C ILE E 275 -24.23 23.48 -36.10
N VAL E 276 -25.35 23.68 -35.42
CA VAL E 276 -26.20 24.84 -35.61
C VAL E 276 -25.89 25.89 -34.55
N GLY E 277 -25.44 25.45 -33.39
CA GLY E 277 -25.01 26.35 -32.33
C GLY E 277 -24.48 25.61 -31.12
N GLU E 278 -24.10 26.37 -30.12
CA GLU E 278 -23.69 25.83 -28.85
C GLU E 278 -24.13 26.83 -27.79
N TYR E 279 -24.90 26.37 -26.81
CA TYR E 279 -25.58 27.27 -25.85
C TYR E 279 -25.34 26.83 -24.40
N THR E 280 -25.51 27.74 -23.44
CA THR E 280 -25.36 27.43 -22.02
C THR E 280 -26.54 27.95 -21.22
N GLY E 281 -27.04 27.18 -20.26
CA GLY E 281 -28.18 27.57 -19.42
C GLY E 281 -28.04 27.24 -17.94
N PHE E 282 -28.84 27.88 -17.10
CA PHE E 282 -28.83 27.62 -15.65
C PHE E 282 -30.18 27.15 -15.16
N GLY E 283 -30.31 25.83 -15.06
CA GLY E 283 -31.41 25.20 -14.35
C GLY E 283 -31.51 25.69 -12.90
N PRO E 284 -32.71 26.22 -12.49
CA PRO E 284 -32.90 26.67 -11.13
C PRO E 284 -32.97 25.47 -10.16
N VAL E 285 -31.82 24.91 -9.82
CA VAL E 285 -31.77 23.73 -8.97
C VAL E 285 -32.16 24.08 -7.53
N ARG E 286 -32.98 23.19 -6.92
CA ARG E 286 -33.34 23.23 -5.49
C ARG E 286 -33.67 21.83 -5.04
N PRO E 287 -33.47 21.51 -3.75
CA PRO E 287 -33.95 20.22 -3.25
C PRO E 287 -35.45 19.97 -3.51
N GLN E 288 -36.23 21.05 -3.53
CA GLN E 288 -37.63 20.95 -3.93
C GLN E 288 -38.21 22.32 -4.28
N VAL E 289 -39.29 22.31 -5.08
CA VAL E 289 -39.83 23.52 -5.68
C VAL E 289 -40.34 24.44 -4.58
N ARG E 290 -40.38 25.74 -4.86
CA ARG E 290 -40.95 26.71 -3.93
C ARG E 290 -42.19 27.32 -4.56
N LEU E 291 -43.31 26.61 -4.40
CA LEU E 291 -44.65 27.10 -4.78
C LEU E 291 -45.49 27.43 -3.55
N GLU E 292 -45.23 28.58 -2.94
CA GLU E 292 -45.92 28.97 -1.72
C GLU E 292 -46.25 30.45 -1.70
N ARG E 293 -47.03 30.86 -0.70
CA ARG E 293 -47.47 32.24 -0.53
C ARG E 293 -46.59 32.99 0.50
N GLU E 294 -46.69 34.32 0.55
CA GLU E 294 -45.89 35.13 1.51
C GLU E 294 -46.28 36.63 1.46
N GLN E 295 -46.46 37.26 2.63
CA GLN E 295 -46.89 38.69 2.73
C GLN E 295 -45.77 39.63 3.23
N LEU E 296 -45.65 40.82 2.62
CA LEU E 296 -44.51 41.72 2.82
C LEU E 296 -44.93 43.13 3.17
N ARG E 297 -44.17 43.79 4.05
CA ARG E 297 -44.53 45.10 4.62
C ARG E 297 -43.68 46.22 4.02
N PHE E 298 -44.27 47.09 3.19
CA PHE E 298 -43.57 48.22 2.53
C PHE E 298 -44.35 49.55 2.62
N GLY E 299 -43.78 50.52 3.35
CA GLY E 299 -44.34 51.88 3.49
C GLY E 299 -45.51 51.97 4.47
N SER E 300 -46.64 51.38 4.05
CA SER E 300 -47.89 51.44 4.79
C SER E 300 -48.22 50.09 5.42
N SER E 301 -48.51 49.08 4.58
CA SER E 301 -49.06 47.77 5.00
C SER E 301 -48.67 46.64 3.98
N ASN E 302 -49.54 45.63 3.78
CA ASN E 302 -49.19 44.39 3.01
C ASN E 302 -49.14 44.49 1.47
N THR E 303 -48.21 43.74 0.88
CA THR E 303 -48.26 43.32 -0.53
C THR E 303 -48.25 41.78 -0.49
N GLU E 304 -49.02 41.16 -1.38
CA GLU E 304 -49.10 39.69 -1.48
C GLU E 304 -48.08 39.13 -2.49
N VAL E 305 -47.41 38.05 -2.14
CA VAL E 305 -46.45 37.40 -3.05
C VAL E 305 -46.65 35.88 -3.10
N ILE E 306 -46.62 35.34 -4.32
CA ILE E 306 -46.55 33.90 -4.54
C ILE E 306 -45.23 33.58 -5.25
N HIS E 307 -44.47 32.66 -4.70
CA HIS E 307 -43.29 32.18 -5.36
C HIS E 307 -43.69 31.02 -6.24
N ASN E 308 -42.93 30.85 -7.32
CA ASN E 308 -43.03 29.69 -8.20
C ASN E 308 -41.65 29.58 -8.83
N TYR E 309 -40.76 28.85 -8.17
CA TYR E 309 -39.42 28.65 -8.69
C TYR E 309 -38.67 27.46 -8.13
N GLY E 310 -37.64 27.06 -8.87
CA GLY E 310 -36.76 26.02 -8.42
C GLY E 310 -37.06 24.69 -9.05
N HIS E 311 -37.42 24.74 -10.33
CA HIS E 311 -37.82 23.53 -11.10
C HIS E 311 -36.66 22.73 -11.76
N GLY E 312 -35.40 23.02 -11.37
CA GLY E 312 -34.25 22.20 -11.74
C GLY E 312 -34.24 21.96 -13.23
N GLY E 313 -34.11 20.70 -13.63
CA GLY E 313 -34.16 20.33 -15.05
C GLY E 313 -35.46 19.69 -15.50
N TYR E 314 -36.57 20.04 -14.85
CA TYR E 314 -37.86 19.45 -15.21
C TYR E 314 -38.96 20.52 -15.31
N GLY E 315 -38.55 21.77 -15.52
CA GLY E 315 -39.47 22.90 -15.62
C GLY E 315 -40.63 22.72 -16.61
N LEU E 316 -40.30 22.36 -17.86
CA LEU E 316 -41.31 22.13 -18.89
C LEU E 316 -42.14 20.91 -18.51
N THR E 317 -41.44 19.90 -18.01
CA THR E 317 -42.05 18.68 -17.51
C THR E 317 -43.13 18.94 -16.41
N ILE E 318 -42.92 19.93 -15.54
CA ILE E 318 -43.87 20.22 -14.43
C ILE E 318 -44.71 21.49 -14.59
N HIS E 319 -44.47 22.32 -15.60
CA HIS E 319 -44.83 23.75 -15.51
C HIS E 319 -46.29 24.07 -15.19
N TRP E 320 -47.20 23.20 -15.66
CA TRP E 320 -48.66 23.44 -15.68
C TRP E 320 -49.33 23.15 -14.35
N GLY E 321 -49.11 21.94 -13.82
CA GLY E 321 -49.50 21.60 -12.45
C GLY E 321 -49.17 22.72 -11.47
N CYS E 322 -47.96 23.27 -11.61
CA CYS E 322 -47.53 24.39 -10.81
C CYS E 322 -48.39 25.60 -11.07
N ALA E 323 -48.66 25.87 -12.34
CA ALA E 323 -49.47 27.06 -12.71
C ALA E 323 -50.91 26.98 -12.22
N LEU E 324 -51.42 25.74 -12.15
CA LEU E 324 -52.73 25.46 -11.59
C LEU E 324 -52.77 25.83 -10.09
N GLU E 325 -51.81 25.33 -9.31
CA GLU E 325 -51.64 25.70 -7.88
C GLU E 325 -51.43 27.21 -7.58
N VAL E 326 -50.67 27.93 -8.39
CA VAL E 326 -50.59 29.38 -8.23
C VAL E 326 -51.96 30.01 -8.44
N ALA E 327 -52.78 29.44 -9.32
CA ALA E 327 -54.16 29.91 -9.51
C ALA E 327 -55.04 29.66 -8.28
N LYS E 328 -54.86 28.49 -7.64
CA LYS E 328 -55.51 28.18 -6.36
C LYS E 328 -55.07 29.19 -5.31
N LEU E 329 -53.80 29.15 -4.95
CA LEU E 329 -53.26 30.10 -3.99
C LEU E 329 -53.62 31.59 -4.26
N PHE E 330 -53.93 31.96 -5.50
CA PHE E 330 -54.34 33.34 -5.86
C PHE E 330 -55.83 33.58 -5.60
N GLY E 331 -56.64 32.55 -5.81
CA GLY E 331 -58.08 32.60 -5.50
C GLY E 331 -58.35 32.85 -4.02
N LYS E 332 -57.57 32.18 -3.17
CA LYS E 332 -57.63 32.35 -1.72
C LYS E 332 -57.12 33.71 -1.26
N VAL E 333 -56.36 34.41 -2.09
CA VAL E 333 -56.02 35.83 -1.86
C VAL E 333 -57.22 36.74 -2.11
N LEU E 334 -57.97 36.45 -3.16
CA LEU E 334 -59.17 37.21 -3.48
C LEU E 334 -60.24 37.08 -2.38
N GLU E 335 -60.45 35.85 -1.91
CA GLU E 335 -61.43 35.52 -0.86
C GLU E 335 -61.25 36.39 0.37
N GLU E 336 -60.03 36.35 0.91
CA GLU E 336 -59.65 37.11 2.11
C GLU E 336 -59.74 38.63 1.96
N ARG E 337 -59.62 39.14 0.74
CA ARG E 337 -59.59 40.58 0.49
C ARG E 337 -61.00 41.21 0.58
N ASN E 338 -62.05 40.46 0.27
CA ASN E 338 -63.44 40.97 0.23
C ASN E 338 -63.89 41.71 1.50
N MET F 1 -16.08 -15.35 -66.09
CA MET F 1 -17.18 -15.26 -67.10
C MET F 1 -17.78 -13.84 -67.14
N ARG F 2 -18.53 -13.54 -68.20
CA ARG F 2 -19.29 -12.30 -68.29
C ARG F 2 -20.66 -12.54 -67.70
N VAL F 3 -20.97 -11.88 -66.57
CA VAL F 3 -22.35 -11.72 -66.05
C VAL F 3 -22.87 -10.34 -66.47
N VAL F 4 -24.20 -10.26 -66.69
CA VAL F 4 -24.90 -9.00 -66.94
C VAL F 4 -26.17 -8.99 -66.09
N VAL F 5 -26.25 -7.97 -65.23
CA VAL F 5 -27.42 -7.70 -64.42
C VAL F 5 -28.23 -6.68 -65.18
N ILE F 6 -29.52 -6.95 -65.35
CA ILE F 6 -30.41 -6.03 -66.03
C ILE F 6 -31.25 -5.40 -64.94
N GLY F 7 -31.09 -4.10 -64.75
CA GLY F 7 -31.84 -3.33 -63.75
C GLY F 7 -30.97 -2.78 -62.63
N ALA F 8 -31.27 -1.52 -62.29
CA ALA F 8 -30.55 -0.78 -61.26
C ALA F 8 -31.48 -0.27 -60.17
N GLY F 9 -32.56 -1.01 -59.90
CA GLY F 9 -33.40 -0.74 -58.73
C GLY F 9 -32.80 -1.43 -57.51
N VAL F 10 -33.57 -1.56 -56.43
CA VAL F 10 -33.04 -2.22 -55.21
C VAL F 10 -32.62 -3.65 -55.46
N ILE F 11 -33.39 -4.34 -56.28
CA ILE F 11 -33.20 -5.75 -56.53
C ILE F 11 -31.94 -5.90 -57.37
N GLY F 12 -31.91 -5.21 -58.51
CA GLY F 12 -30.80 -5.30 -59.45
C GLY F 12 -29.44 -5.04 -58.83
N LEU F 13 -29.33 -3.98 -58.04
CA LEU F 13 -28.04 -3.61 -57.46
C LEU F 13 -27.71 -4.37 -56.20
N SER F 14 -28.70 -4.88 -55.44
CA SER F 14 -28.41 -5.67 -54.22
C SER F 14 -27.92 -7.07 -54.57
N THR F 15 -28.50 -7.59 -55.65
CA THR F 15 -28.15 -8.88 -56.20
C THR F 15 -26.72 -8.77 -56.80
N ALA F 16 -26.53 -7.90 -57.78
CA ALA F 16 -25.17 -7.58 -58.31
C ALA F 16 -24.04 -7.53 -57.27
N LEU F 17 -24.30 -6.86 -56.15
CA LEU F 17 -23.32 -6.72 -55.07
C LEU F 17 -23.07 -8.07 -54.37
N CYS F 18 -24.13 -8.76 -53.97
CA CYS F 18 -23.99 -10.12 -53.41
C CYS F 18 -22.99 -10.96 -54.17
N ILE F 19 -23.18 -11.00 -55.47
CA ILE F 19 -22.37 -11.80 -56.37
C ILE F 19 -20.92 -11.32 -56.35
N HIS F 20 -20.69 -10.04 -56.57
CA HIS F 20 -19.31 -9.54 -56.60
C HIS F 20 -18.54 -9.52 -55.27
N GLU F 21 -19.22 -9.75 -54.14
CA GLU F 21 -18.53 -10.04 -52.87
C GLU F 21 -18.09 -11.51 -52.87
N ARG F 22 -19.08 -12.41 -52.87
CA ARG F 22 -18.87 -13.86 -52.74
C ARG F 22 -17.86 -14.46 -53.76
N TYR F 23 -18.01 -14.10 -55.03
CA TYR F 23 -17.30 -14.79 -56.11
C TYR F 23 -16.17 -14.00 -56.83
N HIS F 24 -15.72 -12.84 -56.33
CA HIS F 24 -14.61 -12.08 -57.00
C HIS F 24 -13.23 -12.71 -56.85
N SER F 25 -12.87 -13.16 -55.65
CA SER F 25 -11.58 -13.84 -55.44
C SER F 25 -11.56 -15.23 -56.12
N VAL F 26 -12.69 -15.97 -56.10
CA VAL F 26 -12.74 -17.39 -56.59
C VAL F 26 -12.62 -17.61 -58.13
N LEU F 27 -13.00 -16.62 -58.93
CA LEU F 27 -12.76 -16.63 -60.40
C LEU F 27 -11.75 -15.53 -60.80
N GLN F 28 -10.85 -15.84 -61.72
CA GLN F 28 -9.82 -14.88 -62.18
C GLN F 28 -10.21 -14.09 -63.44
N PRO F 29 -11.24 -14.55 -64.16
CA PRO F 29 -12.06 -13.65 -64.97
C PRO F 29 -13.47 -13.54 -64.38
N LEU F 30 -13.78 -12.41 -63.72
CA LEU F 30 -15.16 -12.08 -63.26
C LEU F 30 -15.54 -10.61 -63.46
N ASP F 31 -16.39 -10.40 -64.48
CA ASP F 31 -16.79 -9.09 -64.96
C ASP F 31 -18.32 -9.01 -64.92
N VAL F 32 -18.83 -8.16 -64.02
CA VAL F 32 -20.26 -7.91 -63.88
C VAL F 32 -20.59 -6.54 -64.48
N LYS F 33 -21.69 -6.50 -65.24
CA LYS F 33 -22.17 -5.30 -65.88
C LYS F 33 -23.62 -5.09 -65.44
N VAL F 34 -24.01 -3.83 -65.30
CA VAL F 34 -25.37 -3.46 -64.97
C VAL F 34 -25.91 -2.64 -66.13
N TYR F 35 -26.81 -3.24 -66.90
CA TYR F 35 -27.53 -2.56 -67.96
C TYR F 35 -28.85 -2.13 -67.38
N ALA F 36 -29.26 -0.90 -67.65
CA ALA F 36 -30.54 -0.38 -67.17
C ALA F 36 -30.95 0.84 -67.97
N ASP F 37 -32.26 0.97 -68.24
CA ASP F 37 -32.82 2.19 -68.86
C ASP F 37 -33.15 3.34 -67.85
N ARG F 38 -33.43 3.02 -66.58
CA ARG F 38 -33.56 3.99 -65.51
C ARG F 38 -32.59 3.68 -64.36
N PHE F 39 -32.00 4.76 -63.84
CA PHE F 39 -31.17 4.80 -62.64
C PHE F 39 -31.78 5.76 -61.61
N THR F 40 -31.28 5.77 -60.37
CA THR F 40 -31.71 6.81 -59.43
C THR F 40 -31.58 8.18 -60.10
N PRO F 41 -32.60 9.05 -60.03
CA PRO F 41 -33.80 8.90 -59.19
C PRO F 41 -35.04 8.33 -59.89
N PHE F 42 -34.83 7.68 -61.03
CA PHE F 42 -35.93 7.28 -61.91
C PHE F 42 -36.54 5.86 -61.71
N THR F 43 -35.98 5.06 -60.82
CA THR F 43 -36.44 3.70 -60.58
C THR F 43 -37.68 3.71 -59.69
N THR F 44 -38.49 2.63 -59.70
CA THR F 44 -39.64 2.49 -58.77
C THR F 44 -39.18 2.57 -57.31
N THR F 45 -38.02 1.98 -57.04
CA THR F 45 -37.40 1.94 -55.70
C THR F 45 -37.26 3.30 -55.02
N ASP F 46 -37.11 4.36 -55.81
CA ASP F 46 -36.92 5.74 -55.32
C ASP F 46 -38.16 6.35 -54.71
N VAL F 47 -39.29 6.14 -55.38
CA VAL F 47 -40.63 6.48 -54.90
C VAL F 47 -40.94 5.78 -53.58
N ALA F 48 -40.43 4.56 -53.44
CA ALA F 48 -40.58 3.75 -52.23
C ALA F 48 -40.34 4.54 -50.97
N ALA F 49 -41.36 4.52 -50.11
CA ALA F 49 -41.31 5.18 -48.83
C ALA F 49 -40.25 4.62 -47.85
N GLY F 50 -39.66 3.47 -48.18
CA GLY F 50 -38.45 3.03 -47.51
C GLY F 50 -38.63 2.33 -46.17
N LEU F 51 -39.77 1.69 -45.93
CA LEU F 51 -40.05 1.12 -44.62
C LEU F 51 -40.07 -0.39 -44.66
N TRP F 52 -39.34 -0.99 -43.73
CA TRP F 52 -39.40 -2.41 -43.51
C TRP F 52 -40.71 -2.73 -42.81
N GLN F 53 -41.58 -3.37 -43.57
CA GLN F 53 -42.77 -4.02 -43.05
C GLN F 53 -43.33 -4.89 -44.18
N PRO F 54 -43.46 -6.20 -43.97
CA PRO F 54 -44.11 -6.97 -45.02
C PRO F 54 -45.60 -6.85 -44.86
N TYR F 55 -46.33 -7.53 -45.75
CA TYR F 55 -47.78 -7.52 -45.81
C TYR F 55 -48.40 -8.13 -44.54
N THR F 56 -49.62 -7.69 -44.20
CA THR F 56 -50.33 -8.11 -42.96
C THR F 56 -50.72 -9.60 -42.89
N SER F 57 -51.01 -10.18 -44.05
CA SER F 57 -51.37 -11.59 -44.20
C SER F 57 -50.19 -12.54 -43.92
N GLU F 58 -50.39 -13.83 -44.24
CA GLU F 58 -49.31 -14.78 -44.22
C GLU F 58 -48.77 -14.95 -45.66
N PRO F 59 -47.51 -15.40 -45.82
CA PRO F 59 -46.83 -15.39 -47.13
C PRO F 59 -46.96 -16.66 -48.01
N SER F 60 -47.52 -16.50 -49.23
CA SER F 60 -47.80 -17.61 -50.17
C SER F 60 -46.62 -18.53 -50.41
N ASN F 61 -45.43 -17.94 -50.48
CA ASN F 61 -44.19 -18.69 -50.50
C ASN F 61 -43.64 -18.68 -49.05
N PRO F 62 -43.37 -19.87 -48.48
CA PRO F 62 -42.67 -19.94 -47.18
C PRO F 62 -41.33 -19.16 -47.10
N GLN F 63 -40.46 -19.36 -48.08
CA GLN F 63 -39.18 -18.63 -48.18
C GLN F 63 -39.20 -17.09 -48.12
N GLU F 64 -40.35 -16.45 -48.37
CA GLU F 64 -40.49 -14.99 -48.21
C GLU F 64 -40.26 -14.58 -46.77
N ALA F 65 -41.00 -15.23 -45.88
CA ALA F 65 -40.83 -15.01 -44.44
C ALA F 65 -39.38 -15.23 -43.98
N ASN F 66 -38.61 -16.05 -44.68
CA ASN F 66 -37.17 -16.19 -44.40
C ASN F 66 -36.36 -15.04 -44.96
N TRP F 67 -36.63 -14.65 -46.20
CA TRP F 67 -35.85 -13.60 -46.87
C TRP F 67 -36.10 -12.25 -46.21
N ASN F 68 -37.35 -12.00 -45.79
CA ASN F 68 -37.66 -10.87 -44.90
C ASN F 68 -36.77 -10.91 -43.66
N GLN F 69 -36.91 -11.95 -42.85
CA GLN F 69 -36.08 -12.12 -41.65
C GLN F 69 -34.58 -11.93 -41.92
N GLN F 70 -34.10 -12.49 -43.03
CA GLN F 70 -32.66 -12.40 -43.39
C GLN F 70 -32.26 -10.94 -43.59
N THR F 71 -33.11 -10.22 -44.31
CA THR F 71 -32.84 -8.84 -44.71
C THR F 71 -32.90 -7.89 -43.52
N PHE F 72 -33.89 -8.03 -42.63
CA PHE F 72 -33.95 -7.26 -41.35
C PHE F 72 -32.70 -7.43 -40.48
N ASN F 73 -32.30 -8.68 -40.28
CA ASN F 73 -31.05 -9.01 -39.59
C ASN F 73 -29.93 -8.19 -40.25
N TYR F 74 -29.80 -8.33 -41.56
CA TYR F 74 -28.74 -7.66 -42.33
C TYR F 74 -28.73 -6.14 -42.16
N LEU F 75 -29.90 -5.54 -42.07
CA LEU F 75 -30.01 -4.09 -41.87
C LEU F 75 -29.72 -3.72 -40.42
N LEU F 76 -30.50 -4.30 -39.49
CA LEU F 76 -30.33 -4.16 -38.01
C LEU F 76 -28.87 -4.32 -37.58
N SER F 77 -28.14 -5.21 -38.25
CA SER F 77 -26.70 -5.39 -38.00
C SER F 77 -25.82 -4.18 -38.30
N HIS F 78 -26.18 -3.38 -39.28
CA HIS F 78 -25.45 -2.14 -39.58
C HIS F 78 -25.77 -0.99 -38.59
N ILE F 79 -26.88 -1.10 -37.84
CA ILE F 79 -27.36 -0.03 -36.93
C ILE F 79 -26.43 0.23 -35.72
N GLY F 80 -25.54 1.19 -35.87
CA GLY F 80 -24.42 1.38 -34.94
C GLY F 80 -23.15 1.66 -35.72
N SER F 81 -23.10 1.19 -36.97
CA SER F 81 -22.10 1.65 -37.93
C SER F 81 -22.20 3.16 -38.09
N PRO F 82 -21.07 3.87 -38.09
CA PRO F 82 -21.06 5.25 -38.54
C PRO F 82 -21.84 5.55 -39.84
N ASN F 83 -21.76 4.67 -40.82
CA ASN F 83 -22.36 4.99 -42.13
C ASN F 83 -23.78 4.48 -42.31
N ALA F 84 -24.51 4.24 -41.21
CA ALA F 84 -25.92 3.87 -41.34
C ALA F 84 -26.72 4.92 -42.13
N ALA F 85 -26.53 6.19 -41.80
CA ALA F 85 -27.27 7.25 -42.46
C ALA F 85 -26.96 7.33 -43.94
N ASN F 86 -25.72 7.14 -44.34
CA ASN F 86 -25.35 7.25 -45.78
C ASN F 86 -25.89 6.10 -46.62
N MET F 87 -26.30 5.02 -45.95
CA MET F 87 -27.03 3.89 -46.58
C MET F 87 -28.54 4.14 -46.75
N GLY F 88 -29.08 5.21 -46.18
CA GLY F 88 -30.52 5.44 -46.17
C GLY F 88 -31.16 4.75 -44.98
N LEU F 89 -30.34 4.35 -44.03
CA LEU F 89 -30.75 3.47 -42.94
C LEU F 89 -30.84 4.21 -41.63
N THR F 90 -31.97 4.07 -40.96
CA THR F 90 -32.13 4.59 -39.60
C THR F 90 -33.37 3.93 -38.97
N PRO F 91 -33.39 3.76 -37.62
CA PRO F 91 -34.53 3.15 -36.96
C PRO F 91 -35.60 4.14 -36.74
N VAL F 92 -36.81 3.62 -36.57
CA VAL F 92 -37.94 4.44 -36.15
C VAL F 92 -39.13 3.59 -35.69
N SER F 93 -39.88 4.16 -34.76
CA SER F 93 -41.00 3.49 -34.16
C SER F 93 -42.30 4.04 -34.72
N GLY F 94 -43.34 3.20 -34.76
CA GLY F 94 -44.66 3.64 -35.22
C GLY F 94 -45.83 2.69 -35.10
N TYR F 95 -46.96 3.15 -35.63
CA TYR F 95 -48.29 2.59 -35.43
C TYR F 95 -48.80 1.93 -36.68
N ASN F 96 -49.50 0.82 -36.50
CA ASN F 96 -50.39 0.25 -37.52
C ASN F 96 -51.75 0.39 -36.94
N LEU F 97 -52.73 0.90 -37.68
CA LEU F 97 -54.08 1.14 -37.13
C LEU F 97 -55.22 0.52 -37.93
N PHE F 98 -56.04 -0.28 -37.24
CA PHE F 98 -57.21 -0.97 -37.79
C PHE F 98 -58.48 -0.47 -37.15
N ARG F 99 -59.61 -0.90 -37.74
CA ARG F 99 -60.97 -0.61 -37.24
C ARG F 99 -61.60 -1.75 -36.37
N GLU F 100 -61.11 -2.98 -36.53
CA GLU F 100 -61.41 -4.05 -35.60
C GLU F 100 -60.17 -4.92 -35.48
N ALA F 101 -60.04 -5.56 -34.34
CA ALA F 101 -58.81 -6.29 -34.02
C ALA F 101 -58.61 -7.47 -34.93
N VAL F 102 -57.36 -7.68 -35.27
CA VAL F 102 -56.99 -8.71 -36.20
C VAL F 102 -55.88 -9.48 -35.53
N PRO F 103 -55.61 -10.68 -36.05
CA PRO F 103 -54.49 -11.41 -35.47
C PRO F 103 -53.17 -10.70 -35.65
N ASP F 104 -52.22 -11.06 -34.80
CA ASP F 104 -50.91 -10.47 -34.82
C ASP F 104 -50.13 -11.08 -35.98
N PRO F 105 -49.27 -10.27 -36.64
CA PRO F 105 -48.65 -10.70 -37.90
C PRO F 105 -47.46 -11.62 -37.68
N TYR F 106 -47.10 -12.41 -38.69
CA TYR F 106 -46.02 -13.41 -38.55
C TYR F 106 -44.67 -12.83 -38.13
N TRP F 107 -44.32 -11.69 -38.73
CA TRP F 107 -43.08 -10.90 -38.42
C TRP F 107 -43.05 -10.22 -37.03
N LYS F 108 -44.09 -10.36 -36.19
CA LYS F 108 -44.17 -9.62 -34.90
C LYS F 108 -42.88 -9.68 -34.11
N ASP F 109 -42.17 -10.80 -34.16
CA ASP F 109 -40.90 -10.94 -33.44
C ASP F 109 -39.65 -10.69 -34.29
N MET F 110 -39.80 -10.53 -35.60
CA MET F 110 -38.71 -10.02 -36.46
C MET F 110 -38.45 -8.54 -36.16
N VAL F 111 -39.52 -7.77 -35.92
CA VAL F 111 -39.40 -6.37 -35.48
C VAL F 111 -39.19 -6.23 -33.96
N LEU F 112 -38.63 -5.08 -33.57
CA LEU F 112 -38.32 -4.77 -32.17
C LEU F 112 -39.52 -4.15 -31.49
N GLY F 113 -39.70 -4.50 -30.22
CA GLY F 113 -40.67 -3.85 -29.37
C GLY F 113 -42.11 -4.06 -29.75
N PHE F 114 -42.41 -5.13 -30.50
CA PHE F 114 -43.80 -5.34 -30.95
C PHE F 114 -44.76 -5.51 -29.78
N ARG F 115 -45.91 -4.86 -29.90
CA ARG F 115 -46.93 -4.92 -28.89
C ARG F 115 -48.20 -4.19 -29.35
N LYS F 116 -49.31 -4.47 -28.68
CA LYS F 116 -50.61 -3.91 -29.07
C LYS F 116 -50.64 -2.51 -28.54
N LEU F 117 -51.51 -1.69 -29.10
CA LEU F 117 -51.75 -0.35 -28.58
C LEU F 117 -52.83 -0.43 -27.51
N THR F 118 -52.98 0.67 -26.80
CA THR F 118 -53.84 0.75 -25.60
C THR F 118 -54.73 2.03 -25.64
N PRO F 119 -55.77 2.14 -24.79
CA PRO F 119 -56.79 3.16 -25.15
C PRO F 119 -56.35 4.65 -25.13
N ARG F 120 -55.45 5.05 -24.21
CA ARG F 120 -54.85 6.43 -24.18
C ARG F 120 -54.17 6.77 -25.52
N GLU F 121 -53.41 5.81 -26.06
CA GLU F 121 -52.80 5.93 -27.39
C GLU F 121 -53.88 6.00 -28.47
N LEU F 122 -54.87 5.10 -28.41
CA LEU F 122 -55.91 5.03 -29.44
C LEU F 122 -56.76 6.28 -29.52
N ASP F 123 -56.85 7.06 -28.45
CA ASP F 123 -57.54 8.36 -28.53
C ASP F 123 -56.83 9.39 -29.38
N MET F 124 -55.50 9.27 -29.52
CA MET F 124 -54.72 10.14 -30.42
C MET F 124 -55.31 10.10 -31.85
N PHE F 125 -55.88 8.95 -32.23
CA PHE F 125 -56.47 8.71 -33.57
C PHE F 125 -57.98 8.46 -33.51
N PRO F 126 -58.78 9.53 -33.32
CA PRO F 126 -60.26 9.41 -33.18
C PRO F 126 -60.98 8.25 -33.91
N ASP F 127 -60.62 7.93 -35.16
CA ASP F 127 -61.44 7.06 -36.02
C ASP F 127 -61.06 5.58 -36.00
N TYR F 128 -60.42 5.10 -34.96
CA TYR F 128 -59.79 3.78 -35.03
C TYR F 128 -59.90 3.09 -33.70
N ARG F 129 -59.94 1.75 -33.70
CA ARG F 129 -60.24 0.99 -32.47
C ARG F 129 -59.26 -0.11 -32.10
N TYR F 130 -58.24 -0.37 -32.90
CA TYR F 130 -57.24 -1.38 -32.53
C TYR F 130 -55.96 -1.13 -33.33
N GLY F 131 -54.79 -1.42 -32.75
CA GLY F 131 -53.56 -1.33 -33.52
C GLY F 131 -52.30 -1.88 -32.87
N TRP F 132 -51.17 -1.67 -33.54
CA TRP F 132 -49.85 -2.20 -33.13
C TRP F 132 -48.73 -1.14 -33.07
N PHE F 133 -48.09 -0.99 -31.90
CA PHE F 133 -46.78 -0.31 -31.82
C PHE F 133 -45.60 -1.26 -32.08
N ASN F 134 -44.61 -0.81 -32.83
CA ASN F 134 -43.39 -1.60 -33.03
C ASN F 134 -42.28 -0.72 -33.50
N THR F 135 -41.06 -1.23 -33.54
CA THR F 135 -39.89 -0.39 -33.72
C THR F 135 -39.06 -0.99 -34.85
N SER F 136 -39.48 -0.69 -36.07
CA SER F 136 -38.84 -1.18 -37.30
C SER F 136 -37.76 -0.18 -37.85
N LEU F 137 -37.43 -0.30 -39.13
CA LEU F 137 -36.38 0.50 -39.77
C LEU F 137 -36.84 1.20 -41.06
N ILE F 138 -36.29 2.40 -41.30
CA ILE F 138 -36.39 3.09 -42.57
C ILE F 138 -35.12 2.77 -43.35
N LEU F 139 -35.32 2.35 -44.60
CA LEU F 139 -34.27 2.13 -45.59
C LEU F 139 -34.76 2.81 -46.83
N GLU F 140 -34.38 4.07 -46.99
CA GLU F 140 -34.83 4.90 -48.10
C GLU F 140 -34.21 4.54 -49.45
N GLY F 141 -35.09 4.16 -50.39
CA GLY F 141 -34.72 3.77 -51.74
C GLY F 141 -33.73 4.67 -52.41
N ARG F 142 -34.00 5.97 -52.39
CA ARG F 142 -33.09 6.95 -53.01
C ARG F 142 -31.63 6.91 -52.44
N LYS F 143 -31.44 6.84 -51.13
CA LYS F 143 -30.07 6.94 -50.59
C LYS F 143 -29.33 5.60 -50.70
N TYR F 144 -30.05 4.51 -50.45
CA TYR F 144 -29.47 3.17 -50.55
C TYR F 144 -28.94 2.89 -51.93
N LEU F 145 -29.71 3.22 -52.96
CA LEU F 145 -29.27 3.00 -54.35
C LEU F 145 -28.02 3.75 -54.77
N GLN F 146 -27.79 4.90 -54.15
CA GLN F 146 -26.59 5.70 -54.37
C GLN F 146 -25.42 5.08 -53.66
N TRP F 147 -25.65 4.58 -52.44
CA TRP F 147 -24.68 3.73 -51.72
C TRP F 147 -24.28 2.53 -52.62
N LEU F 148 -25.27 1.76 -53.04
CA LEU F 148 -25.03 0.53 -53.83
C LEU F 148 -24.29 0.83 -55.13
N THR F 149 -24.75 1.82 -55.92
CA THR F 149 -23.98 2.26 -57.11
C THR F 149 -22.51 2.53 -56.74
N GLU F 150 -22.29 3.20 -55.61
CA GLU F 150 -20.93 3.57 -55.19
C GLU F 150 -20.08 2.41 -54.69
N ARG F 151 -20.69 1.42 -54.02
CA ARG F 151 -19.94 0.24 -53.54
C ARG F 151 -19.51 -0.59 -54.74
N LEU F 152 -20.46 -0.90 -55.63
CA LEU F 152 -20.20 -1.54 -56.91
C LEU F 152 -19.15 -0.84 -57.76
N THR F 153 -19.25 0.49 -57.90
CA THR F 153 -18.27 1.24 -58.72
C THR F 153 -16.82 1.05 -58.24
N GLU F 154 -16.58 1.20 -56.93
CA GLU F 154 -15.29 0.83 -56.31
C GLU F 154 -14.83 -0.59 -56.66
N ARG F 155 -15.77 -1.52 -56.61
CA ARG F 155 -15.50 -2.94 -56.89
C ARG F 155 -15.34 -3.31 -58.39
N GLY F 156 -15.27 -2.30 -59.28
CA GLY F 156 -14.89 -2.48 -60.70
C GLY F 156 -16.06 -2.79 -61.61
N VAL F 157 -17.25 -2.88 -61.04
CA VAL F 157 -18.47 -3.18 -61.76
C VAL F 157 -18.75 -1.98 -62.67
N LYS F 158 -19.13 -2.28 -63.90
CA LYS F 158 -19.43 -1.30 -64.93
C LYS F 158 -20.94 -1.05 -64.96
N PHE F 159 -21.33 0.13 -65.46
CA PHE F 159 -22.76 0.50 -65.58
C PHE F 159 -23.03 1.09 -66.96
N PHE F 160 -24.18 0.74 -67.54
CA PHE F 160 -24.58 1.21 -68.88
C PHE F 160 -26.04 1.63 -68.94
N LEU F 161 -26.27 2.76 -69.59
CA LEU F 161 -27.60 3.31 -69.77
C LEU F 161 -28.10 2.80 -71.10
N ARG F 162 -28.95 1.78 -71.04
CA ARG F 162 -29.54 1.23 -72.28
C ARG F 162 -30.73 0.33 -72.03
N LYS F 163 -31.61 0.27 -73.03
CA LYS F 163 -32.79 -0.60 -72.99
C LYS F 163 -32.41 -1.96 -73.61
N VAL F 164 -32.53 -3.03 -72.82
CA VAL F 164 -32.42 -4.39 -73.36
C VAL F 164 -33.78 -4.72 -74.00
N GLU F 165 -33.75 -5.07 -75.29
CA GLU F 165 -34.98 -5.34 -76.05
C GLU F 165 -35.36 -6.85 -75.97
N SER F 166 -34.38 -7.72 -75.73
CA SER F 166 -34.56 -9.20 -75.76
C SER F 166 -33.38 -9.91 -75.08
N PHE F 167 -33.64 -11.06 -74.43
CA PHE F 167 -32.53 -11.82 -73.81
C PHE F 167 -31.49 -12.22 -74.82
N GLU F 168 -31.99 -12.59 -76.00
CA GLU F 168 -31.14 -12.93 -77.14
C GLU F 168 -30.06 -11.89 -77.45
N GLU F 169 -30.38 -10.59 -77.32
CA GLU F 169 -29.41 -9.55 -77.69
C GLU F 169 -28.26 -9.45 -76.70
N VAL F 170 -28.48 -9.80 -75.44
CA VAL F 170 -27.41 -9.74 -74.44
C VAL F 170 -26.49 -10.96 -74.57
N ALA F 171 -27.13 -12.13 -74.73
CA ALA F 171 -26.45 -13.37 -75.08
C ALA F 171 -25.53 -13.17 -76.28
N ARG F 172 -26.11 -12.78 -77.42
CA ARG F 172 -25.34 -12.51 -78.66
C ARG F 172 -24.23 -11.44 -78.55
N GLY F 173 -24.32 -10.59 -77.53
CA GLY F 173 -23.23 -9.67 -77.16
C GLY F 173 -22.08 -10.27 -76.36
N GLY F 174 -22.22 -11.53 -75.93
CA GLY F 174 -21.13 -12.30 -75.33
C GLY F 174 -21.30 -12.84 -73.91
N ALA F 175 -22.50 -12.67 -73.36
CA ALA F 175 -22.72 -12.83 -71.92
C ALA F 175 -22.97 -14.28 -71.55
N ASP F 176 -22.33 -14.74 -70.47
CA ASP F 176 -22.45 -16.14 -69.99
C ASP F 176 -23.69 -16.37 -69.08
N VAL F 177 -23.89 -15.46 -68.13
CA VAL F 177 -25.08 -15.46 -67.24
C VAL F 177 -25.82 -14.13 -67.36
N ILE F 178 -27.15 -14.16 -67.11
CA ILE F 178 -28.03 -12.99 -67.17
C ILE F 178 -28.86 -12.91 -65.88
N ILE F 179 -28.75 -11.82 -65.13
CA ILE F 179 -29.58 -11.66 -63.93
C ILE F 179 -30.71 -10.71 -64.30
N ASN F 180 -31.95 -11.19 -64.13
CA ASN F 180 -33.11 -10.41 -64.54
C ASN F 180 -33.82 -9.72 -63.37
N CYS F 181 -33.44 -8.47 -63.12
CA CYS F 181 -34.07 -7.67 -62.08
C CYS F 181 -34.73 -6.41 -62.69
N THR F 182 -35.79 -6.65 -63.45
CA THR F 182 -36.49 -5.62 -64.23
C THR F 182 -37.83 -5.29 -63.63
N GLY F 183 -38.06 -5.62 -62.37
CA GLY F 183 -39.32 -5.28 -61.73
C GLY F 183 -40.54 -5.32 -62.64
N VAL F 184 -41.36 -4.29 -62.59
CA VAL F 184 -42.68 -4.29 -63.25
C VAL F 184 -42.68 -4.48 -64.76
N TRP F 185 -41.62 -4.06 -65.44
CA TRP F 185 -41.56 -4.18 -66.91
C TRP F 185 -41.03 -5.53 -67.41
N ALA F 186 -41.10 -6.58 -66.60
CA ALA F 186 -40.45 -7.85 -66.95
C ALA F 186 -41.16 -8.61 -68.05
N GLY F 187 -42.48 -8.45 -68.19
CA GLY F 187 -43.23 -9.11 -69.27
C GLY F 187 -42.82 -8.69 -70.68
N VAL F 188 -42.19 -7.51 -70.81
CA VAL F 188 -41.64 -7.01 -72.07
C VAL F 188 -40.44 -7.84 -72.57
N LEU F 189 -39.80 -8.63 -71.70
CA LEU F 189 -38.68 -9.51 -72.12
C LEU F 189 -39.01 -11.03 -72.22
N GLN F 190 -40.16 -11.40 -71.63
CA GLN F 190 -40.67 -12.78 -71.61
C GLN F 190 -42.04 -12.69 -70.95
N PRO F 191 -43.14 -12.48 -71.73
CA PRO F 191 -44.48 -12.28 -71.16
C PRO F 191 -44.79 -13.18 -69.97
N ASP F 192 -45.63 -12.66 -69.07
CA ASP F 192 -45.91 -13.32 -67.80
C ASP F 192 -47.22 -12.77 -67.26
N PRO F 193 -48.33 -13.52 -67.47
CA PRO F 193 -49.63 -12.98 -67.07
C PRO F 193 -49.84 -12.85 -65.55
N LEU F 194 -48.94 -13.39 -64.71
CA LEU F 194 -49.07 -13.30 -63.26
C LEU F 194 -48.56 -11.98 -62.64
N LEU F 195 -47.61 -11.33 -63.32
CA LEU F 195 -47.11 -10.01 -62.93
C LEU F 195 -47.97 -8.87 -63.50
N GLN F 196 -48.66 -8.12 -62.64
CA GLN F 196 -49.36 -6.86 -63.04
C GLN F 196 -48.62 -5.61 -62.49
N PRO F 197 -49.04 -4.41 -62.91
CA PRO F 197 -48.52 -3.21 -62.27
C PRO F 197 -49.40 -2.70 -61.11
N GLY F 198 -48.80 -2.54 -59.93
CA GLY F 198 -49.45 -1.89 -58.78
C GLY F 198 -49.15 -0.39 -58.71
N ARG F 199 -50.18 0.43 -58.96
CA ARG F 199 -50.00 1.86 -59.07
C ARG F 199 -50.15 2.58 -57.74
N GLY F 200 -49.05 3.14 -57.25
CA GLY F 200 -49.05 4.02 -56.09
C GLY F 200 -48.57 5.45 -56.34
N GLN F 201 -49.32 6.39 -55.80
CA GLN F 201 -48.97 7.80 -55.82
C GLN F 201 -48.53 8.18 -54.42
N ILE F 202 -47.70 9.22 -54.34
CA ILE F 202 -47.24 9.74 -53.05
C ILE F 202 -47.11 11.24 -53.10
N ILE F 203 -47.11 11.84 -51.91
CA ILE F 203 -46.85 13.24 -51.70
C ILE F 203 -45.64 13.36 -50.74
N LYS F 204 -44.64 14.12 -51.17
CA LYS F 204 -43.47 14.42 -50.34
C LYS F 204 -43.65 15.80 -49.79
N VAL F 205 -43.63 15.90 -48.46
CA VAL F 205 -43.76 17.16 -47.73
C VAL F 205 -42.59 17.39 -46.79
N ASP F 206 -42.44 18.66 -46.41
CA ASP F 206 -41.53 19.07 -45.37
C ASP F 206 -42.33 19.27 -44.07
N ALA F 207 -42.27 18.25 -43.22
CA ALA F 207 -42.86 18.24 -41.89
C ALA F 207 -41.91 17.46 -40.92
N PRO F 208 -40.79 18.10 -40.55
CA PRO F 208 -39.78 17.51 -39.69
C PRO F 208 -40.21 17.19 -38.25
N TRP F 209 -41.33 17.76 -37.82
CA TRP F 209 -41.92 17.41 -36.54
C TRP F 209 -42.63 16.02 -36.48
N LEU F 210 -42.66 15.24 -37.56
CA LEU F 210 -43.22 13.87 -37.47
C LEU F 210 -42.11 12.83 -37.31
N LYS F 211 -42.03 12.27 -36.11
CA LYS F 211 -40.98 11.35 -35.75
C LYS F 211 -41.41 9.92 -35.90
N ASN F 212 -42.72 9.65 -35.98
CA ASN F 212 -43.26 8.28 -35.91
C ASN F 212 -43.99 7.94 -37.20
N PHE F 213 -43.76 6.73 -37.74
CA PHE F 213 -44.61 6.25 -38.87
C PHE F 213 -46.01 5.87 -38.41
N ILE F 214 -46.98 6.07 -39.29
CA ILE F 214 -48.39 5.81 -39.00
C ILE F 214 -49.03 5.17 -40.24
N ILE F 215 -49.32 3.87 -40.17
CA ILE F 215 -49.88 3.09 -41.25
C ILE F 215 -51.31 2.64 -40.96
N THR F 216 -52.27 3.15 -41.72
CA THR F 216 -53.66 2.68 -41.59
C THR F 216 -53.91 1.51 -42.53
N HIS F 217 -54.97 0.78 -42.17
CA HIS F 217 -55.49 -0.32 -42.94
C HIS F 217 -57.02 -0.14 -43.07
N ASP F 218 -57.55 -0.38 -44.27
CA ASP F 218 -58.98 -0.50 -44.50
C ASP F 218 -59.16 -1.90 -45.09
N LEU F 219 -59.70 -2.82 -44.28
CA LEU F 219 -59.73 -4.26 -44.60
C LEU F 219 -60.33 -4.55 -45.98
N GLU F 220 -61.47 -3.90 -46.25
CA GLU F 220 -62.23 -4.02 -47.51
C GLU F 220 -61.41 -3.71 -48.76
N ARG F 221 -60.65 -2.61 -48.74
CA ARG F 221 -59.91 -2.13 -49.94
C ARG F 221 -58.56 -2.81 -50.17
N GLY F 222 -58.20 -3.79 -49.34
CA GLY F 222 -56.92 -4.48 -49.47
C GLY F 222 -55.81 -3.64 -48.88
N ILE F 223 -54.58 -3.89 -49.34
CA ILE F 223 -53.37 -3.30 -48.76
C ILE F 223 -53.02 -1.92 -49.39
N TYR F 224 -52.61 -1.01 -48.51
CA TYR F 224 -52.18 0.39 -48.80
C TYR F 224 -53.07 1.22 -49.74
N ASN F 225 -54.38 0.95 -49.74
CA ASN F 225 -55.37 1.80 -50.42
C ASN F 225 -56.09 2.62 -49.35
N SER F 226 -55.26 3.24 -48.50
CA SER F 226 -55.61 3.71 -47.16
C SER F 226 -54.43 4.49 -46.55
N PRO F 227 -54.68 5.66 -45.96
CA PRO F 227 -53.59 6.61 -45.60
C PRO F 227 -52.35 6.04 -44.85
N TYR F 228 -51.15 6.49 -45.23
CA TYR F 228 -49.93 6.25 -44.45
C TYR F 228 -49.11 7.50 -44.45
N ILE F 229 -48.15 7.52 -43.53
CA ILE F 229 -47.36 8.68 -43.19
C ILE F 229 -46.05 8.14 -42.73
N ALA F 230 -44.99 8.38 -43.48
CA ALA F 230 -43.68 7.76 -43.21
C ALA F 230 -42.59 8.80 -43.11
N PRO F 231 -42.04 9.05 -41.91
CA PRO F 231 -40.91 9.99 -41.83
C PRO F 231 -39.69 9.43 -42.50
N GLY F 232 -38.92 10.29 -43.14
CA GLY F 232 -37.78 9.86 -43.92
C GLY F 232 -36.48 10.33 -43.31
N LEU F 233 -35.53 10.60 -44.16
CA LEU F 233 -34.30 11.22 -43.73
C LEU F 233 -34.42 12.76 -43.79
N GLN F 234 -35.18 13.26 -44.75
CA GLN F 234 -35.16 14.67 -45.09
C GLN F 234 -36.54 15.22 -45.40
N ALA F 235 -37.59 14.40 -45.27
CA ALA F 235 -38.94 14.67 -45.83
C ALA F 235 -39.88 13.56 -45.43
N VAL F 236 -41.18 13.83 -45.49
CA VAL F 236 -42.17 12.86 -45.00
C VAL F 236 -42.97 12.40 -46.21
N THR F 237 -43.29 11.10 -46.29
CA THR F 237 -44.05 10.56 -47.42
C THR F 237 -45.50 10.35 -47.00
N LEU F 238 -46.40 11.01 -47.69
CA LEU F 238 -47.80 10.72 -47.56
C LEU F 238 -48.18 9.89 -48.76
N GLY F 239 -48.95 8.83 -48.52
CA GLY F 239 -49.47 8.03 -49.61
C GLY F 239 -50.74 7.36 -49.20
N GLY F 240 -51.16 6.40 -50.01
CA GLY F 240 -52.40 5.69 -49.75
C GLY F 240 -53.19 5.22 -50.95
N THR F 241 -52.53 5.01 -52.09
CA THR F 241 -53.15 4.34 -53.21
C THR F 241 -52.20 3.23 -53.57
N PHE F 242 -52.74 2.05 -53.87
CA PHE F 242 -51.94 0.92 -54.38
C PHE F 242 -52.90 0.01 -55.12
N GLN F 243 -53.19 0.39 -56.37
CA GLN F 243 -54.30 -0.14 -57.12
C GLN F 243 -53.82 -0.78 -58.44
N VAL F 244 -53.87 -2.11 -58.51
CA VAL F 244 -53.76 -2.80 -59.79
C VAL F 244 -54.98 -2.48 -60.69
N GLY F 245 -54.75 -2.39 -62.00
CA GLY F 245 -55.79 -2.05 -62.98
C GLY F 245 -55.84 -0.56 -63.34
N ASN F 246 -54.67 0.04 -63.56
CA ASN F 246 -54.55 1.45 -63.92
C ASN F 246 -53.10 1.72 -64.29
N TRP F 247 -52.82 2.06 -65.55
CA TRP F 247 -51.45 2.03 -66.07
C TRP F 247 -50.83 3.46 -66.15
N ASN F 248 -51.62 4.44 -65.72
CA ASN F 248 -51.35 5.87 -65.92
C ASN F 248 -50.13 6.38 -65.17
N GLU F 249 -49.09 6.73 -65.90
CA GLU F 249 -47.88 7.33 -65.30
C GLU F 249 -47.99 8.80 -64.82
N ILE F 250 -49.08 9.49 -65.18
CA ILE F 250 -49.33 10.87 -64.74
C ILE F 250 -50.02 10.88 -63.36
N ASN F 251 -49.77 11.90 -62.56
CA ASN F 251 -50.44 12.03 -61.28
C ASN F 251 -51.87 12.42 -61.58
N ASN F 252 -52.85 11.70 -61.02
CA ASN F 252 -54.28 12.10 -61.13
C ASN F 252 -54.73 12.80 -59.87
N ILE F 253 -55.88 13.49 -59.96
CA ILE F 253 -56.37 14.42 -58.91
C ILE F 253 -57.21 13.70 -57.83
N GLN F 254 -57.96 12.68 -58.22
CA GLN F 254 -58.76 11.90 -57.28
C GLN F 254 -57.84 11.32 -56.20
N ASP F 255 -56.73 10.75 -56.64
CA ASP F 255 -55.73 10.20 -55.74
C ASP F 255 -55.01 11.26 -54.86
N HIS F 256 -54.66 12.42 -55.42
CA HIS F 256 -54.08 13.53 -54.65
C HIS F 256 -54.87 13.91 -53.38
N ASN F 257 -56.18 14.12 -53.58
CA ASN F 257 -57.13 14.51 -52.52
C ASN F 257 -57.29 13.41 -51.49
N THR F 258 -57.64 12.22 -51.98
CA THR F 258 -57.70 10.99 -51.17
C THR F 258 -56.53 10.89 -50.21
N ILE F 259 -55.30 11.01 -50.73
CA ILE F 259 -54.08 11.01 -49.92
C ILE F 259 -54.03 12.26 -49.05
N TRP F 260 -54.21 13.44 -49.62
CA TRP F 260 -54.07 14.66 -48.81
C TRP F 260 -55.14 14.79 -47.70
N GLU F 261 -56.39 14.49 -48.00
CA GLU F 261 -57.47 14.68 -47.02
C GLU F 261 -57.42 13.58 -45.99
N GLY F 262 -57.15 12.35 -46.44
CA GLY F 262 -56.98 11.18 -45.56
C GLY F 262 -55.83 11.23 -44.57
N CYS F 263 -54.76 11.96 -44.92
CA CYS F 263 -53.64 12.19 -44.04
C CYS F 263 -53.85 13.44 -43.18
N CYS F 264 -54.47 14.49 -43.71
CA CYS F 264 -54.82 15.64 -42.87
C CYS F 264 -55.85 15.34 -41.77
N ARG F 265 -56.65 14.28 -41.94
CA ARG F 265 -57.52 13.81 -40.85
C ARG F 265 -56.65 13.11 -39.82
N LEU F 266 -55.86 12.18 -40.31
CA LEU F 266 -54.99 11.33 -39.47
C LEU F 266 -54.11 12.14 -38.54
N GLU F 267 -53.46 13.15 -39.11
CA GLU F 267 -52.41 13.92 -38.48
C GLU F 267 -52.59 15.37 -38.91
N PRO F 268 -53.41 16.13 -38.20
CA PRO F 268 -53.81 17.46 -38.63
C PRO F 268 -52.78 18.59 -38.53
N THR F 269 -51.56 18.28 -38.11
CA THR F 269 -50.50 19.28 -38.07
C THR F 269 -49.94 19.51 -39.50
N LEU F 270 -50.31 18.62 -40.42
CA LEU F 270 -50.05 18.78 -41.87
C LEU F 270 -50.70 19.98 -42.59
N LYS F 271 -51.63 20.68 -41.96
CA LYS F 271 -52.02 21.98 -42.47
C LYS F 271 -50.82 22.94 -42.61
N ASP F 272 -49.70 22.69 -41.94
CA ASP F 272 -48.51 23.56 -42.06
C ASP F 272 -47.38 23.01 -42.96
N ALA F 273 -47.58 21.84 -43.55
CA ALA F 273 -46.49 21.15 -44.19
C ALA F 273 -46.40 21.63 -45.61
N LYS F 274 -45.23 22.19 -45.94
CA LYS F 274 -44.85 22.56 -47.32
C LYS F 274 -44.81 21.31 -48.20
N ILE F 275 -45.62 21.25 -49.26
CA ILE F 275 -45.51 20.18 -50.28
C ILE F 275 -44.25 20.42 -51.12
N VAL F 276 -43.47 19.35 -51.36
CA VAL F 276 -42.27 19.41 -52.23
C VAL F 276 -42.28 18.54 -53.50
N GLY F 277 -43.23 17.65 -53.63
CA GLY F 277 -43.26 16.81 -54.83
C GLY F 277 -44.47 15.94 -54.78
N GLU F 278 -44.89 15.43 -55.92
CA GLU F 278 -45.94 14.41 -55.95
C GLU F 278 -45.58 13.46 -57.03
N TYR F 279 -45.42 12.19 -56.68
CA TYR F 279 -44.76 11.23 -57.53
C TYR F 279 -45.58 9.94 -57.69
N THR F 280 -45.37 9.26 -58.80
CA THR F 280 -46.13 8.09 -59.16
C THR F 280 -45.17 6.95 -59.51
N GLY F 281 -45.60 5.73 -59.22
CA GLY F 281 -44.72 4.56 -59.34
C GLY F 281 -45.52 3.29 -59.45
N PHE F 282 -44.83 2.20 -59.85
CA PHE F 282 -45.51 0.95 -60.19
C PHE F 282 -44.87 -0.30 -59.61
N GLY F 283 -45.51 -0.81 -58.56
CA GLY F 283 -45.04 -2.00 -57.84
C GLY F 283 -45.14 -3.21 -58.74
N PRO F 284 -44.10 -4.03 -58.80
CA PRO F 284 -44.27 -5.26 -59.57
C PRO F 284 -45.11 -6.34 -58.81
N VAL F 285 -46.43 -6.13 -58.70
CA VAL F 285 -47.34 -7.07 -58.02
C VAL F 285 -47.29 -8.45 -58.70
N ARG F 286 -46.96 -9.47 -57.90
CA ARG F 286 -47.06 -10.87 -58.28
C ARG F 286 -47.57 -11.66 -57.04
N PRO F 287 -48.35 -12.75 -57.22
CA PRO F 287 -48.85 -13.46 -56.06
C PRO F 287 -47.73 -14.16 -55.29
N GLN F 288 -46.64 -14.46 -55.98
CA GLN F 288 -45.39 -14.81 -55.30
C GLN F 288 -44.17 -14.52 -56.18
N VAL F 289 -43.02 -14.29 -55.59
CA VAL F 289 -41.87 -13.72 -56.32
C VAL F 289 -41.25 -14.76 -57.28
N ARG F 290 -40.79 -14.32 -58.45
CA ARG F 290 -40.15 -15.22 -59.38
C ARG F 290 -38.63 -15.27 -59.19
N LEU F 291 -38.15 -16.36 -58.62
CA LEU F 291 -36.74 -16.53 -58.34
C LEU F 291 -36.31 -17.95 -58.68
N GLU F 292 -36.04 -18.16 -59.97
CA GLU F 292 -35.64 -19.47 -60.48
C GLU F 292 -34.53 -19.37 -61.51
N ARG F 293 -33.89 -20.51 -61.79
CA ARG F 293 -33.00 -20.59 -62.90
C ARG F 293 -33.82 -20.93 -64.16
N GLU F 294 -33.31 -20.49 -65.31
CA GLU F 294 -33.89 -20.82 -66.62
C GLU F 294 -32.81 -20.86 -67.71
N GLN F 295 -32.58 -22.05 -68.30
CA GLN F 295 -31.68 -22.20 -69.43
C GLN F 295 -32.48 -21.82 -70.66
N LEU F 296 -32.06 -20.75 -71.32
CA LEU F 296 -32.59 -20.42 -72.63
C LEU F 296 -31.46 -20.65 -73.64
N ARG F 297 -31.88 -20.96 -74.87
CA ARG F 297 -31.01 -21.52 -75.90
C ARG F 297 -31.17 -20.71 -77.23
N PHE F 298 -30.06 -20.11 -77.68
CA PHE F 298 -30.02 -19.20 -78.86
C PHE F 298 -28.80 -19.50 -79.73
N GLY F 299 -29.01 -19.87 -81.00
CA GLY F 299 -27.91 -20.23 -81.92
C GLY F 299 -27.21 -21.50 -81.46
N SER F 300 -25.92 -21.40 -81.13
CA SER F 300 -25.18 -22.47 -80.40
C SER F 300 -24.90 -22.13 -78.91
N SER F 301 -24.87 -20.83 -78.57
CA SER F 301 -24.50 -20.34 -77.21
C SER F 301 -25.64 -20.43 -76.16
N ASN F 302 -25.39 -21.22 -75.09
CA ASN F 302 -26.31 -21.37 -73.96
C ASN F 302 -26.10 -20.25 -72.98
N THR F 303 -27.15 -19.47 -72.74
CA THR F 303 -27.11 -18.48 -71.69
C THR F 303 -27.94 -19.03 -70.56
N GLU F 304 -27.43 -18.80 -69.35
CA GLU F 304 -28.11 -19.16 -68.14
C GLU F 304 -28.70 -17.87 -67.63
N VAL F 305 -30.02 -17.78 -67.63
CA VAL F 305 -30.72 -16.64 -67.04
C VAL F 305 -31.07 -17.03 -65.61
N ILE F 306 -31.04 -16.03 -64.71
CA ILE F 306 -31.53 -16.17 -63.32
C ILE F 306 -32.55 -15.07 -63.09
N HIS F 307 -33.78 -15.43 -62.73
CA HIS F 307 -34.84 -14.45 -62.56
C HIS F 307 -34.91 -13.97 -61.10
N ASN F 308 -35.33 -12.73 -60.92
CA ASN F 308 -35.43 -12.08 -59.59
C ASN F 308 -36.25 -10.81 -59.80
N TYR F 309 -37.58 -11.01 -59.90
CA TYR F 309 -38.57 -9.93 -60.03
C TYR F 309 -39.86 -10.30 -59.41
N GLY F 310 -40.75 -9.32 -59.28
CA GLY F 310 -42.09 -9.54 -58.74
C GLY F 310 -42.24 -9.29 -57.25
N HIS F 311 -41.50 -8.31 -56.74
CA HIS F 311 -41.46 -8.08 -55.30
C HIS F 311 -42.53 -7.09 -54.79
N GLY F 312 -43.60 -6.89 -55.56
CA GLY F 312 -44.78 -6.16 -55.10
C GLY F 312 -44.49 -4.81 -54.46
N GLY F 313 -45.13 -4.59 -53.31
CA GLY F 313 -44.90 -3.42 -52.50
C GLY F 313 -44.14 -3.81 -51.25
N TYR F 314 -43.08 -4.62 -51.42
CA TYR F 314 -42.22 -4.99 -50.30
C TYR F 314 -40.78 -5.37 -50.75
N GLY F 315 -40.23 -4.68 -51.76
CA GLY F 315 -38.92 -5.03 -52.34
C GLY F 315 -37.72 -4.69 -51.45
N LEU F 316 -37.73 -3.51 -50.85
CA LEU F 316 -36.67 -3.09 -49.93
C LEU F 316 -36.66 -3.98 -48.69
N THR F 317 -37.87 -4.31 -48.24
CA THR F 317 -38.13 -5.31 -47.19
C THR F 317 -37.44 -6.68 -47.40
N ILE F 318 -37.44 -7.14 -48.64
CA ILE F 318 -37.09 -8.52 -48.95
C ILE F 318 -35.81 -8.64 -49.75
N HIS F 319 -35.20 -7.53 -50.16
CA HIS F 319 -34.13 -7.55 -51.17
C HIS F 319 -32.91 -8.42 -50.88
N TRP F 320 -32.49 -8.47 -49.62
CA TRP F 320 -31.18 -9.05 -49.25
C TRP F 320 -31.23 -10.54 -49.19
N GLY F 321 -32.33 -11.09 -48.68
CA GLY F 321 -32.55 -12.54 -48.71
C GLY F 321 -32.56 -13.08 -50.13
N CYS F 322 -33.41 -12.44 -50.96
CA CYS F 322 -33.49 -12.72 -52.39
C CYS F 322 -32.17 -12.50 -53.08
N ALA F 323 -31.46 -11.45 -52.70
CA ALA F 323 -30.11 -11.22 -53.22
C ALA F 323 -29.22 -12.41 -52.86
N LEU F 324 -29.28 -12.85 -51.62
CA LEU F 324 -28.51 -14.00 -51.13
C LEU F 324 -28.83 -15.24 -51.96
N GLU F 325 -30.12 -15.60 -51.98
CA GLU F 325 -30.64 -16.67 -52.85
C GLU F 325 -30.00 -16.78 -54.28
N VAL F 326 -30.00 -15.66 -55.00
CA VAL F 326 -29.50 -15.59 -56.38
C VAL F 326 -27.98 -15.82 -56.48
N ALA F 327 -27.23 -15.53 -55.42
CA ALA F 327 -25.78 -15.78 -55.41
C ALA F 327 -25.48 -17.27 -55.19
N LYS F 328 -26.30 -17.93 -54.35
CA LYS F 328 -26.25 -19.38 -54.18
C LYS F 328 -26.59 -20.09 -55.50
N LEU F 329 -27.66 -19.65 -56.17
CA LEU F 329 -27.99 -20.13 -57.52
C LEU F 329 -26.85 -19.87 -58.54
N PHE F 330 -26.22 -18.71 -58.44
CA PHE F 330 -25.05 -18.39 -59.27
C PHE F 330 -23.88 -19.31 -58.87
N GLY F 331 -23.85 -19.74 -57.61
CA GLY F 331 -23.00 -20.87 -57.19
C GLY F 331 -23.12 -22.06 -58.13
N LYS F 332 -24.27 -22.76 -58.09
CA LYS F 332 -24.57 -23.94 -58.95
C LYS F 332 -24.01 -23.87 -60.38
N VAL F 333 -24.17 -22.72 -61.01
CA VAL F 333 -23.70 -22.50 -62.39
C VAL F 333 -22.18 -22.53 -62.48
N LEU F 334 -21.51 -21.93 -61.50
CA LEU F 334 -20.04 -22.03 -61.39
C LEU F 334 -19.59 -23.51 -61.19
N GLU F 335 -20.18 -24.18 -60.18
CA GLU F 335 -19.94 -25.61 -59.91
C GLU F 335 -20.06 -26.41 -61.18
N GLU F 336 -21.20 -26.28 -61.85
CA GLU F 336 -21.47 -26.99 -63.12
C GLU F 336 -20.60 -26.61 -64.33
N ARG F 337 -19.56 -25.80 -64.15
CA ARG F 337 -18.59 -25.51 -65.22
C ARG F 337 -17.14 -25.71 -64.73
N ASN F 338 -16.74 -24.95 -63.69
CA ASN F 338 -15.38 -24.98 -63.07
C ASN F 338 -14.62 -26.31 -63.20
N MET G 1 34.50 34.34 -4.55
CA MET G 1 35.65 33.91 -3.70
C MET G 1 36.91 33.90 -4.54
N ARG G 2 38.06 34.08 -3.86
CA ARG G 2 39.37 33.82 -4.46
C ARG G 2 39.91 32.47 -3.93
N VAL G 3 39.81 31.43 -4.76
CA VAL G 3 40.22 30.06 -4.37
C VAL G 3 41.46 29.64 -5.16
N VAL G 4 42.45 29.09 -4.46
CA VAL G 4 43.72 28.64 -5.05
C VAL G 4 43.97 27.17 -4.69
N VAL G 5 44.03 26.31 -5.73
CA VAL G 5 44.40 24.89 -5.59
C VAL G 5 45.88 24.66 -5.90
N ILE G 6 46.55 23.98 -4.98
CA ILE G 6 47.97 23.70 -5.09
C ILE G 6 48.08 22.27 -5.55
N GLY G 7 48.47 22.07 -6.81
CA GLY G 7 48.66 20.73 -7.38
C GLY G 7 47.92 20.55 -8.67
N ALA G 8 48.60 19.99 -9.67
CA ALA G 8 47.96 19.55 -10.90
C ALA G 8 48.25 18.08 -11.08
N GLY G 9 48.06 17.36 -9.97
CA GLY G 9 48.08 15.93 -9.97
C GLY G 9 46.74 15.43 -10.47
N VAL G 10 46.23 14.41 -9.80
CA VAL G 10 44.86 13.97 -10.01
C VAL G 10 43.99 14.55 -8.91
N ILE G 11 44.42 14.44 -7.65
CA ILE G 11 43.56 14.91 -6.58
C ILE G 11 43.44 16.43 -6.65
N GLY G 12 44.48 17.10 -7.14
CA GLY G 12 44.40 18.53 -7.41
C GLY G 12 43.40 18.88 -8.48
N LEU G 13 43.51 18.20 -9.64
CA LEU G 13 42.72 18.59 -10.79
C LEU G 13 41.30 18.11 -10.78
N SER G 14 41.01 16.98 -10.13
CA SER G 14 39.61 16.52 -9.97
C SER G 14 38.89 17.38 -8.93
N THR G 15 39.52 17.58 -7.77
CA THR G 15 39.06 18.54 -6.75
C THR G 15 38.75 19.92 -7.34
N ALA G 16 39.58 20.38 -8.28
CA ALA G 16 39.37 21.65 -8.96
C ALA G 16 38.16 21.64 -9.90
N LEU G 17 37.96 20.53 -10.62
CA LEU G 17 36.78 20.37 -11.47
C LEU G 17 35.54 20.24 -10.62
N CYS G 18 35.63 19.36 -9.63
CA CYS G 18 34.52 19.05 -8.74
C CYS G 18 33.93 20.28 -8.04
N ILE G 19 34.80 21.23 -7.67
CA ILE G 19 34.41 22.48 -6.98
C ILE G 19 33.66 23.46 -7.92
N HIS G 20 34.28 23.79 -9.05
CA HIS G 20 33.65 24.64 -10.07
C HIS G 20 32.26 24.13 -10.58
N GLU G 21 32.12 22.82 -10.80
CA GLU G 21 30.85 22.20 -11.22
C GLU G 21 29.69 22.27 -10.20
N ARG G 22 29.97 22.63 -8.95
CA ARG G 22 28.94 22.74 -7.89
C ARG G 22 28.71 24.18 -7.40
N TYR G 23 29.62 25.13 -7.68
CA TYR G 23 29.50 26.53 -7.19
C TYR G 23 29.68 27.63 -8.26
N HIS G 24 29.70 27.25 -9.53
CA HIS G 24 29.70 28.19 -10.67
C HIS G 24 28.41 29.06 -10.75
N SER G 25 27.26 28.45 -10.45
CA SER G 25 25.97 29.15 -10.40
C SER G 25 25.82 30.03 -9.15
N VAL G 26 25.83 29.40 -7.96
CA VAL G 26 25.45 30.09 -6.70
C VAL G 26 26.46 31.14 -6.17
N LEU G 27 27.55 31.40 -6.90
CA LEU G 27 28.37 32.59 -6.66
C LEU G 27 28.96 33.13 -7.98
N GLN G 28 28.52 34.32 -8.40
CA GLN G 28 28.90 34.93 -9.69
C GLN G 28 30.26 35.72 -9.70
N PRO G 29 30.90 35.92 -8.53
CA PRO G 29 32.37 36.07 -8.45
C PRO G 29 33.07 34.85 -7.77
N LEU G 30 33.48 33.86 -8.58
CA LEU G 30 34.24 32.67 -8.10
C LEU G 30 35.37 32.27 -9.08
N ASP G 31 36.38 33.13 -9.15
CA ASP G 31 37.64 32.86 -9.85
C ASP G 31 38.38 31.77 -9.06
N VAL G 32 38.72 30.68 -9.76
CA VAL G 32 39.44 29.54 -9.20
C VAL G 32 40.74 29.34 -10.00
N LYS G 33 41.84 29.11 -9.29
CA LYS G 33 43.20 29.08 -9.87
C LYS G 33 43.98 27.87 -9.39
N VAL G 34 44.74 27.27 -10.33
CA VAL G 34 45.62 26.13 -10.05
C VAL G 34 47.06 26.60 -10.09
N TYR G 35 47.79 26.40 -8.99
CA TYR G 35 49.24 26.61 -8.96
C TYR G 35 49.96 25.26 -8.91
N ALA G 36 50.96 25.08 -9.78
CA ALA G 36 51.70 23.82 -9.88
C ALA G 36 53.11 23.98 -10.46
N ASP G 37 54.13 23.45 -9.75
CA ASP G 37 55.50 23.35 -10.30
C ASP G 37 55.74 22.18 -11.28
N ARG G 38 54.82 21.21 -11.27
CA ARG G 38 54.82 20.11 -12.23
C ARG G 38 53.40 19.96 -12.83
N PHE G 39 53.33 19.74 -14.14
CA PHE G 39 52.08 19.42 -14.82
C PHE G 39 52.24 18.10 -15.55
N THR G 40 51.20 17.67 -16.26
CA THR G 40 51.27 16.55 -17.19
C THR G 40 52.36 16.92 -18.16
N PRO G 41 53.30 16.03 -18.47
CA PRO G 41 53.32 14.64 -18.02
C PRO G 41 54.34 14.37 -16.89
N PHE G 42 54.77 15.40 -16.16
CA PHE G 42 55.83 15.22 -15.15
C PHE G 42 55.33 14.97 -13.71
N THR G 43 54.03 14.75 -13.51
CA THR G 43 53.52 14.42 -12.16
C THR G 43 53.63 12.93 -11.89
N THR G 44 53.61 12.57 -10.61
CA THR G 44 53.54 11.15 -10.15
C THR G 44 52.33 10.40 -10.71
N THR G 45 51.25 11.12 -10.97
CA THR G 45 50.04 10.54 -11.54
C THR G 45 50.26 9.92 -12.94
N ASP G 46 51.14 10.52 -13.73
CA ASP G 46 51.41 10.06 -15.11
C ASP G 46 52.24 8.74 -15.17
N VAL G 47 53.02 8.49 -14.13
CA VAL G 47 53.72 7.22 -13.91
C VAL G 47 52.73 6.09 -13.63
N ALA G 48 51.69 6.40 -12.86
CA ALA G 48 50.72 5.41 -12.42
C ALA G 48 50.28 4.47 -13.52
N ALA G 49 50.21 3.19 -13.17
CA ALA G 49 49.81 2.11 -14.10
C ALA G 49 48.33 2.17 -14.49
N GLY G 50 47.51 2.82 -13.66
CA GLY G 50 46.15 3.19 -14.00
C GLY G 50 45.02 2.30 -13.51
N LEU G 51 45.31 1.12 -12.98
CA LEU G 51 44.26 0.19 -12.59
C LEU G 51 43.46 0.63 -11.37
N TRP G 52 42.16 0.31 -11.40
CA TRP G 52 41.26 0.50 -10.26
C TRP G 52 41.26 -0.76 -9.39
N GLN G 53 41.90 -0.63 -8.23
CA GLN G 53 41.91 -1.70 -7.24
C GLN G 53 42.52 -1.10 -6.00
N PRO G 54 41.79 -1.08 -4.88
CA PRO G 54 42.41 -0.60 -3.65
C PRO G 54 43.13 -1.74 -2.96
N TYR G 55 43.62 -1.54 -1.73
CA TYR G 55 44.40 -2.60 -1.07
C TYR G 55 43.45 -3.71 -0.60
N THR G 56 44.02 -4.90 -0.45
CA THR G 56 43.30 -6.11 -0.05
C THR G 56 42.71 -5.95 1.35
N SER G 57 43.60 -5.69 2.30
CA SER G 57 43.22 -5.45 3.69
C SER G 57 42.20 -4.32 3.82
N GLU G 58 41.39 -4.41 4.87
CA GLU G 58 40.30 -3.45 5.13
C GLU G 58 40.94 -2.09 5.51
N PRO G 59 40.27 -0.95 5.20
CA PRO G 59 40.93 0.36 5.48
C PRO G 59 40.75 0.84 6.92
N SER G 60 41.63 1.73 7.40
CA SER G 60 41.55 2.29 8.78
C SER G 60 40.30 3.14 9.00
N ASN G 61 40.17 4.17 8.16
CA ASN G 61 39.03 5.06 8.19
C ASN G 61 37.94 4.34 7.36
N PRO G 62 36.70 4.27 7.89
CA PRO G 62 35.63 3.61 7.13
C PRO G 62 35.16 4.37 5.90
N GLN G 63 35.37 5.69 5.84
CA GLN G 63 34.90 6.53 4.71
C GLN G 63 35.70 6.32 3.44
N GLU G 64 36.92 5.80 3.56
CA GLU G 64 37.79 5.56 2.40
C GLU G 64 37.22 4.52 1.44
N ALA G 65 36.54 3.51 1.99
CA ALA G 65 35.81 2.53 1.20
C ALA G 65 34.59 3.12 0.50
N ASN G 66 33.93 4.08 1.13
CA ASN G 66 32.86 4.82 0.44
C ASN G 66 33.45 5.65 -0.69
N TRP G 67 34.58 6.29 -0.40
CA TRP G 67 35.28 7.08 -1.41
C TRP G 67 35.72 6.27 -2.65
N ASN G 68 36.14 5.02 -2.48
CA ASN G 68 36.46 4.16 -3.62
C ASN G 68 35.17 3.85 -4.41
N GLN G 69 34.18 3.30 -3.71
CA GLN G 69 32.84 2.94 -4.24
C GLN G 69 32.19 4.05 -5.05
N GLN G 70 32.40 5.32 -4.65
CA GLN G 70 31.86 6.46 -5.39
C GLN G 70 32.63 6.71 -6.66
N THR G 71 33.94 6.50 -6.60
CA THR G 71 34.82 6.61 -7.77
C THR G 71 34.44 5.56 -8.82
N PHE G 72 34.37 4.31 -8.40
CA PHE G 72 34.01 3.24 -9.33
C PHE G 72 32.65 3.45 -10.02
N ASN G 73 31.66 3.86 -9.25
CA ASN G 73 30.33 4.11 -9.79
C ASN G 73 30.40 5.24 -10.82
N TYR G 74 31.10 6.31 -10.45
CA TYR G 74 31.29 7.50 -11.30
C TYR G 74 32.07 7.22 -12.59
N LEU G 75 33.14 6.41 -12.50
CA LEU G 75 33.89 6.02 -13.70
C LEU G 75 33.06 5.08 -14.56
N LEU G 76 32.30 4.20 -13.90
CA LEU G 76 31.45 3.19 -14.59
C LEU G 76 30.35 3.91 -15.35
N SER G 77 29.77 4.90 -14.71
CA SER G 77 28.99 5.95 -15.39
C SER G 77 29.50 6.44 -16.75
N HIS G 78 30.82 6.56 -16.95
CA HIS G 78 31.39 7.09 -18.21
C HIS G 78 31.65 6.04 -19.29
N ILE G 79 31.55 4.73 -18.97
CA ILE G 79 31.76 3.66 -20.00
C ILE G 79 30.69 3.69 -21.06
N GLY G 80 31.06 3.42 -22.31
CA GLY G 80 30.13 3.49 -23.42
C GLY G 80 29.78 4.94 -23.78
N SER G 81 30.50 5.91 -23.21
CA SER G 81 30.60 7.24 -23.78
C SER G 81 31.42 7.11 -25.03
N PRO G 82 31.08 7.88 -26.07
CA PRO G 82 32.01 8.09 -27.16
C PRO G 82 33.41 8.59 -26.73
N ASN G 83 33.49 9.50 -25.77
CA ASN G 83 34.77 10.07 -25.32
C ASN G 83 35.23 9.37 -24.03
N ALA G 84 35.35 8.04 -24.09
CA ALA G 84 35.75 7.22 -22.93
C ALA G 84 37.20 6.82 -23.05
N ALA G 85 37.60 6.41 -24.25
CA ALA G 85 39.01 6.23 -24.60
C ALA G 85 39.80 7.54 -24.47
N ASN G 86 39.13 8.67 -24.77
CA ASN G 86 39.74 9.99 -24.71
C ASN G 86 39.96 10.47 -23.26
N MET G 87 39.09 10.02 -22.35
CA MET G 87 39.27 10.18 -20.89
C MET G 87 40.42 9.33 -20.31
N GLY G 88 40.75 8.24 -20.99
CA GLY G 88 41.83 7.35 -20.58
C GLY G 88 41.31 6.13 -19.86
N LEU G 89 40.14 5.69 -20.31
CA LEU G 89 39.29 4.82 -19.54
C LEU G 89 38.83 3.68 -20.44
N THR G 90 39.30 2.47 -20.16
CA THR G 90 38.77 1.25 -20.77
C THR G 90 38.57 0.23 -19.66
N PRO G 91 37.56 -0.67 -19.81
CA PRO G 91 37.49 -1.73 -18.81
C PRO G 91 38.54 -2.77 -19.16
N VAL G 92 38.83 -3.64 -18.22
CA VAL G 92 39.91 -4.59 -18.37
C VAL G 92 39.70 -5.73 -17.38
N SER G 93 39.89 -6.97 -17.85
CA SER G 93 39.65 -8.17 -17.02
C SER G 93 40.98 -8.77 -16.60
N GLY G 94 41.18 -9.04 -15.29
CA GLY G 94 42.44 -9.63 -14.79
C GLY G 94 42.47 -10.44 -13.51
N TYR G 95 43.70 -10.71 -13.05
CA TYR G 95 44.05 -11.75 -12.08
C TYR G 95 44.79 -11.15 -10.90
N ASN G 96 44.42 -11.54 -9.69
CA ASN G 96 45.27 -11.42 -8.49
C ASN G 96 45.66 -12.83 -8.06
N LEU G 97 46.90 -13.00 -7.65
CA LEU G 97 47.41 -14.32 -7.32
C LEU G 97 48.07 -14.24 -5.96
N PHE G 98 47.76 -15.23 -5.09
CA PHE G 98 48.35 -15.37 -3.74
C PHE G 98 49.01 -16.73 -3.52
N ARG G 99 50.05 -16.72 -2.69
CA ARG G 99 50.80 -17.94 -2.41
C ARG G 99 50.01 -18.91 -1.54
N GLU G 100 49.34 -18.39 -0.51
CA GLU G 100 48.40 -19.19 0.30
C GLU G 100 46.93 -18.75 0.10
N ALA G 101 45.98 -19.58 0.57
CA ALA G 101 44.57 -19.17 0.66
C ALA G 101 44.43 -17.93 1.54
N VAL G 102 43.52 -17.03 1.19
CA VAL G 102 43.34 -15.76 1.93
C VAL G 102 41.89 -15.29 1.97
N PRO G 103 41.55 -14.51 3.02
CA PRO G 103 40.23 -13.90 3.06
C PRO G 103 39.99 -12.98 1.86
N ASP G 104 38.73 -12.85 1.50
CA ASP G 104 38.36 -12.02 0.37
C ASP G 104 38.43 -10.54 0.70
N PRO G 105 38.28 -9.66 -0.29
CA PRO G 105 38.47 -8.23 -0.02
C PRO G 105 37.14 -7.46 0.13
N TYR G 106 37.17 -6.35 0.86
CA TYR G 106 35.97 -5.50 1.08
C TYR G 106 35.27 -4.97 -0.18
N TRP G 107 36.01 -4.93 -1.28
CA TRP G 107 35.52 -4.47 -2.59
C TRP G 107 35.05 -5.60 -3.50
N LYS G 108 34.85 -6.82 -2.97
CA LYS G 108 34.52 -7.96 -3.85
C LYS G 108 33.26 -7.73 -4.70
N ASP G 109 32.33 -6.93 -4.21
CA ASP G 109 31.09 -6.63 -4.94
C ASP G 109 31.11 -5.30 -5.73
N MET G 110 32.14 -4.47 -5.51
CA MET G 110 32.30 -3.23 -6.27
C MET G 110 32.74 -3.51 -7.70
N VAL G 111 33.75 -4.37 -7.85
CA VAL G 111 34.21 -4.76 -9.17
C VAL G 111 33.20 -5.71 -9.81
N LEU G 112 33.19 -5.76 -11.14
CA LEU G 112 32.27 -6.58 -11.88
C LEU G 112 32.74 -8.03 -11.92
N GLY G 113 31.82 -8.95 -11.64
CA GLY G 113 32.01 -10.38 -11.88
C GLY G 113 33.09 -11.03 -11.04
N PHE G 114 33.27 -10.53 -9.82
CA PHE G 114 34.29 -11.07 -8.94
C PHE G 114 34.04 -12.55 -8.73
N ARG G 115 35.05 -13.39 -9.00
CA ARG G 115 35.00 -14.83 -8.69
C ARG G 115 36.36 -15.38 -8.23
N LYS G 116 36.40 -16.62 -7.79
CA LYS G 116 37.68 -17.28 -7.46
C LYS G 116 38.13 -18.11 -8.66
N LEU G 117 39.42 -18.41 -8.68
CA LEU G 117 40.07 -19.05 -9.81
C LEU G 117 39.93 -20.58 -9.72
N THR G 118 39.54 -21.21 -10.84
CA THR G 118 39.34 -22.67 -10.92
C THR G 118 40.71 -23.38 -10.87
N PRO G 119 40.75 -24.73 -10.89
CA PRO G 119 42.08 -25.35 -10.75
C PRO G 119 42.94 -25.25 -12.01
N ARG G 120 42.28 -25.13 -13.17
CA ARG G 120 42.94 -25.02 -14.46
C ARG G 120 43.67 -23.70 -14.53
N GLU G 121 42.95 -22.64 -14.20
CA GLU G 121 43.52 -21.29 -14.25
C GLU G 121 44.78 -21.17 -13.39
N LEU G 122 44.81 -21.88 -12.26
CA LEU G 122 45.96 -21.91 -11.39
C LEU G 122 47.16 -22.73 -11.90
N ASP G 123 46.95 -23.48 -12.98
CA ASP G 123 48.04 -24.18 -13.68
C ASP G 123 48.72 -23.30 -14.71
N MET G 124 48.02 -22.25 -15.17
CA MET G 124 48.68 -21.18 -15.91
C MET G 124 49.67 -20.39 -15.02
N PHE G 125 49.56 -20.51 -13.69
CA PHE G 125 50.45 -19.82 -12.75
C PHE G 125 51.08 -20.80 -11.77
N PRO G 126 52.12 -21.55 -12.22
CA PRO G 126 52.85 -22.57 -11.45
C PRO G 126 53.35 -22.25 -10.01
N ASP G 127 53.57 -20.97 -9.68
CA ASP G 127 54.14 -20.59 -8.37
C ASP G 127 53.05 -20.14 -7.38
N TYR G 128 51.78 -20.17 -7.79
CA TYR G 128 50.67 -19.55 -7.05
C TYR G 128 49.54 -20.58 -6.87
N ARG G 129 48.97 -20.68 -5.64
CA ARG G 129 47.99 -21.74 -5.26
C ARG G 129 46.53 -21.31 -5.07
N TYR G 130 46.28 -19.99 -5.03
CA TYR G 130 44.95 -19.46 -4.77
C TYR G 130 44.91 -18.05 -5.34
N GLY G 131 43.74 -17.58 -5.79
CA GLY G 131 43.59 -16.20 -6.27
C GLY G 131 42.22 -15.81 -6.77
N TRP G 132 42.13 -14.64 -7.45
CA TRP G 132 40.86 -14.07 -7.98
C TRP G 132 40.82 -13.63 -9.46
N PHE G 133 39.62 -13.61 -10.04
CA PHE G 133 39.35 -12.93 -11.31
C PHE G 133 38.32 -11.81 -11.11
N ASN G 134 38.50 -10.69 -11.79
CA ASN G 134 37.48 -9.63 -11.82
C ASN G 134 37.69 -8.73 -13.02
N THR G 135 36.58 -8.25 -13.59
CA THR G 135 36.58 -7.10 -14.49
C THR G 135 36.60 -5.77 -13.65
N SER G 136 37.46 -4.82 -14.05
CA SER G 136 37.67 -3.57 -13.30
C SER G 136 37.80 -2.46 -14.35
N LEU G 137 38.52 -1.38 -14.05
CA LEU G 137 38.78 -0.34 -15.05
C LEU G 137 40.23 0.10 -15.06
N ILE G 138 40.69 0.55 -16.23
CA ILE G 138 41.96 1.26 -16.38
C ILE G 138 41.68 2.75 -16.49
N LEU G 139 42.37 3.57 -15.70
CA LEU G 139 42.27 5.03 -15.79
C LEU G 139 43.65 5.65 -15.96
N GLU G 140 44.07 5.76 -17.21
CA GLU G 140 45.44 6.13 -17.55
C GLU G 140 45.68 7.55 -17.13
N GLY G 141 46.55 7.72 -16.13
CA GLY G 141 46.92 9.03 -15.56
C GLY G 141 47.42 10.02 -16.59
N ARG G 142 48.32 9.57 -17.46
CA ARG G 142 48.71 10.31 -18.65
C ARG G 142 47.47 10.92 -19.30
N LYS G 143 46.53 10.06 -19.71
CA LYS G 143 45.35 10.50 -20.48
C LYS G 143 44.34 11.34 -19.67
N TYR G 144 44.11 10.98 -18.40
CA TYR G 144 43.10 11.65 -17.56
C TYR G 144 43.44 13.09 -17.22
N LEU G 145 44.71 13.36 -16.94
CA LEU G 145 45.14 14.74 -16.65
C LEU G 145 45.02 15.69 -17.86
N GLN G 146 45.18 15.16 -19.08
CA GLN G 146 44.90 15.97 -20.28
C GLN G 146 43.41 16.32 -20.34
N TRP G 147 42.56 15.30 -20.23
CA TRP G 147 41.11 15.52 -20.16
C TRP G 147 40.75 16.51 -19.05
N LEU G 148 41.23 16.28 -17.83
CA LEU G 148 40.87 17.15 -16.72
C LEU G 148 41.36 18.57 -16.97
N THR G 149 42.57 18.74 -17.54
CA THR G 149 43.05 20.11 -17.91
C THR G 149 42.13 20.73 -18.99
N GLU G 150 41.69 19.93 -19.97
CA GLU G 150 40.78 20.43 -21.02
C GLU G 150 39.38 20.78 -20.52
N ARG G 151 38.87 20.04 -19.54
CA ARG G 151 37.57 20.37 -18.91
C ARG G 151 37.66 21.62 -18.01
N LEU G 152 38.84 21.94 -17.50
CA LEU G 152 39.04 23.11 -16.65
C LEU G 152 39.37 24.39 -17.43
N THR G 153 40.17 24.24 -18.49
CA THR G 153 40.44 25.34 -19.44
C THR G 153 39.12 25.80 -20.08
N GLU G 154 38.27 24.82 -20.39
CA GLU G 154 36.90 25.03 -20.91
C GLU G 154 35.96 25.80 -19.95
N ARG G 155 36.08 25.58 -18.65
CA ARG G 155 35.34 26.36 -17.65
C ARG G 155 36.12 27.58 -17.10
N GLY G 156 37.17 28.02 -17.80
CA GLY G 156 37.88 29.25 -17.44
C GLY G 156 38.79 29.22 -16.22
N VAL G 157 39.03 28.04 -15.65
CA VAL G 157 39.92 27.91 -14.48
C VAL G 157 41.33 28.12 -15.01
N LYS G 158 42.06 29.06 -14.40
CA LYS G 158 43.35 29.55 -14.92
C LYS G 158 44.55 28.84 -14.28
N PHE G 159 45.44 28.30 -15.14
CA PHE G 159 46.60 27.51 -14.73
C PHE G 159 47.90 28.31 -14.69
N PHE G 160 48.64 28.21 -13.59
CA PHE G 160 49.93 28.88 -13.50
C PHE G 160 51.01 27.91 -13.09
N LEU G 161 52.18 28.11 -13.70
CA LEU G 161 53.36 27.31 -13.45
C LEU G 161 54.16 28.05 -12.37
N ARG G 162 54.03 27.62 -11.11
CA ARG G 162 54.89 28.17 -10.05
C ARG G 162 55.01 27.30 -8.79
N LYS G 163 56.20 27.37 -8.16
CA LYS G 163 56.56 26.60 -6.96
C LYS G 163 56.32 27.40 -5.67
N VAL G 164 55.43 26.89 -4.85
CA VAL G 164 54.98 27.56 -3.65
C VAL G 164 56.00 27.32 -2.53
N GLU G 165 56.43 28.40 -1.89
CA GLU G 165 57.43 28.37 -0.80
C GLU G 165 56.80 28.15 0.58
N SER G 166 55.57 28.64 0.76
CA SER G 166 54.82 28.48 2.01
C SER G 166 53.33 28.71 1.78
N PHE G 167 52.53 28.44 2.79
CA PHE G 167 51.10 28.80 2.77
C PHE G 167 50.85 30.30 2.75
N GLU G 168 51.76 31.04 3.40
CA GLU G 168 51.59 32.47 3.65
C GLU G 168 51.61 33.29 2.36
N GLU G 169 52.53 32.98 1.45
CA GLU G 169 52.62 33.70 0.17
C GLU G 169 51.40 33.52 -0.73
N VAL G 170 50.68 32.41 -0.55
CA VAL G 170 49.42 32.17 -1.27
C VAL G 170 48.41 33.19 -0.74
N ALA G 171 48.21 33.19 0.58
CA ALA G 171 47.35 34.17 1.27
C ALA G 171 47.60 35.64 0.84
N ARG G 172 48.83 36.14 1.02
CA ARG G 172 49.26 37.48 0.56
C ARG G 172 48.99 37.83 -0.91
N GLY G 173 49.03 36.82 -1.77
CA GLY G 173 48.72 36.99 -3.19
C GLY G 173 47.26 37.23 -3.52
N GLY G 174 46.37 37.15 -2.51
CA GLY G 174 44.94 37.44 -2.67
C GLY G 174 44.19 36.14 -2.81
N ALA G 175 44.02 35.45 -1.68
CA ALA G 175 43.48 34.08 -1.63
C ALA G 175 42.75 33.78 -0.32
N ASP G 176 41.42 33.81 -0.40
CA ASP G 176 40.55 33.58 0.75
C ASP G 176 40.58 32.13 1.21
N VAL G 177 40.60 31.19 0.26
CA VAL G 177 40.63 29.75 0.57
C VAL G 177 41.67 29.00 -0.26
N ILE G 178 42.39 28.07 0.38
CA ILE G 178 43.42 27.26 -0.29
C ILE G 178 43.04 25.78 -0.28
N ILE G 179 43.28 25.10 -1.40
CA ILE G 179 43.13 23.63 -1.51
C ILE G 179 44.51 22.96 -1.75
N ASN G 180 44.95 22.18 -0.76
CA ASN G 180 46.30 21.63 -0.71
C ASN G 180 46.30 20.19 -1.21
N CYS G 181 46.71 20.01 -2.46
CA CYS G 181 46.63 18.71 -3.15
C CYS G 181 47.99 18.29 -3.70
N THR G 182 48.98 18.34 -2.82
CA THR G 182 50.40 18.30 -3.18
C THR G 182 51.04 16.93 -2.98
N GLY G 183 50.24 15.87 -3.02
CA GLY G 183 50.74 14.50 -2.80
C GLY G 183 51.87 14.41 -1.80
N VAL G 184 52.96 13.74 -2.20
CA VAL G 184 54.07 13.39 -1.29
C VAL G 184 54.84 14.59 -0.80
N TRP G 185 54.85 15.64 -1.63
CA TRP G 185 55.60 16.88 -1.34
C TRP G 185 54.93 17.83 -0.34
N ALA G 186 53.76 17.43 0.20
CA ALA G 186 53.00 18.20 1.19
C ALA G 186 53.78 18.51 2.44
N GLY G 187 54.59 17.54 2.90
CA GLY G 187 55.42 17.68 4.11
C GLY G 187 56.24 18.97 4.19
N VAL G 188 56.80 19.39 3.05
CA VAL G 188 57.56 20.65 2.93
C VAL G 188 56.78 21.82 3.53
N LEU G 189 55.54 21.98 3.09
CA LEU G 189 54.67 23.09 3.50
C LEU G 189 54.11 23.00 4.94
N GLN G 190 54.17 21.84 5.57
CA GLN G 190 53.72 21.69 6.96
C GLN G 190 54.16 20.32 7.45
N PRO G 191 55.05 20.23 8.47
CA PRO G 191 55.54 18.89 8.82
C PRO G 191 54.41 17.88 9.06
N ASP G 192 54.54 16.68 8.50
CA ASP G 192 53.57 15.60 8.69
C ASP G 192 54.35 14.27 8.81
N PRO G 193 54.82 13.94 10.01
CA PRO G 193 55.52 12.67 10.16
C PRO G 193 54.78 11.39 9.76
N LEU G 194 53.48 11.45 9.52
CA LEU G 194 52.77 10.27 8.97
C LEU G 194 52.95 10.03 7.44
N LEU G 195 53.50 11.02 6.73
CA LEU G 195 53.71 10.97 5.28
C LEU G 195 55.14 10.54 4.91
N GLN G 196 55.31 9.35 4.32
CA GLN G 196 56.60 8.98 3.73
C GLN G 196 56.44 8.59 2.23
N PRO G 197 57.50 8.82 1.41
CA PRO G 197 57.38 8.53 0.00
C PRO G 197 57.37 7.03 -0.28
N GLY G 198 56.41 6.60 -1.10
CA GLY G 198 56.38 5.24 -1.62
C GLY G 198 57.02 5.24 -3.00
N ARG G 199 58.22 4.66 -3.10
CA ARG G 199 59.02 4.72 -4.30
C ARG G 199 58.82 3.47 -5.16
N GLY G 200 57.93 3.61 -6.12
CA GLY G 200 57.74 2.61 -7.15
C GLY G 200 58.62 2.99 -8.33
N GLN G 201 59.07 1.98 -9.06
CA GLN G 201 59.80 2.14 -10.33
C GLN G 201 59.20 1.14 -11.25
N ILE G 202 59.03 1.53 -12.51
CA ILE G 202 58.31 0.73 -13.50
C ILE G 202 58.99 0.82 -14.85
N ILE G 203 58.67 -0.15 -15.69
CA ILE G 203 59.18 -0.30 -17.04
C ILE G 203 57.93 -0.37 -17.91
N LYS G 204 57.79 0.53 -18.88
CA LYS G 204 56.70 0.44 -19.86
C LYS G 204 57.28 -0.30 -21.02
N VAL G 205 56.55 -1.29 -21.53
CA VAL G 205 56.99 -2.09 -22.68
C VAL G 205 55.90 -2.07 -23.73
N ASP G 206 56.28 -2.30 -24.98
CA ASP G 206 55.32 -2.55 -26.01
C ASP G 206 55.06 -4.07 -26.05
N ALA G 207 53.82 -4.46 -25.72
CA ALA G 207 53.36 -5.85 -25.73
C ALA G 207 51.83 -5.89 -25.96
N PRO G 208 51.37 -5.58 -27.18
CA PRO G 208 49.93 -5.47 -27.43
C PRO G 208 49.12 -6.77 -27.33
N TRP G 209 49.79 -7.92 -27.41
CA TRP G 209 49.15 -9.23 -27.18
C TRP G 209 48.70 -9.48 -25.71
N LEU G 210 49.16 -8.67 -24.75
CA LEU G 210 48.64 -8.73 -23.38
C LEU G 210 47.34 -7.92 -23.18
N LYS G 211 46.25 -8.63 -22.89
CA LYS G 211 44.92 -8.07 -22.68
C LYS G 211 44.45 -8.00 -21.24
N ASN G 212 45.09 -8.76 -20.33
CA ASN G 212 44.66 -8.91 -18.92
C ASN G 212 45.71 -8.39 -17.92
N PHE G 213 45.28 -7.80 -16.81
CA PHE G 213 46.19 -7.47 -15.72
C PHE G 213 46.49 -8.70 -14.88
N ILE G 214 47.72 -8.78 -14.37
CA ILE G 214 48.13 -9.86 -13.48
C ILE G 214 48.80 -9.22 -12.28
N ILE G 215 48.22 -9.38 -11.11
CA ILE G 215 48.78 -8.80 -9.90
C ILE G 215 49.15 -9.90 -8.96
N THR G 216 50.34 -9.83 -8.36
CA THR G 216 50.73 -10.82 -7.35
C THR G 216 50.97 -10.15 -6.00
N HIS G 217 50.73 -10.94 -4.96
CA HIS G 217 50.85 -10.53 -3.58
C HIS G 217 51.82 -11.48 -2.85
N ASP G 218 52.72 -10.91 -2.04
CA ASP G 218 53.57 -11.66 -1.13
C ASP G 218 53.39 -11.05 0.27
N LEU G 219 52.86 -11.85 1.22
CA LEU G 219 52.30 -11.32 2.49
C LEU G 219 53.33 -11.18 3.64
N GLU G 220 54.55 -11.62 3.39
CA GLU G 220 55.69 -11.33 4.26
C GLU G 220 56.37 -10.01 3.85
N ARG G 221 56.42 -9.73 2.54
CA ARG G 221 57.16 -8.58 1.97
C ARG G 221 56.33 -7.31 1.73
N GLY G 222 55.08 -7.28 2.18
CA GLY G 222 54.16 -6.19 1.85
C GLY G 222 53.73 -6.24 0.41
N ILE G 223 52.82 -5.34 0.03
CA ILE G 223 52.29 -5.29 -1.34
C ILE G 223 52.50 -3.84 -1.81
N TYR G 224 53.05 -3.55 -3.00
CA TYR G 224 53.34 -4.47 -4.12
C TYR G 224 54.85 -4.62 -4.29
N ASN G 225 55.44 -5.47 -3.44
CA ASN G 225 56.85 -5.88 -3.58
C ASN G 225 56.86 -7.29 -4.16
N SER G 226 56.14 -7.42 -5.26
CA SER G 226 55.93 -8.67 -5.95
C SER G 226 55.30 -8.26 -7.27
N PRO G 227 55.74 -8.88 -8.38
CA PRO G 227 55.55 -8.25 -9.64
C PRO G 227 54.08 -8.10 -10.02
N TYR G 228 53.76 -7.02 -10.73
CA TYR G 228 52.45 -6.83 -11.38
C TYR G 228 52.61 -6.49 -12.87
N ILE G 229 51.55 -6.77 -13.63
CA ILE G 229 51.47 -6.48 -15.06
C ILE G 229 50.11 -5.84 -15.33
N ALA G 230 50.11 -4.73 -16.06
CA ALA G 230 48.91 -3.94 -16.26
C ALA G 230 48.88 -3.41 -17.66
N PRO G 231 48.08 -4.03 -18.53
CA PRO G 231 47.93 -3.46 -19.86
C PRO G 231 47.32 -2.10 -19.76
N GLY G 232 47.87 -1.16 -20.52
CA GLY G 232 47.35 0.20 -20.61
C GLY G 232 46.56 0.30 -21.87
N LEU G 233 46.55 1.51 -22.47
CA LEU G 233 45.87 1.76 -23.76
C LEU G 233 46.85 1.54 -24.93
N GLN G 234 48.02 2.15 -24.80
CA GLN G 234 49.08 2.07 -25.80
C GLN G 234 50.16 1.06 -25.42
N ALA G 235 50.47 0.95 -24.14
CA ALA G 235 51.61 0.16 -23.70
C ALA G 235 51.31 -0.53 -22.39
N VAL G 236 52.20 -1.43 -21.97
CA VAL G 236 51.98 -2.31 -20.80
C VAL G 236 52.98 -1.99 -19.72
N THR G 237 52.49 -1.85 -18.50
CA THR G 237 53.31 -1.45 -17.36
C THR G 237 53.74 -2.65 -16.54
N LEU G 238 55.03 -2.71 -16.24
CA LEU G 238 55.62 -3.76 -15.41
C LEU G 238 56.12 -3.09 -14.14
N GLY G 239 55.71 -3.59 -12.98
CA GLY G 239 56.25 -3.07 -11.71
C GLY G 239 56.57 -4.17 -10.75
N GLY G 240 56.61 -3.83 -9.46
CA GLY G 240 56.94 -4.82 -8.42
C GLY G 240 57.91 -4.41 -7.35
N THR G 241 58.30 -3.13 -7.32
CA THR G 241 58.84 -2.52 -6.12
C THR G 241 57.77 -1.53 -5.67
N PHE G 242 57.59 -1.44 -4.35
CA PHE G 242 57.02 -0.28 -3.65
C PHE G 242 57.70 -0.14 -2.28
N GLN G 243 58.69 0.75 -2.16
CA GLN G 243 59.65 0.81 -1.03
C GLN G 243 59.54 2.09 -0.19
N VAL G 244 58.82 2.05 0.93
CA VAL G 244 58.50 3.29 1.70
C VAL G 244 59.71 3.85 2.45
N GLY G 245 59.80 5.17 2.49
CA GLY G 245 60.92 5.88 3.10
C GLY G 245 62.02 6.26 2.14
N ASN G 246 62.14 5.51 1.04
CA ASN G 246 63.16 5.70 -0.01
C ASN G 246 62.81 6.95 -0.81
N TRP G 247 63.69 7.95 -0.75
CA TRP G 247 63.42 9.28 -1.31
C TRP G 247 64.07 9.53 -2.70
N ASN G 248 64.72 8.50 -3.26
CA ASN G 248 65.68 8.67 -4.36
C ASN G 248 64.96 8.66 -5.72
N GLU G 249 65.00 9.78 -6.46
CA GLU G 249 64.19 9.89 -7.69
C GLU G 249 64.78 9.28 -8.96
N ILE G 250 65.98 8.70 -8.85
CA ILE G 250 66.68 8.05 -9.97
C ILE G 250 66.30 6.57 -10.10
N ASN G 251 66.24 6.11 -11.36
CA ASN G 251 66.07 4.69 -11.70
C ASN G 251 67.44 4.02 -11.53
N ASN G 252 67.43 2.82 -10.94
CA ASN G 252 68.67 2.04 -10.69
C ASN G 252 68.59 0.63 -11.30
N ILE G 253 69.76 0.09 -11.65
CA ILE G 253 69.86 -1.21 -12.36
C ILE G 253 69.31 -2.36 -11.52
N GLN G 254 69.35 -2.23 -10.20
CA GLN G 254 68.91 -3.31 -9.31
C GLN G 254 67.40 -3.53 -9.46
N ASP G 255 66.64 -2.43 -9.31
CA ASP G 255 65.17 -2.46 -9.36
C ASP G 255 64.67 -2.88 -10.76
N HIS G 256 65.26 -2.28 -11.81
CA HIS G 256 65.09 -2.75 -13.20
C HIS G 256 65.11 -4.26 -13.29
N ASN G 257 66.20 -4.87 -12.81
CA ASN G 257 66.41 -6.33 -12.89
C ASN G 257 65.38 -7.13 -12.09
N THR G 258 65.11 -6.68 -10.86
CA THR G 258 64.10 -7.29 -9.99
C THR G 258 62.77 -7.38 -10.71
N ILE G 259 62.39 -6.27 -11.35
CA ILE G 259 61.10 -6.18 -12.05
C ILE G 259 61.05 -7.01 -13.31
N TRP G 260 62.10 -6.96 -14.13
CA TRP G 260 62.14 -7.72 -15.40
C TRP G 260 62.14 -9.23 -15.17
N GLU G 261 63.02 -9.68 -14.28
CA GLU G 261 63.13 -11.09 -13.95
C GLU G 261 61.82 -11.59 -13.36
N GLY G 262 61.21 -10.78 -12.48
CA GLY G 262 59.93 -11.15 -11.86
C GLY G 262 58.77 -11.27 -12.85
N CYS G 263 58.72 -10.33 -13.79
CA CYS G 263 57.62 -10.27 -14.72
C CYS G 263 57.80 -11.28 -15.88
N CYS G 264 59.03 -11.57 -16.27
CA CYS G 264 59.23 -12.67 -17.23
C CYS G 264 58.91 -14.05 -16.67
N ARG G 265 58.94 -14.17 -15.34
CA ARG G 265 58.53 -15.39 -14.67
C ARG G 265 57.05 -15.61 -14.94
N LEU G 266 56.24 -14.60 -14.58
CA LEU G 266 54.79 -14.66 -14.71
C LEU G 266 54.28 -14.83 -16.12
N GLU G 267 54.82 -14.01 -17.03
CA GLU G 267 54.42 -14.02 -18.43
C GLU G 267 55.69 -14.02 -19.30
N PRO G 268 56.20 -15.21 -19.64
CA PRO G 268 57.48 -15.29 -20.36
C PRO G 268 57.51 -14.73 -21.78
N THR G 269 56.37 -14.67 -22.47
CA THR G 269 56.27 -13.90 -23.75
C THR G 269 56.90 -12.47 -23.77
N LEU G 270 57.08 -11.90 -22.57
CA LEU G 270 57.77 -10.65 -22.40
C LEU G 270 59.22 -10.62 -22.96
N LYS G 271 59.80 -11.77 -23.31
CA LYS G 271 61.13 -11.81 -23.98
C LYS G 271 61.17 -11.00 -25.27
N ASP G 272 60.10 -11.05 -26.07
CA ASP G 272 60.06 -10.41 -27.38
C ASP G 272 59.45 -9.04 -27.29
N ALA G 273 59.28 -8.51 -26.06
CA ALA G 273 58.71 -7.18 -25.85
C ALA G 273 59.82 -6.15 -25.82
N LYS G 274 59.52 -4.95 -26.34
CA LYS G 274 60.50 -3.86 -26.55
C LYS G 274 60.26 -2.76 -25.51
N ILE G 275 61.28 -2.44 -24.69
CA ILE G 275 61.15 -1.41 -23.62
C ILE G 275 60.91 -0.01 -24.19
N VAL G 276 59.73 0.54 -23.98
CA VAL G 276 59.41 1.92 -24.34
C VAL G 276 60.13 2.92 -23.39
N GLY G 277 60.02 2.69 -22.09
CA GLY G 277 60.63 3.60 -21.10
C GLY G 277 60.73 3.03 -19.71
N GLU G 278 61.35 3.79 -18.82
CA GLU G 278 61.49 3.37 -17.42
C GLU G 278 61.42 4.58 -16.52
N TYR G 279 60.64 4.45 -15.45
CA TYR G 279 60.21 5.62 -14.68
C TYR G 279 60.11 5.29 -13.21
N THR G 280 60.22 6.33 -12.39
CA THR G 280 60.18 6.21 -10.93
C THR G 280 59.23 7.28 -10.34
N GLY G 281 58.34 6.86 -9.44
CA GLY G 281 57.38 7.75 -8.81
C GLY G 281 57.52 7.76 -7.29
N PHE G 282 56.74 8.64 -6.67
CA PHE G 282 56.59 8.67 -5.21
C PHE G 282 55.11 8.66 -4.84
N GLY G 283 54.57 7.47 -4.57
CA GLY G 283 53.19 7.34 -4.09
C GLY G 283 53.09 7.92 -2.68
N PRO G 284 52.12 8.84 -2.44
CA PRO G 284 52.21 9.59 -1.17
C PRO G 284 51.72 8.77 0.03
N VAL G 285 52.55 7.86 0.54
CA VAL G 285 52.10 6.87 1.55
C VAL G 285 51.79 7.55 2.89
N ARG G 286 50.64 7.20 3.44
CA ARG G 286 50.15 7.68 4.73
C ARG G 286 49.29 6.55 5.28
N PRO G 287 49.14 6.45 6.61
CA PRO G 287 48.17 5.50 7.18
C PRO G 287 46.74 5.72 6.70
N GLN G 288 46.36 6.98 6.48
CA GLN G 288 45.05 7.31 5.91
C GLN G 288 44.94 8.75 5.37
N VAL G 289 44.12 8.97 4.33
CA VAL G 289 44.10 10.24 3.61
C VAL G 289 43.87 11.37 4.60
N ARG G 290 44.65 12.43 4.52
CA ARG G 290 44.34 13.67 5.21
C ARG G 290 43.39 14.50 4.37
N LEU G 291 42.10 14.40 4.69
CA LEU G 291 41.11 15.26 4.08
C LEU G 291 40.39 15.94 5.25
N GLU G 292 40.71 17.21 5.46
CA GLU G 292 40.22 17.96 6.61
C GLU G 292 40.47 19.45 6.49
N ARG G 293 39.60 20.22 7.15
CA ARG G 293 39.68 21.68 7.16
C ARG G 293 40.72 22.14 8.17
N GLU G 294 41.21 23.37 8.03
CA GLU G 294 42.13 23.96 9.03
C GLU G 294 42.16 25.49 8.91
N GLN G 295 42.12 26.16 10.07
CA GLN G 295 42.08 27.62 10.13
C GLN G 295 43.48 28.14 10.47
N LEU G 296 43.96 29.13 9.71
CA LEU G 296 45.31 29.71 9.88
C LEU G 296 45.26 31.25 9.86
N ARG G 297 45.96 31.91 10.80
CA ARG G 297 46.03 33.40 10.90
C ARG G 297 47.37 33.92 10.33
N PHE G 298 47.32 35.04 9.59
CA PHE G 298 48.51 35.67 9.00
C PHE G 298 48.33 37.18 8.98
N GLY G 299 48.60 37.86 10.11
CA GLY G 299 48.38 39.31 10.24
C GLY G 299 46.92 39.79 10.27
N SER G 300 46.42 40.26 9.13
CA SER G 300 45.03 40.75 8.99
C SER G 300 43.96 39.72 9.38
N SER G 301 43.79 38.68 8.56
CA SER G 301 42.60 37.78 8.58
C SER G 301 42.88 36.29 8.99
N ASN G 302 41.81 35.50 8.98
CA ASN G 302 41.86 34.03 8.96
C ASN G 302 41.68 33.57 7.49
N THR G 303 42.66 32.83 6.96
CA THR G 303 42.60 32.18 5.63
C THR G 303 42.31 30.68 5.82
N GLU G 304 41.36 30.15 5.03
CA GLU G 304 40.87 28.78 5.18
C GLU G 304 41.63 27.82 4.27
N VAL G 305 41.95 26.62 4.79
CA VAL G 305 42.68 25.60 4.04
C VAL G 305 42.06 24.23 4.19
N ILE G 306 41.90 23.52 3.07
CA ILE G 306 41.44 22.13 3.08
C ILE G 306 42.50 21.24 2.43
N HIS G 307 43.13 20.41 3.26
CA HIS G 307 44.09 19.39 2.80
C HIS G 307 43.37 18.31 1.99
N ASN G 308 44.08 17.74 1.02
CA ASN G 308 43.63 16.53 0.30
C ASN G 308 44.88 15.87 -0.28
N TYR G 309 45.58 15.12 0.56
CA TYR G 309 46.75 14.38 0.15
C TYR G 309 46.87 13.16 1.05
N GLY G 310 47.76 12.25 0.71
CA GLY G 310 48.01 11.05 1.51
C GLY G 310 47.47 9.76 0.90
N HIS G 311 47.26 9.78 -0.41
CA HIS G 311 46.48 8.76 -1.09
C HIS G 311 47.24 7.46 -1.44
N GLY G 312 48.56 7.44 -1.22
CA GLY G 312 49.39 6.23 -1.39
C GLY G 312 49.18 5.52 -2.71
N GLY G 313 49.19 4.21 -2.68
CA GLY G 313 49.06 3.43 -3.92
C GLY G 313 47.71 3.40 -4.60
N TYR G 314 46.69 3.98 -3.98
CA TYR G 314 45.33 3.88 -4.49
C TYR G 314 44.76 5.27 -4.83
N GLY G 315 45.64 6.21 -5.20
CA GLY G 315 45.25 7.58 -5.64
C GLY G 315 44.22 7.68 -6.76
N LEU G 316 44.52 7.12 -7.92
CA LEU G 316 43.53 7.06 -9.02
C LEU G 316 42.29 6.22 -8.71
N THR G 317 42.42 5.27 -7.79
CA THR G 317 41.29 4.42 -7.38
C THR G 317 40.22 5.17 -6.56
N ILE G 318 40.67 6.15 -5.77
CA ILE G 318 39.85 6.90 -4.83
C ILE G 318 39.60 8.36 -5.20
N HIS G 319 40.29 8.89 -6.22
CA HIS G 319 40.46 10.37 -6.39
C HIS G 319 39.19 11.23 -6.29
N TRP G 320 38.09 10.66 -6.81
CA TRP G 320 36.82 11.35 -6.96
C TRP G 320 35.96 11.36 -5.70
N GLY G 321 35.99 10.28 -4.94
CA GLY G 321 35.34 10.26 -3.64
C GLY G 321 35.97 11.27 -2.70
N CYS G 322 37.27 11.50 -2.86
CA CYS G 322 37.94 12.56 -2.13
C CYS G 322 37.57 13.90 -2.71
N ALA G 323 37.59 14.03 -4.04
CA ALA G 323 37.13 15.28 -4.70
C ALA G 323 35.75 15.72 -4.18
N LEU G 324 34.76 14.82 -4.26
CA LEU G 324 33.37 15.05 -3.80
C LEU G 324 33.39 15.60 -2.41
N GLU G 325 34.11 14.92 -1.53
CA GLU G 325 34.19 15.30 -0.11
C GLU G 325 34.77 16.70 0.13
N VAL G 326 35.69 17.14 -0.71
CA VAL G 326 36.25 18.47 -0.55
C VAL G 326 35.19 19.53 -0.90
N ALA G 327 34.34 19.24 -1.87
CA ALA G 327 33.25 20.18 -2.24
C ALA G 327 32.25 20.46 -1.08
N LYS G 328 31.64 19.41 -0.54
CA LYS G 328 30.86 19.45 0.73
C LYS G 328 31.50 20.36 1.80
N LEU G 329 32.79 20.13 2.05
CA LEU G 329 33.61 20.96 2.98
C LEU G 329 33.92 22.40 2.47
N PHE G 330 33.90 22.63 1.16
CA PHE G 330 34.02 23.99 0.58
C PHE G 330 32.69 24.73 0.68
N GLY G 331 31.59 23.98 0.66
CA GLY G 331 30.26 24.53 0.88
C GLY G 331 30.07 25.06 2.29
N LYS G 332 30.50 24.30 3.29
CA LYS G 332 30.43 24.75 4.69
C LYS G 332 31.39 25.91 5.01
N VAL G 333 32.43 26.09 4.19
CA VAL G 333 33.29 27.31 4.18
C VAL G 333 32.55 28.51 3.59
N LEU G 334 31.98 28.31 2.40
CA LEU G 334 31.13 29.33 1.77
C LEU G 334 29.95 29.71 2.66
N GLU G 335 29.32 28.69 3.27
CA GLU G 335 28.16 28.86 4.15
C GLU G 335 28.38 29.96 5.18
N GLU G 336 29.50 29.86 5.91
CA GLU G 336 29.90 30.82 6.95
C GLU G 336 29.77 32.34 6.57
N ARG G 337 30.11 32.71 5.33
CA ARG G 337 29.90 34.11 4.82
C ARG G 337 28.63 34.19 3.98
N ASN G 338 28.59 33.36 2.93
CA ASN G 338 27.57 33.34 1.88
C ASN G 338 27.65 34.58 1.04
N MET H 1 56.98 -44.43 -48.95
CA MET H 1 55.68 -43.69 -48.69
C MET H 1 55.84 -42.20 -48.95
N ARG H 2 55.24 -41.74 -50.06
CA ARG H 2 55.16 -40.30 -50.41
C ARG H 2 53.75 -39.76 -50.10
N VAL H 3 53.71 -38.68 -49.30
CA VAL H 3 52.47 -38.00 -48.93
C VAL H 3 52.41 -36.67 -49.71
N VAL H 4 51.18 -36.21 -49.97
CA VAL H 4 50.93 -34.91 -50.59
C VAL H 4 49.69 -34.26 -49.94
N VAL H 5 49.87 -33.05 -49.42
CA VAL H 5 48.81 -32.29 -48.77
C VAL H 5 48.42 -31.15 -49.68
N ILE H 6 47.16 -31.13 -50.09
CA ILE H 6 46.64 -30.03 -50.90
C ILE H 6 45.98 -29.07 -49.93
N GLY H 7 46.61 -27.93 -49.72
CA GLY H 7 46.03 -26.88 -48.89
C GLY H 7 46.99 -26.40 -47.83
N ALA H 8 47.28 -25.10 -47.84
CA ALA H 8 48.12 -24.47 -46.82
C ALA H 8 47.35 -23.47 -45.97
N GLY H 9 46.07 -23.79 -45.71
CA GLY H 9 45.30 -23.13 -44.68
C GLY H 9 45.70 -23.69 -43.30
N VAL H 10 44.85 -23.49 -42.29
CA VAL H 10 45.14 -24.06 -40.97
C VAL H 10 44.91 -25.56 -40.96
N ILE H 11 43.83 -25.97 -41.60
CA ILE H 11 43.47 -27.36 -41.67
C ILE H 11 44.63 -28.10 -42.30
N GLY H 12 45.09 -27.62 -43.44
CA GLY H 12 46.15 -28.28 -44.18
C GLY H 12 47.50 -28.30 -43.47
N LEU H 13 47.94 -27.12 -43.04
CA LEU H 13 49.25 -26.99 -42.38
C LEU H 13 49.30 -27.62 -40.99
N SER H 14 48.18 -27.70 -40.29
CA SER H 14 48.19 -28.34 -38.98
C SER H 14 48.25 -29.86 -39.17
N THR H 15 47.42 -30.37 -40.09
CA THR H 15 47.36 -31.81 -40.47
C THR H 15 48.74 -32.31 -40.94
N ALA H 16 49.36 -31.53 -41.81
CA ALA H 16 50.68 -31.85 -42.34
C ALA H 16 51.70 -31.99 -41.23
N LEU H 17 51.70 -31.07 -40.27
CA LEU H 17 52.63 -31.09 -39.12
C LEU H 17 52.39 -32.30 -38.25
N CYS H 18 51.11 -32.63 -38.06
CA CYS H 18 50.69 -33.70 -37.16
C CYS H 18 51.20 -35.04 -37.68
N ILE H 19 50.77 -35.44 -38.88
CA ILE H 19 51.34 -36.59 -39.58
C ILE H 19 52.85 -36.67 -39.38
N HIS H 20 53.61 -35.67 -39.81
CA HIS H 20 55.08 -35.72 -39.70
C HIS H 20 55.58 -35.94 -38.25
N GLU H 21 54.82 -35.49 -37.25
CA GLU H 21 55.25 -35.67 -35.86
C GLU H 21 54.90 -37.03 -35.24
N ARG H 22 53.88 -37.73 -35.75
CA ARG H 22 53.61 -39.12 -35.35
C ARG H 22 54.48 -40.18 -36.09
N TYR H 23 55.06 -39.85 -37.26
CA TYR H 23 55.73 -40.88 -38.11
C TYR H 23 57.14 -40.59 -38.79
N HIS H 24 57.90 -39.57 -38.37
N HIS H 24 57.87 -39.57 -38.30
CA HIS H 24 59.24 -39.34 -38.97
CA HIS H 24 59.22 -39.22 -38.78
C HIS H 24 60.37 -40.20 -38.37
C HIS H 24 60.30 -40.24 -38.42
N SER H 25 60.05 -41.03 -37.38
CA SER H 25 60.91 -42.17 -37.00
C SER H 25 60.30 -43.53 -37.44
N VAL H 26 58.96 -43.64 -37.51
CA VAL H 26 58.27 -44.90 -37.88
C VAL H 26 58.61 -45.35 -39.31
N LEU H 27 58.05 -44.69 -40.32
CA LEU H 27 58.36 -45.02 -41.71
C LEU H 27 59.57 -44.17 -42.14
N GLN H 28 60.75 -44.81 -42.21
CA GLN H 28 62.02 -44.12 -42.52
C GLN H 28 61.90 -43.24 -43.78
N PRO H 29 61.41 -43.81 -44.92
CA PRO H 29 61.03 -42.97 -46.06
C PRO H 29 59.70 -42.22 -45.86
N LEU H 30 59.75 -40.99 -45.35
CA LEU H 30 58.56 -40.13 -45.29
C LEU H 30 58.81 -38.79 -45.99
N ASP H 31 58.14 -38.62 -47.14
CA ASP H 31 58.33 -37.48 -48.06
C ASP H 31 57.03 -36.66 -48.17
N VAL H 32 56.93 -35.59 -47.37
CA VAL H 32 55.70 -34.79 -47.26
C VAL H 32 55.83 -33.48 -48.02
N LYS H 33 54.91 -33.25 -48.95
CA LYS H 33 54.90 -32.11 -49.85
C LYS H 33 53.58 -31.41 -49.65
N VAL H 34 53.61 -30.09 -49.58
CA VAL H 34 52.38 -29.30 -49.48
C VAL H 34 52.14 -28.55 -50.79
N TYR H 35 50.98 -28.77 -51.42
CA TYR H 35 50.58 -28.02 -52.63
C TYR H 35 49.48 -27.02 -52.28
N ALA H 36 49.66 -25.78 -52.73
CA ALA H 36 48.69 -24.73 -52.49
C ALA H 36 48.80 -23.68 -53.58
N ASP H 37 47.64 -23.18 -54.03
CA ASP H 37 47.61 -22.06 -54.96
C ASP H 37 47.60 -20.72 -54.21
N ARG H 38 47.55 -20.78 -52.87
CA ARG H 38 47.85 -19.60 -52.03
C ARG H 38 48.32 -19.95 -50.62
N PHE H 39 49.44 -19.36 -50.20
CA PHE H 39 49.91 -19.42 -48.80
C PHE H 39 49.53 -18.14 -48.09
N THR H 40 49.73 -18.10 -46.78
CA THR H 40 49.59 -16.84 -46.02
C THR H 40 50.29 -15.74 -46.81
N PRO H 41 49.69 -14.56 -47.03
CA PRO H 41 48.40 -14.12 -46.45
C PRO H 41 47.13 -14.22 -47.29
N PHE H 42 47.06 -15.16 -48.22
CA PHE H 42 45.99 -15.15 -49.25
C PHE H 42 44.92 -16.24 -49.12
N THR H 43 44.91 -16.87 -47.94
CA THR H 43 44.02 -17.98 -47.61
C THR H 43 42.94 -17.46 -46.71
N THR H 44 41.87 -18.24 -46.57
CA THR H 44 40.72 -17.86 -45.74
C THR H 44 41.15 -17.69 -44.29
N THR H 45 42.02 -18.59 -43.82
CA THR H 45 42.54 -18.58 -42.42
C THR H 45 43.07 -17.24 -41.94
N ASP H 46 43.70 -16.48 -42.83
CA ASP H 46 44.28 -15.18 -42.50
C ASP H 46 43.24 -14.09 -42.18
N VAL H 47 42.09 -14.23 -42.80
CA VAL H 47 41.01 -13.29 -42.63
C VAL H 47 40.34 -13.45 -41.28
N ALA H 48 40.34 -14.67 -40.74
CA ALA H 48 39.71 -14.96 -39.45
C ALA H 48 40.37 -14.19 -38.33
N ALA H 49 39.55 -13.72 -37.38
CA ALA H 49 40.06 -12.99 -36.19
C ALA H 49 40.92 -13.84 -35.26
N GLY H 50 40.63 -15.14 -35.21
CA GLY H 50 41.38 -16.04 -34.35
C GLY H 50 40.86 -16.07 -32.95
N LEU H 51 39.72 -16.73 -32.77
CA LEU H 51 39.11 -16.86 -31.50
C LEU H 51 38.48 -18.21 -31.39
N TRP H 52 38.77 -18.87 -30.27
CA TRP H 52 38.19 -20.15 -29.97
C TRP H 52 36.75 -19.91 -29.55
N GLN H 53 35.82 -20.33 -30.40
CA GLN H 53 34.41 -20.37 -30.02
C GLN H 53 33.59 -21.13 -31.06
N PRO H 54 33.00 -22.27 -30.64
CA PRO H 54 32.16 -23.04 -31.56
C PRO H 54 30.82 -22.40 -31.65
N TYR H 55 30.03 -22.83 -32.63
CA TYR H 55 28.67 -22.34 -32.83
C TYR H 55 27.88 -22.40 -31.51
N THR H 56 26.93 -21.46 -31.36
CA THR H 56 26.05 -21.38 -30.19
C THR H 56 25.21 -22.65 -30.08
N SER H 57 24.71 -23.10 -31.23
CA SER H 57 23.85 -24.29 -31.33
C SER H 57 24.58 -25.59 -31.04
N GLU H 58 23.80 -26.60 -30.68
CA GLU H 58 24.31 -27.96 -30.49
C GLU H 58 24.88 -28.50 -31.81
N PRO H 59 25.88 -29.39 -31.72
CA PRO H 59 26.62 -29.75 -32.93
C PRO H 59 25.90 -30.72 -33.88
N SER H 60 26.48 -30.93 -35.06
CA SER H 60 25.99 -31.95 -35.98
C SER H 60 26.21 -33.37 -35.41
N ASN H 61 27.49 -33.72 -35.18
CA ASN H 61 27.86 -35.00 -34.55
C ASN H 61 28.66 -34.77 -33.28
N PRO H 62 28.50 -35.67 -32.29
CA PRO H 62 29.16 -35.44 -31.00
C PRO H 62 30.68 -35.45 -31.12
N GLN H 63 31.20 -36.17 -32.12
CA GLN H 63 32.63 -36.19 -32.44
C GLN H 63 33.26 -34.84 -32.84
N GLU H 64 32.46 -33.90 -33.35
CA GLU H 64 32.92 -32.52 -33.62
C GLU H 64 33.14 -31.71 -32.32
N ALA H 65 32.23 -31.86 -31.37
CA ALA H 65 32.38 -31.26 -30.03
C ALA H 65 33.52 -31.89 -29.23
N ASN H 66 33.81 -33.16 -29.50
CA ASN H 66 34.99 -33.81 -28.95
C ASN H 66 36.27 -33.13 -29.47
N TRP H 67 36.38 -33.04 -30.80
CA TRP H 67 37.49 -32.37 -31.50
C TRP H 67 37.75 -30.93 -30.99
N ASN H 68 36.69 -30.13 -30.85
CA ASN H 68 36.78 -28.82 -30.19
C ASN H 68 37.51 -28.91 -28.83
N GLN H 69 37.06 -29.82 -27.97
CA GLN H 69 37.65 -29.97 -26.62
C GLN H 69 39.16 -30.34 -26.69
N GLN H 70 39.55 -31.13 -27.67
CA GLN H 70 40.95 -31.53 -27.81
C GLN H 70 41.81 -30.37 -28.23
N THR H 71 41.25 -29.51 -29.08
CA THR H 71 41.97 -28.35 -29.61
C THR H 71 42.24 -27.32 -28.51
N PHE H 72 41.21 -26.95 -27.76
CA PHE H 72 41.38 -26.02 -26.64
C PHE H 72 42.46 -26.47 -25.66
N ASN H 73 42.45 -27.75 -25.34
CA ASN H 73 43.45 -28.38 -24.46
C ASN H 73 44.84 -28.37 -25.08
N TYR H 74 44.90 -28.56 -26.39
CA TYR H 74 46.17 -28.37 -27.09
C TYR H 74 46.67 -26.97 -26.87
N LEU H 75 45.82 -25.98 -27.18
CA LEU H 75 46.22 -24.58 -27.14
C LEU H 75 46.51 -24.11 -25.73
N LEU H 76 45.65 -24.51 -24.78
CA LEU H 76 45.83 -24.16 -23.38
C LEU H 76 47.20 -24.63 -22.81
N SER H 77 47.67 -25.82 -23.22
CA SER H 77 49.01 -26.31 -22.82
C SER H 77 50.14 -25.33 -23.12
N HIS H 78 50.06 -24.64 -24.26
CA HIS H 78 51.10 -23.75 -24.75
C HIS H 78 51.14 -22.41 -24.04
N ILE H 79 49.99 -21.94 -23.52
CA ILE H 79 49.97 -20.75 -22.65
C ILE H 79 50.89 -20.99 -21.45
N GLY H 80 51.67 -19.97 -21.12
CA GLY H 80 52.77 -20.11 -20.17
C GLY H 80 54.07 -20.44 -20.88
N SER H 81 54.01 -20.74 -22.20
CA SER H 81 55.22 -20.89 -23.00
C SER H 81 55.78 -19.51 -23.30
N PRO H 82 57.12 -19.39 -23.45
CA PRO H 82 57.71 -18.19 -24.02
C PRO H 82 57.23 -17.92 -25.42
N ASN H 83 56.99 -18.96 -26.20
CA ASN H 83 56.58 -18.82 -27.61
C ASN H 83 55.09 -18.61 -27.84
N ALA H 84 54.28 -18.71 -26.78
CA ALA H 84 52.84 -18.49 -26.81
C ALA H 84 52.43 -17.48 -27.87
N ALA H 85 52.89 -16.24 -27.77
CA ALA H 85 52.49 -15.16 -28.70
C ALA H 85 53.20 -15.15 -30.06
N ASN H 86 54.30 -15.92 -30.22
CA ASN H 86 54.91 -16.15 -31.54
C ASN H 86 54.15 -17.19 -32.39
N MET H 87 53.44 -18.08 -31.71
CA MET H 87 52.39 -18.90 -32.36
C MET H 87 51.19 -18.04 -32.75
N GLY H 88 50.99 -16.91 -32.08
CA GLY H 88 49.85 -16.06 -32.30
C GLY H 88 48.74 -16.31 -31.31
N LEU H 89 49.13 -16.74 -30.10
CA LEU H 89 48.23 -17.25 -29.07
C LEU H 89 48.37 -16.42 -27.79
N THR H 90 47.25 -15.90 -27.33
CA THR H 90 47.22 -15.20 -26.05
C THR H 90 45.80 -15.32 -25.45
N PRO H 91 45.68 -15.38 -24.13
CA PRO H 91 44.31 -15.42 -23.63
C PRO H 91 43.56 -14.11 -23.87
N VAL H 92 42.26 -14.21 -24.12
CA VAL H 92 41.38 -13.04 -24.15
C VAL H 92 40.06 -13.38 -23.47
N SER H 93 39.53 -12.39 -22.77
CA SER H 93 38.31 -12.55 -21.99
C SER H 93 37.26 -11.63 -22.57
N GLY H 94 35.99 -12.03 -22.53
CA GLY H 94 34.94 -11.26 -23.21
C GLY H 94 33.51 -11.75 -23.23
N TYR H 95 32.69 -10.96 -23.93
CA TYR H 95 31.22 -10.94 -23.86
C TYR H 95 30.48 -11.55 -25.06
N ASN H 96 29.46 -12.36 -24.77
CA ASN H 96 28.46 -12.80 -25.78
C ASN H 96 27.08 -12.28 -25.42
N LEU H 97 26.43 -11.58 -26.34
CA LEU H 97 25.14 -10.92 -26.06
C LEU H 97 23.96 -11.40 -26.93
N PHE H 98 22.79 -11.43 -26.30
CA PHE H 98 21.54 -11.82 -26.95
C PHE H 98 20.42 -10.81 -26.63
N ARG H 99 19.34 -10.84 -27.43
CA ARG H 99 18.15 -9.99 -27.19
C ARG H 99 17.09 -10.63 -26.25
N GLU H 100 17.23 -11.92 -25.91
CA GLU H 100 16.47 -12.58 -24.81
C GLU H 100 17.30 -13.69 -24.13
N ALA H 101 16.73 -14.41 -23.16
CA ALA H 101 17.42 -15.58 -22.56
C ALA H 101 17.57 -16.69 -23.60
N VAL H 102 18.61 -17.50 -23.44
CA VAL H 102 18.96 -18.58 -24.37
C VAL H 102 19.70 -19.63 -23.57
N PRO H 103 19.67 -20.91 -24.03
CA PRO H 103 20.36 -21.99 -23.29
C PRO H 103 21.82 -21.69 -22.99
N ASP H 104 22.35 -22.21 -21.88
CA ASP H 104 23.81 -22.28 -21.74
C ASP H 104 24.42 -23.17 -22.88
N PRO H 105 25.59 -22.78 -23.41
CA PRO H 105 26.16 -23.46 -24.57
C PRO H 105 26.85 -24.78 -24.20
N TYR H 106 27.05 -25.65 -25.20
CA TYR H 106 27.57 -26.97 -24.91
C TYR H 106 29.03 -27.00 -24.50
N TRP H 107 29.71 -25.86 -24.61
CA TRP H 107 31.16 -25.79 -24.40
C TRP H 107 31.51 -25.02 -23.14
N LYS H 108 30.52 -24.76 -22.29
CA LYS H 108 30.70 -23.85 -21.17
C LYS H 108 31.78 -24.28 -20.18
N ASP H 109 32.13 -25.56 -20.14
CA ASP H 109 33.18 -26.00 -19.23
C ASP H 109 34.48 -26.31 -19.93
N MET H 110 34.44 -26.36 -21.27
CA MET H 110 35.68 -26.33 -22.07
C MET H 110 36.37 -24.97 -21.83
N VAL H 111 35.65 -23.88 -22.07
CA VAL H 111 36.21 -22.53 -21.89
C VAL H 111 36.32 -22.17 -20.40
N LEU H 112 37.14 -21.16 -20.10
CA LEU H 112 37.52 -20.79 -18.73
C LEU H 112 36.56 -19.78 -18.11
N GLY H 113 36.13 -20.05 -16.88
CA GLY H 113 35.39 -19.09 -16.06
C GLY H 113 34.03 -18.62 -16.56
N PHE H 114 33.26 -19.53 -17.17
CA PHE H 114 31.95 -19.19 -17.74
C PHE H 114 30.99 -18.67 -16.66
N ARG H 115 30.23 -17.64 -17.00
CA ARG H 115 29.17 -17.13 -16.12
C ARG H 115 28.15 -16.33 -16.93
N LYS H 116 26.93 -16.26 -16.41
CA LYS H 116 25.89 -15.45 -17.02
C LYS H 116 26.18 -13.98 -16.60
N LEU H 117 25.77 -13.03 -17.42
CA LEU H 117 26.03 -11.60 -17.15
C LEU H 117 25.12 -10.99 -16.10
N THR H 118 25.71 -10.17 -15.22
CA THR H 118 24.98 -9.47 -14.17
C THR H 118 24.19 -8.26 -14.73
N PRO H 119 23.35 -7.59 -13.89
CA PRO H 119 22.71 -6.28 -14.18
C PRO H 119 23.60 -5.10 -14.70
N ARG H 120 24.62 -4.71 -13.91
CA ARG H 120 25.52 -3.61 -14.27
C ARG H 120 26.26 -3.87 -15.58
N GLU H 121 26.62 -5.14 -15.80
CA GLU H 121 27.27 -5.55 -17.03
C GLU H 121 26.35 -5.33 -18.24
N LEU H 122 25.04 -5.51 -18.06
CA LEU H 122 24.07 -5.38 -19.16
C LEU H 122 23.74 -3.93 -19.49
N ASP H 123 23.98 -3.02 -18.53
CA ASP H 123 23.85 -1.57 -18.78
C ASP H 123 24.86 -1.09 -19.79
N MET H 124 26.13 -1.43 -19.57
CA MET H 124 27.19 -0.97 -20.45
C MET H 124 27.05 -1.52 -21.90
N PHE H 125 26.14 -2.50 -22.11
CA PHE H 125 25.66 -2.90 -23.47
C PHE H 125 24.15 -2.70 -23.63
N PRO H 126 23.73 -1.47 -24.02
CA PRO H 126 22.31 -1.08 -23.92
C PRO H 126 21.32 -2.01 -24.63
N ASP H 127 21.60 -2.33 -25.90
CA ASP H 127 20.59 -2.89 -26.79
C ASP H 127 20.32 -4.39 -26.60
N TYR H 128 21.01 -5.00 -25.64
CA TYR H 128 21.05 -6.43 -25.48
C TYR H 128 20.69 -6.75 -24.03
N ARG H 129 19.97 -7.87 -23.83
CA ARG H 129 19.29 -8.17 -22.56
C ARG H 129 19.86 -9.32 -21.70
N TYR H 130 20.67 -10.20 -22.28
CA TYR H 130 21.19 -11.38 -21.57
C TYR H 130 22.47 -11.85 -22.29
N GLY H 131 23.33 -12.55 -21.58
CA GLY H 131 24.55 -13.07 -22.19
C GLY H 131 25.50 -13.82 -21.30
N TRP H 132 26.68 -14.11 -21.86
CA TRP H 132 27.70 -14.85 -21.14
C TRP H 132 28.96 -14.03 -21.03
N PHE H 133 29.89 -14.52 -20.21
CA PHE H 133 31.23 -14.00 -20.11
C PHE H 133 32.23 -15.16 -19.95
N ASN H 134 32.99 -15.50 -21.00
CA ASN H 134 34.12 -16.46 -20.84
C ASN H 134 35.50 -15.80 -21.06
N THR H 135 36.54 -16.36 -20.43
CA THR H 135 37.92 -16.20 -20.87
C THR H 135 38.12 -17.24 -21.96
N SER H 136 38.95 -16.94 -22.95
CA SER H 136 39.20 -17.85 -24.05
C SER H 136 40.58 -17.65 -24.64
N LEU H 137 40.74 -17.95 -25.93
CA LEU H 137 42.02 -17.93 -26.59
C LEU H 137 41.89 -17.28 -27.95
N ILE H 138 42.63 -16.20 -28.15
CA ILE H 138 42.94 -15.69 -29.48
C ILE H 138 43.97 -16.59 -30.13
N LEU H 139 43.64 -17.17 -31.28
CA LEU H 139 44.64 -17.77 -32.16
C LEU H 139 44.61 -17.09 -33.52
N GLU H 140 45.39 -16.02 -33.65
CA GLU H 140 45.41 -15.20 -34.85
C GLU H 140 45.96 -16.02 -36.00
N GLY H 141 45.18 -16.10 -37.09
CA GLY H 141 45.43 -17.03 -38.19
C GLY H 141 46.73 -16.80 -38.93
N ARG H 142 47.02 -15.55 -39.28
CA ARG H 142 48.25 -15.23 -39.96
C ARG H 142 49.44 -15.68 -39.13
N LYS H 143 49.62 -15.10 -37.96
CA LYS H 143 50.78 -15.47 -37.10
C LYS H 143 51.02 -16.97 -36.97
N TYR H 144 49.91 -17.72 -36.94
CA TYR H 144 49.90 -19.17 -36.76
C TYR H 144 50.47 -19.81 -38.00
N LEU H 145 49.83 -19.58 -39.14
CA LEU H 145 50.35 -20.08 -40.44
C LEU H 145 51.84 -19.76 -40.70
N GLN H 146 52.36 -18.69 -40.12
CA GLN H 146 53.79 -18.43 -40.15
C GLN H 146 54.54 -19.44 -39.24
N TRP H 147 54.02 -19.67 -38.01
CA TRP H 147 54.65 -20.62 -37.06
C TRP H 147 54.63 -22.04 -37.63
N LEU H 148 53.47 -22.51 -38.06
CA LEU H 148 53.38 -23.76 -38.80
C LEU H 148 54.46 -23.83 -39.89
N THR H 149 54.48 -22.85 -40.80
CA THR H 149 55.37 -22.93 -41.96
C THR H 149 56.82 -22.94 -41.52
N GLU H 150 57.17 -22.24 -40.45
CA GLU H 150 58.54 -22.34 -39.86
C GLU H 150 58.81 -23.76 -39.36
N ARG H 151 57.91 -24.26 -38.50
CA ARG H 151 58.06 -25.58 -37.87
C ARG H 151 58.13 -26.67 -38.90
N LEU H 152 57.41 -26.49 -40.00
CA LEU H 152 57.43 -27.42 -41.13
C LEU H 152 58.73 -27.36 -41.96
N THR H 153 59.29 -26.18 -42.18
CA THR H 153 60.54 -26.04 -42.95
C THR H 153 61.70 -26.72 -42.21
N GLU H 154 61.79 -26.54 -40.90
CA GLU H 154 62.82 -27.17 -40.06
C GLU H 154 62.82 -28.71 -40.20
N ARG H 155 61.63 -29.29 -40.14
CA ARG H 155 61.45 -30.71 -40.39
C ARG H 155 61.57 -31.12 -41.86
N GLY H 156 61.80 -30.18 -42.76
CA GLY H 156 62.06 -30.47 -44.16
C GLY H 156 60.87 -30.91 -44.99
N VAL H 157 59.77 -30.17 -44.86
CA VAL H 157 58.55 -30.42 -45.61
C VAL H 157 58.52 -29.38 -46.72
N LYS H 158 58.39 -29.84 -47.95
CA LYS H 158 58.47 -29.00 -49.13
C LYS H 158 57.12 -28.38 -49.42
N PHE H 159 57.11 -27.09 -49.72
CA PHE H 159 55.92 -26.38 -50.16
C PHE H 159 56.08 -26.09 -51.65
N PHE H 160 55.00 -26.12 -52.41
CA PHE H 160 55.05 -25.89 -53.86
C PHE H 160 53.87 -25.00 -54.35
N LEU H 161 54.17 -23.91 -55.09
CA LEU H 161 53.12 -22.97 -55.50
C LEU H 161 52.41 -23.47 -56.77
N ARG H 162 51.51 -24.41 -56.58
CA ARG H 162 50.85 -25.12 -57.69
C ARG H 162 49.36 -25.01 -57.54
N LYS H 163 48.65 -25.12 -58.65
CA LYS H 163 47.19 -25.23 -58.62
C LYS H 163 46.89 -26.64 -59.09
N VAL H 164 46.26 -27.41 -58.21
CA VAL H 164 45.95 -28.83 -58.44
C VAL H 164 44.58 -28.96 -59.13
N GLU H 165 44.55 -29.43 -60.38
CA GLU H 165 43.32 -29.50 -61.20
C GLU H 165 42.52 -30.81 -61.12
N SER H 166 43.10 -31.86 -60.54
CA SER H 166 42.39 -33.15 -60.35
C SER H 166 43.17 -34.06 -59.39
N PHE H 167 42.50 -34.94 -58.64
CA PHE H 167 43.25 -35.93 -57.81
C PHE H 167 44.24 -36.78 -58.62
N GLU H 168 43.80 -37.20 -59.82
CA GLU H 168 44.61 -38.04 -60.72
C GLU H 168 46.00 -37.46 -61.01
N GLU H 169 46.13 -36.18 -61.33
CA GLU H 169 47.47 -35.62 -61.69
C GLU H 169 48.56 -35.69 -60.56
N VAL H 170 48.09 -35.64 -59.31
CA VAL H 170 48.95 -35.71 -58.11
C VAL H 170 49.33 -37.15 -57.79
N ALA H 171 48.32 -38.02 -57.82
CA ALA H 171 48.49 -39.47 -57.76
C ALA H 171 49.46 -39.94 -58.84
N ARG H 172 49.17 -39.56 -60.10
CA ARG H 172 50.02 -39.87 -61.25
C ARG H 172 51.46 -39.34 -61.08
N GLY H 173 51.65 -38.28 -60.28
CA GLY H 173 52.98 -37.87 -59.81
C GLY H 173 53.83 -38.82 -58.94
N GLY H 174 53.21 -39.84 -58.34
CA GLY H 174 53.89 -40.72 -57.38
C GLY H 174 53.51 -40.40 -55.94
N ALA H 175 52.34 -39.80 -55.75
CA ALA H 175 51.72 -39.68 -54.43
C ALA H 175 51.04 -41.00 -54.06
N ASP H 176 51.53 -41.60 -52.98
CA ASP H 176 50.90 -42.79 -52.39
C ASP H 176 49.61 -42.38 -51.65
N VAL H 177 49.72 -41.33 -50.81
CA VAL H 177 48.56 -40.78 -50.08
C VAL H 177 48.40 -39.29 -50.38
N ILE H 178 47.16 -38.86 -50.65
CA ILE H 178 46.81 -37.44 -50.83
C ILE H 178 45.91 -36.94 -49.70
N ILE H 179 46.37 -35.97 -48.90
CA ILE H 179 45.57 -35.43 -47.79
C ILE H 179 44.92 -34.15 -48.27
N ASN H 180 43.58 -34.11 -48.32
CA ASN H 180 42.81 -33.02 -48.99
C ASN H 180 42.25 -31.96 -48.04
N CYS H 181 42.93 -30.80 -47.98
CA CYS H 181 42.55 -29.75 -47.02
C CYS H 181 42.24 -28.44 -47.70
N THR H 182 41.47 -28.55 -48.78
CA THR H 182 41.25 -27.45 -49.73
C THR H 182 40.19 -26.50 -49.28
N GLY H 183 39.68 -26.63 -48.05
CA GLY H 183 38.63 -25.75 -47.52
C GLY H 183 37.50 -25.56 -48.51
N VAL H 184 37.12 -24.31 -48.79
CA VAL H 184 35.92 -24.00 -49.61
C VAL H 184 36.01 -24.30 -51.12
N TRP H 185 37.23 -24.46 -51.63
CA TRP H 185 37.46 -24.87 -53.04
C TRP H 185 37.58 -26.40 -53.17
N ALA H 186 36.80 -27.15 -52.40
CA ALA H 186 36.90 -28.59 -52.44
C ALA H 186 36.17 -29.05 -53.68
N GLY H 187 34.95 -28.52 -53.86
CA GLY H 187 34.05 -28.88 -54.96
C GLY H 187 34.78 -29.00 -56.29
N VAL H 188 35.66 -28.03 -56.55
CA VAL H 188 36.54 -28.04 -57.72
C VAL H 188 37.03 -29.48 -58.01
N LEU H 189 37.67 -30.12 -57.04
CA LEU H 189 38.34 -31.41 -57.26
C LEU H 189 37.38 -32.61 -57.37
N GLN H 190 36.22 -32.52 -56.71
CA GLN H 190 35.25 -33.61 -56.68
C GLN H 190 33.95 -33.00 -56.18
N PRO H 191 32.96 -32.86 -57.07
CA PRO H 191 31.82 -32.02 -56.75
C PRO H 191 31.02 -32.55 -55.57
N ASP H 192 30.80 -31.66 -54.59
CA ASP H 192 30.06 -31.89 -53.37
C ASP H 192 28.95 -30.82 -53.30
N PRO H 193 27.67 -31.22 -53.39
CA PRO H 193 26.60 -30.23 -53.28
C PRO H 193 26.35 -29.74 -51.84
N LEU H 194 26.72 -30.52 -50.81
CA LEU H 194 26.58 -30.06 -49.41
C LEU H 194 27.54 -28.93 -49.01
N LEU H 195 28.69 -28.80 -49.69
CA LEU H 195 29.64 -27.69 -49.43
C LEU H 195 29.19 -26.36 -50.07
N GLN H 196 29.42 -25.25 -49.37
CA GLN H 196 29.00 -23.94 -49.82
C GLN H 196 29.82 -22.78 -49.20
N PRO H 197 29.90 -21.64 -49.91
CA PRO H 197 30.68 -20.53 -49.42
C PRO H 197 29.87 -19.62 -48.50
N GLY H 198 30.41 -19.39 -47.30
CA GLY H 198 29.90 -18.39 -46.36
C GLY H 198 30.77 -17.17 -46.52
N ARG H 199 30.18 -16.05 -46.95
CA ARG H 199 30.93 -14.83 -47.29
C ARG H 199 31.03 -13.90 -46.10
N GLY H 200 32.23 -13.82 -45.53
CA GLY H 200 32.50 -12.92 -44.43
C GLY H 200 33.29 -11.70 -44.88
N GLN H 201 32.77 -10.52 -44.53
CA GLN H 201 33.51 -9.29 -44.66
C GLN H 201 33.96 -8.83 -43.28
N ILE H 202 35.08 -8.13 -43.22
CA ILE H 202 35.62 -7.63 -41.96
C ILE H 202 36.34 -6.34 -42.18
N ILE H 203 36.45 -5.56 -41.09
CA ILE H 203 37.19 -4.30 -41.05
C ILE H 203 38.26 -4.40 -39.95
N LYS H 204 39.55 -4.44 -40.34
CA LYS H 204 40.67 -4.42 -39.38
C LYS H 204 40.96 -2.96 -39.08
N VAL H 205 41.10 -2.61 -37.78
CA VAL H 205 41.38 -1.23 -37.30
C VAL H 205 42.40 -1.16 -36.14
N ASP H 206 43.17 -0.08 -36.09
CA ASP H 206 44.05 0.26 -34.96
C ASP H 206 43.16 0.80 -33.78
N ALA H 207 42.97 -0.03 -32.76
CA ALA H 207 42.09 0.31 -31.62
C ALA H 207 42.55 -0.46 -30.40
N PRO H 208 43.83 -0.31 -30.04
CA PRO H 208 44.47 -1.07 -28.99
C PRO H 208 43.89 -0.91 -27.59
N TRP H 209 42.95 0.01 -27.36
CA TRP H 209 42.28 0.14 -26.06
C TRP H 209 41.16 -0.89 -25.81
N LEU H 210 40.70 -1.56 -26.87
CA LEU H 210 39.69 -2.62 -26.72
C LEU H 210 40.38 -3.92 -26.34
N LYS H 211 40.21 -4.30 -25.08
CA LYS H 211 40.87 -5.46 -24.51
C LYS H 211 40.02 -6.71 -24.58
N ASN H 212 38.70 -6.56 -24.74
CA ASN H 212 37.79 -7.68 -24.62
C ASN H 212 36.95 -7.87 -25.89
N PHE H 213 36.77 -9.15 -26.27
CA PHE H 213 35.90 -9.51 -27.39
C PHE H 213 34.43 -9.37 -27.04
N ILE H 214 33.64 -8.92 -27.99
CA ILE H 214 32.22 -8.73 -27.80
C ILE H 214 31.58 -9.41 -29.01
N ILE H 215 30.57 -10.25 -28.77
CA ILE H 215 29.91 -10.99 -29.85
C ILE H 215 28.39 -10.95 -29.72
N THR H 216 27.71 -10.28 -30.64
CA THR H 216 26.26 -10.16 -30.56
C THR H 216 25.59 -11.16 -31.46
N HIS H 217 24.51 -11.75 -30.98
CA HIS H 217 23.71 -12.62 -31.81
C HIS H 217 22.34 -12.01 -31.95
N ASP H 218 21.98 -11.73 -33.19
CA ASP H 218 20.60 -11.60 -33.59
C ASP H 218 20.26 -12.99 -34.13
N LEU H 219 19.46 -13.73 -33.37
CA LEU H 219 19.07 -15.08 -33.79
C LEU H 219 18.18 -15.05 -35.03
N GLU H 220 17.35 -14.01 -35.14
CA GLU H 220 16.36 -13.85 -36.22
C GLU H 220 16.97 -13.73 -37.62
N ARG H 221 18.28 -13.46 -37.76
CA ARG H 221 18.93 -13.36 -39.08
C ARG H 221 20.24 -14.20 -39.26
N GLY H 222 20.35 -15.34 -38.58
CA GLY H 222 21.49 -16.27 -38.75
C GLY H 222 22.75 -15.87 -37.99
N ILE H 223 23.60 -16.85 -37.66
CA ILE H 223 24.79 -16.58 -36.80
C ILE H 223 25.90 -15.79 -37.53
N TYR H 224 26.53 -14.89 -36.78
CA TYR H 224 27.59 -13.99 -37.27
C TYR H 224 27.11 -13.03 -38.42
N ASN H 225 25.81 -12.71 -38.44
CA ASN H 225 25.21 -11.66 -39.31
C ASN H 225 24.69 -10.53 -38.41
N SER H 226 25.55 -10.19 -37.45
CA SER H 226 25.24 -9.38 -36.31
C SER H 226 26.62 -9.15 -35.65
N PRO H 227 26.90 -7.90 -35.22
CA PRO H 227 28.22 -7.43 -34.78
C PRO H 227 29.08 -8.31 -33.86
N TYR H 228 30.38 -8.38 -34.19
CA TYR H 228 31.41 -8.82 -33.26
C TYR H 228 32.63 -7.90 -33.35
N ILE H 229 33.35 -7.84 -32.24
CA ILE H 229 34.59 -7.11 -32.10
C ILE H 229 35.57 -8.08 -31.47
N ALA H 230 36.71 -8.28 -32.11
CA ALA H 230 37.66 -9.27 -31.60
C ALA H 230 39.00 -8.62 -31.59
N PRO H 231 39.48 -8.23 -30.41
CA PRO H 231 40.77 -7.62 -30.40
C PRO H 231 41.85 -8.67 -30.65
N GLY H 232 42.59 -8.54 -31.77
CA GLY H 232 43.72 -9.42 -32.11
C GLY H 232 45.03 -9.02 -31.43
N LEU H 233 46.10 -9.76 -31.71
CA LEU H 233 47.44 -9.48 -31.18
C LEU H 233 47.96 -8.06 -31.49
N GLN H 234 47.94 -7.68 -32.78
CA GLN H 234 48.36 -6.34 -33.23
C GLN H 234 47.15 -5.38 -33.36
N ALA H 235 46.14 -5.80 -34.12
CA ALA H 235 44.99 -4.97 -34.53
C ALA H 235 43.69 -5.39 -33.86
N VAL H 236 42.56 -4.84 -34.33
CA VAL H 236 41.21 -5.25 -33.90
C VAL H 236 40.35 -5.55 -35.13
N THR H 237 39.68 -6.70 -35.13
CA THR H 237 38.79 -7.09 -36.21
C THR H 237 37.33 -6.75 -35.89
N LEU H 238 36.77 -5.82 -36.65
CA LEU H 238 35.32 -5.57 -36.65
C LEU H 238 34.70 -6.41 -37.75
N GLY H 239 33.56 -7.03 -37.47
CA GLY H 239 32.88 -7.84 -38.47
C GLY H 239 31.41 -8.06 -38.17
N GLY H 240 30.78 -8.94 -38.96
CA GLY H 240 29.38 -9.29 -38.72
C GLY H 240 28.49 -9.62 -39.90
N THR H 241 29.05 -10.10 -41.01
CA THR H 241 28.25 -10.73 -42.05
C THR H 241 28.80 -12.14 -42.22
N PHE H 242 27.91 -13.10 -42.44
CA PHE H 242 28.32 -14.45 -42.77
C PHE H 242 27.24 -15.09 -43.64
N GLN H 243 26.83 -14.36 -44.68
CA GLN H 243 25.83 -14.82 -45.66
C GLN H 243 26.37 -16.00 -46.51
N VAL H 244 25.50 -16.95 -46.85
CA VAL H 244 25.90 -18.11 -47.65
C VAL H 244 25.56 -17.89 -49.11
N GLY H 245 26.11 -18.76 -49.97
CA GLY H 245 25.77 -18.78 -51.40
C GLY H 245 26.45 -17.71 -52.24
N ASN H 246 26.39 -16.47 -51.75
CA ASN H 246 27.16 -15.35 -52.31
C ASN H 246 28.64 -15.70 -52.40
N TRP H 247 29.23 -15.56 -53.60
CA TRP H 247 30.69 -15.82 -53.82
C TRP H 247 31.38 -14.56 -54.38
N ASN H 248 30.88 -13.38 -53.97
CA ASN H 248 31.45 -12.10 -54.42
C ASN H 248 32.77 -11.77 -53.71
N GLU H 249 33.87 -11.78 -54.46
CA GLU H 249 35.19 -11.48 -53.89
C GLU H 249 35.39 -10.02 -53.38
N ILE H 250 34.71 -9.06 -54.01
CA ILE H 250 34.96 -7.65 -53.76
C ILE H 250 34.23 -7.20 -52.50
N ASN H 251 34.83 -6.26 -51.78
CA ASN H 251 34.15 -5.58 -50.70
C ASN H 251 32.96 -4.81 -51.30
N ASN H 252 31.80 -4.87 -50.64
CA ASN H 252 30.64 -4.05 -51.05
C ASN H 252 30.21 -3.06 -49.94
N ILE H 253 30.00 -1.80 -50.35
CA ILE H 253 29.79 -0.65 -49.44
C ILE H 253 28.54 -0.78 -48.54
N GLN H 254 27.58 -1.61 -48.95
CA GLN H 254 26.47 -1.95 -48.06
C GLN H 254 26.98 -2.63 -46.78
N ASP H 255 27.75 -3.72 -46.96
CA ASP H 255 28.30 -4.49 -45.83
C ASP H 255 29.32 -3.71 -44.98
N HIS H 256 30.10 -2.82 -45.61
CA HIS H 256 30.92 -1.89 -44.85
C HIS H 256 30.06 -1.14 -43.85
N ASN H 257 28.89 -0.65 -44.29
CA ASN H 257 28.01 0.21 -43.46
C ASN H 257 27.30 -0.57 -42.33
N THR H 258 26.74 -1.74 -42.67
CA THR H 258 26.18 -2.69 -41.68
C THR H 258 27.15 -2.89 -40.51
N ILE H 259 28.38 -3.24 -40.86
CA ILE H 259 29.43 -3.55 -39.89
C ILE H 259 29.80 -2.32 -39.05
N TRP H 260 30.22 -1.24 -39.72
CA TRP H 260 30.80 -0.07 -39.03
C TRP H 260 29.81 0.62 -38.07
N GLU H 261 28.56 0.71 -38.50
CA GLU H 261 27.54 1.35 -37.67
C GLU H 261 27.12 0.40 -36.56
N GLY H 262 26.90 -0.87 -36.87
CA GLY H 262 26.57 -1.90 -35.85
C GLY H 262 27.62 -1.95 -34.74
N CYS H 263 28.89 -1.83 -35.13
CA CYS H 263 30.07 -1.85 -34.24
C CYS H 263 30.38 -0.47 -33.58
N CYS H 264 30.15 0.65 -34.27
CA CYS H 264 30.18 1.98 -33.58
C CYS H 264 29.04 2.11 -32.56
N ARG H 265 27.91 1.46 -32.83
CA ARG H 265 26.79 1.38 -31.89
C ARG H 265 27.15 0.51 -30.69
N LEU H 266 27.80 -0.62 -30.96
CA LEU H 266 28.18 -1.56 -29.89
C LEU H 266 29.27 -1.03 -28.99
N GLU H 267 30.25 -0.40 -29.59
CA GLU H 267 31.38 0.14 -28.87
C GLU H 267 31.62 1.55 -29.41
N PRO H 268 30.89 2.52 -28.85
CA PRO H 268 30.90 3.91 -29.36
C PRO H 268 32.27 4.58 -29.59
N THR H 269 33.33 4.14 -28.91
CA THR H 269 34.67 4.76 -29.04
C THR H 269 35.35 4.47 -30.39
N LEU H 270 34.86 3.46 -31.13
CA LEU H 270 35.37 3.19 -32.47
C LEU H 270 35.47 4.43 -33.36
N LYS H 271 34.75 5.50 -33.04
CA LYS H 271 34.90 6.79 -33.76
C LYS H 271 36.36 7.35 -33.74
N ASP H 272 37.12 7.10 -32.69
CA ASP H 272 38.51 7.59 -32.63
C ASP H 272 39.50 6.67 -33.37
N ALA H 273 39.05 5.54 -33.92
CA ALA H 273 39.94 4.48 -34.43
C ALA H 273 40.09 4.52 -35.94
N LYS H 274 41.34 4.58 -36.37
CA LYS H 274 41.68 4.66 -37.78
C LYS H 274 41.52 3.27 -38.37
N ILE H 275 40.77 3.17 -39.47
CA ILE H 275 40.58 1.88 -40.15
C ILE H 275 41.84 1.60 -40.98
N VAL H 276 42.29 0.35 -40.95
CA VAL H 276 43.56 -0.10 -41.54
C VAL H 276 43.42 -1.02 -42.77
N GLY H 277 42.22 -1.51 -43.04
CA GLY H 277 42.01 -2.41 -44.18
C GLY H 277 40.63 -2.97 -44.08
N GLU H 278 40.19 -3.63 -45.15
CA GLU H 278 38.88 -4.24 -45.19
C GLU H 278 38.95 -5.44 -46.12
N TYR H 279 38.71 -6.62 -45.59
CA TYR H 279 38.93 -7.84 -46.36
C TYR H 279 37.67 -8.70 -46.46
N THR H 280 37.75 -9.72 -47.31
CA THR H 280 36.64 -10.66 -47.51
C THR H 280 37.24 -12.05 -47.76
N GLY H 281 36.79 -13.02 -46.97
CA GLY H 281 37.14 -14.45 -47.18
C GLY H 281 35.91 -15.33 -47.30
N PHE H 282 36.10 -16.64 -47.53
CA PHE H 282 34.98 -17.58 -47.68
C PHE H 282 35.11 -18.82 -46.82
N GLY H 283 34.30 -18.86 -45.77
CA GLY H 283 34.25 -20.02 -44.90
C GLY H 283 33.68 -21.24 -45.62
N PRO H 284 34.34 -22.41 -45.48
CA PRO H 284 33.72 -23.62 -46.04
C PRO H 284 32.54 -24.11 -45.22
N VAL H 285 31.33 -23.64 -45.54
CA VAL H 285 30.12 -24.04 -44.78
C VAL H 285 29.65 -25.44 -45.23
N ARG H 286 29.25 -26.29 -44.28
CA ARG H 286 28.80 -27.66 -44.57
C ARG H 286 28.07 -28.23 -43.35
N PRO H 287 26.94 -28.97 -43.55
CA PRO H 287 26.18 -29.43 -42.36
C PRO H 287 27.05 -30.17 -41.35
N GLN H 288 28.01 -30.96 -41.82
CA GLN H 288 29.14 -31.41 -40.99
C GLN H 288 30.48 -31.48 -41.77
N VAL H 289 31.56 -31.64 -41.03
CA VAL H 289 32.90 -31.74 -41.57
C VAL H 289 33.06 -33.08 -42.31
N ARG H 290 33.72 -33.05 -43.46
CA ARG H 290 34.00 -34.23 -44.25
C ARG H 290 35.43 -34.69 -43.97
N LEU H 291 35.56 -35.37 -42.84
CA LEU H 291 36.78 -36.05 -42.46
C LEU H 291 36.54 -37.56 -42.59
N GLU H 292 36.90 -38.12 -43.75
CA GLU H 292 36.63 -39.53 -44.05
C GLU H 292 37.55 -40.05 -45.16
N ARG H 293 37.94 -41.33 -45.06
CA ARG H 293 38.78 -41.99 -46.09
C ARG H 293 38.01 -42.30 -47.38
N GLU H 294 38.77 -42.56 -48.44
CA GLU H 294 38.22 -42.86 -49.76
C GLU H 294 39.32 -43.52 -50.62
N GLN H 295 39.03 -44.69 -51.20
CA GLN H 295 39.91 -45.28 -52.22
C GLN H 295 39.55 -44.68 -53.59
N LEU H 296 40.55 -44.20 -54.33
CA LEU H 296 40.34 -43.76 -55.70
C LEU H 296 41.28 -44.49 -56.66
N ARG H 297 40.75 -44.79 -57.86
CA ARG H 297 41.26 -45.88 -58.70
C ARG H 297 41.30 -45.48 -60.17
N PHE H 298 42.51 -45.39 -60.73
CA PHE H 298 42.71 -44.86 -62.08
C PHE H 298 43.28 -45.85 -63.08
N GLY H 299 43.49 -47.10 -62.66
CA GLY H 299 44.03 -48.13 -63.52
C GLY H 299 45.53 -47.94 -63.71
N SER H 300 46.40 -48.74 -63.06
CA SER H 300 46.05 -49.95 -62.26
C SER H 300 46.04 -49.74 -60.73
N SER H 301 47.06 -49.05 -60.18
CA SER H 301 47.20 -48.89 -58.72
C SER H 301 46.14 -47.95 -58.12
N ASN H 302 45.96 -48.09 -56.81
CA ASN H 302 45.05 -47.24 -56.04
C ASN H 302 45.82 -46.13 -55.33
N THR H 303 45.18 -44.95 -55.22
CA THR H 303 45.67 -43.83 -54.40
C THR H 303 44.68 -43.58 -53.26
N GLU H 304 45.23 -43.47 -52.06
CA GLU H 304 44.46 -43.37 -50.83
C GLU H 304 44.24 -41.90 -50.49
N VAL H 305 42.98 -41.54 -50.23
CA VAL H 305 42.56 -40.16 -49.97
C VAL H 305 42.02 -39.98 -48.52
N ILE H 306 42.49 -38.94 -47.86
CA ILE H 306 41.95 -38.53 -46.58
C ILE H 306 41.44 -37.09 -46.77
N HIS H 307 40.12 -36.91 -46.74
CA HIS H 307 39.48 -35.59 -46.83
C HIS H 307 39.50 -34.88 -45.49
N ASN H 308 39.49 -33.55 -45.50
CA ASN H 308 39.45 -32.75 -44.27
C ASN H 308 39.04 -31.35 -44.67
N TYR H 309 37.74 -31.17 -44.87
CA TYR H 309 37.20 -29.86 -45.24
C TYR H 309 35.74 -29.66 -44.83
N GLY H 310 35.33 -28.40 -44.81
CA GLY H 310 33.98 -28.02 -44.40
C GLY H 310 33.93 -27.62 -42.94
N HIS H 311 34.92 -26.88 -42.46
CA HIS H 311 34.98 -26.46 -41.05
C HIS H 311 34.37 -25.07 -40.82
N GLY H 312 33.38 -24.68 -41.63
CA GLY H 312 32.55 -23.47 -41.39
C GLY H 312 33.29 -22.30 -40.76
N GLY H 313 32.72 -21.73 -39.69
CA GLY H 313 33.35 -20.67 -38.90
C GLY H 313 33.89 -21.15 -37.58
N TYR H 314 34.40 -22.35 -37.56
CA TYR H 314 34.99 -22.89 -36.36
C TYR H 314 36.31 -23.60 -36.72
N GLY H 315 36.96 -23.08 -37.76
CA GLY H 315 38.15 -23.67 -38.36
C GLY H 315 39.33 -23.66 -37.41
N LEU H 316 39.67 -22.49 -36.89
CA LEU H 316 40.74 -22.41 -35.91
C LEU H 316 40.38 -23.16 -34.65
N THR H 317 39.12 -22.99 -34.22
CA THR H 317 38.55 -23.62 -33.03
C THR H 317 38.68 -25.15 -32.96
N ILE H 318 38.46 -25.83 -34.09
CA ILE H 318 38.44 -27.31 -34.18
C ILE H 318 39.65 -27.97 -34.87
N HIS H 319 40.68 -27.21 -35.23
CA HIS H 319 41.73 -27.68 -36.16
C HIS H 319 42.64 -28.84 -35.69
N TRP H 320 42.95 -28.90 -34.40
CA TRP H 320 43.92 -29.89 -33.90
C TRP H 320 43.24 -31.25 -33.86
N GLY H 321 42.05 -31.30 -33.25
CA GLY H 321 41.28 -32.53 -33.12
C GLY H 321 41.06 -33.24 -34.42
N CYS H 322 40.74 -32.45 -35.46
CA CYS H 322 40.69 -32.94 -36.84
C CYS H 322 42.08 -33.45 -37.31
N ALA H 323 43.08 -32.59 -37.26
CA ALA H 323 44.43 -32.98 -37.71
C ALA H 323 44.97 -34.26 -37.05
N LEU H 324 44.50 -34.51 -35.83
CA LEU H 324 44.77 -35.72 -35.04
C LEU H 324 44.07 -36.95 -35.62
N GLU H 325 42.75 -36.83 -35.83
CA GLU H 325 41.92 -37.89 -36.44
C GLU H 325 42.43 -38.30 -37.84
N VAL H 326 42.97 -37.34 -38.58
CA VAL H 326 43.60 -37.59 -39.89
C VAL H 326 44.81 -38.54 -39.74
N ALA H 327 45.70 -38.24 -38.79
CA ALA H 327 46.86 -39.10 -38.54
C ALA H 327 46.46 -40.46 -37.91
N LYS H 328 45.30 -40.52 -37.26
CA LYS H 328 44.63 -41.79 -36.94
C LYS H 328 44.35 -42.53 -38.26
N LEU H 329 43.65 -41.86 -39.17
CA LEU H 329 43.31 -42.45 -40.47
C LEU H 329 44.55 -42.78 -41.30
N PHE H 330 45.57 -41.94 -41.24
CA PHE H 330 46.85 -42.23 -41.92
C PHE H 330 47.56 -43.41 -41.25
N GLY H 331 47.35 -43.59 -39.94
CA GLY H 331 47.77 -44.80 -39.18
C GLY H 331 47.38 -46.15 -39.78
N LYS H 332 46.28 -46.19 -40.53
CA LYS H 332 46.02 -47.29 -41.48
C LYS H 332 46.98 -47.08 -42.66
N VAL H 333 48.27 -47.37 -42.41
CA VAL H 333 49.36 -47.22 -43.38
C VAL H 333 49.60 -48.63 -43.93
N LEU H 334 48.56 -49.46 -43.98
CA LEU H 334 48.75 -50.92 -43.94
C LEU H 334 47.62 -51.72 -44.59
N GLU H 335 47.82 -52.36 -45.75
CA GLU H 335 49.09 -52.45 -46.53
C GLU H 335 50.46 -52.48 -45.79
N GLU H 336 50.56 -53.33 -44.76
CA GLU H 336 51.82 -53.53 -44.03
C GLU H 336 52.89 -54.31 -44.86
N ARG H 337 52.45 -55.01 -45.92
CA ARG H 337 53.33 -55.76 -46.84
C ARG H 337 54.27 -54.83 -47.60
#